data_1ZC1
#
_entry.id   1ZC1
#
_entity_poly.entity_id   1
_entity_poly.type   'polypeptide(L)'
_entity_poly.pdbx_seq_one_letter_code
;MFSGFSSFGGGNGFVNMPQTFEEFFRCYPIAMMNDRIRKDDANFGGKIFLPPSALSKLSMLNIRYPMLFKLTANETGRVT
HGGVLEFIAEEGRVYLPQWMMETLGIQPGSLLQISSTDVPLGQFVKLEPQSVDFLDISDPKAVLENVLRNFSTLTVDDVI
EISYNGKTFKIKILEVKPESSSKSICVIETDLVTDFAPPVGYVEPDYK
;
_entity_poly.pdbx_strand_id   A
#
# COMPACT_ATOMS: atom_id res chain seq x y z
N MET A 1 27.92 -44.18 -1.98
CA MET A 1 28.70 -44.97 -2.97
C MET A 1 28.09 -44.87 -4.37
N PHE A 2 26.78 -44.95 -4.46
CA PHE A 2 26.08 -44.87 -5.73
C PHE A 2 25.12 -43.69 -5.74
N SER A 3 25.05 -42.99 -6.88
CA SER A 3 24.17 -41.84 -7.01
C SER A 3 23.16 -42.06 -8.15
N GLY A 4 21.89 -41.82 -7.85
CA GLY A 4 20.85 -41.98 -8.85
C GLY A 4 20.98 -40.98 -9.98
N PHE A 5 21.53 -39.81 -9.67
CA PHE A 5 21.71 -38.76 -10.66
C PHE A 5 20.37 -38.25 -11.17
N SER A 6 19.34 -38.34 -10.33
CA SER A 6 18.01 -37.87 -10.70
C SER A 6 17.44 -36.97 -9.63
N SER A 7 16.76 -35.90 -10.06
CA SER A 7 16.16 -34.94 -9.14
C SER A 7 14.65 -34.87 -9.34
N PHE A 8 13.91 -35.00 -8.24
CA PHE A 8 12.45 -34.95 -8.30
C PHE A 8 11.91 -33.79 -7.45
N GLY A 9 11.13 -32.92 -8.08
CA GLY A 9 10.55 -31.78 -7.37
C GLY A 9 11.61 -30.91 -6.72
N GLY A 10 11.42 -30.61 -5.45
CA GLY A 10 12.37 -29.78 -4.72
C GLY A 10 12.03 -28.30 -4.80
N GLY A 11 11.07 -27.95 -5.67
CA GLY A 11 10.68 -26.56 -5.80
C GLY A 11 9.93 -26.05 -4.59
N ASN A 12 9.05 -26.88 -4.04
CA ASN A 12 8.28 -26.51 -2.86
C ASN A 12 9.18 -26.18 -1.68
N GLY A 13 10.25 -26.97 -1.54
CA GLY A 13 11.20 -26.76 -0.45
C GLY A 13 12.07 -25.54 -0.65
N PHE A 14 11.84 -24.80 -1.72
CA PHE A 14 12.62 -23.60 -2.01
C PHE A 14 11.86 -22.35 -1.56
N VAL A 15 12.53 -21.49 -0.81
CA VAL A 15 11.91 -20.27 -0.31
C VAL A 15 12.48 -19.04 -1.00
N ASN A 16 11.59 -18.23 -1.59
CA ASN A 16 12.00 -17.02 -2.28
C ASN A 16 12.29 -15.89 -1.30
N MET A 17 13.34 -15.13 -1.56
CA MET A 17 13.72 -14.02 -0.70
C MET A 17 13.23 -12.70 -1.28
N PRO A 18 12.32 -12.00 -0.57
CA PRO A 18 11.80 -10.70 -1.03
C PRO A 18 12.90 -9.68 -1.28
N GLN A 19 12.58 -8.64 -2.04
CA GLN A 19 13.54 -7.59 -2.34
C GLN A 19 13.32 -6.39 -1.44
N THR A 20 14.37 -5.98 -0.71
CA THR A 20 14.25 -4.84 0.18
C THR A 20 15.22 -3.72 -0.18
N PHE A 21 14.67 -2.52 -0.31
CA PHE A 21 15.45 -1.32 -0.65
C PHE A 21 15.04 -0.18 0.28
N GLU A 22 16.00 0.59 0.76
CA GLU A 22 15.67 1.68 1.67
C GLU A 22 16.03 3.05 1.08
N GLU A 23 15.12 4.00 1.27
CA GLU A 23 15.32 5.36 0.77
C GLU A 23 14.80 6.38 1.78
N PHE A 24 15.44 7.54 1.82
CA PHE A 24 15.03 8.61 2.73
C PHE A 24 14.66 9.88 1.97
N PHE A 25 13.48 10.40 2.22
CA PHE A 25 13.02 11.61 1.54
C PHE A 25 12.07 12.40 2.45
N ARG A 26 11.89 13.67 2.12
CA ARG A 26 11.00 14.53 2.90
C ARG A 26 9.60 14.52 2.30
N CYS A 27 8.61 14.31 3.16
CA CYS A 27 7.23 14.27 2.72
C CYS A 27 6.50 15.57 3.01
N TYR A 28 5.56 15.89 2.15
CA TYR A 28 4.76 17.10 2.31
C TYR A 28 3.27 16.77 2.17
N PRO A 29 2.41 17.51 2.88
CA PRO A 29 0.97 17.28 2.83
C PRO A 29 0.35 17.68 1.50
N ILE A 30 -0.07 16.69 0.73
CA ILE A 30 -0.68 16.94 -0.58
C ILE A 30 -1.94 17.80 -0.41
N ALA A 31 -2.57 17.70 0.76
CA ALA A 31 -3.79 18.44 1.03
C ALA A 31 -3.60 19.95 0.88
N MET A 32 -2.45 20.46 1.31
CA MET A 32 -2.18 21.89 1.21
C MET A 32 -2.00 22.32 -0.24
N MET A 33 -1.64 21.38 -1.10
CA MET A 33 -1.42 21.68 -2.52
C MET A 33 -2.71 22.18 -3.17
N ASN A 34 -2.57 23.18 -4.03
CA ASN A 34 -3.73 23.75 -4.74
C ASN A 34 -4.42 22.68 -5.57
N ASP A 35 -5.74 22.74 -5.62
CA ASP A 35 -6.54 21.77 -6.38
C ASP A 35 -6.18 21.81 -7.87
N ARG A 36 -5.97 23.01 -8.37
CA ARG A 36 -5.64 23.20 -9.79
C ARG A 36 -4.35 22.48 -10.16
N ILE A 37 -3.36 22.53 -9.26
CA ILE A 37 -2.06 21.89 -9.50
C ILE A 37 -2.03 20.44 -9.01
N ARG A 38 -3.12 19.96 -8.43
CA ARG A 38 -3.16 18.59 -7.92
C ARG A 38 -4.37 17.84 -8.47
N LYS A 39 -4.31 16.51 -8.43
CA LYS A 39 -5.38 15.68 -8.91
C LYS A 39 -6.24 15.16 -7.74
N ASP A 40 -7.56 15.24 -7.90
CA ASP A 40 -8.47 14.79 -6.84
C ASP A 40 -8.27 13.31 -6.54
N ASP A 41 -8.06 12.51 -7.56
CA ASP A 41 -7.84 11.08 -7.38
C ASP A 41 -6.61 10.81 -6.53
N ALA A 42 -5.56 11.60 -6.78
CA ALA A 42 -4.32 11.45 -6.04
C ALA A 42 -4.52 11.69 -4.55
N ASN A 43 -5.35 12.69 -4.24
CA ASN A 43 -5.63 13.02 -2.84
C ASN A 43 -6.26 11.84 -2.10
N PHE A 44 -7.15 11.14 -2.79
CA PHE A 44 -7.82 9.97 -2.20
C PHE A 44 -7.21 8.66 -2.69
N GLY A 45 -6.13 8.76 -3.46
CA GLY A 45 -5.47 7.57 -3.97
C GLY A 45 -4.31 7.13 -3.11
N GLY A 46 -3.67 6.03 -3.49
CA GLY A 46 -2.53 5.53 -2.74
C GLY A 46 -1.23 5.70 -3.48
N LYS A 47 -1.19 6.69 -4.38
CA LYS A 47 0.01 6.96 -5.17
C LYS A 47 0.79 8.15 -4.60
N ILE A 48 2.10 8.01 -4.51
CA ILE A 48 2.96 9.07 -3.99
C ILE A 48 3.99 9.50 -5.04
N PHE A 49 4.49 10.73 -4.91
CA PHE A 49 5.49 11.25 -5.83
C PHE A 49 6.89 11.16 -5.23
N LEU A 50 7.84 10.61 -6.01
CA LEU A 50 9.21 10.44 -5.55
C LEU A 50 10.20 11.00 -6.58
N PRO A 51 11.46 11.23 -6.18
CA PRO A 51 12.48 11.75 -7.08
C PRO A 51 13.03 10.68 -8.03
N PRO A 52 13.45 11.08 -9.23
CA PRO A 52 14.00 10.15 -10.23
C PRO A 52 15.32 9.54 -9.77
N SER A 53 16.01 10.21 -8.86
CA SER A 53 17.28 9.71 -8.37
C SER A 53 17.11 8.35 -7.70
N ALA A 54 16.02 8.18 -6.95
CA ALA A 54 15.76 6.94 -6.26
C ALA A 54 15.44 5.82 -7.26
N LEU A 55 14.66 6.15 -8.28
CA LEU A 55 14.28 5.19 -9.30
C LEU A 55 15.52 4.64 -10.02
N SER A 56 16.44 5.54 -10.35
CA SER A 56 17.66 5.15 -11.05
C SER A 56 18.47 4.15 -10.24
N LYS A 57 18.52 4.38 -8.93
CA LYS A 57 19.26 3.48 -8.04
C LYS A 57 18.60 2.10 -8.03
N LEU A 58 17.28 2.10 -8.02
CA LEU A 58 16.50 0.86 -8.02
C LEU A 58 16.82 0.01 -9.25
N SER A 59 16.97 0.66 -10.40
CA SER A 59 17.27 -0.05 -11.64
C SER A 59 18.58 -0.81 -11.50
N MET A 60 19.55 -0.18 -10.85
CA MET A 60 20.85 -0.81 -10.62
C MET A 60 20.67 -2.09 -9.81
N LEU A 61 19.72 -2.05 -8.88
CA LEU A 61 19.43 -3.18 -8.02
C LEU A 61 18.55 -4.22 -8.74
N ASN A 62 18.23 -3.95 -10.01
CA ASN A 62 17.42 -4.87 -10.81
C ASN A 62 16.04 -5.11 -10.22
N ILE A 63 15.36 -4.05 -9.84
CA ILE A 63 14.02 -4.18 -9.26
C ILE A 63 12.97 -4.21 -10.38
N ARG A 64 12.21 -5.30 -10.42
CA ARG A 64 11.17 -5.47 -11.43
C ARG A 64 10.00 -4.52 -11.22
N TYR A 65 9.48 -3.99 -12.32
CA TYR A 65 8.36 -3.05 -12.29
C TYR A 65 7.03 -3.80 -12.33
N PRO A 66 5.97 -3.28 -11.67
CA PRO A 66 6.00 -2.02 -10.92
C PRO A 66 6.81 -2.11 -9.62
N MET A 67 7.23 -0.95 -9.14
CA MET A 67 8.01 -0.88 -7.91
C MET A 67 7.10 -0.59 -6.73
N LEU A 68 7.37 -1.24 -5.62
CA LEU A 68 6.57 -1.06 -4.42
C LEU A 68 7.33 -0.27 -3.38
N PHE A 69 6.65 0.67 -2.72
CA PHE A 69 7.27 1.50 -1.71
C PHE A 69 6.61 1.34 -0.34
N LYS A 70 7.44 1.31 0.70
CA LYS A 70 6.93 1.17 2.07
C LYS A 70 7.32 2.39 2.90
N LEU A 71 6.34 2.95 3.60
CA LEU A 71 6.57 4.12 4.44
C LEU A 71 6.86 3.74 5.88
N THR A 72 7.90 4.34 6.46
CA THR A 72 8.28 4.05 7.84
C THR A 72 8.22 5.32 8.70
N ALA A 73 7.55 5.22 9.84
CA ALA A 73 7.44 6.35 10.75
C ALA A 73 8.10 6.05 12.09
N ASN A 74 9.21 6.72 12.36
CA ASN A 74 9.95 6.53 13.61
C ASN A 74 9.15 7.03 14.81
N GLU A 75 8.48 8.17 14.64
CA GLU A 75 7.70 8.78 15.71
C GLU A 75 6.59 7.85 16.21
N THR A 76 5.94 7.15 15.29
CA THR A 76 4.86 6.24 15.66
C THR A 76 5.32 4.78 15.68
N GLY A 77 6.50 4.52 15.10
CA GLY A 77 7.02 3.17 15.08
C GLY A 77 6.25 2.25 14.16
N ARG A 78 5.21 2.79 13.52
CA ARG A 78 4.38 2.01 12.61
C ARG A 78 4.79 2.28 11.17
N VAL A 79 4.80 1.23 10.37
CA VAL A 79 5.19 1.35 8.98
C VAL A 79 4.09 0.88 8.03
N THR A 80 3.59 1.80 7.22
CA THR A 80 2.54 1.48 6.25
C THR A 80 3.12 1.32 4.85
N HIS A 81 2.44 0.57 3.99
CA HIS A 81 2.90 0.35 2.62
C HIS A 81 2.14 1.27 1.65
N GLY A 82 2.88 2.19 1.03
CA GLY A 82 2.28 3.12 0.09
C GLY A 82 2.58 2.78 -1.36
N GLY A 83 1.77 3.28 -2.28
CA GLY A 83 1.99 3.03 -3.70
C GLY A 83 2.74 4.16 -4.38
N VAL A 84 3.27 3.92 -5.57
CA VAL A 84 4.02 4.94 -6.30
C VAL A 84 3.52 5.13 -7.72
N LEU A 85 3.34 6.38 -8.10
CA LEU A 85 2.88 6.73 -9.43
C LEU A 85 4.06 6.95 -10.37
N GLU A 86 4.67 8.13 -10.28
CA GLU A 86 5.80 8.49 -11.12
C GLU A 86 6.74 9.46 -10.41
N PHE A 87 7.98 9.54 -10.87
CA PHE A 87 8.95 10.44 -10.27
C PHE A 87 9.00 11.76 -11.02
N ILE A 88 8.65 12.86 -10.34
CA ILE A 88 8.65 14.18 -10.97
C ILE A 88 9.48 15.19 -10.19
N ALA A 89 9.92 14.82 -8.98
CA ALA A 89 10.70 15.74 -8.16
C ALA A 89 12.20 15.46 -8.25
N GLU A 90 12.91 16.29 -9.00
CA GLU A 90 14.35 16.13 -9.18
C GLU A 90 15.10 16.34 -7.86
N GLU A 91 14.65 17.33 -7.10
CA GLU A 91 15.28 17.66 -5.83
C GLU A 91 15.06 16.57 -4.78
N GLY A 92 13.94 15.87 -4.87
CA GLY A 92 13.64 14.83 -3.91
C GLY A 92 12.49 15.20 -2.99
N ARG A 93 11.28 15.17 -3.52
CA ARG A 93 10.09 15.51 -2.74
C ARG A 93 9.13 14.33 -2.69
N VAL A 94 8.52 14.13 -1.52
CA VAL A 94 7.58 13.03 -1.35
C VAL A 94 6.20 13.55 -0.97
N TYR A 95 5.19 13.07 -1.68
CA TYR A 95 3.83 13.50 -1.43
C TYR A 95 2.93 12.33 -1.04
N LEU A 96 2.04 12.55 -0.07
CA LEU A 96 1.11 11.51 0.37
C LEU A 96 -0.29 12.08 0.58
N PRO A 97 -1.32 11.23 0.52
CA PRO A 97 -2.71 11.67 0.71
C PRO A 97 -2.96 12.09 2.16
N GLN A 98 -4.00 12.90 2.37
CA GLN A 98 -4.33 13.40 3.69
C GLN A 98 -4.64 12.27 4.68
N TRP A 99 -5.36 11.26 4.22
CA TRP A 99 -5.73 10.13 5.09
C TRP A 99 -4.48 9.35 5.50
N MET A 100 -3.54 9.18 4.58
CA MET A 100 -2.32 8.44 4.85
C MET A 100 -1.54 9.09 5.99
N MET A 101 -1.50 10.42 6.00
CA MET A 101 -0.77 11.16 7.02
C MET A 101 -1.31 10.85 8.41
N GLU A 102 -2.64 10.74 8.51
CA GLU A 102 -3.27 10.44 9.78
C GLU A 102 -2.88 9.04 10.26
N THR A 103 -2.82 8.10 9.33
CA THR A 103 -2.45 6.72 9.65
C THR A 103 -1.00 6.66 10.10
N LEU A 104 -0.14 7.42 9.43
CA LEU A 104 1.27 7.45 9.77
C LEU A 104 1.52 8.16 11.09
N GLY A 105 0.59 9.03 11.48
CA GLY A 105 0.73 9.76 12.73
C GLY A 105 1.80 10.83 12.66
N ILE A 106 2.03 11.37 11.47
CA ILE A 106 3.03 12.41 11.28
C ILE A 106 2.40 13.71 10.80
N GLN A 107 2.94 14.83 11.29
CA GLN A 107 2.44 16.15 10.92
C GLN A 107 3.28 16.74 9.79
N PRO A 108 2.73 17.73 9.06
CA PRO A 108 3.43 18.38 7.94
C PRO A 108 4.88 18.71 8.29
N GLY A 109 5.78 18.47 7.34
CA GLY A 109 7.19 18.76 7.56
C GLY A 109 7.94 17.57 8.15
N SER A 110 7.20 16.54 8.55
CA SER A 110 7.82 15.35 9.13
C SER A 110 8.52 14.54 8.06
N LEU A 111 9.58 13.83 8.45
CA LEU A 111 10.33 13.02 7.51
C LEU A 111 9.58 11.74 7.17
N LEU A 112 9.70 11.29 5.93
CA LEU A 112 9.03 10.07 5.48
C LEU A 112 10.04 9.13 4.84
N GLN A 113 10.00 7.88 5.26
CA GLN A 113 10.93 6.88 4.73
C GLN A 113 10.23 5.95 3.75
N ILE A 114 10.83 5.80 2.57
CA ILE A 114 10.28 4.94 1.54
C ILE A 114 11.25 3.82 1.19
N SER A 115 10.81 2.58 1.33
CA SER A 115 11.64 1.43 1.02
C SER A 115 10.99 0.56 -0.06
N SER A 116 11.79 0.06 -1.00
CA SER A 116 11.25 -0.79 -2.05
C SER A 116 11.16 -2.22 -1.59
N THR A 117 9.97 -2.77 -1.63
CA THR A 117 9.76 -4.15 -1.21
C THR A 117 8.99 -4.94 -2.25
N ASP A 118 9.40 -6.18 -2.48
CA ASP A 118 8.72 -7.02 -3.46
C ASP A 118 8.18 -8.27 -2.78
N VAL A 119 6.90 -8.54 -3.01
CA VAL A 119 6.25 -9.70 -2.42
C VAL A 119 5.83 -10.69 -3.50
N PRO A 120 5.76 -11.97 -3.16
CA PRO A 120 5.34 -13.01 -4.11
C PRO A 120 3.84 -12.99 -4.38
N LEU A 121 3.18 -11.87 -4.03
CA LEU A 121 1.74 -11.73 -4.26
C LEU A 121 0.94 -12.73 -3.43
N GLY A 122 0.25 -12.24 -2.41
CA GLY A 122 -0.54 -13.09 -1.55
C GLY A 122 -1.54 -13.94 -2.34
N GLN A 123 -2.13 -14.92 -1.69
CA GLN A 123 -3.10 -15.80 -2.34
C GLN A 123 -4.52 -15.52 -1.88
N PHE A 124 -4.67 -15.03 -0.65
CA PHE A 124 -6.00 -14.74 -0.11
C PHE A 124 -5.98 -13.48 0.74
N VAL A 125 -6.92 -12.58 0.50
CA VAL A 125 -7.01 -11.35 1.28
C VAL A 125 -8.43 -11.10 1.78
N LYS A 126 -8.54 -10.84 3.08
CA LYS A 126 -9.83 -10.57 3.70
C LYS A 126 -10.04 -9.07 3.87
N LEU A 127 -11.10 -8.54 3.26
CA LEU A 127 -11.40 -7.12 3.35
C LEU A 127 -12.67 -6.87 4.15
N GLU A 128 -12.65 -5.82 4.97
CA GLU A 128 -13.79 -5.48 5.80
C GLU A 128 -14.72 -4.49 5.08
N PRO A 129 -15.96 -4.89 4.81
CA PRO A 129 -16.93 -4.03 4.13
C PRO A 129 -17.48 -2.95 5.05
N GLN A 130 -18.03 -1.90 4.46
CA GLN A 130 -18.61 -0.81 5.22
C GLN A 130 -19.94 -0.38 4.61
N SER A 131 -20.99 -0.46 5.41
CA SER A 131 -22.33 -0.09 4.97
C SER A 131 -22.83 -1.06 3.91
N VAL A 132 -24.09 -1.48 4.05
CA VAL A 132 -24.70 -2.41 3.12
C VAL A 132 -24.76 -1.82 1.71
N ASP A 133 -24.68 -0.49 1.62
CA ASP A 133 -24.74 0.19 0.32
C ASP A 133 -23.60 -0.26 -0.58
N PHE A 134 -22.42 -0.44 0.01
CA PHE A 134 -21.24 -0.86 -0.75
C PHE A 134 -21.48 -2.22 -1.40
N LEU A 135 -22.14 -3.12 -0.67
CA LEU A 135 -22.44 -4.45 -1.19
C LEU A 135 -23.67 -4.42 -2.09
N ASP A 136 -24.39 -3.29 -2.09
CA ASP A 136 -25.59 -3.16 -2.92
C ASP A 136 -25.23 -2.92 -4.38
N ILE A 137 -23.95 -2.68 -4.65
CA ILE A 137 -23.49 -2.44 -6.01
C ILE A 137 -23.68 -3.68 -6.87
N SER A 138 -24.10 -3.47 -8.13
CA SER A 138 -24.34 -4.58 -9.05
C SER A 138 -23.07 -5.39 -9.27
N ASP A 139 -21.94 -4.71 -9.39
CA ASP A 139 -20.66 -5.39 -9.60
C ASP A 139 -19.64 -4.94 -8.56
N PRO A 140 -19.79 -5.37 -7.30
CA PRO A 140 -18.87 -5.01 -6.22
C PRO A 140 -17.45 -5.50 -6.49
N LYS A 141 -17.36 -6.63 -7.17
CA LYS A 141 -16.07 -7.22 -7.50
C LYS A 141 -15.24 -6.28 -8.36
N ALA A 142 -15.89 -5.61 -9.31
CA ALA A 142 -15.20 -4.68 -10.18
C ALA A 142 -14.57 -3.54 -9.40
N VAL A 143 -15.30 -3.03 -8.42
CA VAL A 143 -14.81 -1.94 -7.59
C VAL A 143 -13.53 -2.36 -6.85
N LEU A 144 -13.53 -3.59 -6.37
CA LEU A 144 -12.38 -4.12 -5.65
C LEU A 144 -11.14 -4.13 -6.53
N GLU A 145 -11.31 -4.57 -7.78
CA GLU A 145 -10.21 -4.63 -8.72
C GLU A 145 -9.61 -3.25 -8.94
N ASN A 146 -10.47 -2.24 -9.02
CA ASN A 146 -10.02 -0.87 -9.21
C ASN A 146 -9.18 -0.40 -8.04
N VAL A 147 -9.59 -0.79 -6.83
CA VAL A 147 -8.86 -0.41 -5.62
C VAL A 147 -7.45 -0.99 -5.64
N LEU A 148 -7.35 -2.24 -6.05
CA LEU A 148 -6.05 -2.92 -6.10
C LEU A 148 -5.09 -2.19 -7.04
N ARG A 149 -5.62 -1.73 -8.16
CA ARG A 149 -4.82 -1.00 -9.13
C ARG A 149 -4.31 0.31 -8.54
N ASN A 150 -5.18 0.99 -7.79
CA ASN A 150 -4.83 2.26 -7.17
C ASN A 150 -3.68 2.11 -6.17
N PHE A 151 -3.70 1.02 -5.41
CA PHE A 151 -2.66 0.77 -4.41
C PHE A 151 -1.71 -0.33 -4.88
N SER A 152 -0.43 0.02 -5.01
CA SER A 152 0.58 -0.94 -5.44
C SER A 152 0.83 -1.99 -4.35
N THR A 153 0.77 -1.56 -3.10
CA THR A 153 1.01 -2.46 -1.97
C THR A 153 -0.16 -2.45 -1.00
N LEU A 154 -0.48 -3.64 -0.49
CA LEU A 154 -1.57 -3.79 0.46
C LEU A 154 -1.08 -4.42 1.76
N THR A 155 -1.41 -3.81 2.88
CA THR A 155 -1.01 -4.31 4.19
C THR A 155 -2.22 -4.64 5.05
N VAL A 156 -2.12 -5.74 5.79
CA VAL A 156 -3.22 -6.18 6.65
C VAL A 156 -3.53 -5.12 7.69
N ASP A 157 -2.48 -4.52 8.23
CA ASP A 157 -2.60 -3.47 9.23
C ASP A 157 -3.06 -2.14 8.64
N ASP A 158 -2.72 -1.92 7.37
CA ASP A 158 -3.08 -0.67 6.70
C ASP A 158 -4.53 -0.67 6.24
N VAL A 159 -5.19 0.49 6.41
CA VAL A 159 -6.57 0.64 6.00
C VAL A 159 -6.65 1.48 4.72
N ILE A 160 -7.20 0.89 3.66
CA ILE A 160 -7.31 1.58 2.39
C ILE A 160 -8.73 2.08 2.14
N GLU A 161 -8.85 3.30 1.63
CA GLU A 161 -10.15 3.90 1.36
C GLU A 161 -10.29 4.23 -0.13
N ILE A 162 -11.48 4.00 -0.67
CA ILE A 162 -11.76 4.29 -2.06
C ILE A 162 -12.84 5.36 -2.19
N SER A 163 -12.62 6.32 -3.08
CA SER A 163 -13.58 7.39 -3.30
C SER A 163 -14.27 7.25 -4.65
N TYR A 164 -15.58 7.02 -4.62
CA TYR A 164 -16.35 6.86 -5.86
C TYR A 164 -17.50 7.86 -5.91
N ASN A 165 -17.58 8.61 -7.00
CA ASN A 165 -18.64 9.59 -7.19
C ASN A 165 -18.75 10.53 -5.99
N GLY A 166 -17.62 10.94 -5.44
CA GLY A 166 -17.63 11.84 -4.30
C GLY A 166 -17.92 11.14 -2.98
N LYS A 167 -17.90 9.80 -3.01
CA LYS A 167 -18.17 9.01 -1.82
C LYS A 167 -16.89 8.29 -1.39
N THR A 168 -16.71 8.16 -0.07
CA THR A 168 -15.52 7.51 0.46
C THR A 168 -15.89 6.22 1.20
N PHE A 169 -15.20 5.13 0.88
CA PHE A 169 -15.46 3.84 1.50
C PHE A 169 -14.23 3.33 2.22
N LYS A 170 -14.44 2.74 3.39
CA LYS A 170 -13.33 2.22 4.19
C LYS A 170 -13.18 0.71 4.03
N ILE A 171 -12.01 0.29 3.58
CA ILE A 171 -11.71 -1.12 3.40
C ILE A 171 -10.52 -1.52 4.27
N LYS A 172 -10.73 -2.46 5.17
CA LYS A 172 -9.66 -2.89 6.06
C LYS A 172 -9.30 -4.36 5.83
N ILE A 173 -8.01 -4.58 5.59
CA ILE A 173 -7.49 -5.92 5.37
C ILE A 173 -7.32 -6.67 6.69
N LEU A 174 -8.40 -7.25 7.18
CA LEU A 174 -8.38 -7.96 8.47
C LEU A 174 -7.39 -9.12 8.50
N GLU A 175 -7.45 -9.99 7.50
CA GLU A 175 -6.55 -11.14 7.46
C GLU A 175 -6.29 -11.60 6.03
N VAL A 176 -5.04 -11.94 5.75
CA VAL A 176 -4.65 -12.41 4.43
C VAL A 176 -3.66 -13.56 4.54
N LYS A 177 -3.65 -14.44 3.54
CA LYS A 177 -2.71 -15.56 3.54
C LYS A 177 -1.49 -15.20 2.70
N PRO A 178 -0.35 -14.89 3.35
CA PRO A 178 0.88 -14.51 2.67
C PRO A 178 1.87 -15.66 2.58
N GLU A 179 2.90 -15.46 1.76
CA GLU A 179 3.92 -16.48 1.59
C GLU A 179 5.17 -16.15 2.42
N SER A 180 5.12 -15.02 3.14
CA SER A 180 6.25 -14.60 3.97
C SER A 180 5.77 -14.03 5.30
N SER A 181 6.68 -14.00 6.28
CA SER A 181 6.37 -13.49 7.62
C SER A 181 6.18 -11.98 7.60
N SER A 182 6.52 -11.34 6.48
CA SER A 182 6.40 -9.88 6.36
C SER A 182 4.96 -9.43 6.60
N LYS A 183 4.01 -10.33 6.35
CA LYS A 183 2.60 -10.01 6.53
C LYS A 183 2.18 -8.85 5.64
N SER A 184 2.70 -8.86 4.43
CA SER A 184 2.37 -7.82 3.45
C SER A 184 1.93 -8.45 2.16
N ILE A 185 0.91 -7.87 1.54
CA ILE A 185 0.38 -8.40 0.30
C ILE A 185 0.32 -7.32 -0.77
N CYS A 186 0.82 -7.63 -1.96
CA CYS A 186 0.81 -6.68 -3.05
C CYS A 186 0.48 -7.39 -4.36
N VAL A 187 -0.61 -6.98 -5.00
CA VAL A 187 -1.02 -7.59 -6.25
C VAL A 187 -1.01 -6.58 -7.39
N ILE A 188 -0.10 -6.78 -8.31
CA ILE A 188 0.04 -5.90 -9.46
C ILE A 188 -1.13 -6.07 -10.45
N GLU A 189 -1.29 -7.28 -10.98
CA GLU A 189 -2.36 -7.55 -11.93
C GLU A 189 -3.64 -8.02 -11.25
N THR A 190 -3.69 -9.30 -10.89
CA THR A 190 -4.88 -9.86 -10.24
C THR A 190 -4.60 -11.24 -9.65
N ASP A 191 -3.43 -11.41 -9.04
CA ASP A 191 -3.06 -12.69 -8.45
C ASP A 191 -3.53 -12.80 -7.00
N LEU A 192 -4.24 -11.78 -6.52
CA LEU A 192 -4.74 -11.75 -5.15
C LEU A 192 -6.26 -11.85 -5.13
N VAL A 193 -6.77 -12.77 -4.31
CA VAL A 193 -8.21 -12.98 -4.20
C VAL A 193 -8.79 -12.24 -3.00
N THR A 194 -9.85 -11.47 -3.25
CA THR A 194 -10.50 -10.69 -2.20
C THR A 194 -11.90 -11.21 -1.91
N ASP A 195 -12.26 -11.25 -0.64
CA ASP A 195 -13.59 -11.69 -0.23
C ASP A 195 -14.22 -10.68 0.73
N PHE A 196 -15.51 -10.45 0.58
CA PHE A 196 -16.23 -9.50 1.43
C PHE A 196 -16.98 -10.21 2.54
N ALA A 197 -16.67 -9.88 3.78
CA ALA A 197 -17.33 -10.48 4.93
C ALA A 197 -17.93 -9.42 5.84
N PRO A 198 -19.27 -9.32 5.89
CA PRO A 198 -19.96 -8.33 6.73
C PRO A 198 -19.66 -8.52 8.21
N PRO A 199 -18.91 -7.59 8.81
CA PRO A 199 -18.53 -7.63 10.22
C PRO A 199 -19.40 -6.73 11.09
N VAL A 200 -20.33 -6.02 10.45
CA VAL A 200 -21.22 -5.12 11.16
C VAL A 200 -22.56 -5.80 11.43
N GLY A 201 -22.98 -5.77 12.69
CA GLY A 201 -24.24 -6.39 13.07
C GLY A 201 -25.38 -5.40 13.15
N TYR A 202 -25.15 -4.19 12.65
CA TYR A 202 -26.17 -3.14 12.66
C TYR A 202 -26.91 -3.11 11.34
N VAL A 203 -28.22 -2.91 11.42
CA VAL A 203 -29.07 -2.85 10.23
C VAL A 203 -29.78 -1.52 10.12
N GLU A 204 -29.69 -0.90 8.95
CA GLU A 204 -30.34 0.39 8.71
C GLU A 204 -31.71 0.21 8.07
N PRO A 205 -32.75 0.86 8.62
CA PRO A 205 -34.11 0.77 8.09
C PRO A 205 -34.23 1.32 6.67
N ASP A 206 -35.20 0.82 5.92
CA ASP A 206 -35.41 1.26 4.55
C ASP A 206 -36.24 2.53 4.50
N TYR A 207 -35.80 3.50 3.70
CA TYR A 207 -36.51 4.76 3.57
C TYR A 207 -37.33 4.79 2.29
N LYS A 208 -38.63 4.96 2.43
CA LYS A 208 -39.54 5.00 1.29
C LYS A 208 -40.74 5.89 1.57
N MET A 1 18.09 -47.76 3.14
CA MET A 1 19.04 -46.68 2.75
C MET A 1 19.09 -46.50 1.23
N PHE A 2 17.95 -46.73 0.58
CA PHE A 2 17.87 -46.59 -0.87
C PHE A 2 17.98 -45.13 -1.30
N SER A 3 17.34 -44.24 -0.53
CA SER A 3 17.39 -42.82 -0.83
C SER A 3 18.00 -42.04 0.32
N GLY A 4 18.97 -41.18 -0.01
CA GLY A 4 19.63 -40.37 1.01
C GLY A 4 19.29 -38.90 0.89
N PHE A 5 18.61 -38.52 -0.19
CA PHE A 5 18.24 -37.14 -0.42
C PHE A 5 16.73 -36.98 -0.50
N SER A 6 16.22 -35.91 0.07
CA SER A 6 14.78 -35.65 0.07
C SER A 6 14.45 -34.50 -0.88
N SER A 7 13.34 -34.65 -1.61
CA SER A 7 12.91 -33.64 -2.57
C SER A 7 11.98 -32.63 -1.90
N PHE A 8 12.15 -31.36 -2.27
CA PHE A 8 11.34 -30.28 -1.71
C PHE A 8 9.86 -30.50 -2.02
N GLY A 9 9.59 -30.95 -3.24
CA GLY A 9 8.21 -31.19 -3.64
C GLY A 9 7.81 -30.37 -4.84
N GLY A 10 8.55 -29.29 -5.11
CA GLY A 10 8.23 -28.44 -6.24
C GLY A 10 8.64 -29.06 -7.55
N GLY A 11 7.93 -28.72 -8.63
CA GLY A 11 8.25 -29.27 -9.93
C GLY A 11 8.96 -28.26 -10.83
N ASN A 12 8.21 -27.29 -11.34
CA ASN A 12 8.78 -26.27 -12.21
C ASN A 12 8.12 -24.91 -11.95
N GLY A 13 8.80 -23.85 -12.37
CA GLY A 13 8.27 -22.51 -12.17
C GLY A 13 9.31 -21.55 -11.64
N PHE A 14 8.91 -20.29 -11.43
CA PHE A 14 9.80 -19.27 -10.91
C PHE A 14 9.29 -18.71 -9.60
N VAL A 15 10.21 -18.47 -8.66
CA VAL A 15 9.83 -17.94 -7.35
C VAL A 15 10.43 -16.54 -7.16
N ASN A 16 9.56 -15.59 -6.80
CA ASN A 16 10.00 -14.21 -6.57
C ASN A 16 10.53 -14.04 -5.16
N MET A 17 11.64 -13.32 -5.04
CA MET A 17 12.26 -13.07 -3.74
C MET A 17 11.97 -11.65 -3.26
N PRO A 18 11.32 -11.49 -2.10
CA PRO A 18 11.00 -10.17 -1.54
C PRO A 18 12.24 -9.28 -1.48
N GLN A 19 12.17 -8.14 -2.17
CA GLN A 19 13.29 -7.20 -2.20
C GLN A 19 12.95 -5.91 -1.47
N THR A 20 13.80 -5.52 -0.53
CA THR A 20 13.57 -4.30 0.25
C THR A 20 14.70 -3.29 0.06
N PHE A 21 14.34 -2.05 -0.21
CA PHE A 21 15.30 -0.96 -0.40
C PHE A 21 14.97 0.17 0.56
N GLU A 22 15.98 0.80 1.14
CA GLU A 22 15.76 1.89 2.08
C GLU A 22 16.23 3.24 1.53
N GLU A 23 15.36 4.23 1.61
CA GLU A 23 15.67 5.57 1.16
C GLU A 23 15.06 6.61 2.10
N PHE A 24 15.63 7.82 2.09
CA PHE A 24 15.13 8.89 2.95
C PHE A 24 14.61 10.05 2.10
N PHE A 25 13.35 10.42 2.34
CA PHE A 25 12.73 11.51 1.59
C PHE A 25 11.94 12.43 2.52
N ARG A 26 11.84 13.70 2.16
CA ARG A 26 11.10 14.66 2.99
C ARG A 26 9.60 14.59 2.70
N CYS A 27 8.79 14.77 3.76
CA CYS A 27 7.34 14.69 3.62
C CYS A 27 6.70 16.07 3.52
N TYR A 28 5.96 16.27 2.43
CA TYR A 28 5.27 17.54 2.19
C TYR A 28 3.75 17.32 2.14
N PRO A 29 2.97 18.31 2.62
CA PRO A 29 1.51 18.21 2.65
C PRO A 29 0.87 18.47 1.28
N ILE A 30 0.41 17.39 0.64
CA ILE A 30 -0.23 17.50 -0.66
C ILE A 30 -1.48 18.37 -0.59
N ALA A 31 -2.24 18.21 0.49
CA ALA A 31 -3.47 18.97 0.68
C ALA A 31 -3.18 20.47 0.70
N MET A 32 -2.05 20.83 1.28
CA MET A 32 -1.65 22.24 1.35
C MET A 32 -1.33 22.78 -0.04
N MET A 33 -0.83 21.90 -0.91
CA MET A 33 -0.47 22.29 -2.27
C MET A 33 -1.69 22.82 -3.03
N ASN A 34 -1.45 23.74 -3.94
CA ASN A 34 -2.51 24.35 -4.73
C ASN A 34 -3.27 23.29 -5.54
N ASP A 35 -4.55 23.54 -5.80
CA ASP A 35 -5.38 22.61 -6.53
C ASP A 35 -4.82 22.38 -7.94
N ARG A 36 -4.34 23.44 -8.57
CA ARG A 36 -3.80 23.34 -9.91
C ARG A 36 -2.55 22.46 -9.93
N ILE A 37 -1.71 22.61 -8.91
CA ILE A 37 -0.48 21.83 -8.80
C ILE A 37 -0.76 20.36 -8.47
N ARG A 38 -1.74 20.13 -7.58
CA ARG A 38 -2.09 18.77 -7.18
C ARG A 38 -3.57 18.47 -7.44
N LYS A 39 -3.84 17.26 -7.91
CA LYS A 39 -5.21 16.84 -8.19
C LYS A 39 -5.92 16.42 -6.91
N ASP A 40 -7.24 16.62 -6.88
CA ASP A 40 -8.04 16.25 -5.74
C ASP A 40 -7.96 14.75 -5.46
N ASP A 41 -7.96 13.97 -6.53
CA ASP A 41 -7.87 12.51 -6.42
C ASP A 41 -6.58 12.10 -5.71
N ALA A 42 -5.50 12.79 -6.05
CA ALA A 42 -4.20 12.52 -5.45
C ALA A 42 -4.24 12.70 -3.94
N ASN A 43 -4.98 13.71 -3.48
CA ASN A 43 -5.09 13.98 -2.05
C ASN A 43 -5.68 12.78 -1.31
N PHE A 44 -6.67 12.15 -1.92
CA PHE A 44 -7.31 10.98 -1.33
C PHE A 44 -6.92 9.70 -2.05
N GLY A 45 -5.84 9.76 -2.84
CA GLY A 45 -5.39 8.59 -3.56
C GLY A 45 -4.28 7.85 -2.81
N GLY A 46 -3.97 6.65 -3.29
CA GLY A 46 -2.93 5.86 -2.67
C GLY A 46 -1.61 5.94 -3.43
N LYS A 47 -1.51 6.94 -4.30
CA LYS A 47 -0.31 7.14 -5.12
C LYS A 47 0.57 8.24 -4.54
N ILE A 48 1.88 7.98 -4.49
CA ILE A 48 2.84 8.95 -3.96
C ILE A 48 3.85 9.36 -5.02
N PHE A 49 4.36 10.59 -4.90
CA PHE A 49 5.33 11.10 -5.86
C PHE A 49 6.74 11.00 -5.31
N LEU A 50 7.65 10.47 -6.11
CA LEU A 50 9.05 10.33 -5.70
C LEU A 50 10.00 10.83 -6.77
N PRO A 51 11.26 11.11 -6.42
CA PRO A 51 12.25 11.58 -7.36
C PRO A 51 12.81 10.47 -8.25
N PRO A 52 13.27 10.83 -9.46
CA PRO A 52 13.83 9.88 -10.42
C PRO A 52 15.15 9.27 -9.94
N SER A 53 15.78 9.92 -8.96
CA SER A 53 17.05 9.44 -8.43
C SER A 53 16.90 8.04 -7.84
N ALA A 54 15.78 7.82 -7.15
CA ALA A 54 15.50 6.52 -6.54
C ALA A 54 15.46 5.41 -7.59
N LEU A 55 14.89 5.75 -8.75
CA LEU A 55 14.77 4.78 -9.84
C LEU A 55 16.12 4.26 -10.30
N SER A 56 17.10 5.15 -10.39
CA SER A 56 18.43 4.77 -10.82
C SER A 56 19.01 3.73 -9.87
N LYS A 57 18.78 3.92 -8.57
CA LYS A 57 19.28 3.01 -7.55
C LYS A 57 18.58 1.65 -7.65
N LEU A 58 17.27 1.70 -7.90
CA LEU A 58 16.46 0.50 -8.02
C LEU A 58 16.96 -0.39 -9.15
N SER A 59 17.35 0.23 -10.26
CA SER A 59 17.84 -0.53 -11.41
C SER A 59 19.06 -1.35 -11.03
N MET A 60 19.93 -0.75 -10.22
CA MET A 60 21.14 -1.43 -9.75
C MET A 60 20.78 -2.68 -8.97
N LEU A 61 19.73 -2.59 -8.16
CA LEU A 61 19.29 -3.71 -7.35
C LEU A 61 18.42 -4.70 -8.15
N ASN A 62 18.21 -4.40 -9.44
CA ASN A 62 17.41 -5.27 -10.29
C ASN A 62 15.99 -5.41 -9.76
N ILE A 63 15.42 -4.33 -9.27
CA ILE A 63 14.06 -4.35 -8.74
C ILE A 63 13.05 -4.58 -9.86
N ARG A 64 12.07 -5.44 -9.59
CA ARG A 64 11.04 -5.76 -10.57
C ARG A 64 9.82 -4.86 -10.42
N TYR A 65 9.26 -4.44 -11.54
CA TYR A 65 8.08 -3.57 -11.55
C TYR A 65 6.80 -4.41 -11.48
N PRO A 66 5.69 -3.83 -10.97
CA PRO A 66 5.63 -2.44 -10.50
C PRO A 66 6.47 -2.21 -9.26
N MET A 67 6.76 -0.95 -8.99
CA MET A 67 7.56 -0.58 -7.83
C MET A 67 6.67 -0.21 -6.65
N LEU A 68 6.96 -0.79 -5.49
CA LEU A 68 6.18 -0.53 -4.29
C LEU A 68 7.02 0.18 -3.24
N PHE A 69 6.42 1.14 -2.56
CA PHE A 69 7.11 1.91 -1.53
C PHE A 69 6.45 1.76 -0.17
N LYS A 70 7.27 1.64 0.86
CA LYS A 70 6.78 1.51 2.23
C LYS A 70 7.23 2.70 3.06
N LEU A 71 6.28 3.30 3.77
CA LEU A 71 6.56 4.48 4.59
C LEU A 71 6.83 4.11 6.05
N THR A 72 8.01 4.46 6.53
CA THR A 72 8.38 4.17 7.91
C THR A 72 8.30 5.43 8.78
N ALA A 73 7.46 5.36 9.80
CA ALA A 73 7.27 6.47 10.73
C ALA A 73 7.98 6.19 12.05
N ASN A 74 8.98 7.00 12.35
CA ASN A 74 9.75 6.84 13.58
C ASN A 74 8.90 7.17 14.80
N GLU A 75 8.09 8.21 14.68
CA GLU A 75 7.22 8.65 15.78
C GLU A 75 6.25 7.55 16.21
N THR A 76 5.70 6.83 15.25
CA THR A 76 4.75 5.76 15.55
C THR A 76 5.43 4.39 15.60
N GLY A 77 6.65 4.32 15.08
CA GLY A 77 7.38 3.07 15.06
C GLY A 77 6.77 2.04 14.13
N ARG A 78 5.62 2.37 13.55
CA ARG A 78 4.94 1.49 12.62
C ARG A 78 5.21 1.93 11.19
N VAL A 79 5.42 0.97 10.31
CA VAL A 79 5.70 1.28 8.92
C VAL A 79 4.62 0.71 8.00
N THR A 80 3.94 1.59 7.27
CA THR A 80 2.89 1.19 6.35
C THR A 80 3.41 1.14 4.91
N HIS A 81 2.72 0.40 4.05
CA HIS A 81 3.12 0.28 2.65
C HIS A 81 2.25 1.18 1.77
N GLY A 82 2.87 2.18 1.15
CA GLY A 82 2.13 3.09 0.29
C GLY A 82 2.32 2.78 -1.19
N GLY A 83 1.38 3.24 -2.02
CA GLY A 83 1.47 3.02 -3.44
C GLY A 83 2.18 4.15 -4.16
N VAL A 84 2.74 3.89 -5.33
CA VAL A 84 3.47 4.91 -6.08
C VAL A 84 2.98 5.04 -7.52
N LEU A 85 2.78 6.28 -7.94
CA LEU A 85 2.32 6.56 -9.31
C LEU A 85 3.48 6.78 -10.26
N GLU A 86 4.05 7.99 -10.22
CA GLU A 86 5.17 8.35 -11.08
C GLU A 86 6.15 9.24 -10.34
N PHE A 87 7.38 9.29 -10.86
CA PHE A 87 8.41 10.11 -10.23
C PHE A 87 8.53 11.44 -10.95
N ILE A 88 8.24 12.54 -10.25
CA ILE A 88 8.31 13.87 -10.82
C ILE A 88 9.16 14.82 -9.99
N ALA A 89 9.63 14.35 -8.84
CA ALA A 89 10.44 15.19 -7.95
C ALA A 89 11.91 15.16 -8.37
N GLU A 90 12.33 16.19 -9.10
CA GLU A 90 13.71 16.28 -9.54
C GLU A 90 14.63 16.56 -8.36
N GLU A 91 14.17 17.43 -7.47
CA GLU A 91 14.93 17.82 -6.28
C GLU A 91 15.12 16.66 -5.31
N GLY A 92 14.16 15.76 -5.28
CA GLY A 92 14.23 14.63 -4.37
C GLY A 92 13.21 14.74 -3.26
N ARG A 93 11.99 15.12 -3.62
CA ARG A 93 10.92 15.29 -2.64
C ARG A 93 9.76 14.33 -2.88
N VAL A 94 9.07 13.96 -1.81
CA VAL A 94 7.94 13.05 -1.88
C VAL A 94 6.72 13.62 -1.18
N TYR A 95 5.56 13.33 -1.73
CA TYR A 95 4.31 13.81 -1.16
C TYR A 95 3.40 12.66 -0.78
N LEU A 96 2.70 12.82 0.34
CA LEU A 96 1.79 11.79 0.81
C LEU A 96 0.34 12.32 0.92
N PRO A 97 -0.64 11.47 0.59
CA PRO A 97 -2.06 11.85 0.66
C PRO A 97 -2.46 12.29 2.07
N GLN A 98 -3.52 13.08 2.15
CA GLN A 98 -4.00 13.57 3.43
C GLN A 98 -4.38 12.44 4.38
N TRP A 99 -5.06 11.42 3.85
CA TRP A 99 -5.47 10.29 4.68
C TRP A 99 -4.26 9.47 5.12
N MET A 100 -3.31 9.25 4.21
CA MET A 100 -2.11 8.47 4.53
C MET A 100 -1.26 9.19 5.57
N MET A 101 -1.14 10.51 5.43
CA MET A 101 -0.35 11.31 6.36
C MET A 101 -0.88 11.17 7.78
N GLU A 102 -2.20 11.16 7.93
CA GLU A 102 -2.81 11.03 9.24
C GLU A 102 -2.49 9.67 9.86
N THR A 103 -2.50 8.64 9.01
CA THR A 103 -2.19 7.28 9.46
C THR A 103 -0.77 7.20 9.98
N LEU A 104 0.15 7.87 9.29
CA LEU A 104 1.55 7.86 9.69
C LEU A 104 1.76 8.62 11.00
N GLY A 105 0.84 9.54 11.30
CA GLY A 105 0.96 10.30 12.53
C GLY A 105 2.07 11.33 12.47
N ILE A 106 2.37 11.83 11.28
CA ILE A 106 3.42 12.82 11.10
C ILE A 106 2.87 14.15 10.62
N GLN A 107 3.47 15.23 11.08
CA GLN A 107 3.05 16.59 10.70
C GLN A 107 3.93 17.12 9.58
N PRO A 108 3.44 18.14 8.84
CA PRO A 108 4.19 18.74 7.73
C PRO A 108 5.63 19.08 8.13
N GLY A 109 6.58 18.75 7.25
CA GLY A 109 7.97 19.02 7.55
C GLY A 109 8.66 17.88 8.27
N SER A 110 7.89 16.87 8.67
CA SER A 110 8.43 15.73 9.38
C SER A 110 9.19 14.81 8.42
N LEU A 111 10.10 14.02 8.97
CA LEU A 111 10.89 13.10 8.15
C LEU A 111 10.04 11.93 7.67
N LEU A 112 10.26 11.53 6.43
CA LEU A 112 9.52 10.42 5.84
C LEU A 112 10.48 9.39 5.26
N GLN A 113 10.27 8.13 5.61
CA GLN A 113 11.12 7.07 5.13
C GLN A 113 10.41 6.21 4.11
N ILE A 114 10.97 6.14 2.91
CA ILE A 114 10.39 5.33 1.84
C ILE A 114 11.29 4.15 1.52
N SER A 115 10.71 2.96 1.48
CA SER A 115 11.48 1.75 1.19
C SER A 115 10.86 0.98 0.03
N SER A 116 11.70 0.44 -0.85
CA SER A 116 11.21 -0.34 -1.99
C SER A 116 10.82 -1.73 -1.51
N THR A 117 9.56 -2.08 -1.71
CA THR A 117 9.08 -3.38 -1.28
C THR A 117 8.54 -4.21 -2.45
N ASP A 118 9.00 -5.46 -2.55
CA ASP A 118 8.55 -6.36 -3.60
C ASP A 118 7.93 -7.59 -2.96
N VAL A 119 6.67 -7.84 -3.25
CA VAL A 119 5.97 -8.97 -2.67
C VAL A 119 5.43 -9.93 -3.72
N PRO A 120 5.35 -11.22 -3.37
CA PRO A 120 4.80 -12.24 -4.26
C PRO A 120 3.30 -12.20 -4.22
N LEU A 121 2.67 -12.43 -5.37
CA LEU A 121 1.23 -12.40 -5.46
C LEU A 121 0.59 -13.45 -4.56
N GLY A 122 -0.23 -12.98 -3.62
CA GLY A 122 -0.91 -13.86 -2.70
C GLY A 122 -2.00 -14.65 -3.37
N GLN A 123 -2.40 -15.75 -2.76
CA GLN A 123 -3.46 -16.59 -3.31
C GLN A 123 -4.80 -16.32 -2.64
N PHE A 124 -4.77 -15.74 -1.44
CA PHE A 124 -6.00 -15.43 -0.72
C PHE A 124 -5.88 -14.13 0.08
N VAL A 125 -6.92 -13.30 -0.01
CA VAL A 125 -6.94 -12.04 0.71
C VAL A 125 -8.32 -11.82 1.35
N LYS A 126 -8.30 -11.50 2.63
CA LYS A 126 -9.53 -11.26 3.38
C LYS A 126 -9.83 -9.77 3.47
N LEU A 127 -10.98 -9.35 2.94
CA LEU A 127 -11.37 -7.95 2.95
C LEU A 127 -12.60 -7.73 3.83
N GLU A 128 -12.52 -6.75 4.72
CA GLU A 128 -13.62 -6.44 5.61
C GLU A 128 -14.36 -5.18 5.16
N PRO A 129 -15.60 -5.33 4.65
CA PRO A 129 -16.40 -4.21 4.19
C PRO A 129 -17.08 -3.46 5.33
N GLN A 130 -17.66 -2.30 5.01
CA GLN A 130 -18.36 -1.49 5.98
C GLN A 130 -19.71 -1.07 5.43
N SER A 131 -20.75 -1.40 6.16
CA SER A 131 -22.11 -1.07 5.76
C SER A 131 -22.52 -1.85 4.51
N VAL A 132 -23.74 -2.36 4.52
CA VAL A 132 -24.26 -3.13 3.40
C VAL A 132 -24.34 -2.29 2.12
N ASP A 133 -24.31 -0.97 2.29
CA ASP A 133 -24.39 -0.06 1.15
C ASP A 133 -23.23 -0.29 0.17
N PHE A 134 -22.03 -0.54 0.72
CA PHE A 134 -20.85 -0.79 -0.09
C PHE A 134 -21.05 -2.02 -0.98
N LEU A 135 -21.68 -3.04 -0.41
CA LEU A 135 -21.94 -4.27 -1.15
C LEU A 135 -23.28 -4.20 -1.89
N ASP A 136 -23.98 -3.09 -1.72
CA ASP A 136 -25.28 -2.89 -2.37
C ASP A 136 -25.14 -2.95 -3.89
N ILE A 137 -23.98 -2.53 -4.38
CA ILE A 137 -23.72 -2.54 -5.82
C ILE A 137 -23.88 -3.94 -6.40
N SER A 138 -24.50 -4.03 -7.57
CA SER A 138 -24.73 -5.31 -8.23
C SER A 138 -23.43 -6.05 -8.51
N ASP A 139 -22.39 -5.30 -8.89
CA ASP A 139 -21.09 -5.89 -9.20
C ASP A 139 -20.02 -5.36 -8.25
N PRO A 140 -19.94 -5.91 -7.03
CA PRO A 140 -18.96 -5.50 -6.02
C PRO A 140 -17.54 -5.87 -6.43
N LYS A 141 -17.40 -6.98 -7.15
CA LYS A 141 -16.09 -7.45 -7.60
C LYS A 141 -15.42 -6.40 -8.48
N ALA A 142 -16.20 -5.78 -9.36
CA ALA A 142 -15.68 -4.76 -10.26
C ALA A 142 -15.10 -3.59 -9.48
N VAL A 143 -15.81 -3.18 -8.44
CA VAL A 143 -15.36 -2.08 -7.59
C VAL A 143 -14.07 -2.45 -6.88
N LEU A 144 -14.01 -3.68 -6.38
CA LEU A 144 -12.84 -4.16 -5.68
C LEU A 144 -11.60 -4.13 -6.57
N GLU A 145 -11.78 -4.55 -7.83
CA GLU A 145 -10.67 -4.56 -8.79
C GLU A 145 -10.11 -3.15 -8.98
N ASN A 146 -11.00 -2.17 -9.08
CA ASN A 146 -10.59 -0.78 -9.27
C ASN A 146 -9.72 -0.32 -8.10
N VAL A 147 -10.10 -0.73 -6.90
CA VAL A 147 -9.37 -0.37 -5.70
C VAL A 147 -7.94 -0.89 -5.74
N LEU A 148 -7.78 -2.14 -6.17
CA LEU A 148 -6.46 -2.75 -6.25
C LEU A 148 -5.56 -1.97 -7.21
N ARG A 149 -6.14 -1.54 -8.32
CA ARG A 149 -5.40 -0.79 -9.32
C ARG A 149 -4.91 0.53 -8.74
N ASN A 150 -5.76 1.17 -7.94
CA ASN A 150 -5.43 2.44 -7.32
C ASN A 150 -4.19 2.32 -6.42
N PHE A 151 -4.10 1.21 -5.70
CA PHE A 151 -2.98 0.99 -4.79
C PHE A 151 -1.96 0.02 -5.38
N SER A 152 -0.73 0.49 -5.50
CA SER A 152 0.35 -0.33 -6.05
C SER A 152 0.59 -1.57 -5.20
N THR A 153 0.52 -1.40 -3.88
CA THR A 153 0.74 -2.51 -2.95
C THR A 153 -0.40 -2.64 -1.96
N LEU A 154 -0.78 -3.88 -1.66
CA LEU A 154 -1.85 -4.14 -0.71
C LEU A 154 -1.30 -4.85 0.52
N THR A 155 -1.49 -4.23 1.69
CA THR A 155 -1.02 -4.80 2.94
C THR A 155 -2.18 -5.05 3.90
N VAL A 156 -2.13 -6.18 4.61
CA VAL A 156 -3.20 -6.53 5.54
C VAL A 156 -3.34 -5.46 6.62
N ASP A 157 -2.20 -4.99 7.09
CA ASP A 157 -2.14 -3.96 8.11
C ASP A 157 -2.61 -2.60 7.59
N ASP A 158 -2.30 -2.32 6.33
CA ASP A 158 -2.66 -1.05 5.73
C ASP A 158 -4.16 -0.94 5.43
N VAL A 159 -4.70 0.23 5.69
CA VAL A 159 -6.11 0.52 5.43
C VAL A 159 -6.23 1.44 4.23
N ILE A 160 -6.92 0.96 3.20
CA ILE A 160 -7.09 1.74 1.98
C ILE A 160 -8.51 2.29 1.84
N GLU A 161 -8.60 3.55 1.40
CA GLU A 161 -9.90 4.21 1.22
C GLU A 161 -10.09 4.65 -0.22
N ILE A 162 -11.30 4.49 -0.73
CA ILE A 162 -11.62 4.87 -2.11
C ILE A 162 -12.83 5.78 -2.15
N SER A 163 -12.80 6.78 -3.03
CA SER A 163 -13.92 7.70 -3.17
C SER A 163 -14.64 7.51 -4.50
N TYR A 164 -15.92 7.14 -4.43
CA TYR A 164 -16.72 6.92 -5.62
C TYR A 164 -17.93 7.85 -5.64
N ASN A 165 -18.02 8.69 -6.67
CA ASN A 165 -19.13 9.62 -6.80
C ASN A 165 -19.26 10.53 -5.57
N GLY A 166 -18.12 10.96 -5.04
CA GLY A 166 -18.13 11.83 -3.88
C GLY A 166 -18.33 11.08 -2.58
N LYS A 167 -18.27 9.74 -2.63
CA LYS A 167 -18.45 8.91 -1.45
C LYS A 167 -17.15 8.21 -1.09
N THR A 168 -16.82 8.18 0.20
CA THR A 168 -15.59 7.53 0.65
C THR A 168 -15.88 6.24 1.41
N PHE A 169 -15.21 5.16 1.01
CA PHE A 169 -15.39 3.88 1.65
C PHE A 169 -14.06 3.38 2.23
N LYS A 170 -14.12 2.79 3.42
CA LYS A 170 -12.93 2.28 4.07
C LYS A 170 -12.82 0.77 3.90
N ILE A 171 -11.70 0.31 3.37
CA ILE A 171 -11.46 -1.11 3.17
C ILE A 171 -10.23 -1.55 3.94
N LYS A 172 -10.41 -2.50 4.84
CA LYS A 172 -9.31 -3.00 5.65
C LYS A 172 -9.11 -4.49 5.42
N ILE A 173 -7.88 -4.87 5.12
CA ILE A 173 -7.56 -6.26 4.89
C ILE A 173 -7.31 -6.97 6.21
N LEU A 174 -8.24 -7.86 6.61
CA LEU A 174 -8.11 -8.57 7.87
C LEU A 174 -6.94 -9.56 7.86
N GLU A 175 -6.91 -10.45 6.87
CA GLU A 175 -5.83 -11.43 6.77
C GLU A 175 -5.68 -11.95 5.34
N VAL A 176 -4.44 -12.14 4.90
CA VAL A 176 -4.16 -12.63 3.56
C VAL A 176 -3.00 -13.62 3.56
N LYS A 177 -2.96 -14.52 2.58
CA LYS A 177 -1.87 -15.49 2.50
C LYS A 177 -0.97 -15.17 1.31
N PRO A 178 0.20 -14.57 1.58
CA PRO A 178 1.17 -14.19 0.56
C PRO A 178 2.38 -15.12 0.50
N GLU A 179 2.42 -16.11 1.40
CA GLU A 179 3.54 -17.04 1.45
C GLU A 179 4.85 -16.31 1.76
N SER A 180 4.75 -15.18 2.46
CA SER A 180 5.93 -14.39 2.81
C SER A 180 5.81 -13.84 4.24
N SER A 181 6.95 -13.73 4.91
CA SER A 181 7.01 -13.22 6.28
C SER A 181 6.51 -11.78 6.38
N SER A 182 6.85 -10.96 5.40
CA SER A 182 6.46 -9.56 5.39
C SER A 182 4.94 -9.39 5.40
N LYS A 183 4.23 -10.43 5.01
CA LYS A 183 2.77 -10.40 4.98
C LYS A 183 2.25 -9.27 4.12
N SER A 184 2.91 -9.03 3.00
CA SER A 184 2.51 -7.98 2.07
C SER A 184 2.21 -8.57 0.70
N ILE A 185 1.17 -8.05 0.05
CA ILE A 185 0.77 -8.54 -1.25
C ILE A 185 0.71 -7.42 -2.28
N CYS A 186 0.99 -7.75 -3.53
CA CYS A 186 0.96 -6.78 -4.61
C CYS A 186 0.34 -7.41 -5.84
N VAL A 187 -0.94 -7.13 -6.05
CA VAL A 187 -1.67 -7.67 -7.17
C VAL A 187 -2.15 -6.55 -8.09
N ILE A 188 -1.59 -6.55 -9.29
CA ILE A 188 -1.90 -5.53 -10.30
C ILE A 188 -3.24 -5.80 -10.98
N GLU A 189 -3.35 -6.94 -11.67
CA GLU A 189 -4.57 -7.26 -12.39
C GLU A 189 -5.57 -8.05 -11.54
N THR A 190 -5.35 -9.36 -11.41
CA THR A 190 -6.26 -10.19 -10.62
C THR A 190 -5.61 -11.52 -10.22
N ASP A 191 -4.35 -11.44 -9.80
CA ASP A 191 -3.61 -12.63 -9.38
C ASP A 191 -3.80 -12.89 -7.88
N LEU A 192 -4.68 -12.12 -7.26
CA LEU A 192 -4.98 -12.27 -5.83
C LEU A 192 -6.46 -12.57 -5.63
N VAL A 193 -6.76 -13.61 -4.86
CA VAL A 193 -8.16 -13.98 -4.62
C VAL A 193 -8.70 -13.27 -3.38
N THR A 194 -9.79 -12.51 -3.57
CA THR A 194 -10.39 -11.77 -2.47
C THR A 194 -11.62 -12.46 -1.91
N ASP A 195 -11.87 -12.21 -0.63
CA ASP A 195 -13.01 -12.78 0.06
C ASP A 195 -13.77 -11.67 0.78
N PHE A 196 -15.10 -11.73 0.74
CA PHE A 196 -15.92 -10.71 1.37
C PHE A 196 -16.60 -11.24 2.62
N ALA A 197 -16.60 -10.44 3.67
CA ALA A 197 -17.21 -10.79 4.95
C ALA A 197 -18.30 -9.78 5.31
N PRO A 198 -19.16 -10.11 6.29
CA PRO A 198 -20.23 -9.21 6.72
C PRO A 198 -19.69 -7.84 7.15
N PRO A 199 -20.19 -6.75 6.55
CA PRO A 199 -19.75 -5.40 6.86
C PRO A 199 -20.40 -4.83 8.12
N VAL A 200 -19.57 -4.32 9.03
CA VAL A 200 -20.05 -3.74 10.27
C VAL A 200 -20.34 -2.25 10.10
N GLY A 201 -21.43 -1.79 10.71
CA GLY A 201 -21.80 -0.40 10.62
C GLY A 201 -22.21 0.18 11.95
N TYR A 202 -23.45 0.64 12.05
CA TYR A 202 -23.96 1.21 13.28
C TYR A 202 -24.83 0.22 14.04
N VAL A 203 -24.55 0.06 15.33
CA VAL A 203 -25.30 -0.86 16.16
C VAL A 203 -26.03 -0.11 17.27
N GLU A 204 -27.36 -0.22 17.30
CA GLU A 204 -28.16 0.46 18.30
C GLU A 204 -28.57 -0.51 19.41
N PRO A 205 -28.18 -0.22 20.67
CA PRO A 205 -28.51 -1.07 21.82
C PRO A 205 -29.97 -0.93 22.23
N ASP A 206 -30.71 -2.04 22.18
CA ASP A 206 -32.11 -2.05 22.55
C ASP A 206 -32.30 -2.51 23.99
N TYR A 207 -33.11 -1.77 24.75
CA TYR A 207 -33.37 -2.12 26.14
C TYR A 207 -34.71 -2.83 26.28
N LYS A 208 -34.66 -4.05 26.80
CA LYS A 208 -35.87 -4.85 26.98
C LYS A 208 -36.22 -4.96 28.47
N MET A 1 44.10 -34.40 -6.66
CA MET A 1 43.01 -33.51 -6.18
C MET A 1 41.93 -34.31 -5.45
N PHE A 2 40.91 -33.61 -4.97
CA PHE A 2 39.81 -34.25 -4.26
C PHE A 2 38.48 -34.03 -4.97
N SER A 3 37.64 -35.05 -5.01
CA SER A 3 36.34 -34.97 -5.67
C SER A 3 35.21 -35.25 -4.69
N GLY A 4 34.22 -34.36 -4.65
CA GLY A 4 33.09 -34.53 -3.76
C GLY A 4 32.15 -33.35 -3.80
N PHE A 5 30.96 -33.52 -3.22
CA PHE A 5 29.97 -32.45 -3.20
C PHE A 5 29.62 -32.07 -1.77
N SER A 6 29.55 -30.77 -1.51
CA SER A 6 29.21 -30.26 -0.17
C SER A 6 27.83 -30.73 0.25
N SER A 7 26.90 -30.73 -0.70
CA SER A 7 25.53 -31.17 -0.44
C SER A 7 24.90 -30.31 0.65
N PHE A 8 25.26 -29.03 0.68
CA PHE A 8 24.72 -28.11 1.67
C PHE A 8 23.21 -27.95 1.50
N GLY A 9 22.77 -27.88 0.25
CA GLY A 9 21.35 -27.74 -0.02
C GLY A 9 20.62 -29.07 -0.04
N GLY A 10 19.32 -29.04 0.13
CA GLY A 10 18.55 -30.27 0.12
C GLY A 10 18.15 -30.69 -1.28
N GLY A 11 18.33 -29.80 -2.25
CA GLY A 11 18.00 -30.11 -3.63
C GLY A 11 16.50 -30.03 -3.92
N ASN A 12 15.69 -30.02 -2.86
CA ASN A 12 14.24 -29.97 -3.01
C ASN A 12 13.68 -28.73 -2.32
N GLY A 13 12.85 -27.98 -3.04
CA GLY A 13 12.24 -26.79 -2.49
C GLY A 13 13.02 -25.53 -2.81
N PHE A 14 12.30 -24.44 -3.06
CA PHE A 14 12.93 -23.17 -3.38
C PHE A 14 12.52 -22.10 -2.36
N VAL A 15 13.48 -21.26 -1.98
CA VAL A 15 13.21 -20.20 -1.01
C VAL A 15 13.25 -18.84 -1.68
N ASN A 16 12.13 -18.12 -1.62
CA ASN A 16 12.05 -16.79 -2.22
C ASN A 16 12.19 -15.71 -1.15
N MET A 17 13.21 -14.87 -1.30
CA MET A 17 13.45 -13.79 -0.35
C MET A 17 13.05 -12.44 -0.92
N PRO A 18 12.09 -11.74 -0.28
CA PRO A 18 11.64 -10.43 -0.74
C PRO A 18 12.78 -9.42 -0.83
N GLN A 19 12.63 -8.44 -1.71
CA GLN A 19 13.66 -7.41 -1.90
C GLN A 19 13.22 -6.10 -1.27
N THR A 20 14.01 -5.59 -0.32
CA THR A 20 13.69 -4.34 0.34
C THR A 20 14.81 -3.31 0.17
N PHE A 21 14.43 -2.10 -0.25
CA PHE A 21 15.40 -1.01 -0.44
C PHE A 21 15.00 0.14 0.48
N GLU A 22 15.98 0.79 1.10
CA GLU A 22 15.68 1.90 2.01
C GLU A 22 16.03 3.25 1.40
N GLU A 23 15.11 4.20 1.54
CA GLU A 23 15.30 5.55 1.01
C GLU A 23 14.77 6.59 1.97
N PHE A 24 15.36 7.79 1.94
CA PHE A 24 14.92 8.88 2.82
C PHE A 24 14.48 10.09 2.00
N PHE A 25 13.36 10.69 2.40
CA PHE A 25 12.84 11.87 1.70
C PHE A 25 12.03 12.75 2.63
N ARG A 26 11.86 14.01 2.25
CA ARG A 26 11.10 14.96 3.06
C ARG A 26 9.60 14.83 2.75
N CYS A 27 8.78 14.93 3.79
CA CYS A 27 7.34 14.81 3.62
C CYS A 27 6.68 16.18 3.54
N TYR A 28 5.91 16.39 2.48
CA TYR A 28 5.19 17.65 2.28
C TYR A 28 3.69 17.41 2.29
N PRO A 29 2.91 18.41 2.74
CA PRO A 29 1.45 18.31 2.80
C PRO A 29 0.79 18.58 1.45
N ILE A 30 0.41 17.50 0.76
CA ILE A 30 -0.24 17.64 -0.54
C ILE A 30 -1.53 18.43 -0.42
N ALA A 31 -2.28 18.17 0.66
CA ALA A 31 -3.55 18.85 0.90
C ALA A 31 -3.35 20.37 1.03
N MET A 32 -2.20 20.76 1.55
CA MET A 32 -1.88 22.18 1.73
C MET A 32 -1.73 22.87 0.38
N MET A 33 -1.12 22.17 -0.57
CA MET A 33 -0.90 22.73 -1.90
C MET A 33 -2.23 23.06 -2.58
N ASN A 34 -2.20 24.04 -3.47
CA ASN A 34 -3.40 24.48 -4.17
C ASN A 34 -4.02 23.34 -4.98
N ASP A 35 -5.34 23.31 -5.03
CA ASP A 35 -6.06 22.27 -5.74
C ASP A 35 -5.69 22.26 -7.21
N ARG A 36 -5.55 23.44 -7.80
CA ARG A 36 -5.18 23.55 -9.21
C ARG A 36 -3.82 22.90 -9.47
N ILE A 37 -2.89 23.10 -8.54
CA ILE A 37 -1.54 22.57 -8.67
C ILE A 37 -1.49 21.04 -8.56
N ARG A 38 -2.29 20.49 -7.64
CA ARG A 38 -2.32 19.03 -7.46
C ARG A 38 -3.67 18.44 -7.80
N LYS A 39 -3.65 17.28 -8.44
CA LYS A 39 -4.87 16.59 -8.83
C LYS A 39 -5.62 16.07 -7.62
N ASP A 40 -6.94 16.19 -7.65
CA ASP A 40 -7.80 15.73 -6.57
C ASP A 40 -7.64 14.23 -6.33
N ASP A 41 -7.51 13.49 -7.42
CA ASP A 41 -7.35 12.03 -7.35
C ASP A 41 -6.11 11.66 -6.54
N ALA A 42 -5.04 12.41 -6.75
CA ALA A 42 -3.79 12.16 -6.05
C ALA A 42 -3.98 12.28 -4.53
N ASN A 43 -4.76 13.26 -4.11
CA ASN A 43 -5.02 13.49 -2.70
C ASN A 43 -5.66 12.27 -2.04
N PHE A 44 -6.61 11.66 -2.74
CA PHE A 44 -7.31 10.49 -2.23
C PHE A 44 -6.81 9.20 -2.86
N GLY A 45 -5.74 9.30 -3.65
CA GLY A 45 -5.20 8.12 -4.30
C GLY A 45 -4.05 7.52 -3.52
N GLY A 46 -3.60 6.34 -3.96
CA GLY A 46 -2.49 5.67 -3.29
C GLY A 46 -1.18 5.88 -4.00
N LYS A 47 -1.13 6.90 -4.86
CA LYS A 47 0.07 7.21 -5.62
C LYS A 47 0.84 8.37 -5.00
N ILE A 48 2.15 8.19 -4.84
CA ILE A 48 3.01 9.21 -4.26
C ILE A 48 4.10 9.63 -5.24
N PHE A 49 4.56 10.86 -5.12
CA PHE A 49 5.59 11.37 -6.01
C PHE A 49 6.95 11.38 -5.33
N LEU A 50 7.95 10.85 -6.00
CA LEU A 50 9.31 10.80 -5.44
C LEU A 50 10.36 11.21 -6.46
N PRO A 51 11.56 11.58 -6.00
CA PRO A 51 12.66 11.99 -6.87
C PRO A 51 13.15 10.85 -7.78
N PRO A 52 13.38 11.15 -9.07
CA PRO A 52 13.83 10.14 -10.04
C PRO A 52 15.17 9.51 -9.67
N SER A 53 15.93 10.20 -8.82
CA SER A 53 17.24 9.70 -8.39
C SER A 53 17.10 8.34 -7.70
N ALA A 54 16.07 8.20 -6.88
CA ALA A 54 15.82 6.96 -6.16
C ALA A 54 15.57 5.81 -7.12
N LEU A 55 14.82 6.10 -8.18
CA LEU A 55 14.49 5.10 -9.19
C LEU A 55 15.74 4.52 -9.82
N SER A 56 16.72 5.38 -10.09
CA SER A 56 17.96 4.95 -10.71
C SER A 56 18.67 3.92 -9.84
N LYS A 57 18.63 4.13 -8.53
CA LYS A 57 19.24 3.21 -7.57
C LYS A 57 18.60 1.84 -7.67
N LEU A 58 17.28 1.84 -7.85
CA LEU A 58 16.51 0.61 -7.96
C LEU A 58 16.97 -0.22 -9.15
N SER A 59 17.27 0.45 -10.25
CA SER A 59 17.74 -0.23 -11.46
C SER A 59 18.98 -1.05 -11.16
N MET A 60 19.85 -0.49 -10.32
CA MET A 60 21.08 -1.18 -9.93
C MET A 60 20.76 -2.50 -9.25
N LEU A 61 19.70 -2.51 -8.46
CA LEU A 61 19.28 -3.72 -7.75
C LEU A 61 18.51 -4.67 -8.67
N ASN A 62 18.34 -4.28 -9.93
CA ASN A 62 17.63 -5.10 -10.90
C ASN A 62 16.20 -5.38 -10.46
N ILE A 63 15.54 -4.37 -9.90
CA ILE A 63 14.16 -4.51 -9.45
C ILE A 63 13.20 -4.23 -10.60
N ARG A 64 12.38 -5.23 -10.94
CA ARG A 64 11.42 -5.10 -12.03
C ARG A 64 10.14 -4.43 -11.56
N TYR A 65 9.48 -3.75 -12.49
CA TYR A 65 8.22 -3.06 -12.21
C TYR A 65 7.04 -4.01 -12.38
N PRO A 66 5.87 -3.69 -11.78
CA PRO A 66 5.65 -2.48 -10.98
C PRO A 66 6.47 -2.46 -9.70
N MET A 67 6.87 -1.27 -9.29
CA MET A 67 7.67 -1.09 -8.09
C MET A 67 6.79 -0.76 -6.91
N LEU A 68 7.10 -1.35 -5.75
CA LEU A 68 6.33 -1.11 -4.55
C LEU A 68 7.18 -0.38 -3.51
N PHE A 69 6.56 0.57 -2.83
CA PHE A 69 7.25 1.34 -1.81
C PHE A 69 6.43 1.41 -0.52
N LYS A 70 7.14 1.41 0.62
CA LYS A 70 6.48 1.48 1.92
C LYS A 70 6.96 2.67 2.72
N LEU A 71 6.04 3.31 3.42
CA LEU A 71 6.36 4.48 4.23
C LEU A 71 6.52 4.09 5.70
N THR A 72 7.65 4.50 6.30
CA THR A 72 7.92 4.19 7.69
C THR A 72 7.73 5.42 8.57
N ALA A 73 7.07 5.23 9.72
CA ALA A 73 6.84 6.33 10.65
C ALA A 73 7.52 6.05 11.99
N ASN A 74 8.52 6.86 12.31
CA ASN A 74 9.27 6.71 13.57
C ASN A 74 8.39 6.98 14.78
N GLU A 75 7.53 7.98 14.67
CA GLU A 75 6.66 8.38 15.77
C GLU A 75 5.74 7.23 16.20
N THR A 76 5.21 6.48 15.24
CA THR A 76 4.33 5.37 15.56
C THR A 76 5.03 4.02 15.45
N GLY A 77 6.20 4.01 14.82
CA GLY A 77 6.95 2.78 14.67
C GLY A 77 6.29 1.80 13.70
N ARG A 78 5.18 2.24 13.09
CA ARG A 78 4.46 1.40 12.14
C ARG A 78 4.77 1.81 10.71
N VAL A 79 4.92 0.81 9.84
CA VAL A 79 5.22 1.07 8.44
C VAL A 79 4.14 0.53 7.51
N THR A 80 3.55 1.42 6.73
CA THR A 80 2.52 1.04 5.77
C THR A 80 3.11 1.00 4.36
N HIS A 81 2.48 0.24 3.47
CA HIS A 81 2.96 0.14 2.10
C HIS A 81 2.11 1.01 1.17
N GLY A 82 2.73 2.03 0.60
CA GLY A 82 2.02 2.92 -0.29
C GLY A 82 2.31 2.65 -1.76
N GLY A 83 1.51 3.23 -2.65
CA GLY A 83 1.72 3.04 -4.06
C GLY A 83 2.59 4.14 -4.64
N VAL A 84 3.14 3.91 -5.83
CA VAL A 84 4.00 4.90 -6.48
C VAL A 84 3.59 5.16 -7.92
N LEU A 85 3.48 6.44 -8.27
CA LEU A 85 3.09 6.83 -9.62
C LEU A 85 4.32 7.05 -10.50
N GLU A 86 4.94 8.21 -10.37
CA GLU A 86 6.11 8.57 -11.16
C GLU A 86 7.02 9.50 -10.38
N PHE A 87 8.28 9.58 -10.81
CA PHE A 87 9.24 10.45 -10.15
C PHE A 87 9.31 11.79 -10.88
N ILE A 88 8.95 12.87 -10.19
CA ILE A 88 8.96 14.20 -10.79
C ILE A 88 9.77 15.20 -9.95
N ALA A 89 10.25 14.76 -8.79
CA ALA A 89 11.02 15.64 -7.92
C ALA A 89 12.51 15.59 -8.24
N GLU A 90 12.97 16.57 -9.01
CA GLU A 90 14.37 16.64 -9.40
C GLU A 90 15.25 17.01 -8.20
N GLU A 91 14.75 17.91 -7.38
CA GLU A 91 15.48 18.38 -6.20
C GLU A 91 15.62 17.29 -5.15
N GLY A 92 14.64 16.40 -5.10
CA GLY A 92 14.66 15.32 -4.13
C GLY A 92 13.57 15.46 -3.08
N ARG A 93 12.33 15.69 -3.53
CA ARG A 93 11.21 15.85 -2.61
C ARG A 93 10.12 14.81 -2.88
N VAL A 94 9.40 14.43 -1.82
CA VAL A 94 8.32 13.45 -1.93
C VAL A 94 7.04 13.97 -1.29
N TYR A 95 5.92 13.66 -1.92
CA TYR A 95 4.62 14.07 -1.41
C TYR A 95 3.82 12.85 -0.97
N LEU A 96 3.16 12.98 0.17
CA LEU A 96 2.38 11.89 0.73
C LEU A 96 0.90 12.28 0.86
N PRO A 97 -0.03 11.38 0.51
CA PRO A 97 -1.47 11.67 0.58
C PRO A 97 -1.89 12.17 1.96
N GLN A 98 -2.87 13.07 1.98
CA GLN A 98 -3.37 13.64 3.23
C GLN A 98 -3.92 12.56 4.16
N TRP A 99 -4.70 11.63 3.61
CA TRP A 99 -5.29 10.57 4.41
C TRP A 99 -4.23 9.59 4.90
N MET A 100 -3.30 9.25 4.01
CA MET A 100 -2.22 8.33 4.36
C MET A 100 -1.39 8.88 5.50
N MET A 101 -1.12 10.19 5.46
CA MET A 101 -0.32 10.84 6.48
C MET A 101 -0.97 10.70 7.85
N GLU A 102 -2.29 10.84 7.91
CA GLU A 102 -3.03 10.72 9.15
C GLU A 102 -2.87 9.32 9.74
N THR A 103 -2.89 8.31 8.87
CA THR A 103 -2.74 6.94 9.30
C THR A 103 -1.36 6.71 9.93
N LEU A 104 -0.34 7.32 9.33
CA LEU A 104 1.03 7.19 9.82
C LEU A 104 1.21 7.91 11.15
N GLY A 105 0.35 8.90 11.42
CA GLY A 105 0.44 9.62 12.67
C GLY A 105 1.52 10.68 12.65
N ILE A 106 1.73 11.31 11.50
CA ILE A 106 2.74 12.35 11.36
C ILE A 106 2.12 13.67 10.94
N GLN A 107 2.71 14.76 11.42
CA GLN A 107 2.23 16.09 11.09
C GLN A 107 3.02 16.67 9.91
N PRO A 108 2.43 17.64 9.18
CA PRO A 108 3.09 18.26 8.03
C PRO A 108 4.52 18.71 8.36
N GLY A 109 5.44 18.47 7.43
CA GLY A 109 6.83 18.85 7.62
C GLY A 109 7.66 17.76 8.28
N SER A 110 7.00 16.71 8.77
CA SER A 110 7.71 15.61 9.42
C SER A 110 8.48 14.79 8.38
N LEU A 111 9.59 14.20 8.82
CA LEU A 111 10.41 13.40 7.91
C LEU A 111 9.69 12.09 7.57
N LEU A 112 9.81 11.69 6.30
CA LEU A 112 9.17 10.45 5.84
C LEU A 112 10.18 9.55 5.16
N GLN A 113 10.21 8.28 5.57
CA GLN A 113 11.13 7.31 5.01
C GLN A 113 10.39 6.31 4.13
N ILE A 114 10.89 6.10 2.92
CA ILE A 114 10.26 5.17 2.00
C ILE A 114 11.19 4.03 1.64
N SER A 115 10.71 2.81 1.78
CA SER A 115 11.50 1.62 1.47
C SER A 115 10.82 0.78 0.39
N SER A 116 11.58 0.39 -0.62
CA SER A 116 11.02 -0.44 -1.69
C SER A 116 10.73 -1.83 -1.17
N THR A 117 9.52 -2.32 -1.43
CA THR A 117 9.14 -3.65 -0.96
C THR A 117 8.76 -4.55 -2.14
N ASP A 118 9.33 -5.75 -2.17
CA ASP A 118 9.04 -6.69 -3.24
C ASP A 118 8.44 -7.97 -2.65
N VAL A 119 7.22 -8.28 -3.07
CA VAL A 119 6.52 -9.46 -2.57
C VAL A 119 6.34 -10.51 -3.66
N PRO A 120 6.23 -11.79 -3.25
CA PRO A 120 6.04 -12.91 -4.18
C PRO A 120 4.59 -13.03 -4.66
N LEU A 121 3.82 -11.96 -4.48
CA LEU A 121 2.42 -11.94 -4.89
C LEU A 121 1.56 -12.85 -4.02
N GLY A 122 0.84 -12.25 -3.08
CA GLY A 122 -0.03 -13.00 -2.20
C GLY A 122 -1.05 -13.82 -2.97
N GLN A 123 -1.56 -14.87 -2.34
CA GLN A 123 -2.54 -15.73 -2.99
C GLN A 123 -3.95 -15.53 -2.40
N PHE A 124 -4.02 -15.11 -1.13
CA PHE A 124 -5.31 -14.90 -0.50
C PHE A 124 -5.33 -13.66 0.37
N VAL A 125 -6.36 -12.82 0.19
CA VAL A 125 -6.50 -11.60 0.97
C VAL A 125 -7.90 -11.47 1.56
N LYS A 126 -7.94 -11.20 2.86
CA LYS A 126 -9.20 -11.04 3.58
C LYS A 126 -9.54 -9.56 3.75
N LEU A 127 -10.68 -9.14 3.21
CA LEU A 127 -11.11 -7.75 3.31
C LEU A 127 -12.28 -7.58 4.26
N GLU A 128 -12.19 -6.56 5.10
CA GLU A 128 -13.23 -6.28 6.08
C GLU A 128 -14.07 -5.05 5.70
N PRO A 129 -15.38 -5.21 5.51
CA PRO A 129 -16.25 -4.10 5.18
C PRO A 129 -16.66 -3.30 6.41
N GLN A 130 -17.27 -2.14 6.20
CA GLN A 130 -17.71 -1.29 7.29
C GLN A 130 -19.07 -0.72 6.98
N SER A 131 -20.03 -1.00 7.85
CA SER A 131 -21.40 -0.53 7.67
C SER A 131 -22.01 -1.13 6.41
N VAL A 132 -21.51 -2.32 6.02
CA VAL A 132 -21.98 -3.03 4.83
C VAL A 132 -22.32 -2.08 3.67
N ASP A 133 -21.67 -0.92 3.64
CA ASP A 133 -21.93 0.04 2.58
C ASP A 133 -21.40 -0.48 1.24
N PHE A 134 -20.24 -1.13 1.28
CA PHE A 134 -19.63 -1.69 0.09
C PHE A 134 -20.53 -2.78 -0.50
N LEU A 135 -21.12 -3.59 0.36
CA LEU A 135 -22.01 -4.67 -0.07
C LEU A 135 -23.31 -4.11 -0.65
N ASP A 136 -23.66 -2.89 -0.25
CA ASP A 136 -24.87 -2.24 -0.72
C ASP A 136 -24.85 -2.08 -2.23
N ILE A 137 -23.68 -1.73 -2.76
CA ILE A 137 -23.51 -1.54 -4.20
C ILE A 137 -23.89 -2.82 -4.96
N SER A 138 -24.58 -2.65 -6.08
CA SER A 138 -25.01 -3.77 -6.90
C SER A 138 -23.83 -4.59 -7.41
N ASP A 139 -22.75 -3.91 -7.79
CA ASP A 139 -21.56 -4.58 -8.29
C ASP A 139 -20.35 -4.23 -7.45
N PRO A 140 -20.25 -4.80 -6.24
CA PRO A 140 -19.13 -4.55 -5.32
C PRO A 140 -17.83 -5.15 -5.83
N LYS A 141 -17.93 -6.30 -6.49
CA LYS A 141 -16.76 -6.99 -7.03
C LYS A 141 -16.03 -6.11 -8.04
N ALA A 142 -16.81 -5.42 -8.87
CA ALA A 142 -16.23 -4.55 -9.89
C ALA A 142 -15.44 -3.43 -9.22
N VAL A 143 -16.00 -2.88 -8.15
CA VAL A 143 -15.33 -1.80 -7.42
C VAL A 143 -13.99 -2.26 -6.88
N LEU A 144 -13.96 -3.47 -6.33
CA LEU A 144 -12.73 -4.03 -5.76
C LEU A 144 -11.63 -4.13 -6.81
N GLU A 145 -12.00 -4.58 -8.01
CA GLU A 145 -11.04 -4.70 -9.10
C GLU A 145 -10.42 -3.36 -9.43
N ASN A 146 -11.24 -2.32 -9.45
CA ASN A 146 -10.75 -0.98 -9.76
C ASN A 146 -9.77 -0.50 -8.70
N VAL A 147 -10.08 -0.81 -7.45
CA VAL A 147 -9.23 -0.42 -6.33
C VAL A 147 -7.85 -1.05 -6.44
N LEU A 148 -7.81 -2.32 -6.85
CA LEU A 148 -6.56 -3.04 -7.00
C LEU A 148 -5.65 -2.37 -8.00
N ARG A 149 -6.24 -1.89 -9.09
CA ARG A 149 -5.49 -1.22 -10.14
C ARG A 149 -4.94 0.12 -9.63
N ASN A 150 -5.75 0.82 -8.84
CA ASN A 150 -5.37 2.11 -8.29
C ASN A 150 -4.15 2.01 -7.37
N PHE A 151 -4.10 0.95 -6.57
CA PHE A 151 -3.00 0.76 -5.63
C PHE A 151 -2.01 -0.29 -6.14
N SER A 152 -0.75 0.12 -6.30
CA SER A 152 0.29 -0.78 -6.77
C SER A 152 0.48 -1.96 -5.81
N THR A 153 0.43 -1.67 -4.51
CA THR A 153 0.57 -2.71 -3.49
C THR A 153 -0.44 -2.55 -2.39
N LEU A 154 -0.86 -3.68 -1.82
CA LEU A 154 -1.82 -3.66 -0.73
C LEU A 154 -1.22 -4.34 0.50
N THR A 155 -1.47 -3.75 1.66
CA THR A 155 -0.96 -4.29 2.92
C THR A 155 -2.11 -4.71 3.81
N VAL A 156 -1.98 -5.87 4.42
CA VAL A 156 -3.04 -6.40 5.27
C VAL A 156 -3.35 -5.48 6.44
N ASP A 157 -2.31 -4.91 7.01
CA ASP A 157 -2.44 -4.00 8.15
C ASP A 157 -2.77 -2.58 7.70
N ASP A 158 -2.47 -2.28 6.44
CA ASP A 158 -2.73 -0.95 5.90
C ASP A 158 -4.19 -0.78 5.52
N VAL A 159 -4.74 0.37 5.88
CA VAL A 159 -6.12 0.69 5.56
C VAL A 159 -6.19 1.60 4.34
N ILE A 160 -6.88 1.15 3.30
CA ILE A 160 -7.00 1.93 2.07
C ILE A 160 -8.40 2.50 1.91
N GLU A 161 -8.47 3.75 1.48
CA GLU A 161 -9.74 4.42 1.28
C GLU A 161 -9.92 4.84 -0.17
N ILE A 162 -11.14 4.69 -0.66
CA ILE A 162 -11.47 5.05 -2.04
C ILE A 162 -12.71 5.94 -2.08
N SER A 163 -12.69 6.94 -2.94
CA SER A 163 -13.82 7.86 -3.07
C SER A 163 -14.55 7.67 -4.39
N TYR A 164 -15.80 7.20 -4.32
CA TYR A 164 -16.60 6.99 -5.50
C TYR A 164 -17.87 7.84 -5.46
N ASN A 165 -18.04 8.68 -6.48
CA ASN A 165 -19.21 9.55 -6.56
C ASN A 165 -19.35 10.43 -5.32
N GLY A 166 -18.22 10.93 -4.84
CA GLY A 166 -18.24 11.79 -3.66
C GLY A 166 -18.38 11.03 -2.36
N LYS A 167 -18.21 9.71 -2.41
CA LYS A 167 -18.32 8.88 -1.23
C LYS A 167 -17.00 8.18 -0.93
N THR A 168 -16.64 8.12 0.35
CA THR A 168 -15.39 7.47 0.75
C THR A 168 -15.66 6.17 1.49
N PHE A 169 -14.94 5.12 1.10
CA PHE A 169 -15.10 3.81 1.73
C PHE A 169 -13.79 3.35 2.37
N LYS A 170 -13.90 2.77 3.55
CA LYS A 170 -12.72 2.28 4.27
C LYS A 170 -12.64 0.76 4.19
N ILE A 171 -11.52 0.27 3.67
CA ILE A 171 -11.31 -1.16 3.55
C ILE A 171 -10.08 -1.59 4.32
N LYS A 172 -10.28 -2.47 5.30
CA LYS A 172 -9.19 -2.96 6.11
C LYS A 172 -8.99 -4.46 5.89
N ILE A 173 -7.75 -4.85 5.63
CA ILE A 173 -7.44 -6.25 5.39
C ILE A 173 -7.29 -7.01 6.71
N LEU A 174 -8.29 -7.80 7.04
CA LEU A 174 -8.27 -8.56 8.28
C LEU A 174 -7.10 -9.54 8.35
N GLU A 175 -6.90 -10.32 7.29
CA GLU A 175 -5.82 -11.30 7.24
C GLU A 175 -5.48 -11.68 5.81
N VAL A 176 -4.19 -11.83 5.51
CA VAL A 176 -3.76 -12.22 4.18
C VAL A 176 -2.55 -13.14 4.24
N LYS A 177 -2.41 -14.01 3.26
CA LYS A 177 -1.27 -14.92 3.21
C LYS A 177 -0.41 -14.63 1.99
N PRO A 178 0.74 -13.96 2.18
CA PRO A 178 1.66 -13.60 1.12
C PRO A 178 2.85 -14.56 1.05
N GLU A 179 2.75 -15.67 1.76
CA GLU A 179 3.84 -16.66 1.79
C GLU A 179 5.11 -16.03 2.36
N SER A 180 4.95 -14.92 3.08
CA SER A 180 6.09 -14.23 3.68
C SER A 180 5.71 -13.58 5.01
N SER A 181 6.70 -13.42 5.89
CA SER A 181 6.48 -12.81 7.19
C SER A 181 6.19 -11.32 7.08
N SER A 182 6.55 -10.73 5.95
CA SER A 182 6.34 -9.30 5.73
C SER A 182 4.86 -8.93 5.82
N LYS A 183 3.98 -9.89 5.56
CA LYS A 183 2.55 -9.66 5.61
C LYS A 183 2.13 -8.58 4.61
N SER A 184 2.74 -8.63 3.42
CA SER A 184 2.44 -7.66 2.37
C SER A 184 1.98 -8.39 1.11
N ILE A 185 1.02 -7.80 0.41
CA ILE A 185 0.48 -8.42 -0.80
C ILE A 185 0.44 -7.43 -1.97
N CYS A 186 0.78 -7.94 -3.16
CA CYS A 186 0.76 -7.12 -4.37
C CYS A 186 0.09 -7.90 -5.51
N VAL A 187 -0.74 -7.21 -6.28
CA VAL A 187 -1.44 -7.85 -7.37
C VAL A 187 -2.15 -6.82 -8.25
N ILE A 188 -1.37 -5.99 -8.95
CA ILE A 188 -1.95 -4.97 -9.80
C ILE A 188 -2.64 -5.57 -11.03
N GLU A 189 -2.02 -6.59 -11.60
CA GLU A 189 -2.54 -7.26 -12.80
C GLU A 189 -2.76 -8.75 -12.57
N THR A 190 -2.27 -9.26 -11.44
CA THR A 190 -2.41 -10.67 -11.13
C THR A 190 -3.81 -10.97 -10.60
N ASP A 191 -4.10 -12.25 -10.37
CA ASP A 191 -5.40 -12.67 -9.88
C ASP A 191 -5.33 -12.96 -8.38
N LEU A 192 -6.10 -12.21 -7.62
CA LEU A 192 -6.11 -12.36 -6.17
C LEU A 192 -7.50 -12.72 -5.67
N VAL A 193 -7.57 -13.66 -4.74
CA VAL A 193 -8.84 -14.09 -4.17
C VAL A 193 -9.18 -13.29 -2.92
N THR A 194 -10.31 -12.58 -2.95
CA THR A 194 -10.73 -11.77 -1.82
C THR A 194 -12.09 -12.21 -1.30
N ASP A 195 -12.24 -12.20 0.02
CA ASP A 195 -13.50 -12.59 0.66
C ASP A 195 -14.04 -11.44 1.51
N PHE A 196 -15.35 -11.23 1.46
CA PHE A 196 -15.97 -10.16 2.22
C PHE A 196 -16.72 -10.70 3.43
N ALA A 197 -16.32 -10.26 4.62
CA ALA A 197 -16.94 -10.69 5.86
C ALA A 197 -17.25 -9.49 6.76
N PRO A 198 -18.53 -9.11 6.90
CA PRO A 198 -18.92 -7.96 7.74
C PRO A 198 -18.83 -8.26 9.23
N PRO A 199 -18.00 -7.48 9.96
CA PRO A 199 -17.83 -7.64 11.39
C PRO A 199 -18.75 -6.72 12.20
N VAL A 200 -19.66 -6.03 11.50
CA VAL A 200 -20.59 -5.13 12.16
C VAL A 200 -21.86 -5.87 12.58
N GLY A 201 -22.13 -5.85 13.88
CA GLY A 201 -23.30 -6.54 14.40
C GLY A 201 -23.59 -6.16 15.83
N TYR A 202 -23.34 -7.08 16.75
CA TYR A 202 -23.57 -6.85 18.17
C TYR A 202 -22.28 -6.47 18.89
N VAL A 203 -22.34 -5.40 19.67
CA VAL A 203 -21.17 -4.93 20.40
C VAL A 203 -21.41 -4.98 21.91
N GLU A 204 -20.47 -5.59 22.64
CA GLU A 204 -20.58 -5.71 24.08
C GLU A 204 -20.12 -4.43 24.78
N PRO A 205 -20.93 -3.88 25.70
CA PRO A 205 -20.59 -2.66 26.43
C PRO A 205 -19.33 -2.82 27.27
N ASP A 206 -18.17 -2.66 26.64
CA ASP A 206 -16.90 -2.79 27.33
C ASP A 206 -16.36 -1.42 27.73
N TYR A 207 -15.92 -1.30 28.98
CA TYR A 207 -15.38 -0.03 29.48
C TYR A 207 -14.05 0.28 28.84
N LYS A 208 -13.84 1.55 28.51
CA LYS A 208 -12.59 1.99 27.88
C LYS A 208 -12.35 1.26 26.58
N MET A 1 24.69 -37.57 15.56
CA MET A 1 24.14 -37.43 16.93
C MET A 1 23.17 -36.26 17.02
N PHE A 2 22.43 -36.19 18.10
CA PHE A 2 21.47 -35.12 18.31
C PHE A 2 22.04 -34.06 19.24
N SER A 3 21.97 -32.80 18.83
CA SER A 3 22.48 -31.70 19.63
C SER A 3 21.43 -30.60 19.81
N GLY A 4 21.41 -30.00 20.98
CA GLY A 4 20.46 -28.94 21.26
C GLY A 4 20.61 -27.76 20.32
N PHE A 5 21.86 -27.41 20.02
CA PHE A 5 22.13 -26.29 19.13
C PHE A 5 22.91 -26.76 17.90
N SER A 6 22.56 -26.23 16.74
CA SER A 6 23.22 -26.59 15.49
C SER A 6 24.46 -25.74 15.25
N SER A 7 25.49 -26.34 14.64
CA SER A 7 26.73 -25.63 14.36
C SER A 7 26.48 -24.44 13.45
N PHE A 8 25.59 -24.62 12.47
CA PHE A 8 25.26 -23.55 11.54
C PHE A 8 24.53 -22.42 12.25
N GLY A 9 23.64 -22.79 13.17
CA GLY A 9 22.88 -21.79 13.91
C GLY A 9 21.66 -21.31 13.15
N GLY A 10 21.08 -20.20 13.62
CA GLY A 10 19.90 -19.65 12.97
C GLY A 10 18.70 -20.58 13.05
N GLY A 11 18.21 -21.00 11.90
CA GLY A 11 17.05 -21.90 11.86
C GLY A 11 15.73 -21.14 11.80
N ASN A 12 15.80 -19.82 12.00
CA ASN A 12 14.61 -18.98 11.96
C ASN A 12 14.47 -18.27 10.62
N GLY A 13 15.28 -18.67 9.65
CA GLY A 13 15.24 -18.05 8.34
C GLY A 13 14.03 -18.48 7.54
N PHE A 14 13.78 -17.78 6.43
CA PHE A 14 12.65 -18.09 5.57
C PHE A 14 13.12 -18.44 4.17
N VAL A 15 12.48 -19.44 3.56
CA VAL A 15 12.85 -19.87 2.22
C VAL A 15 12.72 -18.73 1.22
N ASN A 16 11.65 -17.94 1.37
CA ASN A 16 11.41 -16.81 0.49
C ASN A 16 11.85 -15.52 1.17
N MET A 17 12.79 -14.82 0.54
CA MET A 17 13.30 -13.56 1.09
C MET A 17 12.81 -12.37 0.27
N PRO A 18 12.08 -11.44 0.90
CA PRO A 18 11.57 -10.25 0.21
C PRO A 18 12.69 -9.24 -0.05
N GLN A 19 12.50 -8.40 -1.06
CA GLN A 19 13.48 -7.39 -1.42
C GLN A 19 13.05 -6.02 -0.94
N THR A 20 13.88 -5.38 -0.14
CA THR A 20 13.56 -4.06 0.38
C THR A 20 14.70 -3.06 0.18
N PHE A 21 14.33 -1.84 -0.19
CA PHE A 21 15.30 -0.76 -0.41
C PHE A 21 15.00 0.41 0.52
N GLU A 22 16.03 1.04 1.07
CA GLU A 22 15.82 2.15 2.01
C GLU A 22 16.12 3.50 1.36
N GLU A 23 15.19 4.42 1.52
CA GLU A 23 15.33 5.77 0.96
C GLU A 23 14.80 6.82 1.93
N PHE A 24 15.40 8.01 1.92
CA PHE A 24 14.97 9.09 2.80
C PHE A 24 14.53 10.30 2.00
N PHE A 25 13.27 10.70 2.16
CA PHE A 25 12.75 11.86 1.45
C PHE A 25 11.83 12.69 2.35
N ARG A 26 11.76 13.98 2.07
CA ARG A 26 10.92 14.89 2.83
C ARG A 26 9.47 14.79 2.36
N CYS A 27 8.55 14.66 3.31
CA CYS A 27 7.13 14.57 2.97
C CYS A 27 6.48 15.93 2.93
N TYR A 28 5.57 16.10 1.99
CA TYR A 28 4.84 17.35 1.84
C TYR A 28 3.38 17.08 1.57
N PRO A 29 2.50 18.05 1.87
CA PRO A 29 1.07 17.92 1.65
C PRO A 29 0.67 18.08 0.18
N ILE A 30 0.27 16.96 -0.44
CA ILE A 30 -0.14 16.99 -1.84
C ILE A 30 -1.33 17.91 -2.02
N ALA A 31 -2.24 17.87 -1.06
CA ALA A 31 -3.44 18.71 -1.10
C ALA A 31 -3.08 20.18 -1.14
N MET A 32 -1.89 20.52 -0.65
CA MET A 32 -1.42 21.90 -0.63
C MET A 32 -1.16 22.42 -2.04
N MET A 33 -0.65 21.54 -2.90
CA MET A 33 -0.33 21.90 -4.28
C MET A 33 -1.57 22.38 -5.03
N ASN A 34 -1.40 23.40 -5.87
CA ASN A 34 -2.51 23.97 -6.64
C ASN A 34 -3.16 22.93 -7.53
N ASP A 35 -4.46 23.13 -7.81
CA ASP A 35 -5.22 22.22 -8.66
C ASP A 35 -4.55 22.02 -10.01
N ARG A 36 -3.82 23.03 -10.46
CA ARG A 36 -3.14 22.97 -11.75
C ARG A 36 -2.13 21.82 -11.75
N ILE A 37 -1.43 21.65 -10.63
CA ILE A 37 -0.45 20.57 -10.49
C ILE A 37 -0.93 19.53 -9.48
N ARG A 38 -2.19 19.66 -9.08
CA ARG A 38 -2.78 18.77 -8.09
C ARG A 38 -3.89 17.92 -8.72
N LYS A 39 -3.82 16.61 -8.51
CA LYS A 39 -4.81 15.69 -9.06
C LYS A 39 -5.76 15.18 -7.96
N ASP A 40 -7.06 15.29 -8.22
CA ASP A 40 -8.06 14.84 -7.24
C ASP A 40 -7.91 13.35 -6.97
N ASP A 41 -7.65 12.57 -8.01
CA ASP A 41 -7.47 11.13 -7.85
C ASP A 41 -6.27 10.80 -6.98
N ALA A 42 -5.19 11.55 -7.18
CA ALA A 42 -3.96 11.37 -6.43
C ALA A 42 -4.17 11.58 -4.93
N ASN A 43 -4.97 12.57 -4.59
CA ASN A 43 -5.25 12.90 -3.19
C ASN A 43 -5.88 11.73 -2.47
N PHE A 44 -6.79 11.04 -3.14
CA PHE A 44 -7.47 9.89 -2.55
C PHE A 44 -6.90 8.58 -3.06
N GLY A 45 -5.88 8.65 -3.90
CA GLY A 45 -5.27 7.45 -4.44
C GLY A 45 -4.05 7.03 -3.65
N GLY A 46 -3.49 5.88 -4.01
CA GLY A 46 -2.31 5.39 -3.31
C GLY A 46 -1.02 5.68 -4.07
N LYS A 47 -1.13 6.52 -5.12
CA LYS A 47 0.03 6.87 -5.92
C LYS A 47 0.85 7.96 -5.25
N ILE A 48 2.15 7.73 -5.15
CA ILE A 48 3.06 8.70 -4.54
C ILE A 48 4.12 9.15 -5.53
N PHE A 49 4.64 10.35 -5.32
CA PHE A 49 5.67 10.89 -6.19
C PHE A 49 7.05 10.70 -5.59
N LEU A 50 7.99 10.25 -6.41
CA LEU A 50 9.35 10.02 -5.95
C LEU A 50 10.36 10.64 -6.90
N PRO A 51 11.57 10.87 -6.43
CA PRO A 51 12.62 11.46 -7.24
C PRO A 51 13.34 10.43 -8.11
N PRO A 52 13.83 10.86 -9.28
CA PRO A 52 14.55 9.99 -10.22
C PRO A 52 15.83 9.40 -9.63
N SER A 53 16.44 10.14 -8.70
CA SER A 53 17.67 9.68 -8.06
C SER A 53 17.44 8.35 -7.36
N ALA A 54 16.29 8.24 -6.70
CA ALA A 54 15.93 7.02 -5.99
C ALA A 54 15.72 5.87 -6.95
N LEU A 55 15.07 6.16 -8.06
CA LEU A 55 14.77 5.18 -9.08
C LEU A 55 16.06 4.55 -9.62
N SER A 56 17.08 5.38 -9.81
CA SER A 56 18.35 4.91 -10.33
C SER A 56 18.95 3.84 -9.41
N LYS A 57 18.84 4.05 -8.11
CA LYS A 57 19.38 3.10 -7.15
C LYS A 57 18.66 1.75 -7.28
N LEU A 58 17.35 1.82 -7.48
CA LEU A 58 16.51 0.63 -7.64
C LEU A 58 16.95 -0.16 -8.87
N SER A 59 17.28 0.56 -9.94
CA SER A 59 17.72 -0.07 -11.18
C SER A 59 18.97 -0.90 -10.93
N MET A 60 19.84 -0.40 -10.08
CA MET A 60 21.07 -1.11 -9.73
C MET A 60 20.76 -2.47 -9.13
N LEU A 61 19.69 -2.54 -8.35
CA LEU A 61 19.28 -3.80 -7.73
C LEU A 61 18.53 -4.70 -8.72
N ASN A 62 18.30 -4.20 -9.92
CA ASN A 62 17.61 -4.97 -10.96
C ASN A 62 16.21 -5.38 -10.50
N ILE A 63 15.52 -4.47 -9.84
CA ILE A 63 14.17 -4.74 -9.37
C ILE A 63 13.16 -4.68 -10.51
N ARG A 64 12.33 -5.71 -10.61
CA ARG A 64 11.32 -5.78 -11.66
C ARG A 64 10.16 -4.83 -11.39
N TYR A 65 9.67 -4.24 -12.48
CA TYR A 65 8.56 -3.29 -12.42
C TYR A 65 7.22 -4.03 -12.52
N PRO A 66 6.14 -3.46 -11.96
CA PRO A 66 6.17 -2.15 -11.29
C PRO A 66 6.90 -2.19 -9.95
N MET A 67 7.48 -1.05 -9.58
CA MET A 67 8.21 -0.94 -8.32
C MET A 67 7.26 -0.65 -7.17
N LEU A 68 7.53 -1.28 -6.03
CA LEU A 68 6.71 -1.11 -4.85
C LEU A 68 7.46 -0.35 -3.76
N PHE A 69 6.77 0.59 -3.11
CA PHE A 69 7.38 1.37 -2.05
C PHE A 69 6.52 1.38 -0.79
N LYS A 70 7.17 1.37 0.37
CA LYS A 70 6.49 1.39 1.65
C LYS A 70 6.89 2.62 2.48
N LEU A 71 5.91 3.24 3.11
CA LEU A 71 6.16 4.42 3.94
C LEU A 71 6.28 4.01 5.41
N THR A 72 7.33 4.49 6.07
CA THR A 72 7.56 4.17 7.48
C THR A 72 7.57 5.42 8.34
N ALA A 73 6.80 5.40 9.43
CA ALA A 73 6.73 6.53 10.34
C ALA A 73 7.32 6.17 11.69
N ASN A 74 8.43 6.82 12.04
CA ASN A 74 9.10 6.57 13.31
C ASN A 74 8.20 6.87 14.50
N GLU A 75 7.43 7.96 14.39
CA GLU A 75 6.55 8.39 15.48
C GLU A 75 5.50 7.32 15.81
N THR A 76 4.95 6.68 14.80
CA THR A 76 3.94 5.65 15.04
C THR A 76 4.52 4.25 14.90
N GLY A 77 5.76 4.15 14.42
CA GLY A 77 6.39 2.84 14.27
C GLY A 77 5.61 1.92 13.34
N ARG A 78 4.65 2.48 12.61
CA ARG A 78 3.84 1.69 11.69
C ARG A 78 4.29 1.93 10.25
N VAL A 79 4.31 0.87 9.45
CA VAL A 79 4.73 1.00 8.06
C VAL A 79 3.61 0.58 7.11
N THR A 80 3.19 1.52 6.26
CA THR A 80 2.15 1.26 5.28
C THR A 80 2.75 1.14 3.88
N HIS A 81 2.21 0.25 3.07
CA HIS A 81 2.70 0.05 1.71
C HIS A 81 1.91 0.91 0.71
N GLY A 82 2.59 1.88 0.09
CA GLY A 82 1.94 2.73 -0.88
C GLY A 82 2.39 2.47 -2.30
N GLY A 83 1.58 2.89 -3.28
CA GLY A 83 1.93 2.70 -4.68
C GLY A 83 2.67 3.88 -5.26
N VAL A 84 3.34 3.66 -6.39
CA VAL A 84 4.11 4.73 -7.03
C VAL A 84 3.69 4.96 -8.48
N LEU A 85 3.44 6.21 -8.82
CA LEU A 85 3.05 6.58 -10.17
C LEU A 85 4.26 6.89 -11.04
N GLU A 86 4.82 8.09 -10.87
CA GLU A 86 5.99 8.50 -11.66
C GLU A 86 6.91 9.40 -10.84
N PHE A 87 8.16 9.51 -11.28
CA PHE A 87 9.13 10.35 -10.58
C PHE A 87 9.15 11.74 -11.21
N ILE A 88 8.77 12.75 -10.43
CA ILE A 88 8.76 14.13 -10.92
C ILE A 88 9.63 15.05 -10.08
N ALA A 89 10.15 14.53 -8.97
CA ALA A 89 10.99 15.33 -8.08
C ALA A 89 12.47 15.14 -8.38
N GLU A 90 13.06 16.08 -9.09
CA GLU A 90 14.47 16.02 -9.43
C GLU A 90 15.33 16.22 -8.19
N GLU A 91 14.91 17.15 -7.33
CA GLU A 91 15.65 17.47 -6.11
C GLU A 91 15.66 16.33 -5.10
N GLY A 92 14.59 15.54 -5.09
CA GLY A 92 14.52 14.44 -4.15
C GLY A 92 13.45 14.66 -3.09
N ARG A 93 12.18 14.65 -3.49
CA ARG A 93 11.08 14.84 -2.56
C ARG A 93 9.97 13.83 -2.80
N VAL A 94 9.19 13.55 -1.77
CA VAL A 94 8.09 12.61 -1.86
C VAL A 94 6.80 13.22 -1.32
N TYR A 95 5.71 12.92 -2.00
CA TYR A 95 4.41 13.44 -1.60
C TYR A 95 3.44 12.30 -1.29
N LEU A 96 2.63 12.48 -0.24
CA LEU A 96 1.65 11.47 0.14
C LEU A 96 0.29 12.10 0.37
N PRO A 97 -0.80 11.30 0.24
CA PRO A 97 -2.17 11.79 0.43
C PRO A 97 -2.44 12.15 1.89
N GLN A 98 -3.47 12.96 2.11
CA GLN A 98 -3.83 13.41 3.44
C GLN A 98 -4.18 12.25 4.37
N TRP A 99 -4.90 11.25 3.86
CA TRP A 99 -5.29 10.11 4.70
C TRP A 99 -4.09 9.30 5.17
N MET A 100 -3.11 9.10 4.30
CA MET A 100 -1.91 8.36 4.69
C MET A 100 -1.16 9.09 5.80
N MET A 101 -1.09 10.41 5.68
CA MET A 101 -0.39 11.23 6.67
C MET A 101 -1.01 11.05 8.05
N GLU A 102 -2.34 11.00 8.09
CA GLU A 102 -3.04 10.83 9.36
C GLU A 102 -2.72 9.47 9.97
N THR A 103 -2.65 8.45 9.13
CA THR A 103 -2.34 7.11 9.58
C THR A 103 -0.90 7.01 10.09
N LEU A 104 0.00 7.67 9.38
CA LEU A 104 1.41 7.68 9.73
C LEU A 104 1.65 8.47 11.01
N GLY A 105 0.75 9.40 11.31
CA GLY A 105 0.90 10.21 12.50
C GLY A 105 2.04 11.18 12.39
N ILE A 106 2.32 11.63 11.17
CA ILE A 106 3.41 12.57 10.93
C ILE A 106 2.89 13.87 10.33
N GLN A 107 3.59 14.96 10.63
CA GLN A 107 3.22 16.28 10.13
C GLN A 107 4.01 16.61 8.87
N PRO A 108 3.53 17.57 8.05
CA PRO A 108 4.20 17.97 6.82
C PRO A 108 5.58 18.58 7.05
N GLY A 109 6.00 18.66 8.32
CA GLY A 109 7.31 19.21 8.63
C GLY A 109 8.31 18.13 9.01
N SER A 110 7.81 16.96 9.41
CA SER A 110 8.67 15.85 9.80
C SER A 110 9.18 15.10 8.57
N LEU A 111 10.26 14.34 8.75
CA LEU A 111 10.86 13.59 7.67
C LEU A 111 10.05 12.33 7.37
N LEU A 112 10.10 11.89 6.12
CA LEU A 112 9.37 10.70 5.69
C LEU A 112 10.33 9.65 5.16
N GLN A 113 10.18 8.42 5.65
CA GLN A 113 11.03 7.32 5.24
C GLN A 113 10.29 6.39 4.28
N ILE A 114 10.86 6.19 3.11
CA ILE A 114 10.26 5.31 2.12
C ILE A 114 11.20 4.17 1.77
N SER A 115 10.72 2.96 1.98
CA SER A 115 11.52 1.77 1.70
C SER A 115 10.82 0.90 0.65
N SER A 116 11.53 0.57 -0.41
CA SER A 116 10.97 -0.27 -1.46
C SER A 116 10.65 -1.64 -0.89
N THR A 117 9.45 -2.14 -1.14
CA THR A 117 9.05 -3.44 -0.64
C THR A 117 8.68 -4.38 -1.77
N ASP A 118 9.25 -5.58 -1.73
CA ASP A 118 8.95 -6.57 -2.75
C ASP A 118 8.32 -7.80 -2.11
N VAL A 119 7.16 -8.18 -2.61
CA VAL A 119 6.46 -9.33 -2.10
C VAL A 119 6.37 -10.42 -3.14
N PRO A 120 6.31 -11.68 -2.70
CA PRO A 120 6.22 -12.83 -3.58
C PRO A 120 4.83 -12.98 -4.21
N LEU A 121 4.06 -11.90 -4.19
CA LEU A 121 2.72 -11.91 -4.77
C LEU A 121 1.81 -12.91 -4.07
N GLY A 122 1.08 -12.45 -3.06
CA GLY A 122 0.17 -13.32 -2.35
C GLY A 122 -0.87 -13.93 -3.27
N GLN A 123 -1.36 -15.12 -2.94
CA GLN A 123 -2.36 -15.78 -3.78
C GLN A 123 -3.77 -15.61 -3.24
N PHE A 124 -3.89 -15.22 -1.97
CA PHE A 124 -5.21 -15.04 -1.38
C PHE A 124 -5.27 -13.82 -0.48
N VAL A 125 -6.39 -13.11 -0.51
CA VAL A 125 -6.56 -11.91 0.31
C VAL A 125 -7.94 -11.83 0.97
N LYS A 126 -7.95 -11.47 2.26
CA LYS A 126 -9.20 -11.31 3.01
C LYS A 126 -9.57 -9.84 3.08
N LEU A 127 -10.80 -9.51 2.64
CA LEU A 127 -11.27 -8.12 2.67
C LEU A 127 -12.42 -7.95 3.65
N GLU A 128 -12.31 -6.94 4.50
CA GLU A 128 -13.35 -6.65 5.47
C GLU A 128 -14.17 -5.43 5.04
N PRO A 129 -15.48 -5.62 4.85
CA PRO A 129 -16.38 -4.53 4.43
C PRO A 129 -16.76 -3.62 5.59
N GLN A 130 -17.21 -2.41 5.26
CA GLN A 130 -17.61 -1.45 6.25
C GLN A 130 -19.03 -0.98 5.97
N SER A 131 -19.90 -1.18 6.94
CA SER A 131 -21.30 -0.78 6.82
C SER A 131 -21.96 -1.43 5.61
N VAL A 132 -23.28 -1.47 5.61
CA VAL A 132 -24.03 -2.07 4.51
C VAL A 132 -23.99 -1.19 3.27
N ASP A 133 -23.71 0.09 3.45
CA ASP A 133 -23.66 1.04 2.35
C ASP A 133 -22.59 0.62 1.34
N PHE A 134 -21.46 0.15 1.84
CA PHE A 134 -20.37 -0.28 0.98
C PHE A 134 -20.82 -1.43 0.08
N LEU A 135 -21.60 -2.33 0.66
CA LEU A 135 -22.11 -3.49 -0.08
C LEU A 135 -23.44 -3.19 -0.74
N ASP A 136 -23.94 -1.97 -0.53
CA ASP A 136 -25.21 -1.55 -1.12
C ASP A 136 -25.16 -1.64 -2.64
N ILE A 137 -24.03 -1.25 -3.21
CA ILE A 137 -23.85 -1.27 -4.66
C ILE A 137 -24.12 -2.66 -5.22
N SER A 138 -24.78 -2.72 -6.37
CA SER A 138 -25.12 -3.99 -7.01
C SER A 138 -23.86 -4.80 -7.35
N ASP A 139 -22.83 -4.10 -7.82
CA ASP A 139 -21.58 -4.76 -8.19
C ASP A 139 -20.41 -4.19 -7.38
N PRO A 140 -20.28 -4.58 -6.11
CA PRO A 140 -19.20 -4.12 -5.24
C PRO A 140 -17.86 -4.74 -5.63
N LYS A 141 -17.90 -5.94 -6.20
CA LYS A 141 -16.70 -6.64 -6.62
C LYS A 141 -15.95 -5.85 -7.68
N ALA A 142 -16.70 -5.26 -8.60
CA ALA A 142 -16.10 -4.47 -9.68
C ALA A 142 -15.36 -3.26 -9.11
N VAL A 143 -15.97 -2.63 -8.12
CA VAL A 143 -15.37 -1.47 -7.48
C VAL A 143 -14.06 -1.84 -6.80
N LEU A 144 -14.05 -3.00 -6.17
CA LEU A 144 -12.86 -3.48 -5.47
C LEU A 144 -11.69 -3.64 -6.43
N GLU A 145 -11.98 -4.17 -7.62
CA GLU A 145 -10.95 -4.39 -8.63
C GLU A 145 -10.28 -3.09 -9.03
N ASN A 146 -11.06 -2.02 -9.15
CA ASN A 146 -10.52 -0.73 -9.52
C ASN A 146 -9.57 -0.22 -8.44
N VAL A 147 -9.95 -0.46 -7.18
CA VAL A 147 -9.14 -0.04 -6.04
C VAL A 147 -7.78 -0.73 -6.06
N LEU A 148 -7.78 -2.02 -6.41
CA LEU A 148 -6.55 -2.79 -6.43
C LEU A 148 -5.54 -2.17 -7.40
N ARG A 149 -6.03 -1.71 -8.54
CA ARG A 149 -5.17 -1.10 -9.54
C ARG A 149 -4.53 0.17 -8.99
N ASN A 150 -5.31 0.95 -8.24
CA ASN A 150 -4.82 2.20 -7.65
C ASN A 150 -3.67 1.96 -6.68
N PHE A 151 -3.76 0.90 -5.89
CA PHE A 151 -2.71 0.58 -4.92
C PHE A 151 -1.79 -0.51 -5.44
N SER A 152 -0.50 -0.20 -5.53
CA SER A 152 0.48 -1.16 -6.02
C SER A 152 0.69 -2.29 -5.02
N THR A 153 0.72 -1.95 -3.74
CA THR A 153 0.93 -2.93 -2.69
C THR A 153 -0.25 -2.98 -1.74
N LEU A 154 -0.63 -4.19 -1.34
CA LEU A 154 -1.74 -4.36 -0.42
C LEU A 154 -1.29 -5.17 0.79
N THR A 155 -1.51 -4.59 1.97
CA THR A 155 -1.15 -5.25 3.22
C THR A 155 -2.38 -5.42 4.11
N VAL A 156 -2.47 -6.58 4.76
CA VAL A 156 -3.60 -6.85 5.64
C VAL A 156 -3.67 -5.85 6.78
N ASP A 157 -2.51 -5.49 7.29
CA ASP A 157 -2.40 -4.55 8.39
C ASP A 157 -2.79 -3.14 7.96
N ASP A 158 -2.37 -2.76 6.75
CA ASP A 158 -2.65 -1.43 6.21
C ASP A 158 -4.11 -1.25 5.84
N VAL A 159 -4.65 -0.07 6.13
CA VAL A 159 -6.03 0.24 5.81
C VAL A 159 -6.10 1.18 4.61
N ILE A 160 -6.78 0.76 3.56
CA ILE A 160 -6.89 1.57 2.35
C ILE A 160 -8.29 2.18 2.23
N GLU A 161 -8.34 3.45 1.83
CA GLU A 161 -9.60 4.16 1.68
C GLU A 161 -9.81 4.64 0.24
N ILE A 162 -11.05 4.54 -0.23
CA ILE A 162 -11.39 4.96 -1.58
C ILE A 162 -12.61 5.88 -1.58
N SER A 163 -12.59 6.90 -2.43
CA SER A 163 -13.71 7.82 -2.50
C SER A 163 -14.50 7.63 -3.78
N TYR A 164 -15.78 7.33 -3.62
CA TYR A 164 -16.67 7.12 -4.75
C TYR A 164 -17.83 8.12 -4.71
N ASN A 165 -17.93 8.95 -5.73
CA ASN A 165 -18.99 9.96 -5.81
C ASN A 165 -19.02 10.85 -4.55
N GLY A 166 -17.84 11.21 -4.07
CA GLY A 166 -17.75 12.06 -2.89
C GLY A 166 -17.93 11.31 -1.58
N LYS A 167 -17.90 9.97 -1.65
CA LYS A 167 -18.05 9.16 -0.46
C LYS A 167 -16.76 8.39 -0.16
N THR A 168 -16.40 8.31 1.11
CA THR A 168 -15.17 7.61 1.50
C THR A 168 -15.50 6.29 2.21
N PHE A 169 -14.89 5.21 1.73
CA PHE A 169 -15.09 3.90 2.33
C PHE A 169 -13.78 3.33 2.82
N LYS A 170 -13.81 2.68 3.99
CA LYS A 170 -12.61 2.10 4.56
C LYS A 170 -12.57 0.60 4.30
N ILE A 171 -11.48 0.15 3.67
CA ILE A 171 -11.31 -1.27 3.37
C ILE A 171 -10.06 -1.79 4.05
N LYS A 172 -10.22 -2.77 4.93
CA LYS A 172 -9.10 -3.35 5.64
C LYS A 172 -8.98 -4.84 5.34
N ILE A 173 -7.80 -5.25 4.92
CA ILE A 173 -7.56 -6.64 4.61
C ILE A 173 -7.27 -7.42 5.89
N LEU A 174 -8.19 -8.29 6.27
CA LEU A 174 -8.09 -9.07 7.51
C LEU A 174 -6.84 -9.94 7.56
N GLU A 175 -6.70 -10.82 6.58
CA GLU A 175 -5.56 -11.73 6.50
C GLU A 175 -5.40 -12.23 5.07
N VAL A 176 -4.15 -12.36 4.64
CA VAL A 176 -3.88 -12.81 3.29
C VAL A 176 -2.86 -13.95 3.29
N LYS A 177 -2.81 -14.73 2.21
CA LYS A 177 -1.86 -15.83 2.12
C LYS A 177 -0.65 -15.40 1.31
N PRO A 178 0.48 -15.12 1.98
CA PRO A 178 1.70 -14.69 1.34
C PRO A 178 2.74 -15.80 1.28
N GLU A 179 3.78 -15.59 0.48
CA GLU A 179 4.84 -16.57 0.34
C GLU A 179 6.04 -16.18 1.20
N SER A 180 5.91 -15.07 1.96
CA SER A 180 6.98 -14.58 2.83
C SER A 180 6.42 -14.08 4.17
N SER A 181 7.30 -14.02 5.17
CA SER A 181 6.91 -13.55 6.50
C SER A 181 6.59 -12.06 6.53
N SER A 182 6.91 -11.36 5.45
CA SER A 182 6.67 -9.92 5.37
C SER A 182 5.17 -9.60 5.54
N LYS A 183 4.34 -10.61 5.31
CA LYS A 183 2.89 -10.44 5.45
C LYS A 183 2.37 -9.30 4.57
N SER A 184 2.92 -9.23 3.36
CA SER A 184 2.52 -8.21 2.39
C SER A 184 2.22 -8.86 1.05
N ILE A 185 1.19 -8.36 0.37
CA ILE A 185 0.80 -8.92 -0.92
C ILE A 185 0.69 -7.85 -2.01
N CYS A 186 1.13 -8.20 -3.21
CA CYS A 186 1.07 -7.29 -4.35
C CYS A 186 0.41 -7.98 -5.54
N VAL A 187 -0.63 -7.37 -6.08
CA VAL A 187 -1.34 -7.95 -7.21
C VAL A 187 -2.04 -6.88 -8.04
N ILE A 188 -1.27 -6.00 -8.65
CA ILE A 188 -1.82 -4.93 -9.45
C ILE A 188 -2.48 -5.47 -10.72
N GLU A 189 -1.84 -6.46 -11.34
CA GLU A 189 -2.35 -7.03 -12.56
C GLU A 189 -2.62 -8.53 -12.41
N THR A 190 -2.19 -9.13 -11.30
CA THR A 190 -2.41 -10.55 -11.09
C THR A 190 -3.81 -10.82 -10.56
N ASP A 191 -4.12 -12.10 -10.40
CA ASP A 191 -5.42 -12.51 -9.94
C ASP A 191 -5.35 -12.85 -8.45
N LEU A 192 -6.10 -12.10 -7.66
CA LEU A 192 -6.12 -12.31 -6.23
C LEU A 192 -7.53 -12.63 -5.75
N VAL A 193 -7.64 -13.62 -4.86
CA VAL A 193 -8.94 -14.03 -4.33
C VAL A 193 -9.31 -13.23 -3.08
N THR A 194 -10.44 -12.54 -3.13
CA THR A 194 -10.89 -11.74 -2.00
C THR A 194 -12.20 -12.27 -1.42
N ASP A 195 -12.34 -12.18 -0.10
CA ASP A 195 -13.55 -12.62 0.58
C ASP A 195 -14.11 -11.51 1.46
N PHE A 196 -15.43 -11.39 1.47
CA PHE A 196 -16.10 -10.36 2.25
C PHE A 196 -16.72 -10.95 3.52
N ALA A 197 -16.38 -10.36 4.66
CA ALA A 197 -16.92 -10.80 5.95
C ALA A 197 -17.53 -9.62 6.70
N PRO A 198 -18.86 -9.54 6.75
CA PRO A 198 -19.55 -8.44 7.45
C PRO A 198 -19.23 -8.41 8.94
N PRO A 199 -18.64 -7.29 9.43
CA PRO A 199 -18.29 -7.13 10.82
C PRO A 199 -19.40 -6.44 11.63
N VAL A 200 -20.44 -5.99 10.93
CA VAL A 200 -21.56 -5.32 11.58
C VAL A 200 -22.67 -6.30 11.93
N GLY A 201 -23.26 -6.12 13.09
CA GLY A 201 -24.33 -7.00 13.53
C GLY A 201 -24.04 -7.67 14.85
N TYR A 202 -23.11 -7.11 15.62
CA TYR A 202 -22.74 -7.67 16.91
C TYR A 202 -23.44 -6.91 18.05
N VAL A 203 -24.07 -7.66 18.95
CA VAL A 203 -24.77 -7.07 20.07
C VAL A 203 -24.23 -7.59 21.41
N GLU A 204 -24.11 -6.70 22.38
CA GLU A 204 -23.62 -7.08 23.70
C GLU A 204 -24.77 -7.46 24.63
N PRO A 205 -24.70 -8.64 25.26
CA PRO A 205 -25.74 -9.11 26.17
C PRO A 205 -25.80 -8.29 27.47
N ASP A 206 -26.87 -7.54 27.63
CA ASP A 206 -27.05 -6.71 28.82
C ASP A 206 -27.69 -7.51 29.95
N TYR A 207 -27.12 -7.40 31.15
CA TYR A 207 -27.64 -8.12 32.31
C TYR A 207 -28.49 -7.20 33.18
N LYS A 208 -29.70 -7.63 33.49
CA LYS A 208 -30.60 -6.85 34.31
C LYS A 208 -31.69 -7.73 34.92
N MET A 1 24.55 -37.42 6.02
CA MET A 1 25.27 -37.11 7.28
C MET A 1 24.48 -36.12 8.12
N PHE A 2 23.82 -35.18 7.46
CA PHE A 2 23.01 -34.17 8.14
C PHE A 2 21.56 -34.24 7.71
N SER A 3 20.66 -34.08 8.67
CA SER A 3 19.22 -34.14 8.39
C SER A 3 18.54 -32.83 8.80
N GLY A 4 17.60 -32.38 7.98
CA GLY A 4 16.89 -31.14 8.28
C GLY A 4 16.86 -30.20 7.10
N PHE A 5 17.02 -28.91 7.38
CA PHE A 5 17.01 -27.88 6.34
C PHE A 5 18.21 -28.05 5.40
N SER A 6 17.98 -27.85 4.11
CA SER A 6 19.05 -27.98 3.12
C SER A 6 19.26 -26.67 2.37
N SER A 7 20.53 -26.33 2.14
CA SER A 7 20.88 -25.10 1.44
C SER A 7 20.30 -25.09 0.03
N PHE A 8 20.32 -26.26 -0.62
CA PHE A 8 19.80 -26.38 -1.98
C PHE A 8 18.63 -27.35 -2.03
N GLY A 9 17.61 -27.01 -2.82
CA GLY A 9 16.44 -27.86 -2.93
C GLY A 9 16.65 -29.03 -3.89
N GLY A 10 17.88 -29.20 -4.36
CA GLY A 10 18.18 -30.28 -5.27
C GLY A 10 17.91 -29.92 -6.71
N GLY A 11 17.77 -28.63 -6.98
CA GLY A 11 17.51 -28.18 -8.34
C GLY A 11 16.04 -28.34 -8.72
N ASN A 12 15.18 -28.46 -7.71
CA ASN A 12 13.75 -28.61 -7.96
C ASN A 12 12.98 -27.39 -7.46
N GLY A 13 12.13 -26.86 -8.33
CA GLY A 13 11.33 -25.69 -7.97
C GLY A 13 12.11 -24.41 -8.08
N PHE A 14 11.45 -23.29 -7.78
CA PHE A 14 12.10 -21.98 -7.86
C PHE A 14 12.09 -21.28 -6.49
N VAL A 15 13.19 -20.62 -6.17
CA VAL A 15 13.31 -19.91 -4.90
C VAL A 15 13.29 -18.41 -5.11
N ASN A 16 12.33 -17.74 -4.50
CA ASN A 16 12.20 -16.29 -4.61
C ASN A 16 12.61 -15.59 -3.33
N MET A 17 13.63 -14.74 -3.41
CA MET A 17 14.11 -14.01 -2.25
C MET A 17 13.57 -12.58 -2.24
N PRO A 18 12.81 -12.20 -1.20
CA PRO A 18 12.24 -10.84 -1.09
C PRO A 18 13.32 -9.77 -1.09
N GLN A 19 13.05 -8.66 -1.75
CA GLN A 19 13.99 -7.55 -1.82
C GLN A 19 13.51 -6.38 -0.99
N THR A 20 14.38 -5.88 -0.11
CA THR A 20 14.03 -4.75 0.74
C THR A 20 14.95 -3.57 0.49
N PHE A 21 14.36 -2.41 0.27
CA PHE A 21 15.12 -1.20 0.03
C PHE A 21 14.57 -0.04 0.87
N GLU A 22 15.45 0.66 1.58
CA GLU A 22 15.01 1.77 2.42
C GLU A 22 15.61 3.10 1.98
N GLU A 23 14.76 4.13 1.91
CA GLU A 23 15.18 5.47 1.51
C GLU A 23 14.50 6.52 2.38
N PHE A 24 15.09 7.72 2.42
CA PHE A 24 14.53 8.82 3.19
C PHE A 24 14.24 10.01 2.28
N PHE A 25 13.09 10.64 2.48
CA PHE A 25 12.71 11.80 1.67
C PHE A 25 11.88 12.77 2.48
N ARG A 26 11.80 14.02 2.02
CA ARG A 26 11.04 15.04 2.70
C ARG A 26 9.60 15.04 2.19
N CYS A 27 8.67 14.84 3.10
CA CYS A 27 7.26 14.81 2.75
C CYS A 27 6.58 16.16 2.96
N TYR A 28 5.68 16.51 2.04
CA TYR A 28 4.96 17.75 2.13
C TYR A 28 3.45 17.51 2.12
N PRO A 29 2.68 18.36 2.82
CA PRO A 29 1.23 18.24 2.89
C PRO A 29 0.54 18.51 1.55
N ILE A 30 0.03 17.47 0.93
CA ILE A 30 -0.66 17.58 -0.35
C ILE A 30 -1.87 18.51 -0.25
N ALA A 31 -2.58 18.42 0.87
CA ALA A 31 -3.78 19.23 1.08
C ALA A 31 -3.53 20.72 0.84
N MET A 32 -2.32 21.19 1.13
CA MET A 32 -2.00 22.60 0.94
C MET A 32 -1.97 22.95 -0.55
N MET A 33 -1.44 22.05 -1.36
CA MET A 33 -1.34 22.26 -2.81
C MET A 33 -2.73 22.44 -3.41
N ASN A 34 -2.83 23.30 -4.43
CA ASN A 34 -4.09 23.60 -5.08
C ASN A 34 -4.72 22.35 -5.70
N ASP A 35 -6.05 22.28 -5.68
CA ASP A 35 -6.78 21.15 -6.23
C ASP A 35 -6.49 20.97 -7.71
N ARG A 36 -6.40 22.09 -8.43
CA ARG A 36 -6.13 22.04 -9.86
C ARG A 36 -4.79 21.35 -10.16
N ILE A 37 -3.80 21.64 -9.32
CA ILE A 37 -2.48 21.06 -9.49
C ILE A 37 -2.41 19.67 -8.84
N ARG A 38 -3.51 19.24 -8.23
CA ARG A 38 -3.56 17.94 -7.58
C ARG A 38 -4.62 17.03 -8.20
N LYS A 39 -4.42 15.73 -8.06
CA LYS A 39 -5.36 14.74 -8.57
C LYS A 39 -6.25 14.22 -7.45
N ASP A 40 -7.56 14.20 -7.69
CA ASP A 40 -8.51 13.74 -6.69
C ASP A 40 -8.25 12.30 -6.28
N ASP A 41 -7.91 11.46 -7.26
CA ASP A 41 -7.64 10.05 -6.98
C ASP A 41 -6.44 9.91 -6.05
N ALA A 42 -5.43 10.74 -6.29
CA ALA A 42 -4.21 10.74 -5.49
C ALA A 42 -4.49 11.12 -4.04
N ASN A 43 -5.37 12.11 -3.86
CA ASN A 43 -5.72 12.57 -2.53
C ASN A 43 -6.32 11.45 -1.68
N PHE A 44 -7.16 10.62 -2.29
CA PHE A 44 -7.77 9.51 -1.58
C PHE A 44 -7.10 8.18 -1.93
N GLY A 45 -6.09 8.23 -2.80
CA GLY A 45 -5.40 7.02 -3.20
C GLY A 45 -4.08 6.84 -2.46
N GLY A 46 -3.39 5.76 -2.76
CA GLY A 46 -2.11 5.49 -2.13
C GLY A 46 -0.93 5.85 -3.02
N LYS A 47 -1.16 6.75 -3.96
CA LYS A 47 -0.12 7.16 -4.89
C LYS A 47 0.79 8.22 -4.28
N ILE A 48 2.09 7.95 -4.32
CA ILE A 48 3.08 8.88 -3.79
C ILE A 48 4.05 9.35 -4.88
N PHE A 49 4.56 10.56 -4.73
CA PHE A 49 5.49 11.10 -5.71
C PHE A 49 6.92 11.03 -5.17
N LEU A 50 7.85 10.56 -6.02
CA LEU A 50 9.25 10.43 -5.62
C LEU A 50 10.18 10.90 -6.74
N PRO A 51 11.45 11.19 -6.41
CA PRO A 51 12.43 11.63 -7.41
C PRO A 51 12.87 10.48 -8.31
N PRO A 52 13.21 10.79 -9.57
CA PRO A 52 13.65 9.79 -10.54
C PRO A 52 14.95 9.11 -10.14
N SER A 53 15.74 9.79 -9.30
CA SER A 53 17.02 9.24 -8.86
C SER A 53 16.84 7.93 -8.10
N ALA A 54 15.81 7.85 -7.27
CA ALA A 54 15.54 6.64 -6.51
C ALA A 54 15.19 5.47 -7.42
N LEU A 55 14.41 5.76 -8.45
CA LEU A 55 13.99 4.73 -9.41
C LEU A 55 15.19 4.14 -10.16
N SER A 56 16.14 5.00 -10.54
CA SER A 56 17.31 4.56 -11.28
C SER A 56 18.11 3.53 -10.46
N LYS A 57 18.23 3.80 -9.16
CA LYS A 57 18.96 2.89 -8.27
C LYS A 57 18.28 1.54 -8.22
N LEU A 58 16.95 1.56 -8.22
CA LEU A 58 16.14 0.36 -8.19
C LEU A 58 16.43 -0.53 -9.40
N SER A 59 16.61 0.11 -10.55
CA SER A 59 16.90 -0.60 -11.79
C SER A 59 18.20 -1.40 -11.64
N MET A 60 19.17 -0.81 -10.97
CA MET A 60 20.46 -1.46 -10.77
C MET A 60 20.30 -2.77 -10.00
N LEU A 61 19.39 -2.77 -9.02
CA LEU A 61 19.15 -3.95 -8.22
C LEU A 61 18.29 -4.98 -8.97
N ASN A 62 17.84 -4.63 -10.18
CA ASN A 62 17.03 -5.54 -10.98
C ASN A 62 15.74 -5.92 -10.26
N ILE A 63 15.13 -4.95 -9.60
CA ILE A 63 13.90 -5.20 -8.86
C ILE A 63 12.71 -5.25 -9.83
N ARG A 64 11.82 -6.21 -9.61
CA ARG A 64 10.65 -6.41 -10.45
C ARG A 64 9.63 -5.28 -10.29
N TYR A 65 9.05 -4.86 -11.41
CA TYR A 65 8.03 -3.81 -11.41
C TYR A 65 6.63 -4.42 -11.36
N PRO A 66 5.63 -3.65 -10.90
CA PRO A 66 5.80 -2.27 -10.44
C PRO A 66 6.58 -2.17 -9.13
N MET A 67 6.92 -0.95 -8.77
CA MET A 67 7.68 -0.70 -7.55
C MET A 67 6.77 -0.59 -6.34
N LEU A 68 7.21 -1.15 -5.23
CA LEU A 68 6.45 -1.14 -3.99
C LEU A 68 7.10 -0.20 -2.98
N PHE A 69 6.32 0.72 -2.43
CA PHE A 69 6.85 1.67 -1.45
C PHE A 69 6.13 1.60 -0.11
N LYS A 70 6.90 1.71 0.97
CA LYS A 70 6.35 1.68 2.32
C LYS A 70 6.81 2.91 3.10
N LEU A 71 5.90 3.51 3.86
CA LEU A 71 6.20 4.70 4.63
C LEU A 71 6.48 4.36 6.09
N THR A 72 7.68 4.70 6.56
CA THR A 72 8.05 4.43 7.94
C THR A 72 8.14 5.72 8.76
N ALA A 73 7.37 5.78 9.84
CA ALA A 73 7.36 6.94 10.72
C ALA A 73 8.19 6.69 11.98
N ASN A 74 9.28 7.43 12.12
CA ASN A 74 10.18 7.29 13.27
C ASN A 74 9.46 7.58 14.59
N GLU A 75 8.60 8.60 14.58
CA GLU A 75 7.87 9.00 15.78
C GLU A 75 6.98 7.88 16.33
N THR A 76 6.33 7.14 15.44
CA THR A 76 5.44 6.06 15.86
C THR A 76 6.08 4.69 15.67
N GLY A 77 7.21 4.65 14.97
CA GLY A 77 7.88 3.38 14.74
C GLY A 77 7.04 2.43 13.91
N ARG A 78 5.96 2.94 13.33
CA ARG A 78 5.07 2.13 12.52
C ARG A 78 5.32 2.40 11.04
N VAL A 79 5.42 1.34 10.26
CA VAL A 79 5.66 1.48 8.82
C VAL A 79 4.54 0.85 8.01
N THR A 80 3.88 1.67 7.20
CA THR A 80 2.79 1.20 6.36
C THR A 80 3.26 1.07 4.92
N HIS A 81 2.54 0.28 4.11
CA HIS A 81 2.92 0.10 2.71
C HIS A 81 2.05 0.97 1.82
N GLY A 82 2.67 1.96 1.17
CA GLY A 82 1.93 2.85 0.30
C GLY A 82 2.11 2.54 -1.17
N GLY A 83 1.31 3.17 -2.01
CA GLY A 83 1.40 2.94 -3.44
C GLY A 83 2.26 3.98 -4.14
N VAL A 84 2.69 3.69 -5.36
CA VAL A 84 3.53 4.62 -6.11
C VAL A 84 2.98 4.92 -7.49
N LEU A 85 2.88 6.20 -7.82
CA LEU A 85 2.39 6.63 -9.12
C LEU A 85 3.52 6.80 -10.13
N GLU A 86 4.25 7.91 -10.01
CA GLU A 86 5.36 8.20 -10.91
C GLU A 86 6.37 9.13 -10.25
N PHE A 87 7.59 9.15 -10.78
CA PHE A 87 8.64 10.01 -10.24
C PHE A 87 8.70 11.33 -11.01
N ILE A 88 8.42 12.43 -10.32
CA ILE A 88 8.44 13.74 -10.95
C ILE A 88 9.25 14.76 -10.14
N ALA A 89 9.72 14.35 -8.96
CA ALA A 89 10.49 15.25 -8.12
C ALA A 89 11.98 15.23 -8.47
N GLU A 90 12.40 16.20 -9.26
CA GLU A 90 13.79 16.29 -9.68
C GLU A 90 14.67 16.67 -8.50
N GLU A 91 14.18 17.59 -7.69
CA GLU A 91 14.93 18.07 -6.52
C GLU A 91 15.04 17.00 -5.44
N GLY A 92 14.05 16.13 -5.37
CA GLY A 92 14.05 15.07 -4.38
C GLY A 92 13.01 15.29 -3.31
N ARG A 93 11.78 15.56 -3.74
CA ARG A 93 10.67 15.81 -2.81
C ARG A 93 9.59 14.73 -2.95
N VAL A 94 8.93 14.43 -1.85
CA VAL A 94 7.87 13.42 -1.84
C VAL A 94 6.61 13.95 -1.18
N TYR A 95 5.47 13.56 -1.73
CA TYR A 95 4.17 14.00 -1.19
C TYR A 95 3.34 12.80 -0.76
N LEU A 96 2.64 12.93 0.37
CA LEU A 96 1.80 11.85 0.88
C LEU A 96 0.35 12.30 1.07
N PRO A 97 -0.61 11.38 0.90
CA PRO A 97 -2.04 11.69 1.04
C PRO A 97 -2.37 12.25 2.41
N GLN A 98 -3.38 13.11 2.48
CA GLN A 98 -3.78 13.72 3.73
C GLN A 98 -4.21 12.66 4.75
N TRP A 99 -4.94 11.66 4.30
CA TRP A 99 -5.39 10.59 5.19
C TRP A 99 -4.22 9.72 5.65
N MET A 100 -3.31 9.44 4.71
CA MET A 100 -2.14 8.63 5.01
C MET A 100 -1.27 9.27 6.09
N MET A 101 -1.13 10.59 6.01
CA MET A 101 -0.33 11.33 6.98
C MET A 101 -0.88 11.16 8.40
N GLU A 102 -2.21 11.20 8.52
CA GLU A 102 -2.85 11.05 9.81
C GLU A 102 -2.60 9.66 10.38
N THR A 103 -2.64 8.66 9.51
CA THR A 103 -2.41 7.28 9.91
C THR A 103 -0.98 7.11 10.43
N LEU A 104 -0.03 7.77 9.77
CA LEU A 104 1.36 7.69 10.16
C LEU A 104 1.60 8.40 11.49
N GLY A 105 0.73 9.34 11.83
CA GLY A 105 0.87 10.08 13.08
C GLY A 105 1.97 11.12 13.03
N ILE A 106 2.17 11.69 11.84
CA ILE A 106 3.20 12.71 11.66
C ILE A 106 2.59 14.08 11.38
N GLN A 107 3.18 15.11 11.98
CA GLN A 107 2.72 16.48 11.81
C GLN A 107 3.52 17.19 10.73
N PRO A 108 2.97 18.29 10.16
CA PRO A 108 3.64 19.06 9.11
C PRO A 108 5.13 19.28 9.42
N GLY A 109 5.98 19.10 8.41
CA GLY A 109 7.40 19.28 8.59
C GLY A 109 8.09 17.99 9.01
N SER A 110 7.31 16.96 9.32
CA SER A 110 7.85 15.68 9.72
C SER A 110 8.53 14.98 8.55
N LEU A 111 9.49 14.12 8.87
CA LEU A 111 10.22 13.39 7.85
C LEU A 111 9.50 12.09 7.50
N LEU A 112 9.50 11.76 6.21
CA LEU A 112 8.86 10.55 5.75
C LEU A 112 9.83 9.70 4.96
N GLN A 113 9.93 8.42 5.30
CA GLN A 113 10.84 7.53 4.61
C GLN A 113 10.09 6.50 3.78
N ILE A 114 10.50 6.36 2.52
CA ILE A 114 9.89 5.40 1.62
C ILE A 114 10.86 4.26 1.34
N SER A 115 10.39 3.03 1.49
CA SER A 115 11.23 1.88 1.28
C SER A 115 10.64 0.96 0.20
N SER A 116 11.46 0.54 -0.75
CA SER A 116 11.00 -0.34 -1.82
C SER A 116 11.14 -1.80 -1.39
N THR A 117 10.00 -2.49 -1.28
CA THR A 117 10.01 -3.89 -0.86
C THR A 117 9.28 -4.77 -1.87
N ASP A 118 9.82 -5.96 -2.12
CA ASP A 118 9.19 -6.89 -3.05
C ASP A 118 8.67 -8.10 -2.28
N VAL A 119 7.34 -8.26 -2.27
CA VAL A 119 6.72 -9.37 -1.57
C VAL A 119 5.94 -10.26 -2.53
N PRO A 120 5.87 -11.57 -2.23
CA PRO A 120 5.14 -12.52 -3.08
C PRO A 120 3.66 -12.19 -3.16
N LEU A 121 2.96 -12.96 -3.99
CA LEU A 121 1.53 -12.77 -4.18
C LEU A 121 0.71 -13.69 -3.28
N GLY A 122 -0.13 -13.09 -2.45
CA GLY A 122 -0.96 -13.87 -1.55
C GLY A 122 -2.05 -14.62 -2.31
N GLN A 123 -2.22 -15.89 -1.99
CA GLN A 123 -3.22 -16.71 -2.65
C GLN A 123 -4.63 -16.16 -2.45
N PHE A 124 -4.94 -15.75 -1.22
CA PHE A 124 -6.26 -15.22 -0.91
C PHE A 124 -6.19 -14.01 0.01
N VAL A 125 -7.10 -13.07 -0.20
CA VAL A 125 -7.17 -11.87 0.63
C VAL A 125 -8.59 -11.61 1.09
N LYS A 126 -8.74 -11.39 2.38
CA LYS A 126 -10.05 -11.11 2.94
C LYS A 126 -10.25 -9.60 3.11
N LEU A 127 -11.33 -9.09 2.55
CA LEU A 127 -11.62 -7.66 2.62
C LEU A 127 -12.84 -7.41 3.50
N GLU A 128 -12.74 -6.41 4.38
CA GLU A 128 -13.83 -6.07 5.27
C GLU A 128 -14.66 -4.94 4.68
N PRO A 129 -15.90 -5.23 4.24
CA PRO A 129 -16.77 -4.22 3.64
C PRO A 129 -17.31 -3.23 4.66
N GLN A 130 -17.77 -2.08 4.18
CA GLN A 130 -18.31 -1.04 5.03
C GLN A 130 -19.65 -0.59 4.49
N SER A 131 -20.68 -0.73 5.30
CA SER A 131 -22.03 -0.34 4.91
C SER A 131 -22.57 -1.28 3.85
N VAL A 132 -23.79 -1.77 4.06
CA VAL A 132 -24.43 -2.68 3.13
C VAL A 132 -24.59 -2.05 1.75
N ASP A 133 -24.65 -0.73 1.71
CA ASP A 133 -24.81 0.00 0.46
C ASP A 133 -23.65 -0.29 -0.50
N PHE A 134 -22.45 -0.37 0.05
CA PHE A 134 -21.26 -0.64 -0.76
C PHE A 134 -21.38 -1.98 -1.47
N LEU A 135 -21.91 -2.98 -0.77
CA LEU A 135 -22.09 -4.32 -1.34
C LEU A 135 -23.38 -4.41 -2.16
N ASP A 136 -24.22 -3.38 -2.07
CA ASP A 136 -25.48 -3.36 -2.81
C ASP A 136 -25.24 -3.15 -4.30
N ILE A 137 -24.01 -2.77 -4.67
CA ILE A 137 -23.65 -2.54 -6.05
C ILE A 137 -23.86 -3.82 -6.88
N SER A 138 -24.40 -3.66 -8.09
CA SER A 138 -24.65 -4.79 -8.97
C SER A 138 -23.37 -5.53 -9.31
N ASP A 139 -22.29 -4.77 -9.55
CA ASP A 139 -21.01 -5.36 -9.90
C ASP A 139 -19.90 -4.78 -9.02
N PRO A 140 -19.84 -5.21 -7.74
CA PRO A 140 -18.83 -4.73 -6.80
C PRO A 140 -17.46 -5.32 -7.10
N LYS A 141 -17.45 -6.51 -7.71
CA LYS A 141 -16.20 -7.18 -8.05
C LYS A 141 -15.36 -6.33 -8.99
N ALA A 142 -16.01 -5.67 -9.94
CA ALA A 142 -15.30 -4.83 -10.89
C ALA A 142 -14.71 -3.61 -10.19
N VAL A 143 -15.46 -3.04 -9.28
CA VAL A 143 -15.00 -1.87 -8.53
C VAL A 143 -13.82 -2.24 -7.64
N LEU A 144 -13.90 -3.42 -7.03
CA LEU A 144 -12.84 -3.88 -6.15
C LEU A 144 -11.52 -4.02 -6.89
N GLU A 145 -11.58 -4.58 -8.10
CA GLU A 145 -10.39 -4.77 -8.91
C GLU A 145 -9.69 -3.44 -9.20
N ASN A 146 -10.49 -2.42 -9.48
CA ASN A 146 -9.96 -1.10 -9.77
C ASN A 146 -9.18 -0.56 -8.57
N VAL A 147 -9.72 -0.80 -7.38
CA VAL A 147 -9.09 -0.34 -6.15
C VAL A 147 -7.69 -0.92 -5.98
N LEU A 148 -7.54 -2.20 -6.31
CA LEU A 148 -6.25 -2.88 -6.19
C LEU A 148 -5.20 -2.20 -7.06
N ARG A 149 -5.59 -1.79 -8.26
CA ARG A 149 -4.68 -1.12 -9.18
C ARG A 149 -4.18 0.19 -8.60
N ASN A 150 -5.09 0.91 -7.94
CA ASN A 150 -4.75 2.20 -7.34
C ASN A 150 -3.64 2.07 -6.29
N PHE A 151 -3.69 1.01 -5.49
CA PHE A 151 -2.68 0.80 -4.46
C PHE A 151 -1.62 -0.21 -4.91
N SER A 152 -0.38 0.26 -5.01
CA SER A 152 0.73 -0.60 -5.42
C SER A 152 0.95 -1.73 -4.42
N THR A 153 0.84 -1.39 -3.15
CA THR A 153 1.04 -2.36 -2.08
C THR A 153 -0.16 -2.48 -1.17
N LEU A 154 -0.46 -3.70 -0.76
CA LEU A 154 -1.58 -3.96 0.13
C LEU A 154 -1.09 -4.61 1.41
N THR A 155 -1.46 -4.02 2.55
CA THR A 155 -1.07 -4.54 3.85
C THR A 155 -2.31 -4.92 4.65
N VAL A 156 -2.26 -6.06 5.32
CA VAL A 156 -3.39 -6.52 6.08
C VAL A 156 -3.77 -5.52 7.17
N ASP A 157 -2.75 -4.98 7.80
CA ASP A 157 -2.93 -3.99 8.87
C ASP A 157 -3.41 -2.65 8.32
N ASP A 158 -2.88 -2.29 7.16
CA ASP A 158 -3.21 -1.02 6.52
C ASP A 158 -4.66 -0.96 6.05
N VAL A 159 -5.30 0.16 6.35
CA VAL A 159 -6.67 0.40 5.94
C VAL A 159 -6.67 1.25 4.67
N ILE A 160 -7.23 0.73 3.59
CA ILE A 160 -7.27 1.48 2.34
C ILE A 160 -8.65 2.09 2.10
N GLU A 161 -8.66 3.36 1.69
CA GLU A 161 -9.91 4.06 1.43
C GLU A 161 -9.99 4.54 -0.02
N ILE A 162 -11.17 4.42 -0.61
CA ILE A 162 -11.38 4.86 -1.98
C ILE A 162 -12.56 5.82 -2.07
N SER A 163 -12.43 6.83 -2.92
CA SER A 163 -13.49 7.82 -3.09
C SER A 163 -14.26 7.58 -4.38
N TYR A 164 -15.55 7.29 -4.26
CA TYR A 164 -16.40 7.05 -5.41
C TYR A 164 -17.56 8.04 -5.43
N ASN A 165 -17.64 8.85 -6.48
CA ASN A 165 -18.71 9.85 -6.60
C ASN A 165 -18.79 10.73 -5.36
N GLY A 166 -17.63 11.10 -4.82
CA GLY A 166 -17.60 11.96 -3.64
C GLY A 166 -17.84 11.19 -2.35
N LYS A 167 -17.70 9.88 -2.39
CA LYS A 167 -17.91 9.05 -1.21
C LYS A 167 -16.65 8.27 -0.86
N THR A 168 -16.32 8.21 0.42
CA THR A 168 -15.13 7.49 0.86
C THR A 168 -15.50 6.19 1.58
N PHE A 169 -14.85 5.10 1.18
CA PHE A 169 -15.11 3.79 1.77
C PHE A 169 -13.83 3.23 2.40
N LYS A 170 -13.98 2.60 3.56
CA LYS A 170 -12.84 2.01 4.25
C LYS A 170 -12.79 0.51 4.03
N ILE A 171 -11.62 0.02 3.60
CA ILE A 171 -11.43 -1.40 3.35
C ILE A 171 -10.32 -1.94 4.23
N LYS A 172 -10.63 -2.91 5.07
CA LYS A 172 -9.65 -3.49 5.97
C LYS A 172 -9.37 -4.95 5.63
N ILE A 173 -8.10 -5.31 5.53
CA ILE A 173 -7.72 -6.68 5.23
C ILE A 173 -7.96 -7.56 6.45
N LEU A 174 -9.10 -8.23 6.51
CA LEU A 174 -9.43 -9.06 7.66
C LEU A 174 -8.40 -10.18 7.87
N GLU A 175 -8.13 -10.95 6.82
CA GLU A 175 -7.15 -12.04 6.88
C GLU A 175 -6.71 -12.42 5.48
N VAL A 176 -5.44 -12.75 5.31
CA VAL A 176 -4.92 -13.11 3.99
C VAL A 176 -3.90 -14.24 4.08
N LYS A 177 -3.66 -14.91 2.94
CA LYS A 177 -2.68 -15.98 2.90
C LYS A 177 -1.55 -15.63 1.93
N PRO A 178 -0.39 -15.21 2.46
CA PRO A 178 0.77 -14.82 1.65
C PRO A 178 1.82 -15.92 1.59
N GLU A 179 2.86 -15.68 0.80
CA GLU A 179 3.95 -16.65 0.67
C GLU A 179 5.12 -16.28 1.60
N SER A 180 4.98 -15.19 2.35
CA SER A 180 6.01 -14.74 3.27
C SER A 180 5.44 -14.38 4.63
N SER A 181 6.28 -14.45 5.66
CA SER A 181 5.88 -14.13 7.02
C SER A 181 5.65 -12.62 7.19
N SER A 182 6.03 -11.85 6.18
CA SER A 182 5.86 -10.40 6.22
C SER A 182 4.38 -10.02 6.36
N LYS A 183 3.50 -10.91 5.95
CA LYS A 183 2.07 -10.67 6.03
C LYS A 183 1.68 -9.44 5.20
N SER A 184 2.29 -9.31 4.05
CA SER A 184 2.01 -8.20 3.14
C SER A 184 1.68 -8.72 1.76
N ILE A 185 0.73 -8.08 1.08
CA ILE A 185 0.33 -8.51 -0.26
C ILE A 185 0.56 -7.40 -1.27
N CYS A 186 1.26 -7.74 -2.34
CA CYS A 186 1.56 -6.78 -3.39
C CYS A 186 1.53 -7.46 -4.76
N VAL A 187 1.19 -6.70 -5.80
CA VAL A 187 1.14 -7.26 -7.15
C VAL A 187 0.78 -6.21 -8.20
N ILE A 188 -0.34 -5.52 -8.02
CA ILE A 188 -0.77 -4.49 -8.98
C ILE A 188 -1.20 -5.12 -10.31
N GLU A 189 -1.07 -6.45 -10.41
CA GLU A 189 -1.43 -7.16 -11.63
C GLU A 189 -2.82 -7.80 -11.50
N THR A 190 -3.53 -7.44 -10.43
CA THR A 190 -4.86 -7.97 -10.19
C THR A 190 -4.91 -9.48 -10.34
N ASP A 191 -3.88 -10.15 -9.83
CA ASP A 191 -3.78 -11.60 -9.89
C ASP A 191 -4.00 -12.22 -8.50
N LEU A 192 -4.61 -11.45 -7.61
CA LEU A 192 -4.87 -11.90 -6.25
C LEU A 192 -6.36 -12.20 -6.07
N VAL A 193 -6.67 -13.28 -5.35
CA VAL A 193 -8.05 -13.66 -5.11
C VAL A 193 -8.59 -13.02 -3.85
N THR A 194 -9.66 -12.25 -3.99
CA THR A 194 -10.27 -11.57 -2.86
C THR A 194 -11.66 -12.11 -2.54
N ASP A 195 -11.95 -12.23 -1.25
CA ASP A 195 -13.24 -12.72 -0.80
C ASP A 195 -13.95 -11.67 0.06
N PHE A 196 -15.26 -11.61 -0.04
CA PHE A 196 -16.05 -10.64 0.72
C PHE A 196 -16.68 -11.28 1.96
N ALA A 197 -16.57 -10.59 3.09
CA ALA A 197 -17.14 -11.07 4.34
C ALA A 197 -18.21 -10.11 4.84
N PRO A 198 -19.09 -10.57 5.76
CA PRO A 198 -20.16 -9.73 6.30
C PRO A 198 -19.66 -8.38 6.80
N PRO A 199 -20.31 -7.28 6.38
CA PRO A 199 -19.93 -5.92 6.78
C PRO A 199 -20.42 -5.55 8.16
N VAL A 200 -19.92 -4.45 8.69
CA VAL A 200 -20.32 -3.96 10.00
C VAL A 200 -21.62 -3.18 9.91
N GLY A 201 -22.54 -3.46 10.84
CA GLY A 201 -23.82 -2.79 10.84
C GLY A 201 -24.24 -2.33 12.22
N TYR A 202 -25.50 -2.52 12.55
CA TYR A 202 -26.03 -2.12 13.85
C TYR A 202 -25.47 -3.01 14.95
N VAL A 203 -25.14 -2.41 16.09
CA VAL A 203 -24.58 -3.15 17.22
C VAL A 203 -25.51 -3.06 18.43
N GLU A 204 -25.81 -4.22 19.01
CA GLU A 204 -26.70 -4.28 20.17
C GLU A 204 -25.90 -4.20 21.48
N PRO A 205 -26.23 -3.24 22.37
CA PRO A 205 -25.55 -3.08 23.65
C PRO A 205 -25.57 -4.36 24.49
N ASP A 206 -24.62 -4.48 25.41
CA ASP A 206 -24.55 -5.64 26.28
C ASP A 206 -25.53 -5.53 27.43
N TYR A 207 -26.20 -6.64 27.74
CA TYR A 207 -27.18 -6.67 28.82
C TYR A 207 -26.58 -7.28 30.08
N LYS A 208 -26.65 -6.54 31.19
CA LYS A 208 -26.12 -7.03 32.46
C LYS A 208 -26.90 -6.42 33.63
N MET A 1 -21.54 -19.51 -12.81
CA MET A 1 -20.64 -18.57 -13.51
C MET A 1 -19.64 -19.29 -14.41
N PHE A 2 -19.58 -18.89 -15.67
CA PHE A 2 -18.67 -19.52 -16.63
C PHE A 2 -17.23 -19.37 -16.18
N SER A 3 -16.89 -18.20 -15.64
CA SER A 3 -15.54 -17.93 -15.16
C SER A 3 -15.24 -18.75 -13.90
N GLY A 4 -14.07 -19.37 -13.87
CA GLY A 4 -13.70 -20.17 -12.73
C GLY A 4 -13.02 -21.48 -13.10
N PHE A 5 -12.43 -21.53 -14.29
CA PHE A 5 -11.74 -22.73 -14.76
C PHE A 5 -10.23 -22.53 -14.75
N SER A 6 -9.51 -23.56 -14.30
CA SER A 6 -8.06 -23.50 -14.24
C SER A 6 -7.44 -23.55 -15.62
N SER A 7 -6.22 -23.06 -15.74
CA SER A 7 -5.50 -23.04 -17.01
C SER A 7 -4.21 -23.84 -16.91
N PHE A 8 -3.96 -24.67 -17.92
CA PHE A 8 -2.75 -25.50 -17.95
C PHE A 8 -1.69 -24.88 -18.83
N GLY A 9 -0.48 -24.75 -18.30
CA GLY A 9 0.62 -24.18 -19.05
C GLY A 9 1.18 -22.93 -18.39
N GLY A 10 2.44 -22.99 -18.01
CA GLY A 10 3.07 -21.84 -17.36
C GLY A 10 2.72 -21.74 -15.89
N GLY A 11 3.32 -20.77 -15.21
CA GLY A 11 3.04 -20.58 -13.79
C GLY A 11 3.81 -21.56 -12.91
N ASN A 12 4.65 -22.38 -13.53
CA ASN A 12 5.45 -23.36 -12.79
C ASN A 12 6.92 -23.21 -13.11
N GLY A 13 7.76 -23.34 -12.08
CA GLY A 13 9.20 -23.22 -12.28
C GLY A 13 9.70 -21.80 -12.10
N PHE A 14 8.78 -20.87 -11.85
CA PHE A 14 9.13 -19.47 -11.66
C PHE A 14 9.17 -19.12 -10.18
N VAL A 15 10.34 -18.67 -9.70
CA VAL A 15 10.51 -18.31 -8.31
C VAL A 15 10.64 -16.80 -8.13
N ASN A 16 9.89 -16.25 -7.20
CA ASN A 16 9.92 -14.82 -6.93
C ASN A 16 10.78 -14.53 -5.70
N MET A 17 11.83 -13.74 -5.89
CA MET A 17 12.73 -13.39 -4.79
C MET A 17 12.40 -11.99 -4.26
N PRO A 18 12.05 -11.88 -2.96
CA PRO A 18 11.73 -10.60 -2.35
C PRO A 18 12.96 -9.73 -2.16
N GLN A 19 12.87 -8.49 -2.64
CA GLN A 19 13.98 -7.56 -2.55
C GLN A 19 13.58 -6.35 -1.70
N THR A 20 14.50 -5.91 -0.84
CA THR A 20 14.22 -4.77 0.04
C THR A 20 15.22 -3.63 -0.21
N PHE A 21 14.68 -2.43 -0.38
CA PHE A 21 15.48 -1.24 -0.59
C PHE A 21 14.97 -0.11 0.31
N GLU A 22 15.88 0.57 1.00
CA GLU A 22 15.47 1.65 1.91
C GLU A 22 15.81 3.04 1.38
N GLU A 23 14.84 3.95 1.51
CA GLU A 23 15.01 5.33 1.06
C GLU A 23 14.37 6.29 2.05
N PHE A 24 14.92 7.50 2.13
CA PHE A 24 14.40 8.52 3.05
C PHE A 24 13.81 9.70 2.26
N PHE A 25 12.54 9.99 2.52
CA PHE A 25 11.87 11.10 1.85
C PHE A 25 11.15 12.00 2.84
N ARG A 26 11.09 13.29 2.54
CA ARG A 26 10.44 14.27 3.41
C ARG A 26 8.92 14.29 3.18
N CYS A 27 8.17 14.61 4.24
CA CYS A 27 6.71 14.65 4.15
C CYS A 27 6.21 15.99 3.64
N TYR A 28 5.29 15.94 2.69
CA TYR A 28 4.70 17.16 2.14
C TYR A 28 3.18 17.04 2.06
N PRO A 29 2.46 18.16 2.19
CA PRO A 29 1.00 18.17 2.15
C PRO A 29 0.43 18.31 0.74
N ILE A 30 -0.02 17.19 0.16
CA ILE A 30 -0.61 17.20 -1.17
C ILE A 30 -1.89 18.04 -1.18
N ALA A 31 -2.68 17.90 -0.13
CA ALA A 31 -3.93 18.63 0.00
C ALA A 31 -3.69 20.13 0.01
N MET A 32 -2.62 20.56 0.68
CA MET A 32 -2.28 21.97 0.78
C MET A 32 -1.86 22.52 -0.58
N MET A 33 -1.30 21.66 -1.42
CA MET A 33 -0.85 22.06 -2.75
C MET A 33 -2.03 22.58 -3.57
N ASN A 34 -1.75 23.46 -4.53
CA ASN A 34 -2.79 24.05 -5.36
C ASN A 34 -3.58 22.97 -6.10
N ASP A 35 -4.89 23.17 -6.18
CA ASP A 35 -5.78 22.23 -6.85
C ASP A 35 -5.48 22.15 -8.35
N ARG A 36 -5.20 23.30 -8.94
CA ARG A 36 -4.91 23.35 -10.37
C ARG A 36 -3.69 22.51 -10.72
N ILE A 37 -2.67 22.57 -9.87
CA ILE A 37 -1.44 21.82 -10.09
C ILE A 37 -1.71 20.32 -10.05
N ARG A 38 -2.40 19.88 -9.01
CA ARG A 38 -2.71 18.46 -8.85
C ARG A 38 -4.20 18.21 -8.70
N LYS A 39 -4.66 17.11 -9.27
CA LYS A 39 -6.07 16.74 -9.21
C LYS A 39 -6.46 16.30 -7.80
N ASP A 40 -7.72 16.57 -7.45
CA ASP A 40 -8.24 16.21 -6.13
C ASP A 40 -8.17 14.70 -5.89
N ASP A 41 -8.19 13.94 -6.98
CA ASP A 41 -8.11 12.49 -6.89
C ASP A 41 -6.82 12.06 -6.21
N ALA A 42 -5.73 12.75 -6.54
CA ALA A 42 -4.43 12.44 -5.96
C ALA A 42 -4.46 12.59 -4.44
N ASN A 43 -5.19 13.61 -3.96
CA ASN A 43 -5.30 13.85 -2.52
C ASN A 43 -5.92 12.64 -1.82
N PHE A 44 -6.92 12.04 -2.45
CA PHE A 44 -7.59 10.88 -1.88
C PHE A 44 -7.13 9.58 -2.54
N GLY A 45 -6.10 9.67 -3.38
CA GLY A 45 -5.60 8.49 -4.07
C GLY A 45 -4.41 7.87 -3.36
N GLY A 46 -3.99 6.70 -3.83
CA GLY A 46 -2.85 6.01 -3.23
C GLY A 46 -1.58 6.20 -4.03
N LYS A 47 -1.53 7.27 -4.82
CA LYS A 47 -0.37 7.57 -5.65
C LYS A 47 0.52 8.60 -4.98
N ILE A 48 1.79 8.25 -4.80
CA ILE A 48 2.75 9.16 -4.20
C ILE A 48 3.81 9.57 -5.21
N PHE A 49 4.33 10.77 -5.06
CA PHE A 49 5.35 11.27 -5.99
C PHE A 49 6.73 11.16 -5.38
N LEU A 50 7.68 10.66 -6.17
CA LEU A 50 9.05 10.50 -5.70
C LEU A 50 10.05 11.00 -6.73
N PRO A 51 11.29 11.26 -6.31
CA PRO A 51 12.34 11.75 -7.19
C PRO A 51 12.91 10.67 -8.12
N PRO A 52 13.53 11.09 -9.23
CA PRO A 52 14.12 10.18 -10.20
C PRO A 52 15.44 9.56 -9.73
N SER A 53 16.01 10.12 -8.66
CA SER A 53 17.27 9.63 -8.11
C SER A 53 17.17 8.17 -7.69
N ALA A 54 16.04 7.82 -7.09
CA ALA A 54 15.81 6.46 -6.62
C ALA A 54 15.87 5.46 -7.76
N LEU A 55 15.36 5.87 -8.91
CA LEU A 55 15.32 5.01 -10.10
C LEU A 55 16.72 4.59 -10.53
N SER A 56 17.68 5.50 -10.46
CA SER A 56 19.04 5.19 -10.85
C SER A 56 19.59 4.06 -10.00
N LYS A 57 19.27 4.08 -8.72
CA LYS A 57 19.71 3.04 -7.81
C LYS A 57 19.00 1.73 -8.12
N LEU A 58 17.72 1.83 -8.44
CA LEU A 58 16.89 0.67 -8.76
C LEU A 58 17.44 -0.08 -9.97
N SER A 59 17.90 0.68 -10.97
CA SER A 59 18.46 0.09 -12.18
C SER A 59 19.67 -0.78 -11.85
N MET A 60 20.47 -0.31 -10.91
CA MET A 60 21.66 -1.03 -10.49
C MET A 60 21.29 -2.40 -9.93
N LEU A 61 20.20 -2.44 -9.16
CA LEU A 61 19.74 -3.68 -8.56
C LEU A 61 18.92 -4.52 -9.54
N ASN A 62 18.71 -4.01 -10.75
CA ASN A 62 17.96 -4.72 -11.76
C ASN A 62 16.53 -5.03 -11.30
N ILE A 63 15.90 -4.07 -10.62
CA ILE A 63 14.53 -4.26 -10.15
C ILE A 63 13.52 -3.97 -11.27
N ARG A 64 12.58 -4.89 -11.46
CA ARG A 64 11.57 -4.75 -12.48
C ARG A 64 10.42 -3.85 -12.01
N TYR A 65 9.79 -3.16 -12.96
CA TYR A 65 8.68 -2.27 -12.66
C TYR A 65 7.36 -3.03 -12.66
N PRO A 66 6.32 -2.50 -11.99
CA PRO A 66 6.39 -1.23 -11.25
C PRO A 66 7.15 -1.34 -9.95
N MET A 67 7.58 -0.20 -9.42
CA MET A 67 8.33 -0.16 -8.18
C MET A 67 7.38 -0.08 -6.99
N LEU A 68 7.70 -0.82 -5.94
CA LEU A 68 6.87 -0.83 -4.74
C LEU A 68 7.58 -0.09 -3.60
N PHE A 69 6.85 0.77 -2.89
CA PHE A 69 7.43 1.52 -1.79
C PHE A 69 6.74 1.24 -0.46
N LYS A 70 7.54 1.16 0.60
CA LYS A 70 7.02 0.90 1.93
C LYS A 70 7.26 2.10 2.85
N LEU A 71 6.19 2.57 3.50
CA LEU A 71 6.29 3.71 4.39
C LEU A 71 6.40 3.28 5.85
N THR A 72 7.41 3.80 6.53
CA THR A 72 7.63 3.47 7.94
C THR A 72 7.57 4.72 8.81
N ALA A 73 6.79 4.67 9.89
CA ALA A 73 6.68 5.79 10.80
C ALA A 73 7.25 5.44 12.17
N ASN A 74 8.28 6.16 12.58
CA ASN A 74 8.93 5.92 13.87
C ASN A 74 8.03 6.34 15.03
N GLU A 75 7.34 7.46 14.86
CA GLU A 75 6.47 8.01 15.90
C GLU A 75 5.36 7.04 16.28
N THR A 76 4.80 6.36 15.29
CA THR A 76 3.70 5.42 15.55
C THR A 76 4.18 3.97 15.46
N GLY A 77 5.35 3.76 14.87
CA GLY A 77 5.87 2.41 14.72
C GLY A 77 5.08 1.60 13.71
N ARG A 78 4.13 2.25 13.03
CA ARG A 78 3.33 1.59 12.02
C ARG A 78 3.85 1.90 10.64
N VAL A 79 3.85 0.90 9.78
CA VAL A 79 4.36 1.06 8.44
C VAL A 79 3.29 0.77 7.39
N THR A 80 2.97 1.78 6.61
CA THR A 80 1.97 1.65 5.55
C THR A 80 2.64 1.53 4.19
N HIS A 81 2.05 0.73 3.30
CA HIS A 81 2.61 0.53 1.98
C HIS A 81 2.13 1.62 1.01
N GLY A 82 3.07 2.45 0.53
CA GLY A 82 2.72 3.52 -0.38
C GLY A 82 2.87 3.13 -1.84
N GLY A 83 1.98 3.65 -2.69
CA GLY A 83 2.04 3.34 -4.11
C GLY A 83 2.54 4.51 -4.96
N VAL A 84 3.51 4.23 -5.83
CA VAL A 84 4.09 5.26 -6.70
C VAL A 84 3.90 4.91 -8.18
N LEU A 85 3.41 5.87 -8.96
CA LEU A 85 3.20 5.65 -10.39
C LEU A 85 4.20 6.45 -11.22
N GLU A 86 4.58 7.63 -10.74
CA GLU A 86 5.52 8.49 -11.47
C GLU A 86 6.39 9.33 -10.53
N PHE A 87 7.57 9.69 -11.03
CA PHE A 87 8.50 10.51 -10.27
C PHE A 87 8.58 11.93 -10.84
N ILE A 88 8.22 12.93 -10.03
CA ILE A 88 8.23 14.31 -10.48
C ILE A 88 9.07 15.21 -9.57
N ALA A 89 9.57 14.66 -8.47
CA ALA A 89 10.37 15.45 -7.53
C ALA A 89 11.85 15.42 -7.90
N GLU A 90 12.31 16.46 -8.57
CA GLU A 90 13.72 16.53 -8.98
C GLU A 90 14.63 16.72 -7.77
N GLU A 91 14.19 17.55 -6.84
CA GLU A 91 14.96 17.85 -5.63
C GLU A 91 15.05 16.65 -4.69
N GLY A 92 14.02 15.82 -4.71
CA GLY A 92 14.01 14.66 -3.83
C GLY A 92 12.96 14.79 -2.75
N ARG A 93 11.72 15.12 -3.16
CA ARG A 93 10.63 15.29 -2.22
C ARG A 93 9.49 14.31 -2.51
N VAL A 94 8.77 13.93 -1.45
CA VAL A 94 7.66 13.01 -1.60
C VAL A 94 6.37 13.59 -1.01
N TYR A 95 5.27 13.33 -1.68
CA TYR A 95 3.99 13.82 -1.21
C TYR A 95 3.04 12.66 -0.92
N LEU A 96 2.27 12.76 0.16
CA LEU A 96 1.33 11.70 0.51
C LEU A 96 -0.05 12.27 0.88
N PRO A 97 -1.11 11.48 0.68
CA PRO A 97 -2.49 11.91 0.99
C PRO A 97 -2.65 12.24 2.47
N GLN A 98 -3.61 13.09 2.79
CA GLN A 98 -3.86 13.48 4.19
C GLN A 98 -4.25 12.27 5.02
N TRP A 99 -5.07 11.39 4.46
CA TRP A 99 -5.52 10.20 5.17
C TRP A 99 -4.34 9.28 5.49
N MET A 100 -3.43 9.15 4.53
CA MET A 100 -2.26 8.30 4.72
C MET A 100 -1.42 8.79 5.89
N MET A 101 -1.24 10.10 5.98
CA MET A 101 -0.47 10.71 7.06
C MET A 101 -1.07 10.40 8.42
N GLU A 102 -2.40 10.45 8.49
CA GLU A 102 -3.11 10.18 9.74
C GLU A 102 -2.90 8.74 10.17
N THR A 103 -2.92 7.83 9.20
CA THR A 103 -2.73 6.40 9.49
C THR A 103 -1.34 6.15 10.04
N LEU A 104 -0.35 6.85 9.47
CA LEU A 104 1.03 6.70 9.91
C LEU A 104 1.24 7.33 11.28
N GLY A 105 0.38 8.29 11.63
CA GLY A 105 0.50 8.96 12.90
C GLY A 105 1.62 9.98 12.93
N ILE A 106 1.89 10.57 11.76
CA ILE A 106 2.94 11.56 11.64
C ILE A 106 2.38 12.90 11.17
N GLN A 107 3.11 13.98 11.43
CA GLN A 107 2.67 15.32 11.04
C GLN A 107 3.32 15.72 9.72
N PRO A 108 2.75 16.72 9.03
CA PRO A 108 3.27 17.19 7.75
C PRO A 108 4.73 17.68 7.83
N GLY A 109 5.29 17.68 9.04
CA GLY A 109 6.67 18.12 9.21
C GLY A 109 7.59 16.95 9.51
N SER A 110 7.02 15.82 9.89
CA SER A 110 7.79 14.63 10.20
C SER A 110 8.32 13.97 8.93
N LEU A 111 9.47 13.29 9.06
CA LEU A 111 10.07 12.63 7.91
C LEU A 111 9.31 11.35 7.57
N LEU A 112 9.38 10.95 6.30
CA LEU A 112 8.70 9.74 5.83
C LEU A 112 9.71 8.77 5.25
N GLN A 113 9.60 7.51 5.66
CA GLN A 113 10.52 6.47 5.19
C GLN A 113 9.88 5.65 4.08
N ILE A 114 10.52 5.66 2.91
CA ILE A 114 10.04 4.92 1.77
C ILE A 114 11.06 3.85 1.39
N SER A 115 10.62 2.60 1.37
CA SER A 115 11.52 1.50 1.03
C SER A 115 11.01 0.75 -0.19
N SER A 116 11.87 0.58 -1.18
CA SER A 116 11.51 -0.12 -2.39
C SER A 116 11.68 -1.64 -2.20
N THR A 117 10.56 -2.34 -2.09
CA THR A 117 10.59 -3.78 -1.88
C THR A 117 9.60 -4.51 -2.78
N ASP A 118 9.97 -5.71 -3.21
CA ASP A 118 9.11 -6.51 -4.07
C ASP A 118 8.54 -7.69 -3.28
N VAL A 119 7.21 -7.76 -3.18
CA VAL A 119 6.57 -8.83 -2.45
C VAL A 119 5.78 -9.75 -3.38
N PRO A 120 5.66 -11.02 -2.99
CA PRO A 120 4.91 -12.01 -3.77
C PRO A 120 3.42 -11.71 -3.74
N LEU A 121 2.71 -12.27 -4.71
CA LEU A 121 1.27 -12.07 -4.81
C LEU A 121 0.51 -12.88 -3.75
N GLY A 122 -0.22 -12.17 -2.90
CA GLY A 122 -0.99 -12.84 -1.86
C GLY A 122 -2.08 -13.72 -2.43
N GLN A 123 -2.43 -14.77 -1.71
CA GLN A 123 -3.47 -15.69 -2.16
C GLN A 123 -4.80 -15.44 -1.46
N PHE A 124 -4.76 -14.73 -0.34
CA PHE A 124 -5.97 -14.43 0.42
C PHE A 124 -5.88 -13.10 1.15
N VAL A 125 -6.93 -12.30 1.07
CA VAL A 125 -6.95 -11.01 1.76
C VAL A 125 -8.30 -10.76 2.42
N LYS A 126 -8.26 -10.38 3.68
CA LYS A 126 -9.47 -10.09 4.44
C LYS A 126 -9.81 -8.61 4.38
N LEU A 127 -10.98 -8.28 3.86
CA LEU A 127 -11.40 -6.90 3.76
C LEU A 127 -12.65 -6.63 4.61
N GLU A 128 -12.61 -5.57 5.41
CA GLU A 128 -13.73 -5.22 6.26
C GLU A 128 -14.36 -3.91 5.82
N PRO A 129 -15.58 -3.95 5.25
CA PRO A 129 -16.28 -2.77 4.78
C PRO A 129 -17.02 -2.05 5.91
N GLN A 130 -17.75 -1.00 5.57
CA GLN A 130 -18.50 -0.24 6.54
C GLN A 130 -19.93 -0.04 6.06
N SER A 131 -20.86 -0.46 6.89
CA SER A 131 -22.28 -0.36 6.60
C SER A 131 -22.69 -1.34 5.50
N VAL A 132 -23.99 -1.52 5.34
CA VAL A 132 -24.52 -2.43 4.33
C VAL A 132 -24.49 -1.79 2.94
N ASP A 133 -24.31 -0.48 2.89
CA ASP A 133 -24.29 0.23 1.62
C ASP A 133 -23.17 -0.28 0.72
N PHE A 134 -22.01 -0.55 1.32
CA PHE A 134 -20.87 -1.06 0.58
C PHE A 134 -21.21 -2.39 -0.10
N LEU A 135 -21.96 -3.23 0.61
CA LEU A 135 -22.35 -4.53 0.09
C LEU A 135 -23.58 -4.42 -0.82
N ASP A 136 -24.21 -3.25 -0.85
CA ASP A 136 -25.39 -3.04 -1.67
C ASP A 136 -25.04 -3.02 -3.16
N ILE A 137 -23.77 -2.80 -3.48
CA ILE A 137 -23.33 -2.77 -4.86
C ILE A 137 -23.55 -4.13 -5.52
N SER A 138 -24.14 -4.11 -6.71
CA SER A 138 -24.42 -5.35 -7.45
C SER A 138 -23.14 -6.13 -7.72
N ASP A 139 -22.08 -5.42 -8.08
CA ASP A 139 -20.80 -6.05 -8.38
C ASP A 139 -19.70 -5.44 -7.51
N PRO A 140 -19.63 -5.86 -6.24
CA PRO A 140 -18.62 -5.34 -5.30
C PRO A 140 -17.22 -5.83 -5.65
N LYS A 141 -17.12 -7.04 -6.18
CA LYS A 141 -15.83 -7.62 -6.53
C LYS A 141 -15.13 -6.77 -7.58
N ALA A 142 -15.88 -6.26 -8.55
CA ALA A 142 -15.29 -5.43 -9.59
C ALA A 142 -14.69 -4.16 -9.01
N VAL A 143 -15.40 -3.58 -8.03
CA VAL A 143 -14.93 -2.36 -7.40
C VAL A 143 -13.58 -2.58 -6.70
N LEU A 144 -13.47 -3.68 -5.98
CA LEU A 144 -12.24 -4.01 -5.26
C LEU A 144 -11.06 -4.14 -6.22
N GLU A 145 -11.30 -4.75 -7.38
CA GLU A 145 -10.24 -4.93 -8.37
C GLU A 145 -9.68 -3.59 -8.81
N ASN A 146 -10.57 -2.63 -9.04
CA ASN A 146 -10.15 -1.30 -9.47
C ASN A 146 -9.30 -0.65 -8.38
N VAL A 147 -9.70 -0.84 -7.14
CA VAL A 147 -9.00 -0.29 -6.00
C VAL A 147 -7.58 -0.85 -5.91
N LEU A 148 -7.44 -2.14 -6.16
CA LEU A 148 -6.14 -2.79 -6.09
C LEU A 148 -5.19 -2.18 -7.10
N ARG A 149 -5.70 -1.87 -8.28
CA ARG A 149 -4.89 -1.27 -9.34
C ARG A 149 -4.39 0.10 -8.92
N ASN A 150 -5.24 0.86 -8.24
CA ASN A 150 -4.88 2.19 -7.77
C ASN A 150 -3.72 2.17 -6.79
N PHE A 151 -3.71 1.18 -5.91
CA PHE A 151 -2.64 1.06 -4.91
C PHE A 151 -1.60 0.05 -5.35
N SER A 152 -0.37 0.52 -5.48
CA SER A 152 0.73 -0.34 -5.89
C SER A 152 1.10 -1.34 -4.79
N THR A 153 1.09 -0.87 -3.55
CA THR A 153 1.44 -1.73 -2.42
C THR A 153 0.28 -1.80 -1.40
N LEU A 154 0.05 -3.00 -0.86
CA LEU A 154 -1.01 -3.19 0.13
C LEU A 154 -0.55 -4.02 1.32
N THR A 155 -1.00 -3.65 2.50
CA THR A 155 -0.65 -4.35 3.73
C THR A 155 -1.86 -4.49 4.65
N VAL A 156 -1.86 -5.51 5.50
CA VAL A 156 -2.95 -5.75 6.41
C VAL A 156 -3.16 -4.55 7.35
N ASP A 157 -2.04 -3.99 7.79
CA ASP A 157 -2.05 -2.85 8.70
C ASP A 157 -2.52 -1.58 8.00
N ASP A 158 -2.12 -1.40 6.75
CA ASP A 158 -2.48 -0.22 5.98
C ASP A 158 -3.96 -0.18 5.62
N VAL A 159 -4.59 0.96 5.91
CA VAL A 159 -6.00 1.16 5.60
C VAL A 159 -6.13 2.02 4.35
N ILE A 160 -6.76 1.47 3.32
CA ILE A 160 -6.92 2.19 2.07
C ILE A 160 -8.35 2.72 1.87
N GLU A 161 -8.45 3.93 1.34
CA GLU A 161 -9.75 4.56 1.12
C GLU A 161 -9.97 4.88 -0.35
N ILE A 162 -11.19 4.68 -0.82
CA ILE A 162 -11.54 4.95 -2.21
C ILE A 162 -12.79 5.81 -2.32
N SER A 163 -12.78 6.74 -3.25
CA SER A 163 -13.91 7.63 -3.45
C SER A 163 -14.60 7.35 -4.80
N TYR A 164 -15.87 6.99 -4.73
CA TYR A 164 -16.64 6.70 -5.95
C TYR A 164 -17.89 7.58 -6.02
N ASN A 165 -18.08 8.22 -7.16
CA ASN A 165 -19.24 9.09 -7.37
C ASN A 165 -19.37 10.14 -6.27
N GLY A 166 -18.24 10.69 -5.85
CA GLY A 166 -18.26 11.71 -4.82
C GLY A 166 -18.43 11.14 -3.42
N LYS A 167 -18.33 9.82 -3.30
CA LYS A 167 -18.48 9.16 -2.01
C LYS A 167 -17.13 8.62 -1.54
N THR A 168 -16.83 8.81 -0.25
CA THR A 168 -15.58 8.33 0.31
C THR A 168 -15.79 7.09 1.17
N PHE A 169 -15.13 6.00 0.80
CA PHE A 169 -15.23 4.74 1.53
C PHE A 169 -13.88 4.30 2.06
N LYS A 170 -13.85 3.78 3.28
CA LYS A 170 -12.60 3.32 3.88
C LYS A 170 -12.69 1.86 4.32
N ILE A 171 -11.70 1.08 3.92
CA ILE A 171 -11.65 -0.33 4.26
C ILE A 171 -10.29 -0.72 4.79
N LYS A 172 -10.27 -1.57 5.81
CA LYS A 172 -9.00 -2.01 6.41
C LYS A 172 -8.85 -3.51 6.28
N ILE A 173 -7.65 -3.95 5.93
CA ILE A 173 -7.37 -5.37 5.78
C ILE A 173 -7.10 -6.03 7.13
N LEU A 174 -8.01 -6.91 7.55
CA LEU A 174 -7.88 -7.61 8.84
C LEU A 174 -6.69 -8.57 8.87
N GLU A 175 -6.69 -9.51 7.92
CA GLU A 175 -5.61 -10.49 7.84
C GLU A 175 -5.51 -11.04 6.42
N VAL A 176 -4.30 -11.32 5.97
CA VAL A 176 -4.08 -11.83 4.63
C VAL A 176 -3.04 -12.94 4.62
N LYS A 177 -3.14 -13.86 3.67
CA LYS A 177 -2.19 -14.95 3.56
C LYS A 177 -1.15 -14.63 2.49
N PRO A 178 0.08 -14.26 2.90
CA PRO A 178 1.15 -13.90 1.99
C PRO A 178 2.14 -15.04 1.79
N GLU A 179 3.13 -14.81 0.93
CA GLU A 179 4.15 -15.81 0.66
C GLU A 179 5.43 -15.50 1.44
N SER A 180 5.38 -14.46 2.29
CA SER A 180 6.54 -14.06 3.08
C SER A 180 6.11 -13.66 4.50
N SER A 181 7.08 -13.69 5.41
CA SER A 181 6.82 -13.35 6.82
C SER A 181 6.54 -11.86 7.00
N SER A 182 6.92 -11.05 6.01
CA SER A 182 6.71 -9.60 6.08
C SER A 182 5.23 -9.27 6.21
N LYS A 183 4.37 -10.20 5.82
CA LYS A 183 2.92 -10.00 5.89
C LYS A 183 2.50 -8.81 5.03
N SER A 184 3.11 -8.68 3.87
CA SER A 184 2.80 -7.60 2.95
C SER A 184 2.55 -8.17 1.56
N ILE A 185 1.56 -7.63 0.87
CA ILE A 185 1.23 -8.08 -0.47
C ILE A 185 1.04 -6.91 -1.42
N CYS A 186 1.54 -7.05 -2.65
CA CYS A 186 1.42 -5.99 -3.63
C CYS A 186 0.85 -6.54 -4.94
N VAL A 187 -0.44 -6.31 -5.14
CA VAL A 187 -1.12 -6.75 -6.33
C VAL A 187 -1.85 -5.60 -7.00
N ILE A 188 -1.42 -5.25 -8.18
CA ILE A 188 -2.03 -4.17 -8.93
C ILE A 188 -2.88 -4.71 -10.08
N GLU A 189 -2.49 -5.89 -10.55
CA GLU A 189 -3.20 -6.51 -11.66
C GLU A 189 -4.33 -7.41 -11.17
N THR A 190 -3.99 -8.61 -10.72
CA THR A 190 -4.99 -9.55 -10.24
C THR A 190 -4.34 -10.76 -9.56
N ASP A 191 -5.08 -11.86 -9.48
CA ASP A 191 -4.60 -13.10 -8.86
C ASP A 191 -4.59 -13.00 -7.34
N LEU A 192 -5.44 -12.14 -6.78
CA LEU A 192 -5.54 -11.99 -5.33
C LEU A 192 -6.96 -12.33 -4.87
N VAL A 193 -7.06 -13.17 -3.86
CA VAL A 193 -8.36 -13.55 -3.33
C VAL A 193 -8.78 -12.63 -2.18
N THR A 194 -9.98 -12.09 -2.27
CA THR A 194 -10.48 -11.18 -1.25
C THR A 194 -11.73 -11.73 -0.58
N ASP A 195 -11.83 -11.51 0.74
CA ASP A 195 -12.96 -11.97 1.51
C ASP A 195 -13.68 -10.79 2.16
N PHE A 196 -15.00 -10.86 2.22
CA PHE A 196 -15.80 -9.78 2.80
C PHE A 196 -16.38 -10.17 4.15
N ALA A 197 -16.37 -9.24 5.09
CA ALA A 197 -16.88 -9.47 6.43
C ALA A 197 -18.05 -8.54 6.73
N PRO A 198 -18.83 -8.84 7.79
CA PRO A 198 -19.98 -8.01 8.17
C PRO A 198 -19.59 -6.56 8.48
N PRO A 199 -20.45 -5.60 8.14
CA PRO A 199 -20.19 -4.18 8.37
C PRO A 199 -20.37 -3.78 9.84
N VAL A 200 -19.70 -2.71 10.23
CA VAL A 200 -19.79 -2.23 11.62
C VAL A 200 -21.05 -1.41 11.83
N GLY A 201 -21.68 -1.59 12.99
CA GLY A 201 -22.89 -0.87 13.29
C GLY A 201 -23.96 -1.76 13.90
N TYR A 202 -24.68 -1.24 14.89
CA TYR A 202 -25.73 -1.99 15.55
C TYR A 202 -27.11 -1.58 15.03
N VAL A 203 -27.93 -2.57 14.72
CA VAL A 203 -29.27 -2.31 14.20
C VAL A 203 -30.34 -2.89 15.13
N GLU A 204 -31.31 -2.07 15.48
CA GLU A 204 -32.39 -2.50 16.37
C GLU A 204 -33.60 -2.97 15.55
N PRO A 205 -34.14 -4.15 15.86
CA PRO A 205 -35.31 -4.70 15.15
C PRO A 205 -36.51 -3.75 15.19
N ASP A 206 -36.65 -2.94 14.14
CA ASP A 206 -37.75 -1.99 14.05
C ASP A 206 -38.86 -2.53 13.16
N TYR A 207 -40.06 -2.66 13.72
CA TYR A 207 -41.19 -3.16 12.98
C TYR A 207 -42.09 -2.01 12.50
N LYS A 208 -42.29 -1.93 11.19
CA LYS A 208 -43.12 -0.89 10.61
C LYS A 208 -44.39 -1.47 9.99
N MET A 1 25.01 7.86 6.71
CA MET A 1 24.92 6.52 6.08
C MET A 1 26.19 6.18 5.30
N PHE A 2 26.17 5.05 4.61
CA PHE A 2 27.32 4.60 3.83
C PHE A 2 26.97 4.47 2.36
N SER A 3 27.88 4.88 1.49
CA SER A 3 27.67 4.81 0.05
C SER A 3 28.85 4.14 -0.65
N GLY A 4 28.57 3.38 -1.71
CA GLY A 4 29.62 2.71 -2.45
C GLY A 4 29.90 1.31 -1.91
N PHE A 5 29.18 0.90 -0.89
CA PHE A 5 29.36 -0.42 -0.30
C PHE A 5 28.17 -1.32 -0.60
N SER A 6 28.45 -2.55 -1.02
CA SER A 6 27.40 -3.51 -1.36
C SER A 6 27.62 -4.83 -0.63
N SER A 7 26.53 -5.43 -0.15
CA SER A 7 26.60 -6.69 0.57
C SER A 7 25.62 -7.70 -0.01
N PHE A 8 26.04 -8.96 -0.08
CA PHE A 8 25.20 -10.02 -0.62
C PHE A 8 25.35 -11.30 0.19
N GLY A 9 24.32 -12.13 0.17
CA GLY A 9 24.36 -13.38 0.92
C GLY A 9 23.28 -14.36 0.47
N GLY A 10 23.71 -15.51 -0.05
CA GLY A 10 22.76 -16.50 -0.51
C GLY A 10 22.18 -16.20 -1.88
N GLY A 11 22.80 -15.27 -2.59
CA GLY A 11 22.32 -14.91 -3.91
C GLY A 11 22.75 -15.90 -4.99
N ASN A 12 24.00 -15.78 -5.43
CA ASN A 12 24.53 -16.66 -6.47
C ASN A 12 23.71 -16.55 -7.75
N GLY A 13 23.15 -15.38 -7.98
CA GLY A 13 22.35 -15.16 -9.17
C GLY A 13 20.89 -15.49 -8.98
N PHE A 14 20.56 -16.11 -7.85
CA PHE A 14 19.18 -16.47 -7.55
C PHE A 14 18.75 -15.93 -6.19
N VAL A 15 17.63 -15.21 -6.18
CA VAL A 15 17.11 -14.63 -4.94
C VAL A 15 15.82 -15.32 -4.52
N ASN A 16 15.83 -15.92 -3.33
CA ASN A 16 14.66 -16.60 -2.82
C ASN A 16 13.90 -15.73 -1.82
N MET A 17 14.57 -14.67 -1.35
CA MET A 17 13.96 -13.76 -0.39
C MET A 17 13.48 -12.49 -1.08
N PRO A 18 12.34 -11.94 -0.63
CA PRO A 18 11.78 -10.71 -1.22
C PRO A 18 12.84 -9.61 -1.37
N GLN A 19 12.56 -8.63 -2.21
CA GLN A 19 13.50 -7.54 -2.44
C GLN A 19 13.07 -6.30 -1.64
N THR A 20 13.95 -5.85 -0.75
CA THR A 20 13.66 -4.68 0.06
C THR A 20 14.74 -3.60 -0.08
N PHE A 21 14.30 -2.38 -0.31
CA PHE A 21 15.21 -1.22 -0.45
C PHE A 21 14.90 -0.19 0.63
N GLU A 22 15.93 0.43 1.20
CA GLU A 22 15.72 1.42 2.25
C GLU A 22 16.29 2.79 1.90
N GLU A 23 15.48 3.83 2.12
CA GLU A 23 15.89 5.21 1.85
C GLU A 23 15.14 6.18 2.75
N PHE A 24 15.70 7.38 2.90
CA PHE A 24 15.09 8.41 3.72
C PHE A 24 14.69 9.62 2.88
N PHE A 25 13.46 10.10 3.07
CA PHE A 25 12.96 11.24 2.32
C PHE A 25 12.14 12.17 3.22
N ARG A 26 11.99 13.41 2.78
CA ARG A 26 11.23 14.40 3.55
C ARG A 26 9.79 14.45 3.06
N CYS A 27 8.85 14.29 3.98
CA CYS A 27 7.44 14.31 3.64
C CYS A 27 6.87 15.71 3.74
N TYR A 28 5.98 16.04 2.81
CA TYR A 28 5.34 17.34 2.79
C TYR A 28 3.83 17.22 2.65
N PRO A 29 3.07 18.20 3.15
CA PRO A 29 1.61 18.19 3.10
C PRO A 29 1.07 18.57 1.72
N ILE A 30 0.61 17.56 0.98
CA ILE A 30 0.06 17.78 -0.35
C ILE A 30 -1.15 18.72 -0.27
N ALA A 31 -1.96 18.53 0.75
CA ALA A 31 -3.15 19.35 0.94
C ALA A 31 -2.81 20.83 1.07
N MET A 32 -1.62 21.11 1.59
CA MET A 32 -1.17 22.48 1.75
C MET A 32 -0.97 23.15 0.40
N MET A 33 -0.45 22.38 -0.56
CA MET A 33 -0.21 22.89 -1.90
C MET A 33 -1.50 23.38 -2.55
N ASN A 34 -1.42 24.50 -3.25
CA ASN A 34 -2.57 25.09 -3.91
C ASN A 34 -3.20 24.14 -4.94
N ASP A 35 -4.50 24.29 -5.15
CA ASP A 35 -5.23 23.45 -6.09
C ASP A 35 -4.68 23.59 -7.51
N ARG A 36 -4.25 24.79 -7.86
CA ARG A 36 -3.70 25.05 -9.18
C ARG A 36 -2.47 24.19 -9.43
N ILE A 37 -1.69 23.94 -8.38
CA ILE A 37 -0.50 23.11 -8.50
C ILE A 37 -0.70 21.78 -7.79
N ARG A 38 -1.95 21.51 -7.38
CA ARG A 38 -2.28 20.28 -6.68
C ARG A 38 -3.35 19.50 -7.45
N LYS A 39 -3.15 18.19 -7.55
CA LYS A 39 -4.10 17.33 -8.25
C LYS A 39 -5.03 16.61 -7.26
N ASP A 40 -6.33 16.73 -7.50
CA ASP A 40 -7.32 16.11 -6.63
C ASP A 40 -7.17 14.60 -6.58
N ASP A 41 -6.87 14.00 -7.73
CA ASP A 41 -6.69 12.55 -7.80
C ASP A 41 -5.54 12.11 -6.89
N ALA A 42 -4.46 12.89 -6.89
CA ALA A 42 -3.29 12.58 -6.08
C ALA A 42 -3.65 12.56 -4.60
N ASN A 43 -4.49 13.51 -4.19
CA ASN A 43 -4.90 13.61 -2.79
C ASN A 43 -5.62 12.34 -2.34
N PHE A 44 -6.45 11.80 -3.23
CA PHE A 44 -7.19 10.58 -2.93
C PHE A 44 -6.64 9.38 -3.70
N GLY A 45 -5.41 9.51 -4.18
CA GLY A 45 -4.80 8.43 -4.93
C GLY A 45 -3.92 7.56 -4.05
N GLY A 46 -3.60 6.37 -4.54
CA GLY A 46 -2.76 5.46 -3.77
C GLY A 46 -1.30 5.51 -4.19
N LYS A 47 -0.94 6.51 -4.99
CA LYS A 47 0.43 6.66 -5.45
C LYS A 47 1.04 7.95 -4.92
N ILE A 48 2.31 7.88 -4.52
CA ILE A 48 3.02 9.04 -3.99
C ILE A 48 4.09 9.52 -4.96
N PHE A 49 4.40 10.82 -4.88
CA PHE A 49 5.41 11.41 -5.75
C PHE A 49 6.78 11.41 -5.08
N LEU A 50 7.80 10.97 -5.79
CA LEU A 50 9.17 10.92 -5.25
C LEU A 50 10.21 11.29 -6.31
N PRO A 51 11.43 11.68 -5.87
CA PRO A 51 12.53 12.08 -6.79
C PRO A 51 13.03 10.93 -7.65
N PRO A 52 13.42 11.24 -8.92
CA PRO A 52 13.94 10.24 -9.86
C PRO A 52 15.23 9.59 -9.39
N SER A 53 15.94 10.24 -8.48
CA SER A 53 17.21 9.72 -7.97
C SER A 53 17.03 8.36 -7.32
N ALA A 54 15.97 8.23 -6.51
CA ALA A 54 15.69 6.98 -5.82
C ALA A 54 15.20 5.91 -6.81
N LEU A 55 14.35 6.34 -7.72
CA LEU A 55 13.79 5.46 -8.74
C LEU A 55 14.87 4.83 -9.61
N SER A 56 15.88 5.62 -9.94
CA SER A 56 16.98 5.15 -10.78
C SER A 56 17.69 3.97 -10.12
N LYS A 57 17.86 4.06 -8.81
CA LYS A 57 18.50 2.99 -8.06
C LYS A 57 17.75 1.68 -8.23
N LEU A 58 16.41 1.78 -8.22
CA LEU A 58 15.55 0.61 -8.37
C LEU A 58 15.81 -0.11 -9.68
N SER A 59 16.02 0.66 -10.75
CA SER A 59 16.27 0.09 -12.07
C SER A 59 17.53 -0.78 -12.01
N MET A 60 18.53 -0.31 -11.29
CA MET A 60 19.77 -1.03 -11.11
C MET A 60 19.51 -2.38 -10.44
N LEU A 61 18.58 -2.36 -9.49
CA LEU A 61 18.24 -3.57 -8.74
C LEU A 61 17.29 -4.48 -9.53
N ASN A 62 16.95 -4.07 -10.75
CA ASN A 62 16.07 -4.87 -11.60
C ASN A 62 14.71 -5.09 -10.95
N ILE A 63 14.15 -4.03 -10.37
CA ILE A 63 12.85 -4.11 -9.71
C ILE A 63 11.74 -4.25 -10.75
N ARG A 64 10.86 -5.22 -10.55
CA ARG A 64 9.76 -5.46 -11.47
C ARG A 64 8.71 -4.36 -11.40
N TYR A 65 8.19 -3.98 -12.55
CA TYR A 65 7.19 -2.92 -12.65
C TYR A 65 5.78 -3.51 -12.46
N PRO A 66 4.88 -2.79 -11.77
CA PRO A 66 5.15 -1.48 -11.18
C PRO A 66 6.02 -1.55 -9.93
N MET A 67 6.63 -0.42 -9.59
CA MET A 67 7.48 -0.33 -8.42
C MET A 67 6.65 -0.29 -7.14
N LEU A 68 7.13 -0.98 -6.11
CA LEU A 68 6.43 -1.03 -4.84
C LEU A 68 7.20 -0.31 -3.75
N PHE A 69 6.50 0.47 -2.94
CA PHE A 69 7.14 1.22 -1.86
C PHE A 69 6.40 1.05 -0.54
N LYS A 70 7.16 1.07 0.54
CA LYS A 70 6.60 0.94 1.88
C LYS A 70 6.99 2.14 2.73
N LEU A 71 6.00 2.75 3.37
CA LEU A 71 6.24 3.91 4.21
C LEU A 71 6.27 3.51 5.70
N THR A 72 7.37 3.88 6.37
CA THR A 72 7.52 3.57 7.78
C THR A 72 7.69 4.85 8.61
N ALA A 73 6.91 4.96 9.67
CA ALA A 73 6.97 6.12 10.55
C ALA A 73 7.62 5.75 11.88
N ASN A 74 8.75 6.38 12.16
CA ASN A 74 9.49 6.12 13.39
C ASN A 74 8.73 6.67 14.61
N GLU A 75 8.15 7.85 14.45
CA GLU A 75 7.42 8.50 15.53
C GLU A 75 6.25 7.65 16.04
N THR A 76 5.53 7.01 15.13
CA THR A 76 4.39 6.18 15.51
C THR A 76 4.67 4.69 15.36
N GLY A 77 5.77 4.35 14.70
CA GLY A 77 6.12 2.96 14.52
C GLY A 77 5.16 2.24 13.59
N ARG A 78 4.34 3.00 12.86
CA ARG A 78 3.37 2.42 11.95
C ARG A 78 3.90 2.48 10.52
N VAL A 79 3.67 1.41 9.77
CA VAL A 79 4.12 1.35 8.39
C VAL A 79 2.95 1.15 7.43
N THR A 80 2.86 2.02 6.44
CA THR A 80 1.81 1.94 5.43
C THR A 80 2.42 1.73 4.06
N HIS A 81 1.92 0.74 3.35
CA HIS A 81 2.42 0.41 2.02
C HIS A 81 1.78 1.29 0.95
N GLY A 82 2.60 1.73 0.00
CA GLY A 82 2.10 2.56 -1.08
C GLY A 82 2.75 2.22 -2.41
N GLY A 83 3.07 3.24 -3.19
CA GLY A 83 3.68 3.02 -4.48
C GLY A 83 4.26 4.29 -5.07
N VAL A 84 4.55 4.28 -6.37
CA VAL A 84 5.12 5.43 -7.03
C VAL A 84 4.28 5.86 -8.23
N LEU A 85 3.96 7.15 -8.27
CA LEU A 85 3.15 7.69 -9.36
C LEU A 85 4.04 8.24 -10.48
N GLU A 86 4.60 9.41 -10.26
CA GLU A 86 5.44 10.06 -11.25
C GLU A 86 6.65 10.73 -10.62
N PHE A 87 7.59 11.12 -11.47
CA PHE A 87 8.81 11.78 -11.03
C PHE A 87 8.61 13.30 -11.02
N ILE A 88 8.68 13.91 -9.84
CA ILE A 88 8.51 15.37 -9.75
C ILE A 88 9.45 16.02 -8.73
N ALA A 89 10.20 15.21 -7.99
CA ALA A 89 11.11 15.75 -6.99
C ALA A 89 12.54 15.85 -7.51
N GLU A 90 12.90 17.04 -7.96
CA GLU A 90 14.24 17.29 -8.48
C GLU A 90 15.29 17.28 -7.37
N GLU A 91 14.92 17.88 -6.24
CA GLU A 91 15.84 17.97 -5.10
C GLU A 91 15.80 16.73 -4.21
N GLY A 92 14.71 16.00 -4.26
CA GLY A 92 14.58 14.81 -3.43
C GLY A 92 13.49 14.93 -2.38
N ARG A 93 12.32 15.40 -2.81
CA ARG A 93 11.19 15.59 -1.90
C ARG A 93 10.08 14.59 -2.22
N VAL A 94 9.33 14.21 -1.19
CA VAL A 94 8.24 13.26 -1.35
C VAL A 94 6.96 13.78 -0.71
N TYR A 95 5.84 13.56 -1.38
CA TYR A 95 4.54 14.01 -0.89
C TYR A 95 3.59 12.84 -0.68
N LEU A 96 2.82 12.88 0.40
CA LEU A 96 1.87 11.81 0.70
C LEU A 96 0.44 12.34 0.81
N PRO A 97 -0.55 11.50 0.47
CA PRO A 97 -1.97 11.87 0.53
C PRO A 97 -2.39 12.39 1.90
N GLN A 98 -3.48 13.14 1.93
CA GLN A 98 -3.99 13.71 3.18
C GLN A 98 -4.32 12.63 4.20
N TRP A 99 -4.97 11.58 3.73
CA TRP A 99 -5.38 10.48 4.60
C TRP A 99 -4.15 9.72 5.08
N MET A 100 -3.16 9.60 4.21
CA MET A 100 -1.93 8.89 4.54
C MET A 100 -1.23 9.55 5.73
N MET A 101 -1.24 10.88 5.77
CA MET A 101 -0.60 11.62 6.86
C MET A 101 -1.26 11.28 8.19
N GLU A 102 -2.58 11.16 8.19
CA GLU A 102 -3.33 10.85 9.40
C GLU A 102 -3.02 9.44 9.89
N THR A 103 -2.89 8.51 8.95
CA THR A 103 -2.59 7.12 9.28
C THR A 103 -1.20 7.01 9.90
N LEU A 104 -0.25 7.77 9.36
CA LEU A 104 1.12 7.75 9.85
C LEU A 104 1.22 8.39 11.23
N GLY A 105 0.28 9.28 11.54
CA GLY A 105 0.30 9.93 12.84
C GLY A 105 1.48 10.88 12.99
N ILE A 106 1.93 11.45 11.88
CA ILE A 106 3.07 12.36 11.91
C ILE A 106 2.67 13.79 11.56
N GLN A 107 3.24 14.75 12.28
CA GLN A 107 2.96 16.16 12.06
C GLN A 107 4.04 16.80 11.17
N PRO A 108 3.78 18.01 10.64
CA PRO A 108 4.72 18.72 9.77
C PRO A 108 6.16 18.66 10.30
N GLY A 109 7.12 18.49 9.38
CA GLY A 109 8.50 18.42 9.78
C GLY A 109 8.94 17.00 10.07
N SER A 110 7.99 16.08 10.13
CA SER A 110 8.28 14.67 10.42
C SER A 110 8.99 14.03 9.24
N LEU A 111 9.78 13.00 9.55
CA LEU A 111 10.54 12.28 8.52
C LEU A 111 9.76 11.07 8.01
N LEU A 112 9.77 10.88 6.69
CA LEU A 112 9.08 9.77 6.06
C LEU A 112 10.06 8.91 5.26
N GLN A 113 10.04 7.60 5.49
CA GLN A 113 10.95 6.70 4.80
C GLN A 113 10.21 5.80 3.81
N ILE A 114 10.76 5.69 2.61
CA ILE A 114 10.18 4.85 1.58
C ILE A 114 11.08 3.65 1.33
N SER A 115 10.51 2.46 1.42
CA SER A 115 11.28 1.24 1.21
C SER A 115 10.70 0.41 0.07
N SER A 116 11.56 0.01 -0.87
CA SER A 116 11.10 -0.80 -1.99
C SER A 116 10.75 -2.19 -1.48
N THR A 117 9.52 -2.62 -1.71
CA THR A 117 9.08 -3.92 -1.24
C THR A 117 8.60 -4.80 -2.39
N ASP A 118 9.13 -6.02 -2.45
CA ASP A 118 8.72 -6.97 -3.47
C ASP A 118 8.23 -8.25 -2.82
N VAL A 119 6.97 -8.61 -3.08
CA VAL A 119 6.40 -9.82 -2.50
C VAL A 119 6.00 -10.81 -3.57
N PRO A 120 5.96 -12.11 -3.21
CA PRO A 120 5.58 -13.17 -4.15
C PRO A 120 4.07 -13.26 -4.36
N LEU A 121 3.36 -12.18 -4.03
CA LEU A 121 1.91 -12.12 -4.21
C LEU A 121 1.21 -13.06 -3.24
N GLY A 122 0.68 -12.52 -2.15
CA GLY A 122 -0.02 -13.33 -1.15
C GLY A 122 -1.02 -14.27 -1.79
N GLN A 123 -1.46 -15.26 -1.02
CA GLN A 123 -2.42 -16.24 -1.54
C GLN A 123 -3.80 -16.06 -0.93
N PHE A 124 -3.87 -15.42 0.24
CA PHE A 124 -5.14 -15.21 0.90
C PHE A 124 -5.20 -13.84 1.58
N VAL A 125 -6.28 -13.10 1.35
CA VAL A 125 -6.44 -11.79 1.97
C VAL A 125 -7.85 -11.59 2.51
N LYS A 126 -7.94 -11.13 3.74
CA LYS A 126 -9.23 -10.86 4.38
C LYS A 126 -9.60 -9.40 4.22
N LEU A 127 -10.75 -9.14 3.61
CA LEU A 127 -11.21 -7.77 3.42
C LEU A 127 -12.52 -7.52 4.15
N GLU A 128 -12.58 -6.41 4.87
CA GLU A 128 -13.78 -6.06 5.62
C GLU A 128 -14.38 -4.76 5.10
N PRO A 129 -15.58 -4.84 4.50
CA PRO A 129 -16.27 -3.68 3.95
C PRO A 129 -16.95 -2.84 5.03
N GLN A 130 -17.50 -1.70 4.62
CA GLN A 130 -18.18 -0.82 5.54
C GLN A 130 -19.58 -0.53 5.03
N SER A 131 -20.55 -0.83 5.87
CA SER A 131 -21.95 -0.62 5.55
C SER A 131 -22.41 -1.60 4.48
N VAL A 132 -23.56 -2.20 4.72
CA VAL A 132 -24.11 -3.18 3.79
C VAL A 132 -24.35 -2.57 2.42
N ASP A 133 -24.54 -1.24 2.39
CA ASP A 133 -24.79 -0.54 1.14
C ASP A 133 -23.62 -0.73 0.17
N PHE A 134 -22.40 -0.68 0.69
CA PHE A 134 -21.21 -0.84 -0.14
C PHE A 134 -21.22 -2.21 -0.82
N LEU A 135 -21.64 -3.24 -0.10
CA LEU A 135 -21.70 -4.60 -0.63
C LEU A 135 -22.97 -4.82 -1.45
N ASP A 136 -23.90 -3.88 -1.38
CA ASP A 136 -25.15 -4.00 -2.12
C ASP A 136 -24.93 -3.84 -3.62
N ILE A 137 -23.72 -3.43 -4.01
CA ILE A 137 -23.38 -3.24 -5.41
C ILE A 137 -23.53 -4.56 -6.17
N SER A 138 -24.05 -4.48 -7.39
CA SER A 138 -24.27 -5.67 -8.22
C SER A 138 -22.96 -6.41 -8.47
N ASP A 139 -21.89 -5.66 -8.72
CA ASP A 139 -20.59 -6.27 -8.97
C ASP A 139 -19.55 -5.72 -8.01
N PRO A 140 -19.57 -6.18 -6.75
CA PRO A 140 -18.61 -5.74 -5.72
C PRO A 140 -17.18 -6.05 -6.11
N LYS A 141 -17.00 -7.16 -6.82
CA LYS A 141 -15.67 -7.58 -7.25
C LYS A 141 -15.02 -6.54 -8.15
N ALA A 142 -15.83 -5.95 -9.02
CA ALA A 142 -15.32 -4.93 -9.94
C ALA A 142 -14.74 -3.74 -9.17
N VAL A 143 -15.41 -3.35 -8.09
CA VAL A 143 -14.96 -2.23 -7.27
C VAL A 143 -13.58 -2.52 -6.69
N LEU A 144 -13.39 -3.74 -6.20
CA LEU A 144 -12.11 -4.15 -5.62
C LEU A 144 -10.98 -4.06 -6.64
N GLU A 145 -11.28 -4.47 -7.88
CA GLU A 145 -10.28 -4.45 -8.94
C GLU A 145 -9.77 -3.03 -9.18
N ASN A 146 -10.67 -2.06 -9.15
CA ASN A 146 -10.30 -0.66 -9.36
C ASN A 146 -9.41 -0.19 -8.21
N VAL A 147 -9.78 -0.61 -7.00
CA VAL A 147 -9.04 -0.24 -5.80
C VAL A 147 -7.62 -0.77 -5.84
N LEU A 148 -7.46 -1.99 -6.34
CA LEU A 148 -6.16 -2.62 -6.43
C LEU A 148 -5.20 -1.80 -7.31
N ARG A 149 -5.73 -1.28 -8.41
CA ARG A 149 -4.93 -0.48 -9.32
C ARG A 149 -4.43 0.79 -8.64
N ASN A 150 -5.30 1.40 -7.84
CA ASN A 150 -4.95 2.62 -7.13
C ASN A 150 -3.80 2.40 -6.16
N PHE A 151 -3.82 1.26 -5.49
CA PHE A 151 -2.77 0.94 -4.52
C PHE A 151 -1.80 -0.11 -5.06
N SER A 152 -0.52 0.27 -5.12
CA SER A 152 0.51 -0.63 -5.61
C SER A 152 0.60 -1.89 -4.74
N THR A 153 0.48 -1.72 -3.43
CA THR A 153 0.53 -2.85 -2.50
C THR A 153 -0.56 -2.76 -1.44
N LEU A 154 -0.99 -3.92 -0.95
CA LEU A 154 -2.03 -3.99 0.07
C LEU A 154 -1.47 -4.61 1.36
N THR A 155 -1.73 -3.94 2.48
CA THR A 155 -1.26 -4.41 3.78
C THR A 155 -2.44 -4.67 4.72
N VAL A 156 -2.33 -5.71 5.52
CA VAL A 156 -3.41 -6.05 6.45
C VAL A 156 -3.65 -4.91 7.42
N ASP A 157 -2.57 -4.36 7.95
CA ASP A 157 -2.64 -3.25 8.89
C ASP A 157 -3.09 -1.96 8.20
N ASP A 158 -2.60 -1.74 6.98
CA ASP A 158 -2.92 -0.53 6.23
C ASP A 158 -4.39 -0.47 5.81
N VAL A 159 -5.00 0.69 6.04
CA VAL A 159 -6.38 0.92 5.66
C VAL A 159 -6.40 1.72 4.36
N ILE A 160 -7.07 1.20 3.34
CA ILE A 160 -7.11 1.88 2.05
C ILE A 160 -8.47 2.55 1.80
N GLU A 161 -8.42 3.76 1.25
CA GLU A 161 -9.64 4.53 0.97
C GLU A 161 -9.76 4.85 -0.52
N ILE A 162 -10.98 4.77 -1.03
CA ILE A 162 -11.24 5.05 -2.43
C ILE A 162 -12.41 6.03 -2.57
N SER A 163 -12.33 6.91 -3.57
CA SER A 163 -13.38 7.88 -3.80
C SER A 163 -14.16 7.56 -5.07
N TYR A 164 -15.43 7.20 -4.90
CA TYR A 164 -16.30 6.87 -6.02
C TYR A 164 -17.49 7.82 -6.08
N ASN A 165 -17.60 8.56 -7.18
CA ASN A 165 -18.70 9.50 -7.36
C ASN A 165 -18.86 10.43 -6.15
N GLY A 166 -17.73 10.87 -5.60
CA GLY A 166 -17.77 11.78 -4.46
C GLY A 166 -17.84 11.08 -3.12
N LYS A 167 -18.00 9.76 -3.14
CA LYS A 167 -18.09 8.98 -1.91
C LYS A 167 -16.76 8.31 -1.59
N THR A 168 -16.36 8.34 -0.32
CA THR A 168 -15.10 7.74 0.11
C THR A 168 -15.33 6.52 0.99
N PHE A 169 -14.82 5.37 0.54
CA PHE A 169 -14.95 4.13 1.29
C PHE A 169 -13.59 3.55 1.64
N LYS A 170 -13.46 3.01 2.85
CA LYS A 170 -12.20 2.43 3.28
C LYS A 170 -12.38 0.96 3.62
N ILE A 171 -11.42 0.15 3.19
CA ILE A 171 -11.45 -1.28 3.44
C ILE A 171 -10.21 -1.70 4.21
N LYS A 172 -10.42 -2.26 5.39
CA LYS A 172 -9.33 -2.70 6.24
C LYS A 172 -9.16 -4.20 6.15
N ILE A 173 -7.95 -4.65 5.85
CA ILE A 173 -7.66 -6.06 5.74
C ILE A 173 -7.41 -6.67 7.12
N LEU A 174 -8.24 -7.65 7.50
CA LEU A 174 -8.12 -8.29 8.81
C LEU A 174 -6.87 -9.14 8.90
N GLU A 175 -6.73 -10.11 8.00
CA GLU A 175 -5.58 -10.98 7.99
C GLU A 175 -5.36 -11.54 6.58
N VAL A 176 -4.10 -11.78 6.24
CA VAL A 176 -3.75 -12.31 4.93
C VAL A 176 -2.63 -13.34 5.05
N LYS A 177 -2.64 -14.35 4.19
CA LYS A 177 -1.59 -15.37 4.21
C LYS A 177 -0.47 -14.99 3.27
N PRO A 178 0.67 -14.52 3.81
CA PRO A 178 1.82 -14.09 3.04
C PRO A 178 2.94 -15.13 3.04
N GLU A 179 3.87 -14.99 2.11
CA GLU A 179 5.00 -15.90 2.00
C GLU A 179 6.25 -15.30 2.64
N SER A 180 6.09 -14.13 3.28
CA SER A 180 7.22 -13.46 3.93
C SER A 180 6.80 -12.85 5.27
N SER A 181 7.79 -12.60 6.12
CA SER A 181 7.55 -12.02 7.43
C SER A 181 7.10 -10.56 7.33
N SER A 182 7.26 -9.98 6.15
CA SER A 182 6.88 -8.58 5.93
C SER A 182 5.39 -8.37 6.22
N LYS A 183 4.60 -9.43 6.08
CA LYS A 183 3.16 -9.35 6.32
C LYS A 183 2.52 -8.35 5.37
N SER A 184 2.99 -8.35 4.13
CA SER A 184 2.46 -7.45 3.11
C SER A 184 2.06 -8.25 1.88
N ILE A 185 1.01 -7.80 1.20
CA ILE A 185 0.54 -8.50 0.01
C ILE A 185 0.40 -7.54 -1.17
N CYS A 186 0.84 -8.00 -2.33
CA CYS A 186 0.73 -7.20 -3.54
C CYS A 186 0.39 -8.09 -4.72
N VAL A 187 -0.80 -7.88 -5.27
CA VAL A 187 -1.24 -8.64 -6.42
C VAL A 187 -1.53 -7.73 -7.58
N ILE A 188 -0.72 -7.84 -8.61
CA ILE A 188 -0.89 -7.02 -9.79
C ILE A 188 -1.99 -7.57 -10.69
N GLU A 189 -1.92 -8.86 -11.00
CA GLU A 189 -2.90 -9.49 -11.87
C GLU A 189 -4.08 -10.06 -11.08
N THR A 190 -3.90 -11.24 -10.50
CA THR A 190 -4.96 -11.90 -9.74
C THR A 190 -4.43 -13.09 -8.95
N ASP A 191 -3.18 -13.04 -8.53
CA ASP A 191 -2.57 -14.13 -7.78
C ASP A 191 -2.92 -14.05 -6.29
N LEU A 192 -3.74 -13.07 -5.92
CA LEU A 192 -4.14 -12.89 -4.53
C LEU A 192 -5.63 -13.20 -4.37
N VAL A 193 -5.95 -14.03 -3.40
CA VAL A 193 -7.34 -14.41 -3.14
C VAL A 193 -7.96 -13.53 -2.07
N THR A 194 -9.07 -12.88 -2.41
CA THR A 194 -9.77 -12.00 -1.48
C THR A 194 -11.00 -12.68 -0.89
N ASP A 195 -11.28 -12.38 0.36
CA ASP A 195 -12.44 -12.96 1.05
C ASP A 195 -13.27 -11.85 1.71
N PHE A 196 -14.58 -11.96 1.60
CA PHE A 196 -15.47 -10.97 2.18
C PHE A 196 -16.13 -11.51 3.44
N ALA A 197 -16.19 -10.67 4.47
CA ALA A 197 -16.80 -11.06 5.74
C ALA A 197 -17.99 -10.17 6.05
N PRO A 198 -18.86 -10.60 6.99
CA PRO A 198 -20.05 -9.84 7.36
C PRO A 198 -19.72 -8.39 7.69
N PRO A 199 -20.58 -7.45 7.27
CA PRO A 199 -20.38 -6.01 7.50
C PRO A 199 -20.25 -5.69 8.99
N VAL A 200 -19.66 -4.54 9.29
CA VAL A 200 -19.47 -4.12 10.68
C VAL A 200 -20.69 -3.38 11.21
N GLY A 201 -21.14 -3.78 12.39
CA GLY A 201 -22.30 -3.15 12.99
C GLY A 201 -23.09 -4.10 13.85
N TYR A 202 -23.40 -3.68 15.07
CA TYR A 202 -24.16 -4.51 16.00
C TYR A 202 -25.62 -4.07 16.04
N VAL A 203 -26.53 -5.04 15.95
CA VAL A 203 -27.96 -4.75 15.96
C VAL A 203 -28.63 -5.34 17.20
N GLU A 204 -29.40 -4.50 17.89
CA GLU A 204 -30.10 -4.93 19.10
C GLU A 204 -31.57 -5.24 18.79
N PRO A 205 -32.02 -6.47 19.06
CA PRO A 205 -33.40 -6.88 18.81
C PRO A 205 -34.40 -6.08 19.64
N ASP A 206 -35.62 -5.96 19.13
CA ASP A 206 -36.67 -5.22 19.83
C ASP A 206 -37.61 -6.18 20.56
N TYR A 207 -37.74 -5.98 21.87
CA TYR A 207 -38.61 -6.83 22.69
C TYR A 207 -39.94 -6.15 22.95
N LYS A 208 -41.03 -6.81 22.57
CA LYS A 208 -42.37 -6.28 22.76
C LYS A 208 -43.19 -7.16 23.70
N MET A 1 13.50 -27.39 1.46
CA MET A 1 14.89 -27.13 1.00
C MET A 1 15.91 -27.96 1.77
N PHE A 2 15.56 -29.19 2.11
CA PHE A 2 16.46 -30.08 2.84
C PHE A 2 16.73 -31.36 2.06
N SER A 3 17.98 -31.81 2.09
CA SER A 3 18.38 -33.03 1.41
C SER A 3 19.19 -33.92 2.35
N GLY A 4 19.02 -35.24 2.23
CA GLY A 4 19.75 -36.15 3.08
C GLY A 4 21.25 -36.01 2.96
N PHE A 5 21.71 -35.83 1.72
CA PHE A 5 23.14 -35.67 1.45
C PHE A 5 23.40 -34.36 0.73
N SER A 6 24.49 -33.69 1.10
CA SER A 6 24.86 -32.42 0.47
C SER A 6 25.31 -32.61 -0.98
N SER A 7 26.06 -33.68 -1.23
CA SER A 7 26.57 -33.97 -2.58
C SER A 7 25.45 -34.13 -3.60
N PHE A 8 24.38 -34.82 -3.21
CA PHE A 8 23.26 -35.05 -4.10
C PHE A 8 22.63 -33.74 -4.56
N GLY A 9 22.53 -32.78 -3.63
CA GLY A 9 21.95 -31.49 -3.97
C GLY A 9 20.54 -31.60 -4.49
N GLY A 10 20.32 -31.12 -5.71
CA GLY A 10 18.99 -31.19 -6.30
C GLY A 10 18.06 -30.10 -5.81
N GLY A 11 18.62 -29.10 -5.13
CA GLY A 11 17.81 -28.02 -4.61
C GLY A 11 18.56 -26.70 -4.54
N ASN A 12 18.02 -25.77 -3.78
CA ASN A 12 18.64 -24.45 -3.63
C ASN A 12 18.74 -23.74 -4.98
N GLY A 13 17.70 -23.88 -5.79
CA GLY A 13 17.69 -23.25 -7.10
C GLY A 13 16.79 -22.03 -7.16
N PHE A 14 15.94 -21.88 -6.14
CA PHE A 14 15.01 -20.74 -6.08
C PHE A 14 15.26 -19.91 -4.84
N VAL A 15 15.18 -18.59 -4.99
CA VAL A 15 15.40 -17.68 -3.87
C VAL A 15 14.07 -17.18 -3.32
N ASN A 16 13.82 -17.45 -2.04
CA ASN A 16 12.58 -17.03 -1.40
C ASN A 16 12.76 -15.75 -0.60
N MET A 17 13.98 -15.21 -0.61
CA MET A 17 14.27 -13.98 0.12
C MET A 17 13.87 -12.74 -0.70
N PRO A 18 13.02 -11.87 -0.14
CA PRO A 18 12.57 -10.65 -0.82
C PRO A 18 13.64 -9.58 -0.85
N GLN A 19 13.49 -8.63 -1.77
CA GLN A 19 14.45 -7.54 -1.89
C GLN A 19 13.88 -6.28 -1.25
N THR A 20 14.62 -5.72 -0.29
CA THR A 20 14.16 -4.51 0.40
C THR A 20 15.15 -3.37 0.23
N PHE A 21 14.63 -2.22 -0.17
CA PHE A 21 15.45 -1.02 -0.35
C PHE A 21 14.93 0.09 0.56
N GLU A 22 15.82 0.67 1.36
CA GLU A 22 15.41 1.74 2.28
C GLU A 22 16.17 3.04 2.03
N GLU A 23 15.41 4.14 1.93
CA GLU A 23 15.99 5.46 1.70
C GLU A 23 15.13 6.52 2.41
N PHE A 24 15.75 7.67 2.71
CA PHE A 24 15.04 8.75 3.40
C PHE A 24 14.64 9.87 2.44
N PHE A 25 13.35 10.21 2.45
CA PHE A 25 12.84 11.27 1.58
C PHE A 25 12.00 12.25 2.39
N ARG A 26 11.97 13.51 1.95
CA ARG A 26 11.20 14.54 2.63
C ARG A 26 9.74 14.47 2.20
N CYS A 27 8.83 14.50 3.18
CA CYS A 27 7.41 14.42 2.89
C CYS A 27 6.71 15.75 3.07
N TYR A 28 5.74 16.00 2.18
CA TYR A 28 4.96 17.22 2.24
C TYR A 28 3.50 16.94 1.91
N PRO A 29 2.58 17.75 2.43
CA PRO A 29 1.15 17.58 2.18
C PRO A 29 0.79 17.81 0.71
N ILE A 30 0.25 16.78 0.05
CA ILE A 30 -0.14 16.85 -1.35
C ILE A 30 -1.18 17.95 -1.57
N ALA A 31 -2.10 18.09 -0.62
CA ALA A 31 -3.18 19.08 -0.72
C ALA A 31 -2.65 20.47 -1.05
N MET A 32 -1.37 20.73 -0.81
CA MET A 32 -0.79 22.03 -1.11
C MET A 32 -0.70 22.23 -2.62
N MET A 33 -0.50 21.15 -3.35
CA MET A 33 -0.39 21.22 -4.81
C MET A 33 -1.66 21.78 -5.43
N ASN A 34 -1.50 22.57 -6.48
CA ASN A 34 -2.63 23.18 -7.17
C ASN A 34 -3.59 22.12 -7.71
N ASP A 35 -4.86 22.47 -7.80
CA ASP A 35 -5.90 21.57 -8.29
C ASP A 35 -5.61 21.12 -9.70
N ARG A 36 -5.01 22.01 -10.49
CA ARG A 36 -4.68 21.71 -11.88
C ARG A 36 -3.71 20.54 -11.95
N ILE A 37 -2.80 20.45 -11.00
CA ILE A 37 -1.82 19.37 -10.96
C ILE A 37 -2.14 18.38 -9.84
N ARG A 38 -3.22 18.66 -9.12
CA ARG A 38 -3.66 17.83 -8.01
C ARG A 38 -4.89 17.00 -8.40
N LYS A 39 -4.82 15.70 -8.14
CA LYS A 39 -5.92 14.79 -8.45
C LYS A 39 -6.68 14.39 -7.19
N ASP A 40 -8.01 14.45 -7.25
CA ASP A 40 -8.85 14.09 -6.11
C ASP A 40 -8.62 12.63 -5.70
N ASP A 41 -8.49 11.76 -6.68
CA ASP A 41 -8.27 10.34 -6.41
C ASP A 41 -6.96 10.12 -5.66
N ALA A 42 -5.93 10.88 -6.06
CA ALA A 42 -4.63 10.77 -5.41
C ALA A 42 -4.70 11.11 -3.93
N ASN A 43 -5.48 12.13 -3.61
CA ASN A 43 -5.63 12.56 -2.22
C ASN A 43 -6.19 11.45 -1.34
N PHE A 44 -7.15 10.70 -1.87
CA PHE A 44 -7.75 9.60 -1.14
C PHE A 44 -7.16 8.26 -1.56
N GLY A 45 -6.20 8.30 -2.49
CA GLY A 45 -5.57 7.07 -2.96
C GLY A 45 -4.27 6.75 -2.23
N GLY A 46 -3.64 5.65 -2.62
CA GLY A 46 -2.39 5.25 -1.99
C GLY A 46 -1.20 5.46 -2.91
N LYS A 47 -1.31 6.45 -3.79
CA LYS A 47 -0.26 6.77 -4.74
C LYS A 47 0.59 7.96 -4.27
N ILE A 48 1.90 7.73 -4.15
CA ILE A 48 2.81 8.79 -3.71
C ILE A 48 3.80 9.15 -4.81
N PHE A 49 4.24 10.40 -4.82
CA PHE A 49 5.20 10.87 -5.81
C PHE A 49 6.59 10.97 -5.21
N LEU A 50 7.57 10.45 -5.95
CA LEU A 50 8.96 10.46 -5.49
C LEU A 50 9.89 10.98 -6.59
N PRO A 51 11.13 11.32 -6.24
CA PRO A 51 12.10 11.81 -7.21
C PRO A 51 12.61 10.72 -8.14
N PRO A 52 13.12 11.11 -9.32
CA PRO A 52 13.65 10.16 -10.31
C PRO A 52 14.95 9.51 -9.86
N SER A 53 15.67 10.16 -8.95
CA SER A 53 16.95 9.64 -8.46
C SER A 53 16.76 8.28 -7.80
N ALA A 54 15.69 8.14 -7.04
CA ALA A 54 15.39 6.88 -6.36
C ALA A 54 14.99 5.82 -7.36
N LEU A 55 14.17 6.22 -8.33
CA LEU A 55 13.69 5.30 -9.35
C LEU A 55 14.84 4.75 -10.18
N SER A 56 15.80 5.62 -10.52
CA SER A 56 16.94 5.21 -11.33
C SER A 56 17.74 4.09 -10.65
N LYS A 57 17.95 4.24 -9.35
CA LYS A 57 18.69 3.26 -8.57
C LYS A 57 17.99 1.90 -8.61
N LEU A 58 16.67 1.93 -8.54
CA LEU A 58 15.85 0.72 -8.56
C LEU A 58 16.07 -0.06 -9.85
N SER A 59 16.18 0.67 -10.95
CA SER A 59 16.39 0.05 -12.25
C SER A 59 17.68 -0.76 -12.26
N MET A 60 18.69 -0.23 -11.59
CA MET A 60 19.99 -0.90 -11.50
C MET A 60 19.84 -2.27 -10.84
N LEU A 61 18.99 -2.35 -9.82
CA LEU A 61 18.76 -3.60 -9.11
C LEU A 61 17.82 -4.52 -9.87
N ASN A 62 17.32 -4.05 -11.01
CA ASN A 62 16.43 -4.85 -11.84
C ASN A 62 15.16 -5.25 -11.08
N ILE A 63 14.62 -4.32 -10.30
CA ILE A 63 13.41 -4.58 -9.53
C ILE A 63 12.19 -4.69 -10.45
N ARG A 64 11.42 -5.77 -10.27
CA ARG A 64 10.23 -6.00 -11.08
C ARG A 64 9.06 -5.13 -10.65
N TYR A 65 8.29 -4.67 -11.63
CA TYR A 65 7.12 -3.83 -11.36
C TYR A 65 5.89 -4.70 -11.11
N PRO A 66 4.86 -4.15 -10.42
CA PRO A 66 4.86 -2.77 -9.93
C PRO A 66 5.78 -2.58 -8.73
N MET A 67 6.36 -1.39 -8.64
CA MET A 67 7.26 -1.07 -7.55
C MET A 67 6.48 -0.89 -6.26
N LEU A 68 7.05 -1.39 -5.16
CA LEU A 68 6.39 -1.30 -3.87
C LEU A 68 7.20 -0.43 -2.91
N PHE A 69 6.53 0.49 -2.23
CA PHE A 69 7.19 1.37 -1.28
C PHE A 69 6.60 1.23 0.12
N LYS A 70 7.48 1.25 1.12
CA LYS A 70 7.07 1.14 2.51
C LYS A 70 7.37 2.42 3.28
N LEU A 71 6.38 2.92 4.00
CA LEU A 71 6.54 4.14 4.78
C LEU A 71 6.81 3.84 6.25
N THR A 72 7.84 4.48 6.81
CA THR A 72 8.20 4.26 8.21
C THR A 72 8.12 5.57 9.00
N ALA A 73 7.42 5.53 10.14
CA ALA A 73 7.28 6.71 10.99
C ALA A 73 7.97 6.48 12.34
N ASN A 74 9.00 7.27 12.61
CA ASN A 74 9.75 7.17 13.86
C ASN A 74 8.90 7.63 15.05
N GLU A 75 8.13 8.70 14.85
CA GLU A 75 7.30 9.25 15.90
C GLU A 75 6.27 8.24 16.40
N THR A 76 5.70 7.47 15.49
CA THR A 76 4.69 6.48 15.87
C THR A 76 5.28 5.07 15.94
N GLY A 77 6.44 4.88 15.33
CA GLY A 77 7.08 3.58 15.34
C GLY A 77 6.35 2.56 14.47
N ARG A 78 5.28 3.00 13.82
CA ARG A 78 4.51 2.13 12.95
C ARG A 78 4.87 2.35 11.49
N VAL A 79 4.93 1.27 10.73
CA VAL A 79 5.28 1.36 9.33
C VAL A 79 4.16 0.83 8.41
N THR A 80 3.66 1.70 7.54
CA THR A 80 2.61 1.33 6.61
C THR A 80 3.15 1.29 5.18
N HIS A 81 2.74 0.30 4.41
CA HIS A 81 3.19 0.17 3.04
C HIS A 81 2.34 1.03 2.11
N GLY A 82 2.96 2.04 1.52
CA GLY A 82 2.26 2.92 0.61
C GLY A 82 2.48 2.56 -0.84
N GLY A 83 1.57 2.99 -1.71
CA GLY A 83 1.71 2.70 -3.12
C GLY A 83 2.41 3.82 -3.86
N VAL A 84 2.86 3.55 -5.09
CA VAL A 84 3.58 4.57 -5.87
C VAL A 84 3.00 4.73 -7.26
N LEU A 85 2.79 5.99 -7.64
CA LEU A 85 2.27 6.33 -8.96
C LEU A 85 3.41 6.56 -9.95
N GLU A 86 4.00 7.74 -9.87
CA GLU A 86 5.10 8.10 -10.76
C GLU A 86 6.07 9.07 -10.08
N PHE A 87 7.30 9.16 -10.61
CA PHE A 87 8.30 10.06 -10.05
C PHE A 87 8.33 11.37 -10.84
N ILE A 88 8.01 12.47 -10.19
CA ILE A 88 8.00 13.78 -10.84
C ILE A 88 8.78 14.82 -10.06
N ALA A 89 9.28 14.45 -8.89
CA ALA A 89 10.04 15.39 -8.06
C ALA A 89 11.52 15.36 -8.41
N GLU A 90 11.94 16.32 -9.23
CA GLU A 90 13.34 16.41 -9.64
C GLU A 90 14.20 16.86 -8.46
N GLU A 91 13.68 17.78 -7.68
CA GLU A 91 14.39 18.31 -6.52
C GLU A 91 14.51 17.29 -5.39
N GLY A 92 13.66 16.28 -5.41
CA GLY A 92 13.70 15.25 -4.37
C GLY A 92 12.71 15.48 -3.26
N ARG A 93 11.44 15.62 -3.62
CA ARG A 93 10.39 15.84 -2.63
C ARG A 93 9.33 14.75 -2.70
N VAL A 94 8.79 14.39 -1.55
CA VAL A 94 7.76 13.36 -1.48
C VAL A 94 6.48 13.90 -0.88
N TYR A 95 5.37 13.62 -1.54
CA TYR A 95 4.08 14.07 -1.07
C TYR A 95 3.17 12.87 -0.83
N LEU A 96 2.40 12.91 0.26
CA LEU A 96 1.47 11.83 0.59
C LEU A 96 0.12 12.39 1.02
N PRO A 97 -0.94 11.57 0.93
CA PRO A 97 -2.30 12.00 1.30
C PRO A 97 -2.48 12.20 2.80
N GLN A 98 -3.48 12.98 3.18
CA GLN A 98 -3.76 13.28 4.59
C GLN A 98 -4.11 12.05 5.40
N TRP A 99 -4.88 11.13 4.82
CA TRP A 99 -5.26 9.93 5.54
C TRP A 99 -4.05 9.07 5.90
N MET A 100 -3.09 8.97 4.97
CA MET A 100 -1.89 8.17 5.22
C MET A 100 -1.01 8.80 6.31
N MET A 101 -0.89 10.12 6.28
CA MET A 101 -0.08 10.82 7.28
C MET A 101 -0.62 10.59 8.68
N GLU A 102 -1.94 10.59 8.81
CA GLU A 102 -2.57 10.37 10.11
C GLU A 102 -2.29 8.96 10.61
N THR A 103 -2.34 8.00 9.70
CA THR A 103 -2.08 6.61 10.05
C THR A 103 -0.66 6.42 10.55
N LEU A 104 0.27 7.11 9.90
CA LEU A 104 1.69 7.03 10.27
C LEU A 104 2.03 8.03 11.38
N GLY A 105 1.10 8.93 11.69
CA GLY A 105 1.35 9.91 12.72
C GLY A 105 2.51 10.81 12.38
N ILE A 106 2.59 11.24 11.11
CA ILE A 106 3.67 12.09 10.65
C ILE A 106 3.15 13.50 10.37
N GLN A 107 3.88 14.49 10.85
CA GLN A 107 3.52 15.89 10.66
C GLN A 107 4.29 16.48 9.47
N PRO A 108 3.80 17.59 8.90
CA PRO A 108 4.46 18.23 7.75
C PRO A 108 5.88 18.68 8.06
N GLY A 109 6.33 18.48 9.30
CA GLY A 109 7.68 18.86 9.67
C GLY A 109 8.60 17.66 9.84
N SER A 110 8.00 16.46 9.88
CA SER A 110 8.77 15.23 10.05
C SER A 110 9.09 14.60 8.70
N LEU A 111 10.19 13.87 8.63
CA LEU A 111 10.61 13.21 7.40
C LEU A 111 9.84 11.90 7.19
N LEU A 112 9.77 11.45 5.95
CA LEU A 112 9.07 10.22 5.61
C LEU A 112 10.04 9.23 4.98
N GLN A 113 10.02 8.00 5.47
CA GLN A 113 10.92 6.98 4.96
C GLN A 113 10.20 6.04 4.01
N ILE A 114 10.68 5.98 2.78
CA ILE A 114 10.11 5.10 1.78
C ILE A 114 11.07 3.96 1.46
N SER A 115 10.57 2.74 1.58
CA SER A 115 11.39 1.57 1.31
C SER A 115 10.81 0.74 0.18
N SER A 116 11.60 0.57 -0.87
CA SER A 116 11.18 -0.20 -2.03
C SER A 116 11.54 -1.68 -1.86
N THR A 117 10.52 -2.52 -1.69
CA THR A 117 10.76 -3.94 -1.51
C THR A 117 9.86 -4.80 -2.38
N ASP A 118 10.35 -5.97 -2.75
CA ASP A 118 9.57 -6.90 -3.53
C ASP A 118 9.09 -8.05 -2.66
N VAL A 119 7.77 -8.18 -2.57
CA VAL A 119 7.16 -9.22 -1.77
C VAL A 119 6.39 -10.19 -2.64
N PRO A 120 6.26 -11.45 -2.20
CA PRO A 120 5.52 -12.45 -2.96
C PRO A 120 4.10 -12.01 -3.21
N LEU A 121 3.43 -12.70 -4.12
CA LEU A 121 2.06 -12.37 -4.47
C LEU A 121 1.06 -13.18 -3.65
N GLY A 122 0.22 -12.47 -2.89
CA GLY A 122 -0.79 -13.14 -2.07
C GLY A 122 -1.88 -13.79 -2.91
N GLN A 123 -2.41 -14.91 -2.44
CA GLN A 123 -3.44 -15.62 -3.20
C GLN A 123 -4.85 -15.33 -2.69
N PHE A 124 -4.95 -14.85 -1.45
CA PHE A 124 -6.26 -14.55 -0.87
C PHE A 124 -6.20 -13.35 0.07
N VAL A 125 -7.13 -12.43 -0.12
CA VAL A 125 -7.19 -11.24 0.74
C VAL A 125 -8.59 -11.00 1.27
N LYS A 126 -8.68 -10.83 2.58
CA LYS A 126 -9.95 -10.58 3.24
C LYS A 126 -10.16 -9.08 3.47
N LEU A 127 -11.23 -8.55 2.90
CA LEU A 127 -11.53 -7.13 3.04
C LEU A 127 -12.81 -6.93 3.83
N GLU A 128 -12.77 -5.98 4.76
CA GLU A 128 -13.93 -5.68 5.59
C GLU A 128 -14.67 -4.45 5.09
N PRO A 129 -16.00 -4.57 4.88
CA PRO A 129 -16.82 -3.46 4.40
C PRO A 129 -17.19 -2.48 5.51
N GLN A 130 -17.81 -1.37 5.15
CA GLN A 130 -18.22 -0.37 6.11
C GLN A 130 -19.64 0.10 5.81
N SER A 131 -20.51 -0.06 6.78
CA SER A 131 -21.91 0.33 6.64
C SER A 131 -22.56 -0.41 5.48
N VAL A 132 -22.01 -1.57 5.14
CA VAL A 132 -22.53 -2.39 4.04
C VAL A 132 -22.89 -1.54 2.83
N ASP A 133 -22.28 -0.37 2.71
CA ASP A 133 -22.55 0.52 1.60
C ASP A 133 -21.98 -0.07 0.30
N PHE A 134 -20.79 -0.66 0.40
CA PHE A 134 -20.14 -1.28 -0.75
C PHE A 134 -21.00 -2.40 -1.33
N LEU A 135 -21.60 -3.17 -0.43
CA LEU A 135 -22.45 -4.28 -0.83
C LEU A 135 -23.69 -3.80 -1.56
N ASP A 136 -24.07 -2.54 -1.32
CA ASP A 136 -25.25 -1.96 -1.95
C ASP A 136 -25.02 -1.71 -3.43
N ILE A 137 -23.75 -1.66 -3.83
CA ILE A 137 -23.38 -1.44 -5.22
C ILE A 137 -23.82 -2.62 -6.09
N SER A 138 -24.36 -2.31 -7.26
CA SER A 138 -24.82 -3.33 -8.18
C SER A 138 -23.69 -4.25 -8.61
N ASP A 139 -22.52 -3.68 -8.84
CA ASP A 139 -21.35 -4.46 -9.25
C ASP A 139 -20.15 -4.13 -8.37
N PRO A 140 -20.18 -4.58 -7.11
CA PRO A 140 -19.10 -4.32 -6.16
C PRO A 140 -17.80 -4.99 -6.58
N LYS A 141 -17.90 -6.13 -7.27
CA LYS A 141 -16.72 -6.85 -7.72
C LYS A 141 -15.86 -5.99 -8.64
N ALA A 142 -16.50 -5.25 -9.53
CA ALA A 142 -15.78 -4.38 -10.45
C ALA A 142 -15.02 -3.30 -9.71
N VAL A 143 -15.65 -2.74 -8.69
CA VAL A 143 -15.04 -1.69 -7.89
C VAL A 143 -13.81 -2.22 -7.15
N LEU A 144 -13.94 -3.43 -6.61
CA LEU A 144 -12.86 -4.06 -5.86
C LEU A 144 -11.62 -4.23 -6.73
N GLU A 145 -11.80 -4.66 -7.98
CA GLU A 145 -10.68 -4.87 -8.87
C GLU A 145 -9.92 -3.57 -9.10
N ASN A 146 -10.67 -2.48 -9.22
CA ASN A 146 -10.07 -1.17 -9.42
C ASN A 146 -9.20 -0.77 -8.24
N VAL A 147 -9.69 -1.09 -7.04
CA VAL A 147 -8.98 -0.77 -5.81
C VAL A 147 -7.60 -1.42 -5.77
N LEU A 148 -7.54 -2.67 -6.23
CA LEU A 148 -6.29 -3.40 -6.22
C LEU A 148 -5.24 -2.69 -7.07
N ARG A 149 -5.68 -2.15 -8.20
CA ARG A 149 -4.80 -1.42 -9.10
C ARG A 149 -4.35 -0.10 -8.50
N ASN A 150 -5.27 0.58 -7.82
CA ASN A 150 -5.00 1.86 -7.20
C ASN A 150 -3.89 1.76 -6.16
N PHE A 151 -3.89 0.68 -5.38
CA PHE A 151 -2.89 0.49 -4.34
C PHE A 151 -1.82 -0.51 -4.78
N SER A 152 -0.59 -0.03 -4.86
CA SER A 152 0.53 -0.87 -5.25
C SER A 152 0.76 -1.99 -4.24
N THR A 153 0.62 -1.66 -2.97
CA THR A 153 0.83 -2.64 -1.90
C THR A 153 -0.40 -2.77 -1.00
N LEU A 154 -0.70 -4.00 -0.59
CA LEU A 154 -1.82 -4.26 0.30
C LEU A 154 -1.32 -4.94 1.57
N THR A 155 -1.68 -4.36 2.71
CA THR A 155 -1.27 -4.90 4.00
C THR A 155 -2.47 -5.14 4.90
N VAL A 156 -2.41 -6.21 5.68
CA VAL A 156 -3.50 -6.55 6.58
C VAL A 156 -3.72 -5.43 7.59
N ASP A 157 -2.61 -4.90 8.09
CA ASP A 157 -2.64 -3.81 9.07
C ASP A 157 -3.12 -2.49 8.46
N ASP A 158 -2.69 -2.20 7.24
CA ASP A 158 -3.04 -0.95 6.57
C ASP A 158 -4.47 -0.95 6.06
N VAL A 159 -5.12 0.20 6.21
CA VAL A 159 -6.50 0.39 5.74
C VAL A 159 -6.50 1.30 4.52
N ILE A 160 -7.01 0.81 3.40
CA ILE A 160 -7.03 1.58 2.17
C ILE A 160 -8.42 2.15 1.85
N GLU A 161 -8.44 3.40 1.39
CA GLU A 161 -9.69 4.08 1.06
C GLU A 161 -9.73 4.52 -0.40
N ILE A 162 -10.90 4.38 -1.02
CA ILE A 162 -11.10 4.76 -2.41
C ILE A 162 -12.29 5.69 -2.57
N SER A 163 -12.17 6.66 -3.47
CA SER A 163 -13.26 7.60 -3.72
C SER A 163 -13.85 7.38 -5.10
N TYR A 164 -15.11 6.98 -5.15
CA TYR A 164 -15.80 6.73 -6.42
C TYR A 164 -17.03 7.61 -6.56
N ASN A 165 -17.07 8.40 -7.64
CA ASN A 165 -18.19 9.30 -7.90
C ASN A 165 -18.45 10.22 -6.71
N GLY A 166 -17.38 10.71 -6.09
CA GLY A 166 -17.54 11.60 -4.96
C GLY A 166 -17.82 10.86 -3.66
N LYS A 167 -17.84 9.54 -3.71
CA LYS A 167 -18.11 8.73 -2.53
C LYS A 167 -16.82 8.10 -2.02
N THR A 168 -16.63 8.12 -0.71
CA THR A 168 -15.41 7.55 -0.11
C THR A 168 -15.72 6.26 0.64
N PHE A 169 -15.06 5.19 0.22
CA PHE A 169 -15.25 3.89 0.84
C PHE A 169 -13.92 3.38 1.41
N LYS A 170 -13.99 2.76 2.59
CA LYS A 170 -12.79 2.24 3.21
C LYS A 170 -12.91 0.74 3.46
N ILE A 171 -11.83 0.03 3.14
CA ILE A 171 -11.78 -1.41 3.33
C ILE A 171 -10.53 -1.80 4.10
N LYS A 172 -10.66 -2.74 5.02
CA LYS A 172 -9.53 -3.18 5.82
C LYS A 172 -9.19 -4.64 5.56
N ILE A 173 -7.91 -4.89 5.29
CA ILE A 173 -7.43 -6.24 5.04
C ILE A 173 -7.28 -7.00 6.36
N LEU A 174 -8.39 -7.53 6.88
CA LEU A 174 -8.38 -8.24 8.16
C LEU A 174 -7.46 -9.46 8.14
N GLU A 175 -7.60 -10.31 7.14
CA GLU A 175 -6.78 -11.52 7.04
C GLU A 175 -6.47 -11.88 5.59
N VAL A 176 -5.24 -12.30 5.33
CA VAL A 176 -4.83 -12.66 3.98
C VAL A 176 -3.85 -13.84 3.98
N LYS A 177 -3.72 -14.51 2.85
CA LYS A 177 -2.78 -15.62 2.72
C LYS A 177 -1.63 -15.20 1.81
N PRO A 178 -0.46 -14.90 2.40
CA PRO A 178 0.71 -14.46 1.65
C PRO A 178 1.72 -15.57 1.42
N GLU A 179 2.67 -15.30 0.53
CA GLU A 179 3.72 -16.27 0.21
C GLU A 179 5.01 -15.94 0.96
N SER A 180 4.94 -15.00 1.91
CA SER A 180 6.11 -14.60 2.71
C SER A 180 5.73 -14.37 4.16
N SER A 181 6.75 -14.38 5.02
CA SER A 181 6.55 -14.17 6.45
C SER A 181 6.19 -12.70 6.73
N SER A 182 6.40 -11.83 5.75
CA SER A 182 6.10 -10.40 5.92
C SER A 182 4.60 -10.20 6.19
N LYS A 183 3.80 -11.17 5.81
CA LYS A 183 2.35 -11.10 6.02
C LYS A 183 1.74 -9.90 5.29
N SER A 184 2.22 -9.66 4.08
CA SER A 184 1.71 -8.54 3.27
C SER A 184 1.36 -9.04 1.87
N ILE A 185 0.39 -8.39 1.24
CA ILE A 185 -0.02 -8.79 -0.10
C ILE A 185 0.22 -7.66 -1.08
N CYS A 186 1.06 -7.92 -2.06
CA CYS A 186 1.40 -6.94 -3.07
C CYS A 186 1.57 -7.59 -4.43
N VAL A 187 1.49 -6.78 -5.48
CA VAL A 187 1.66 -7.27 -6.84
C VAL A 187 0.41 -8.00 -7.33
N ILE A 188 -0.17 -7.52 -8.41
CA ILE A 188 -1.36 -8.13 -8.99
C ILE A 188 -1.10 -8.58 -10.42
N GLU A 189 -0.55 -9.78 -10.57
CA GLU A 189 -0.24 -10.31 -11.89
C GLU A 189 -0.84 -11.70 -12.10
N THR A 190 -1.16 -12.38 -11.01
CA THR A 190 -1.74 -13.73 -11.09
C THR A 190 -3.20 -13.74 -10.66
N ASP A 191 -3.84 -12.57 -10.68
CA ASP A 191 -5.24 -12.47 -10.28
C ASP A 191 -5.39 -12.67 -8.79
N LEU A 192 -5.39 -11.57 -8.05
CA LEU A 192 -5.51 -11.61 -6.60
C LEU A 192 -6.94 -11.92 -6.19
N VAL A 193 -7.10 -12.71 -5.14
CA VAL A 193 -8.43 -13.10 -4.65
C VAL A 193 -8.82 -12.26 -3.46
N THR A 194 -10.02 -11.67 -3.52
CA THR A 194 -10.53 -10.84 -2.43
C THR A 194 -11.80 -11.43 -1.85
N ASP A 195 -11.98 -11.28 -0.54
CA ASP A 195 -13.17 -11.80 0.14
C ASP A 195 -13.86 -10.71 0.95
N PHE A 196 -15.19 -10.71 0.92
CA PHE A 196 -15.98 -9.72 1.63
C PHE A 196 -16.68 -10.35 2.82
N ALA A 197 -16.73 -9.62 3.94
CA ALA A 197 -17.38 -10.12 5.14
C ALA A 197 -18.58 -9.26 5.54
N PRO A 198 -19.74 -9.89 5.78
CA PRO A 198 -20.96 -9.18 6.17
C PRO A 198 -20.72 -8.19 7.32
N PRO A 199 -20.07 -8.63 8.41
CA PRO A 199 -19.81 -7.74 9.55
C PRO A 199 -19.08 -6.47 9.13
N VAL A 200 -19.45 -5.36 9.76
CA VAL A 200 -18.86 -4.07 9.47
C VAL A 200 -17.54 -3.89 10.23
N GLY A 201 -16.58 -3.26 9.57
CA GLY A 201 -15.28 -3.04 10.19
C GLY A 201 -15.23 -1.84 11.10
N TYR A 202 -16.24 -1.67 11.94
CA TYR A 202 -16.26 -0.54 12.87
C TYR A 202 -15.80 -0.99 14.25
N VAL A 203 -14.90 -0.23 14.82
CA VAL A 203 -14.38 -0.54 16.13
C VAL A 203 -14.73 0.56 17.11
N GLU A 204 -15.28 0.19 18.25
CA GLU A 204 -15.66 1.16 19.27
C GLU A 204 -14.57 1.28 20.33
N PRO A 205 -13.99 2.49 20.50
CA PRO A 205 -12.93 2.71 21.48
C PRO A 205 -13.48 2.84 22.91
N ASP A 206 -13.28 1.80 23.71
CA ASP A 206 -13.74 1.81 25.09
C ASP A 206 -12.61 2.13 26.05
N TYR A 207 -12.78 3.20 26.83
CA TYR A 207 -11.77 3.62 27.79
C TYR A 207 -12.10 3.11 29.19
N LYS A 208 -11.15 2.41 29.80
CA LYS A 208 -11.34 1.87 31.14
C LYS A 208 -10.41 2.54 32.14
N MET A 1 13.13 -20.52 14.66
CA MET A 1 14.04 -20.57 15.85
C MET A 1 15.28 -19.72 15.63
N PHE A 2 15.81 -19.18 16.71
CA PHE A 2 17.01 -18.34 16.64
C PHE A 2 18.23 -19.17 16.26
N SER A 3 18.31 -20.37 16.80
CA SER A 3 19.43 -21.27 16.52
C SER A 3 18.94 -22.56 15.87
N GLY A 4 19.70 -23.04 14.89
CA GLY A 4 19.33 -24.27 14.19
C GLY A 4 18.08 -24.09 13.34
N PHE A 5 17.94 -24.96 12.34
CA PHE A 5 16.79 -24.90 11.45
C PHE A 5 15.97 -26.18 11.51
N SER A 6 14.65 -26.05 11.48
CA SER A 6 13.75 -27.20 11.54
C SER A 6 13.98 -28.12 10.34
N SER A 7 14.19 -27.52 9.18
CA SER A 7 14.41 -28.29 7.95
C SER A 7 15.81 -28.03 7.39
N PHE A 8 16.52 -29.10 7.08
CA PHE A 8 17.87 -28.99 6.54
C PHE A 8 17.86 -28.38 5.14
N GLY A 9 18.82 -27.51 4.88
CA GLY A 9 18.93 -26.87 3.58
C GLY A 9 19.59 -27.76 2.55
N GLY A 10 19.72 -27.26 1.32
CA GLY A 10 20.34 -28.03 0.27
C GLY A 10 20.52 -27.23 -1.01
N GLY A 11 21.19 -27.83 -1.99
CA GLY A 11 21.41 -27.17 -3.26
C GLY A 11 20.30 -27.41 -4.26
N ASN A 12 19.20 -28.02 -3.80
CA ASN A 12 18.07 -28.31 -4.67
C ASN A 12 16.97 -27.27 -4.50
N GLY A 13 16.50 -26.73 -5.62
CA GLY A 13 15.45 -25.72 -5.58
C GLY A 13 16.01 -24.32 -5.49
N PHE A 14 15.15 -23.32 -5.70
CA PHE A 14 15.56 -21.93 -5.63
C PHE A 14 14.79 -21.18 -4.55
N VAL A 15 15.49 -20.31 -3.83
CA VAL A 15 14.88 -19.52 -2.77
C VAL A 15 14.83 -18.05 -3.17
N ASN A 16 13.64 -17.47 -3.15
CA ASN A 16 13.47 -16.06 -3.51
C ASN A 16 13.36 -15.19 -2.27
N MET A 17 14.31 -14.28 -2.10
CA MET A 17 14.31 -13.38 -0.94
C MET A 17 13.86 -11.98 -1.34
N PRO A 18 12.92 -11.39 -0.58
CA PRO A 18 12.41 -10.05 -0.87
C PRO A 18 13.55 -9.03 -0.96
N GLN A 19 13.28 -7.90 -1.61
CA GLN A 19 14.29 -6.86 -1.76
C GLN A 19 13.91 -5.61 -0.98
N THR A 20 14.82 -5.14 -0.11
CA THR A 20 14.56 -3.96 0.70
C THR A 20 15.57 -2.86 0.42
N PHE A 21 15.05 -1.66 0.19
CA PHE A 21 15.88 -0.49 -0.08
C PHE A 21 15.39 0.69 0.76
N GLU A 22 16.30 1.35 1.46
CA GLU A 22 15.91 2.47 2.33
C GLU A 22 16.38 3.81 1.80
N GLU A 23 15.47 4.79 1.85
CA GLU A 23 15.76 6.15 1.41
C GLU A 23 15.08 7.16 2.33
N PHE A 24 15.57 8.39 2.32
CA PHE A 24 15.00 9.45 3.15
C PHE A 24 14.48 10.59 2.28
N PHE A 25 13.24 10.99 2.50
CA PHE A 25 12.64 12.08 1.74
C PHE A 25 11.82 12.99 2.64
N ARG A 26 11.70 14.24 2.24
CA ARG A 26 10.94 15.22 3.00
C ARG A 26 9.45 15.07 2.73
N CYS A 27 8.63 15.22 3.76
CA CYS A 27 7.18 15.11 3.59
C CYS A 27 6.52 16.47 3.49
N TYR A 28 5.78 16.67 2.41
CA TYR A 28 5.05 17.92 2.21
C TYR A 28 3.56 17.63 2.10
N PRO A 29 2.72 18.58 2.50
CA PRO A 29 1.27 18.43 2.45
C PRO A 29 0.72 18.69 1.05
N ILE A 30 0.18 17.64 0.44
CA ILE A 30 -0.40 17.77 -0.90
C ILE A 30 -1.56 18.75 -0.89
N ALA A 31 -2.37 18.70 0.17
CA ALA A 31 -3.51 19.56 0.32
C ALA A 31 -3.13 21.03 0.32
N MET A 32 -1.93 21.34 0.78
CA MET A 32 -1.45 22.72 0.81
C MET A 32 -1.24 23.25 -0.61
N MET A 33 -0.77 22.36 -1.49
CA MET A 33 -0.52 22.72 -2.88
C MET A 33 -1.83 23.15 -3.56
N ASN A 34 -1.75 24.18 -4.39
CA ASN A 34 -2.93 24.69 -5.10
C ASN A 34 -3.56 23.64 -6.00
N ASP A 35 -4.89 23.66 -6.07
CA ASP A 35 -5.64 22.71 -6.90
C ASP A 35 -5.23 22.83 -8.38
N ARG A 36 -4.76 24.01 -8.76
CA ARG A 36 -4.34 24.28 -10.13
C ARG A 36 -3.21 23.34 -10.54
N ILE A 37 -2.29 23.07 -9.61
CA ILE A 37 -1.16 22.18 -9.86
C ILE A 37 -1.35 20.87 -9.12
N ARG A 38 -2.34 20.84 -8.24
CA ARG A 38 -2.65 19.66 -7.44
C ARG A 38 -3.64 18.76 -8.16
N LYS A 39 -3.42 17.45 -8.07
CA LYS A 39 -4.29 16.47 -8.72
C LYS A 39 -5.26 15.86 -7.70
N ASP A 40 -6.55 15.93 -7.99
CA ASP A 40 -7.58 15.41 -7.09
C ASP A 40 -7.42 13.92 -6.87
N ASP A 41 -7.09 13.18 -7.93
CA ASP A 41 -6.90 11.74 -7.83
C ASP A 41 -5.78 11.39 -6.87
N ALA A 42 -4.70 12.17 -6.94
CA ALA A 42 -3.54 11.95 -6.08
C ALA A 42 -3.92 12.07 -4.61
N ASN A 43 -4.77 13.04 -4.31
CA ASN A 43 -5.22 13.26 -2.93
C ASN A 43 -5.91 12.03 -2.37
N PHE A 44 -6.73 11.39 -3.20
CA PHE A 44 -7.46 10.20 -2.78
C PHE A 44 -6.80 8.92 -3.31
N GLY A 45 -5.65 9.07 -3.95
CA GLY A 45 -4.97 7.91 -4.48
C GLY A 45 -3.91 7.38 -3.53
N GLY A 46 -3.51 6.13 -3.73
CA GLY A 46 -2.51 5.53 -2.87
C GLY A 46 -1.10 5.69 -3.43
N LYS A 47 -0.97 6.51 -4.46
CA LYS A 47 0.31 6.75 -5.10
C LYS A 47 0.88 8.11 -4.70
N ILE A 48 2.19 8.17 -4.53
CA ILE A 48 2.85 9.41 -4.12
C ILE A 48 3.90 9.87 -5.13
N PHE A 49 4.39 11.10 -4.97
CA PHE A 49 5.39 11.66 -5.87
C PHE A 49 6.80 11.57 -5.27
N LEU A 50 7.75 11.07 -6.06
CA LEU A 50 9.13 10.94 -5.59
C LEU A 50 10.13 11.29 -6.69
N PRO A 51 11.39 11.55 -6.33
CA PRO A 51 12.44 11.89 -7.30
C PRO A 51 12.87 10.68 -8.13
N PRO A 52 12.98 10.84 -9.46
CA PRO A 52 13.37 9.75 -10.37
C PRO A 52 14.73 9.14 -10.02
N SER A 53 15.47 9.81 -9.14
CA SER A 53 16.79 9.34 -8.73
C SER A 53 16.69 7.97 -8.08
N ALA A 54 15.65 7.76 -7.30
CA ALA A 54 15.45 6.48 -6.62
C ALA A 54 15.31 5.34 -7.63
N LEU A 55 14.69 5.62 -8.76
CA LEU A 55 14.49 4.60 -9.79
C LEU A 55 15.81 4.05 -10.29
N SER A 56 16.79 4.93 -10.46
CA SER A 56 18.11 4.51 -10.95
C SER A 56 18.75 3.50 -9.99
N LYS A 57 18.58 3.74 -8.70
CA LYS A 57 19.12 2.86 -7.68
C LYS A 57 18.42 1.50 -7.71
N LEU A 58 17.10 1.54 -7.91
CA LEU A 58 16.28 0.34 -7.96
C LEU A 58 16.71 -0.59 -9.07
N SER A 59 17.07 -0.01 -10.21
CA SER A 59 17.50 -0.79 -11.37
C SER A 59 18.73 -1.62 -11.00
N MET A 60 19.62 -1.01 -10.24
CA MET A 60 20.83 -1.68 -9.79
C MET A 60 20.49 -2.92 -8.97
N LEU A 61 19.47 -2.82 -8.13
CA LEU A 61 19.05 -3.92 -7.28
C LEU A 61 18.18 -4.92 -8.02
N ASN A 62 17.91 -4.64 -9.30
CA ASN A 62 17.09 -5.54 -10.10
C ASN A 62 15.70 -5.68 -9.51
N ILE A 63 15.11 -4.58 -9.08
CA ILE A 63 13.78 -4.60 -8.49
C ILE A 63 12.75 -5.05 -9.53
N ARG A 64 11.93 -6.03 -9.17
CA ARG A 64 10.90 -6.55 -10.06
C ARG A 64 9.77 -5.55 -10.28
N TYR A 65 9.29 -5.47 -11.52
CA TYR A 65 8.20 -4.56 -11.87
C TYR A 65 6.84 -5.23 -11.66
N PRO A 66 5.82 -4.48 -11.20
CA PRO A 66 5.93 -3.06 -10.90
C PRO A 66 6.70 -2.79 -9.61
N MET A 67 7.14 -1.55 -9.43
CA MET A 67 7.88 -1.15 -8.23
C MET A 67 6.93 -0.83 -7.08
N LEU A 68 7.24 -1.35 -5.90
CA LEU A 68 6.41 -1.09 -4.72
C LEU A 68 7.25 -0.47 -3.61
N PHE A 69 6.68 0.54 -2.93
CA PHE A 69 7.40 1.22 -1.86
C PHE A 69 6.62 1.19 -0.55
N LYS A 70 7.34 0.99 0.55
CA LYS A 70 6.74 0.96 1.86
C LYS A 70 7.00 2.26 2.60
N LEU A 71 5.95 2.91 3.08
CA LEU A 71 6.08 4.16 3.80
C LEU A 71 6.26 3.91 5.29
N THR A 72 7.36 4.41 5.84
CA THR A 72 7.66 4.24 7.25
C THR A 72 7.28 5.47 8.06
N ALA A 73 6.41 5.27 9.05
CA ALA A 73 5.97 6.35 9.93
C ALA A 73 6.39 6.07 11.36
N ASN A 74 6.93 7.09 12.02
CA ASN A 74 7.38 6.94 13.39
C ASN A 74 8.50 5.89 13.48
N GLU A 75 9.50 6.18 14.29
CA GLU A 75 10.63 5.27 14.45
C GLU A 75 10.18 3.91 14.97
N THR A 76 9.23 3.92 15.90
CA THR A 76 8.71 2.69 16.47
C THR A 76 7.19 2.65 16.44
N GLY A 77 6.58 3.51 15.63
CA GLY A 77 5.14 3.55 15.54
C GLY A 77 4.57 2.50 14.61
N ARG A 78 4.18 2.93 13.42
CA ARG A 78 3.61 2.01 12.42
C ARG A 78 4.12 2.34 11.02
N VAL A 79 4.28 1.29 10.21
CA VAL A 79 4.75 1.46 8.83
C VAL A 79 3.73 0.92 7.84
N THR A 80 3.22 1.79 6.96
CA THR A 80 2.25 1.38 5.95
C THR A 80 2.92 1.22 4.59
N HIS A 81 2.24 0.53 3.68
CA HIS A 81 2.75 0.31 2.33
C HIS A 81 2.05 1.22 1.34
N GLY A 82 2.79 2.14 0.74
CA GLY A 82 2.22 3.06 -0.22
C GLY A 82 2.55 2.69 -1.66
N GLY A 83 1.75 3.20 -2.59
CA GLY A 83 1.99 2.91 -4.00
C GLY A 83 2.83 3.99 -4.66
N VAL A 84 3.26 3.72 -5.89
CA VAL A 84 4.08 4.67 -6.62
C VAL A 84 3.46 5.04 -7.98
N LEU A 85 3.28 6.34 -8.19
CA LEU A 85 2.70 6.84 -9.43
C LEU A 85 3.79 7.17 -10.44
N GLU A 86 4.41 8.32 -10.26
CA GLU A 86 5.47 8.77 -11.14
C GLU A 86 6.47 9.62 -10.40
N PHE A 87 7.70 9.63 -10.87
CA PHE A 87 8.75 10.41 -10.25
C PHE A 87 8.95 11.71 -11.04
N ILE A 88 8.67 12.85 -10.39
CA ILE A 88 8.80 14.14 -11.05
C ILE A 88 9.60 15.14 -10.20
N ALA A 89 9.97 14.75 -8.99
CA ALA A 89 10.72 15.63 -8.11
C ALA A 89 12.22 15.47 -8.33
N GLU A 90 12.80 16.38 -9.10
CA GLU A 90 14.23 16.34 -9.38
C GLU A 90 15.03 16.65 -8.12
N GLU A 91 14.54 17.61 -7.35
CA GLU A 91 15.21 18.02 -6.11
C GLU A 91 15.20 16.94 -5.05
N GLY A 92 14.14 16.12 -5.07
CA GLY A 92 14.02 15.05 -4.09
C GLY A 92 12.93 15.31 -3.08
N ARG A 93 11.74 15.64 -3.57
CA ARG A 93 10.61 15.93 -2.71
C ARG A 93 9.47 14.93 -2.93
N VAL A 94 8.83 14.52 -1.84
CA VAL A 94 7.73 13.56 -1.90
C VAL A 94 6.51 14.10 -1.17
N TYR A 95 5.33 13.80 -1.72
CA TYR A 95 4.08 14.24 -1.12
C TYR A 95 3.20 13.05 -0.75
N LEU A 96 2.53 13.15 0.39
CA LEU A 96 1.65 12.09 0.86
C LEU A 96 0.19 12.55 0.91
N PRO A 97 -0.75 11.68 0.47
CA PRO A 97 -2.18 11.99 0.48
C PRO A 97 -2.68 12.44 1.86
N GLN A 98 -3.83 13.10 1.90
CA GLN A 98 -4.41 13.58 3.15
C GLN A 98 -4.69 12.42 4.11
N TRP A 99 -5.26 11.35 3.58
CA TRP A 99 -5.59 10.18 4.39
C TRP A 99 -4.34 9.46 4.84
N MET A 100 -3.34 9.41 3.96
CA MET A 100 -2.08 8.75 4.27
C MET A 100 -1.40 9.40 5.47
N MET A 101 -1.46 10.73 5.54
CA MET A 101 -0.83 11.46 6.63
C MET A 101 -1.44 11.05 7.98
N GLU A 102 -2.76 10.85 8.00
CA GLU A 102 -3.46 10.46 9.22
C GLU A 102 -3.11 9.04 9.62
N THR A 103 -3.03 8.16 8.63
CA THR A 103 -2.67 6.77 8.86
C THR A 103 -1.30 6.68 9.51
N LEU A 104 -0.39 7.53 9.03
CA LEU A 104 0.97 7.55 9.53
C LEU A 104 1.09 8.33 10.83
N GLY A 105 0.09 9.14 11.15
CA GLY A 105 0.16 9.92 12.37
C GLY A 105 1.21 10.99 12.31
N ILE A 106 1.50 11.46 11.10
CA ILE A 106 2.50 12.51 10.91
C ILE A 106 1.85 13.81 10.45
N GLN A 107 2.40 14.92 10.92
CA GLN A 107 1.88 16.24 10.57
C GLN A 107 2.74 16.88 9.49
N PRO A 108 2.19 17.90 8.80
CA PRO A 108 2.90 18.61 7.73
C PRO A 108 4.30 19.03 8.17
N GLY A 109 5.28 18.80 7.30
CA GLY A 109 6.65 19.15 7.60
C GLY A 109 7.42 18.04 8.28
N SER A 110 6.71 16.98 8.69
CA SER A 110 7.34 15.84 9.34
C SER A 110 8.17 15.05 8.34
N LEU A 111 9.22 14.40 8.83
CA LEU A 111 10.08 13.60 7.96
C LEU A 111 9.38 12.33 7.50
N LEU A 112 9.60 11.96 6.24
CA LEU A 112 8.97 10.77 5.68
C LEU A 112 10.03 9.83 5.12
N GLN A 113 9.94 8.56 5.51
CA GLN A 113 10.90 7.57 5.06
C GLN A 113 10.22 6.54 4.17
N ILE A 114 10.69 6.44 2.93
CA ILE A 114 10.14 5.48 1.98
C ILE A 114 11.21 4.47 1.57
N SER A 115 10.89 3.19 1.69
CA SER A 115 11.82 2.14 1.34
C SER A 115 11.25 1.25 0.23
N SER A 116 12.10 0.87 -0.73
CA SER A 116 11.65 0.01 -1.80
C SER A 116 11.63 -1.43 -1.33
N THR A 117 10.43 -1.97 -1.17
CA THR A 117 10.26 -3.34 -0.70
C THR A 117 9.54 -4.19 -1.72
N ASP A 118 10.10 -5.36 -2.02
CA ASP A 118 9.49 -6.28 -2.97
C ASP A 118 8.88 -7.45 -2.22
N VAL A 119 7.57 -7.63 -2.36
CA VAL A 119 6.87 -8.71 -1.68
C VAL A 119 6.28 -9.71 -2.66
N PRO A 120 6.18 -10.98 -2.24
CA PRO A 120 5.60 -12.03 -3.06
C PRO A 120 4.10 -11.84 -3.20
N LEU A 121 3.51 -12.47 -4.18
CA LEU A 121 2.09 -12.34 -4.42
C LEU A 121 1.29 -13.42 -3.68
N GLY A 122 0.40 -12.96 -2.80
CA GLY A 122 -0.44 -13.84 -2.03
C GLY A 122 -1.46 -14.56 -2.88
N GLN A 123 -2.07 -15.60 -2.33
CA GLN A 123 -3.06 -16.37 -3.07
C GLN A 123 -4.47 -16.11 -2.55
N PHE A 124 -4.59 -15.76 -1.27
CA PHE A 124 -5.90 -15.49 -0.69
C PHE A 124 -5.88 -14.25 0.20
N VAL A 125 -6.88 -13.38 0.00
CA VAL A 125 -6.99 -12.17 0.80
C VAL A 125 -8.41 -11.96 1.29
N LYS A 126 -8.55 -11.69 2.58
CA LYS A 126 -9.86 -11.44 3.18
C LYS A 126 -10.14 -9.96 3.23
N LEU A 127 -11.27 -9.55 2.66
CA LEU A 127 -11.66 -8.15 2.65
C LEU A 127 -12.78 -7.90 3.64
N GLU A 128 -12.61 -6.87 4.47
CA GLU A 128 -13.62 -6.54 5.47
C GLU A 128 -14.37 -5.26 5.06
N PRO A 129 -15.65 -5.38 4.67
CA PRO A 129 -16.47 -4.24 4.25
C PRO A 129 -16.79 -3.32 5.44
N GLN A 130 -17.26 -2.12 5.13
CA GLN A 130 -17.62 -1.15 6.14
C GLN A 130 -19.05 -0.69 5.94
N SER A 131 -19.88 -0.91 6.93
CA SER A 131 -21.28 -0.53 6.87
C SER A 131 -22.00 -1.24 5.74
N VAL A 132 -23.28 -1.54 5.95
CA VAL A 132 -24.08 -2.24 4.95
C VAL A 132 -24.17 -1.42 3.65
N ASP A 133 -23.94 -0.12 3.77
CA ASP A 133 -24.00 0.78 2.61
C ASP A 133 -22.99 0.36 1.56
N PHE A 134 -21.80 -0.03 2.00
CA PHE A 134 -20.76 -0.47 1.08
C PHE A 134 -21.22 -1.65 0.24
N LEU A 135 -21.93 -2.56 0.90
CA LEU A 135 -22.45 -3.76 0.22
C LEU A 135 -23.73 -3.43 -0.55
N ASP A 136 -24.25 -2.22 -0.36
CA ASP A 136 -25.47 -1.79 -1.04
C ASP A 136 -25.29 -1.83 -2.55
N ILE A 137 -24.07 -1.52 -3.00
CA ILE A 137 -23.77 -1.51 -4.43
C ILE A 137 -24.11 -2.86 -5.06
N SER A 138 -24.74 -2.83 -6.23
CA SER A 138 -25.13 -4.04 -6.94
C SER A 138 -23.94 -4.93 -7.26
N ASP A 139 -22.83 -4.30 -7.66
CA ASP A 139 -21.62 -5.06 -8.01
C ASP A 139 -20.40 -4.49 -7.30
N PRO A 140 -20.22 -4.84 -6.01
CA PRO A 140 -19.08 -4.39 -5.23
C PRO A 140 -17.78 -5.08 -5.63
N LYS A 141 -17.91 -6.27 -6.20
CA LYS A 141 -16.75 -7.04 -6.64
C LYS A 141 -15.96 -6.27 -7.70
N ALA A 142 -16.69 -5.63 -8.61
CA ALA A 142 -16.05 -4.86 -9.67
C ALA A 142 -15.31 -3.67 -9.08
N VAL A 143 -15.94 -3.01 -8.12
CA VAL A 143 -15.33 -1.87 -7.46
C VAL A 143 -14.03 -2.27 -6.78
N LEU A 144 -14.04 -3.44 -6.15
CA LEU A 144 -12.88 -3.94 -5.46
C LEU A 144 -11.71 -4.16 -6.41
N GLU A 145 -12.02 -4.65 -7.61
CA GLU A 145 -10.99 -4.89 -8.61
C GLU A 145 -10.35 -3.59 -9.06
N ASN A 146 -11.18 -2.56 -9.23
CA ASN A 146 -10.71 -1.25 -9.67
C ASN A 146 -9.78 -0.61 -8.65
N VAL A 147 -10.14 -0.73 -7.38
CA VAL A 147 -9.37 -0.14 -6.29
C VAL A 147 -8.02 -0.82 -6.12
N LEU A 148 -7.97 -2.12 -6.32
CA LEU A 148 -6.72 -2.86 -6.19
C LEU A 148 -5.68 -2.32 -7.17
N ARG A 149 -6.14 -2.01 -8.37
CA ARG A 149 -5.28 -1.46 -9.40
C ARG A 149 -4.71 -0.10 -8.95
N ASN A 150 -5.55 0.70 -8.31
CA ASN A 150 -5.14 2.01 -7.83
C ASN A 150 -4.00 1.90 -6.81
N PHE A 151 -4.07 0.91 -5.94
CA PHE A 151 -3.05 0.72 -4.92
C PHE A 151 -2.00 -0.29 -5.36
N SER A 152 -0.75 0.17 -5.44
CA SER A 152 0.36 -0.68 -5.86
C SER A 152 0.57 -1.85 -4.90
N THR A 153 0.44 -1.57 -3.61
CA THR A 153 0.61 -2.60 -2.59
C THR A 153 -0.58 -2.66 -1.65
N LEU A 154 -0.92 -3.87 -1.24
CA LEU A 154 -2.02 -4.08 -0.32
C LEU A 154 -1.52 -4.80 0.94
N THR A 155 -1.77 -4.21 2.09
CA THR A 155 -1.33 -4.78 3.37
C THR A 155 -2.52 -5.06 4.27
N VAL A 156 -2.53 -6.23 4.90
CA VAL A 156 -3.61 -6.62 5.79
C VAL A 156 -3.77 -5.65 6.95
N ASP A 157 -2.65 -5.23 7.50
CA ASP A 157 -2.63 -4.30 8.63
C ASP A 157 -3.05 -2.90 8.21
N ASP A 158 -2.66 -2.51 7.01
CA ASP A 158 -2.96 -1.18 6.49
C ASP A 158 -4.41 -1.03 6.07
N VAL A 159 -4.94 0.17 6.26
CA VAL A 159 -6.32 0.48 5.89
C VAL A 159 -6.31 1.43 4.69
N ILE A 160 -6.91 0.99 3.59
CA ILE A 160 -6.94 1.81 2.38
C ILE A 160 -8.26 2.57 2.25
N GLU A 161 -8.16 3.82 1.78
CA GLU A 161 -9.33 4.67 1.61
C GLU A 161 -9.49 5.10 0.15
N ILE A 162 -10.73 5.13 -0.30
CA ILE A 162 -11.04 5.51 -1.68
C ILE A 162 -12.24 6.45 -1.73
N SER A 163 -12.23 7.39 -2.68
CA SER A 163 -13.33 8.33 -2.82
C SER A 163 -14.03 8.12 -4.16
N TYR A 164 -15.31 7.79 -4.11
CA TYR A 164 -16.11 7.58 -5.30
C TYR A 164 -17.36 8.45 -5.29
N ASN A 165 -17.49 9.31 -6.30
CA ASN A 165 -18.64 10.20 -6.41
C ASN A 165 -18.75 11.13 -5.21
N GLY A 166 -17.61 11.49 -4.63
CA GLY A 166 -17.60 12.37 -3.47
C GLY A 166 -17.69 11.63 -2.16
N LYS A 167 -17.97 10.33 -2.21
CA LYS A 167 -18.07 9.52 -1.01
C LYS A 167 -16.80 8.71 -0.80
N THR A 168 -16.37 8.59 0.45
CA THR A 168 -15.15 7.85 0.77
C THR A 168 -15.47 6.55 1.49
N PHE A 169 -14.90 5.46 1.00
CA PHE A 169 -15.11 4.15 1.60
C PHE A 169 -13.77 3.56 2.06
N LYS A 170 -13.78 2.93 3.23
CA LYS A 170 -12.55 2.33 3.76
C LYS A 170 -12.55 0.83 3.57
N ILE A 171 -11.43 0.31 3.10
CA ILE A 171 -11.29 -1.12 2.91
C ILE A 171 -10.13 -1.63 3.74
N LYS A 172 -10.43 -2.55 4.64
CA LYS A 172 -9.42 -3.12 5.51
C LYS A 172 -9.34 -4.62 5.31
N ILE A 173 -8.13 -5.11 5.12
CA ILE A 173 -7.93 -6.52 4.91
C ILE A 173 -7.85 -7.24 6.25
N LEU A 174 -8.59 -8.33 6.37
CA LEU A 174 -8.63 -9.09 7.62
C LEU A 174 -7.47 -10.08 7.72
N GLU A 175 -7.51 -11.11 6.91
CA GLU A 175 -6.46 -12.14 6.91
C GLU A 175 -6.16 -12.56 5.48
N VAL A 176 -4.89 -12.76 5.19
CA VAL A 176 -4.47 -13.16 3.85
C VAL A 176 -3.37 -14.21 3.91
N LYS A 177 -3.32 -15.09 2.91
CA LYS A 177 -2.28 -16.11 2.87
C LYS A 177 -1.16 -15.68 1.92
N PRO A 178 -0.01 -15.23 2.47
CA PRO A 178 1.13 -14.79 1.70
C PRO A 178 2.25 -15.81 1.65
N GLU A 179 3.31 -15.47 0.92
CA GLU A 179 4.46 -16.35 0.79
C GLU A 179 5.59 -15.92 1.72
N SER A 180 5.35 -14.85 2.49
CA SER A 180 6.35 -14.34 3.42
C SER A 180 5.73 -13.94 4.76
N SER A 181 6.52 -14.02 5.81
CA SER A 181 6.06 -13.67 7.15
C SER A 181 5.84 -12.17 7.31
N SER A 182 6.28 -11.39 6.32
CA SER A 182 6.12 -9.94 6.35
C SER A 182 4.67 -9.53 6.54
N LYS A 183 3.76 -10.38 6.07
CA LYS A 183 2.32 -10.11 6.17
C LYS A 183 1.91 -8.96 5.25
N SER A 184 2.72 -8.73 4.21
CA SER A 184 2.43 -7.67 3.25
C SER A 184 2.39 -8.25 1.84
N ILE A 185 1.45 -7.78 1.02
CA ILE A 185 1.31 -8.29 -0.33
C ILE A 185 1.19 -7.17 -1.37
N CYS A 186 1.85 -7.36 -2.50
CA CYS A 186 1.82 -6.39 -3.60
C CYS A 186 1.24 -7.04 -4.84
N VAL A 187 0.03 -6.62 -5.21
CA VAL A 187 -0.64 -7.17 -6.38
C VAL A 187 -1.39 -6.08 -7.15
N ILE A 188 -0.80 -5.61 -8.23
CA ILE A 188 -1.43 -4.57 -9.03
C ILE A 188 -2.16 -5.15 -10.23
N GLU A 189 -1.38 -5.69 -11.15
CA GLU A 189 -1.91 -6.27 -12.38
C GLU A 189 -2.13 -7.78 -12.22
N THR A 190 -1.69 -8.33 -11.09
CA THR A 190 -1.82 -9.75 -10.84
C THR A 190 -3.22 -10.10 -10.36
N ASP A 191 -3.48 -11.40 -10.22
CA ASP A 191 -4.78 -11.89 -9.79
C ASP A 191 -4.74 -12.32 -8.33
N LEU A 192 -5.59 -11.68 -7.53
CA LEU A 192 -5.66 -11.99 -6.11
C LEU A 192 -7.07 -12.46 -5.75
N VAL A 193 -7.16 -13.47 -4.90
CA VAL A 193 -8.45 -13.99 -4.48
C VAL A 193 -8.96 -13.25 -3.26
N THR A 194 -10.12 -12.63 -3.38
CA THR A 194 -10.70 -11.88 -2.27
C THR A 194 -11.98 -12.52 -1.75
N ASP A 195 -12.20 -12.40 -0.44
CA ASP A 195 -13.39 -12.96 0.20
C ASP A 195 -14.06 -11.92 1.09
N PHE A 196 -15.38 -11.89 1.07
CA PHE A 196 -16.15 -10.94 1.88
C PHE A 196 -16.54 -11.54 3.22
N ALA A 197 -16.46 -10.73 4.26
CA ALA A 197 -16.81 -11.16 5.62
C ALA A 197 -17.94 -10.32 6.18
N PRO A 198 -18.56 -10.78 7.28
CA PRO A 198 -19.66 -10.07 7.92
C PRO A 198 -19.33 -8.60 8.19
N PRO A 199 -20.32 -7.70 8.01
CA PRO A 199 -20.12 -6.27 8.24
C PRO A 199 -19.87 -5.93 9.70
N VAL A 200 -19.29 -4.76 9.94
CA VAL A 200 -18.99 -4.32 11.30
C VAL A 200 -20.20 -3.65 11.93
N GLY A 201 -20.49 -4.04 13.18
CA GLY A 201 -21.61 -3.46 13.89
C GLY A 201 -22.36 -4.49 14.71
N TYR A 202 -21.67 -5.12 15.65
CA TYR A 202 -22.27 -6.12 16.51
C TYR A 202 -22.64 -5.54 17.87
N VAL A 203 -23.81 -5.92 18.37
CA VAL A 203 -24.26 -5.44 19.66
C VAL A 203 -24.41 -6.58 20.65
N GLU A 204 -23.75 -6.46 21.81
CA GLU A 204 -23.81 -7.49 22.83
C GLU A 204 -24.79 -7.11 23.94
N PRO A 205 -25.84 -7.93 24.16
CA PRO A 205 -26.84 -7.67 25.20
C PRO A 205 -26.22 -7.55 26.59
N ASP A 206 -26.18 -6.33 27.11
CA ASP A 206 -25.61 -6.08 28.42
C ASP A 206 -26.72 -5.94 29.48
N TYR A 207 -26.68 -6.80 30.48
CA TYR A 207 -27.68 -6.78 31.55
C TYR A 207 -27.14 -6.05 32.77
N LYS A 208 -27.86 -5.03 33.22
CA LYS A 208 -27.45 -4.26 34.39
C LYS A 208 -28.67 -3.68 35.11
N MET A 1 48.52 -22.02 10.34
CA MET A 1 48.16 -21.10 9.22
C MET A 1 47.80 -19.71 9.75
N PHE A 2 48.52 -18.70 9.28
CA PHE A 2 48.27 -17.32 9.71
C PHE A 2 46.95 -16.81 9.14
N SER A 3 46.69 -17.16 7.88
CA SER A 3 45.45 -16.74 7.22
C SER A 3 44.71 -17.94 6.65
N GLY A 4 43.39 -17.97 6.85
CA GLY A 4 42.59 -19.07 6.35
C GLY A 4 42.24 -18.91 4.89
N PHE A 5 41.68 -19.96 4.30
CA PHE A 5 41.29 -19.93 2.89
C PHE A 5 39.80 -20.17 2.74
N SER A 6 39.17 -19.44 1.83
CA SER A 6 37.74 -19.59 1.59
C SER A 6 37.45 -19.82 0.10
N SER A 7 36.57 -20.77 -0.19
CA SER A 7 36.22 -21.08 -1.56
C SER A 7 35.15 -20.13 -2.09
N PHE A 8 35.05 -20.02 -3.40
CA PHE A 8 34.07 -19.15 -4.03
C PHE A 8 33.12 -19.96 -4.92
N GLY A 9 31.84 -19.60 -4.88
CA GLY A 9 30.86 -20.30 -5.70
C GLY A 9 30.88 -19.86 -7.14
N GLY A 10 30.78 -20.83 -8.06
CA GLY A 10 30.79 -20.51 -9.47
C GLY A 10 29.42 -20.15 -9.99
N GLY A 11 29.37 -19.19 -10.92
CA GLY A 11 28.11 -18.76 -11.49
C GLY A 11 27.40 -17.72 -10.65
N ASN A 12 26.18 -17.38 -11.02
CA ASN A 12 25.40 -16.39 -10.30
C ASN A 12 24.34 -17.05 -9.42
N GLY A 13 24.42 -16.81 -8.11
CA GLY A 13 23.46 -17.38 -7.19
C GLY A 13 22.12 -16.69 -7.24
N PHE A 14 21.10 -17.33 -6.69
CA PHE A 14 19.75 -16.77 -6.68
C PHE A 14 19.25 -16.59 -5.25
N VAL A 15 18.57 -15.48 -5.00
CA VAL A 15 18.05 -15.17 -3.68
C VAL A 15 16.54 -15.41 -3.61
N ASN A 16 16.12 -16.15 -2.59
CA ASN A 16 14.70 -16.45 -2.41
C ASN A 16 14.05 -15.47 -1.43
N MET A 17 14.82 -14.53 -0.92
CA MET A 17 14.31 -13.54 0.02
C MET A 17 13.92 -12.26 -0.71
N PRO A 18 12.76 -11.67 -0.35
CA PRO A 18 12.29 -10.43 -0.98
C PRO A 18 13.37 -9.36 -1.03
N GLN A 19 13.12 -8.30 -1.79
CA GLN A 19 14.08 -7.22 -1.93
C GLN A 19 13.66 -6.03 -1.06
N THR A 20 14.60 -5.52 -0.26
CA THR A 20 14.32 -4.39 0.61
C THR A 20 15.25 -3.22 0.30
N PHE A 21 14.68 -2.04 0.13
CA PHE A 21 15.44 -0.84 -0.17
C PHE A 21 15.01 0.30 0.75
N GLU A 22 15.97 0.96 1.39
CA GLU A 22 15.65 2.05 2.32
C GLU A 22 16.15 3.40 1.81
N GLU A 23 15.30 4.42 1.96
CA GLU A 23 15.63 5.78 1.54
C GLU A 23 14.91 6.79 2.42
N PHE A 24 15.42 8.02 2.43
CA PHE A 24 14.83 9.09 3.22
C PHE A 24 14.28 10.19 2.30
N PHE A 25 12.98 10.43 2.39
CA PHE A 25 12.34 11.43 1.57
C PHE A 25 11.56 12.42 2.43
N ARG A 26 11.45 13.66 1.98
CA ARG A 26 10.72 14.68 2.72
C ARG A 26 9.22 14.57 2.46
N CYS A 27 8.42 14.62 3.52
CA CYS A 27 6.97 14.52 3.39
C CYS A 27 6.32 15.88 3.45
N TYR A 28 5.59 16.20 2.39
CA TYR A 28 4.89 17.47 2.32
C TYR A 28 3.39 17.22 2.15
N PRO A 29 2.55 18.14 2.66
CA PRO A 29 1.09 18.01 2.59
C PRO A 29 0.55 18.31 1.20
N ILE A 30 0.13 17.27 0.49
CA ILE A 30 -0.44 17.42 -0.84
C ILE A 30 -1.69 18.29 -0.81
N ALA A 31 -2.51 18.08 0.22
CA ALA A 31 -3.74 18.83 0.39
C ALA A 31 -3.45 20.33 0.53
N MET A 32 -2.35 20.65 1.20
CA MET A 32 -1.95 22.04 1.40
C MET A 32 -1.53 22.68 0.08
N MET A 33 -0.99 21.86 -0.81
CA MET A 33 -0.55 22.34 -2.11
C MET A 33 -1.70 22.97 -2.90
N ASN A 34 -1.41 24.05 -3.62
CA ASN A 34 -2.41 24.76 -4.41
C ASN A 34 -3.00 23.86 -5.49
N ASP A 35 -4.22 24.18 -5.91
CA ASP A 35 -4.93 23.43 -6.94
C ASP A 35 -4.10 23.34 -8.22
N ARG A 36 -3.27 24.35 -8.45
CA ARG A 36 -2.44 24.38 -9.65
C ARG A 36 -1.50 23.18 -9.68
N ILE A 37 -0.96 22.82 -8.52
CA ILE A 37 -0.07 21.68 -8.41
C ILE A 37 -0.73 20.54 -7.62
N ARG A 38 -2.01 20.70 -7.34
CA ARG A 38 -2.76 19.72 -6.59
C ARG A 38 -3.68 18.91 -7.50
N LYS A 39 -3.52 17.58 -7.48
CA LYS A 39 -4.33 16.69 -8.30
C LYS A 39 -5.38 15.99 -7.46
N ASP A 40 -6.63 16.04 -7.92
CA ASP A 40 -7.73 15.41 -7.19
C ASP A 40 -7.51 13.90 -7.05
N ASP A 41 -7.01 13.28 -8.11
CA ASP A 41 -6.75 11.84 -8.10
C ASP A 41 -5.68 11.48 -7.08
N ALA A 42 -4.66 12.32 -7.00
CA ALA A 42 -3.56 12.10 -6.06
C ALA A 42 -4.03 12.17 -4.61
N ASN A 43 -4.92 13.10 -4.33
CA ASN A 43 -5.44 13.30 -2.97
C ASN A 43 -6.13 12.04 -2.46
N PHE A 44 -6.88 11.39 -3.34
CA PHE A 44 -7.60 10.18 -2.98
C PHE A 44 -7.00 8.94 -3.66
N GLY A 45 -5.80 9.10 -4.20
CA GLY A 45 -5.14 8.00 -4.87
C GLY A 45 -4.18 7.27 -3.95
N GLY A 46 -3.78 6.07 -4.34
CA GLY A 46 -2.86 5.30 -3.53
C GLY A 46 -1.42 5.41 -4.02
N LYS A 47 -1.18 6.36 -4.91
CA LYS A 47 0.14 6.56 -5.47
C LYS A 47 0.76 7.86 -4.97
N ILE A 48 2.07 7.84 -4.77
CA ILE A 48 2.78 9.02 -4.27
C ILE A 48 3.87 9.47 -5.24
N PHE A 49 4.32 10.70 -5.06
CA PHE A 49 5.36 11.26 -5.92
C PHE A 49 6.74 11.11 -5.27
N LEU A 50 7.69 10.65 -6.06
CA LEU A 50 9.06 10.45 -5.58
C LEU A 50 10.05 11.00 -6.58
N PRO A 51 11.31 11.18 -6.18
CA PRO A 51 12.36 11.69 -7.08
C PRO A 51 12.91 10.61 -8.00
N PRO A 52 13.40 11.03 -9.18
CA PRO A 52 13.97 10.10 -10.17
C PRO A 52 15.26 9.44 -9.69
N SER A 53 15.94 10.06 -8.72
CA SER A 53 17.19 9.54 -8.20
C SER A 53 17.02 8.14 -7.60
N ALA A 54 15.92 7.94 -6.90
CA ALA A 54 15.64 6.65 -6.27
C ALA A 54 15.55 5.54 -7.30
N LEU A 55 14.99 5.86 -8.46
CA LEU A 55 14.82 4.89 -9.54
C LEU A 55 16.16 4.34 -10.00
N SER A 56 17.17 5.21 -10.08
CA SER A 56 18.49 4.80 -10.51
C SER A 56 19.05 3.72 -9.59
N LYS A 57 18.87 3.91 -8.28
CA LYS A 57 19.35 2.96 -7.30
C LYS A 57 18.61 1.63 -7.44
N LEU A 58 17.30 1.72 -7.69
CA LEU A 58 16.46 0.55 -7.86
C LEU A 58 16.87 -0.26 -9.09
N SER A 59 17.25 0.44 -10.16
CA SER A 59 17.67 -0.22 -11.39
C SER A 59 18.87 -1.11 -11.14
N MET A 60 19.77 -0.64 -10.30
CA MET A 60 20.97 -1.39 -9.96
C MET A 60 20.59 -2.73 -9.32
N LEU A 61 19.57 -2.70 -8.47
CA LEU A 61 19.10 -3.91 -7.78
C LEU A 61 18.18 -4.74 -8.67
N ASN A 62 17.94 -4.27 -9.89
CA ASN A 62 17.08 -5.00 -10.83
C ASN A 62 15.66 -5.18 -10.26
N ILE A 63 15.13 -4.11 -9.66
CA ILE A 63 13.79 -4.15 -9.08
C ILE A 63 12.74 -4.21 -10.18
N ARG A 64 11.82 -5.16 -10.06
CA ARG A 64 10.76 -5.34 -11.04
C ARG A 64 9.71 -4.22 -10.98
N TYR A 65 9.27 -3.77 -12.15
CA TYR A 65 8.28 -2.70 -12.26
C TYR A 65 6.86 -3.28 -12.24
N PRO A 66 5.88 -2.55 -11.65
CA PRO A 66 6.09 -1.22 -11.04
C PRO A 66 6.86 -1.27 -9.73
N MET A 67 7.41 -0.12 -9.36
CA MET A 67 8.19 0.02 -8.14
C MET A 67 7.28 -0.04 -6.92
N LEU A 68 7.75 -0.73 -5.88
CA LEU A 68 6.98 -0.85 -4.65
C LEU A 68 7.64 -0.05 -3.53
N PHE A 69 6.89 0.87 -2.94
CA PHE A 69 7.41 1.71 -1.85
C PHE A 69 6.62 1.53 -0.56
N LYS A 70 7.35 1.50 0.54
CA LYS A 70 6.74 1.37 1.86
C LYS A 70 6.99 2.64 2.67
N LEU A 71 5.93 3.18 3.26
CA LEU A 71 6.05 4.40 4.05
C LEU A 71 6.24 4.07 5.52
N THR A 72 7.34 4.53 6.09
CA THR A 72 7.64 4.27 7.49
C THR A 72 7.44 5.52 8.35
N ALA A 73 6.54 5.43 9.32
CA ALA A 73 6.25 6.53 10.21
C ALA A 73 6.70 6.18 11.63
N ASN A 74 7.41 7.10 12.27
CA ASN A 74 7.92 6.88 13.60
C ASN A 74 8.88 5.69 13.62
N GLU A 75 9.86 5.74 14.50
CA GLU A 75 10.85 4.67 14.59
C GLU A 75 10.20 3.33 14.91
N THR A 76 9.21 3.34 15.80
CA THR A 76 8.53 2.11 16.19
C THR A 76 7.01 2.33 16.24
N GLY A 77 6.55 3.43 15.66
CA GLY A 77 5.13 3.71 15.67
C GLY A 77 4.35 2.90 14.66
N ARG A 78 3.92 3.56 13.59
CA ARG A 78 3.14 2.89 12.55
C ARG A 78 3.73 3.13 11.16
N VAL A 79 3.58 2.15 10.30
CA VAL A 79 4.08 2.24 8.93
C VAL A 79 2.98 1.85 7.94
N THR A 80 2.78 2.68 6.91
CA THR A 80 1.76 2.41 5.92
C THR A 80 2.38 2.12 4.55
N HIS A 81 1.91 1.05 3.92
CA HIS A 81 2.41 0.68 2.60
C HIS A 81 1.67 1.45 1.51
N GLY A 82 2.25 1.50 0.31
CA GLY A 82 1.63 2.22 -0.78
C GLY A 82 2.36 2.05 -2.10
N GLY A 83 1.72 2.50 -3.18
CA GLY A 83 2.34 2.39 -4.49
C GLY A 83 2.96 3.69 -4.97
N VAL A 84 3.48 3.67 -6.20
CA VAL A 84 4.12 4.85 -6.77
C VAL A 84 3.58 5.14 -8.17
N LEU A 85 3.21 6.40 -8.42
CA LEU A 85 2.69 6.80 -9.73
C LEU A 85 3.81 7.25 -10.65
N GLU A 86 4.25 8.49 -10.45
CA GLU A 86 5.32 9.05 -11.26
C GLU A 86 6.28 9.86 -10.41
N PHE A 87 7.50 9.99 -10.89
CA PHE A 87 8.52 10.73 -10.16
C PHE A 87 8.66 12.14 -10.76
N ILE A 88 8.35 13.16 -9.97
CA ILE A 88 8.43 14.54 -10.44
C ILE A 88 9.31 15.41 -9.54
N ALA A 89 9.78 14.84 -8.44
CA ALA A 89 10.63 15.58 -7.51
C ALA A 89 12.10 15.39 -7.83
N GLU A 90 12.68 16.38 -8.51
CA GLU A 90 14.10 16.32 -8.89
C GLU A 90 14.99 16.45 -7.66
N GLU A 91 14.60 17.33 -6.75
CA GLU A 91 15.37 17.57 -5.52
C GLU A 91 15.39 16.36 -4.60
N GLY A 92 14.32 15.58 -4.63
CA GLY A 92 14.24 14.42 -3.77
C GLY A 92 13.17 14.59 -2.71
N ARG A 93 11.97 14.98 -3.13
CA ARG A 93 10.86 15.19 -2.23
C ARG A 93 9.71 14.26 -2.56
N VAL A 94 8.96 13.87 -1.53
CA VAL A 94 7.82 12.98 -1.71
C VAL A 94 6.57 13.54 -1.05
N TYR A 95 5.44 13.35 -1.70
CA TYR A 95 4.17 13.84 -1.19
C TYR A 95 3.21 12.68 -0.91
N LEU A 96 2.47 12.77 0.20
CA LEU A 96 1.53 11.72 0.57
C LEU A 96 0.10 12.26 0.67
N PRO A 97 -0.91 11.42 0.36
CA PRO A 97 -2.32 11.81 0.42
C PRO A 97 -2.73 12.26 1.83
N GLN A 98 -3.80 13.04 1.90
CA GLN A 98 -4.28 13.54 3.18
C GLN A 98 -4.69 12.40 4.12
N TRP A 99 -5.34 11.37 3.57
CA TRP A 99 -5.77 10.24 4.39
C TRP A 99 -4.58 9.40 4.86
N MET A 100 -3.60 9.22 3.98
CA MET A 100 -2.40 8.45 4.32
C MET A 100 -1.60 9.16 5.40
N MET A 101 -1.50 10.48 5.30
CA MET A 101 -0.73 11.27 6.25
C MET A 101 -1.27 11.10 7.67
N GLU A 102 -2.59 11.07 7.80
CA GLU A 102 -3.22 10.89 9.10
C GLU A 102 -2.85 9.53 9.68
N THR A 103 -2.83 8.52 8.82
CA THR A 103 -2.50 7.16 9.24
C THR A 103 -1.08 7.09 9.77
N LEU A 104 -0.16 7.80 9.12
CA LEU A 104 1.24 7.80 9.52
C LEU A 104 1.50 8.81 10.63
N GLY A 105 0.53 9.68 10.88
CA GLY A 105 0.69 10.68 11.92
C GLY A 105 1.86 11.59 11.64
N ILE A 106 2.01 12.01 10.38
CA ILE A 106 3.11 12.87 9.99
C ILE A 106 2.60 14.27 9.67
N GLN A 107 3.28 15.28 10.21
CA GLN A 107 2.91 16.67 9.98
C GLN A 107 3.80 17.30 8.92
N PRO A 108 3.34 18.40 8.30
CA PRO A 108 4.10 19.10 7.28
C PRO A 108 5.52 19.45 7.74
N GLY A 109 6.51 19.13 6.91
CA GLY A 109 7.88 19.41 7.26
C GLY A 109 8.55 18.26 8.00
N SER A 110 7.75 17.27 8.40
CA SER A 110 8.26 16.12 9.12
C SER A 110 8.96 15.14 8.18
N LEU A 111 9.91 14.38 8.72
CA LEU A 111 10.67 13.41 7.95
C LEU A 111 9.81 12.23 7.52
N LEU A 112 10.01 11.76 6.29
CA LEU A 112 9.27 10.63 5.78
C LEU A 112 10.21 9.56 5.25
N GLN A 113 9.89 8.32 5.51
CA GLN A 113 10.72 7.20 5.07
C GLN A 113 10.03 6.35 4.03
N ILE A 114 10.71 6.15 2.91
CA ILE A 114 10.17 5.34 1.83
C ILE A 114 11.10 4.16 1.57
N SER A 115 10.58 2.95 1.62
CA SER A 115 11.38 1.76 1.40
C SER A 115 10.87 0.98 0.20
N SER A 116 11.74 0.80 -0.79
CA SER A 116 11.36 0.04 -1.98
C SER A 116 11.58 -1.44 -1.74
N THR A 117 10.49 -2.17 -1.59
CA THR A 117 10.57 -3.60 -1.33
C THR A 117 9.66 -4.39 -2.25
N ASP A 118 10.16 -5.55 -2.69
CA ASP A 118 9.37 -6.43 -3.56
C ASP A 118 8.76 -7.54 -2.74
N VAL A 119 7.43 -7.62 -2.74
CA VAL A 119 6.72 -8.63 -1.98
C VAL A 119 6.21 -9.75 -2.87
N PRO A 120 5.99 -10.95 -2.31
CA PRO A 120 5.49 -12.10 -3.07
C PRO A 120 4.03 -11.90 -3.48
N LEU A 121 3.65 -12.47 -4.62
CA LEU A 121 2.28 -12.33 -5.10
C LEU A 121 1.32 -13.11 -4.21
N GLY A 122 0.27 -12.44 -3.75
CA GLY A 122 -0.72 -13.07 -2.90
C GLY A 122 -1.76 -13.82 -3.70
N GLN A 123 -2.34 -14.86 -3.10
CA GLN A 123 -3.34 -15.66 -3.79
C GLN A 123 -4.74 -15.43 -3.23
N PHE A 124 -4.82 -15.10 -1.94
CA PHE A 124 -6.11 -14.86 -1.30
C PHE A 124 -6.04 -13.70 -0.31
N VAL A 125 -7.03 -12.81 -0.37
CA VAL A 125 -7.06 -11.67 0.53
C VAL A 125 -8.42 -11.51 1.21
N LYS A 126 -8.38 -11.34 2.52
CA LYS A 126 -9.61 -11.15 3.30
C LYS A 126 -9.81 -9.68 3.59
N LEU A 127 -10.96 -9.14 3.17
CA LEU A 127 -11.27 -7.74 3.38
C LEU A 127 -12.43 -7.57 4.37
N GLU A 128 -12.23 -6.71 5.35
CA GLU A 128 -13.25 -6.45 6.35
C GLU A 128 -13.97 -5.13 6.05
N PRO A 129 -15.24 -5.20 5.64
CA PRO A 129 -16.03 -4.00 5.31
C PRO A 129 -16.66 -3.37 6.54
N GLN A 130 -17.07 -2.12 6.40
CA GLN A 130 -17.71 -1.38 7.47
C GLN A 130 -19.00 -0.77 6.97
N SER A 131 -20.09 -1.11 7.64
CA SER A 131 -21.41 -0.61 7.29
C SER A 131 -21.95 -1.32 6.05
N VAL A 132 -23.18 -1.80 6.14
CA VAL A 132 -23.82 -2.52 5.03
C VAL A 132 -23.92 -1.65 3.79
N ASP A 133 -23.79 -0.33 3.95
CA ASP A 133 -23.87 0.60 2.83
C ASP A 133 -22.81 0.28 1.79
N PHE A 134 -21.60 -0.05 2.25
CA PHE A 134 -20.51 -0.37 1.34
C PHE A 134 -20.87 -1.57 0.46
N LEU A 135 -21.52 -2.56 1.06
CA LEU A 135 -21.91 -3.77 0.33
C LEU A 135 -23.25 -3.59 -0.40
N ASP A 136 -23.90 -2.45 -0.18
CA ASP A 136 -25.18 -2.18 -0.82
C ASP A 136 -25.02 -1.96 -2.33
N ILE A 137 -23.79 -1.70 -2.76
CA ILE A 137 -23.52 -1.48 -4.17
C ILE A 137 -23.88 -2.73 -4.99
N SER A 138 -24.48 -2.51 -6.16
CA SER A 138 -24.89 -3.61 -7.02
C SER A 138 -23.68 -4.44 -7.47
N ASP A 139 -22.57 -3.76 -7.77
CA ASP A 139 -21.36 -4.45 -8.22
C ASP A 139 -20.15 -3.97 -7.40
N PRO A 140 -20.05 -4.41 -6.15
CA PRO A 140 -18.95 -4.04 -5.27
C PRO A 140 -17.66 -4.79 -5.61
N LYS A 141 -17.81 -6.00 -6.14
CA LYS A 141 -16.67 -6.82 -6.52
C LYS A 141 -15.81 -6.13 -7.56
N ALA A 142 -16.47 -5.48 -8.52
CA ALA A 142 -15.77 -4.78 -9.59
C ALA A 142 -14.99 -3.60 -9.04
N VAL A 143 -15.61 -2.88 -8.10
CA VAL A 143 -14.98 -1.73 -7.49
C VAL A 143 -13.72 -2.15 -6.74
N LEU A 144 -13.80 -3.27 -6.03
CA LEU A 144 -12.67 -3.78 -5.25
C LEU A 144 -11.49 -4.06 -6.17
N GLU A 145 -11.75 -4.68 -7.31
CA GLU A 145 -10.70 -5.01 -8.25
C GLU A 145 -9.97 -3.76 -8.72
N ASN A 146 -10.74 -2.70 -8.98
CA ASN A 146 -10.15 -1.44 -9.43
C ASN A 146 -9.21 -0.88 -8.37
N VAL A 147 -9.63 -0.99 -7.11
CA VAL A 147 -8.83 -0.50 -5.99
C VAL A 147 -7.47 -1.20 -5.94
N LEU A 148 -7.47 -2.52 -6.15
CA LEU A 148 -6.24 -3.29 -6.11
C LEU A 148 -5.25 -2.80 -7.16
N ARG A 149 -5.79 -2.47 -8.34
CA ARG A 149 -4.96 -1.97 -9.43
C ARG A 149 -4.25 -0.68 -9.03
N ASN A 150 -4.99 0.17 -8.32
CA ASN A 150 -4.47 1.45 -7.86
C ASN A 150 -3.26 1.25 -6.95
N PHE A 151 -3.31 0.24 -6.08
CA PHE A 151 -2.21 -0.03 -5.16
C PHE A 151 -1.28 -1.11 -5.74
N SER A 152 -0.01 -0.75 -5.89
CA SER A 152 0.99 -1.68 -6.42
C SER A 152 1.14 -2.90 -5.53
N THR A 153 1.12 -2.69 -4.21
CA THR A 153 1.27 -3.78 -3.26
C THR A 153 0.15 -3.77 -2.24
N LEU A 154 -0.33 -4.96 -1.87
CA LEU A 154 -1.40 -5.09 -0.90
C LEU A 154 -0.91 -5.75 0.38
N THR A 155 -1.03 -5.04 1.50
CA THR A 155 -0.60 -5.56 2.79
C THR A 155 -1.78 -5.60 3.74
N VAL A 156 -1.79 -6.61 4.61
CA VAL A 156 -2.88 -6.78 5.57
C VAL A 156 -3.01 -5.58 6.50
N ASP A 157 -1.87 -5.04 6.90
CA ASP A 157 -1.83 -3.89 7.81
C ASP A 157 -2.31 -2.60 7.14
N ASP A 158 -1.96 -2.41 5.87
CA ASP A 158 -2.34 -1.21 5.15
C ASP A 158 -3.85 -1.11 4.93
N VAL A 159 -4.38 0.06 5.24
CA VAL A 159 -5.80 0.32 5.05
C VAL A 159 -5.97 1.20 3.81
N ILE A 160 -6.71 0.71 2.82
CA ILE A 160 -6.90 1.46 1.59
C ILE A 160 -8.31 2.05 1.49
N GLU A 161 -8.38 3.32 1.10
CA GLU A 161 -9.66 4.01 0.97
C GLU A 161 -9.88 4.51 -0.45
N ILE A 162 -11.12 4.38 -0.92
CA ILE A 162 -11.47 4.82 -2.26
C ILE A 162 -12.73 5.68 -2.25
N SER A 163 -12.74 6.73 -3.06
CA SER A 163 -13.89 7.63 -3.12
C SER A 163 -14.69 7.41 -4.40
N TYR A 164 -15.96 7.06 -4.24
CA TYR A 164 -16.84 6.83 -5.38
C TYR A 164 -18.02 7.80 -5.35
N ASN A 165 -18.15 8.60 -6.40
CA ASN A 165 -19.24 9.58 -6.50
C ASN A 165 -19.28 10.50 -5.28
N GLY A 166 -18.09 10.91 -4.83
CA GLY A 166 -18.02 11.80 -3.68
C GLY A 166 -18.17 11.07 -2.35
N LYS A 167 -18.17 9.74 -2.39
CA LYS A 167 -18.32 8.94 -1.19
C LYS A 167 -16.98 8.30 -0.82
N THR A 168 -16.60 8.40 0.45
CA THR A 168 -15.33 7.85 0.90
C THR A 168 -15.54 6.51 1.62
N PHE A 169 -14.93 5.46 1.09
CA PHE A 169 -15.04 4.13 1.66
C PHE A 169 -13.67 3.60 2.05
N LYS A 170 -13.59 2.92 3.19
CA LYS A 170 -12.32 2.36 3.66
C LYS A 170 -12.37 0.85 3.77
N ILE A 171 -11.36 0.20 3.21
CA ILE A 171 -11.27 -1.26 3.24
C ILE A 171 -10.00 -1.70 3.96
N LYS A 172 -10.17 -2.45 5.03
CA LYS A 172 -9.03 -2.94 5.79
C LYS A 172 -8.84 -4.44 5.56
N ILE A 173 -7.62 -4.83 5.24
CA ILE A 173 -7.31 -6.22 5.00
C ILE A 173 -7.13 -6.95 6.32
N LEU A 174 -8.04 -7.87 6.63
CA LEU A 174 -7.99 -8.61 7.88
C LEU A 174 -6.87 -9.65 7.88
N GLU A 175 -6.89 -10.55 6.90
CA GLU A 175 -5.87 -11.59 6.79
C GLU A 175 -5.77 -12.08 5.35
N VAL A 176 -4.55 -12.25 4.87
CA VAL A 176 -4.35 -12.71 3.50
C VAL A 176 -3.36 -13.87 3.46
N LYS A 177 -3.38 -14.64 2.37
CA LYS A 177 -2.46 -15.77 2.23
C LYS A 177 -1.36 -15.42 1.23
N PRO A 178 -0.15 -15.13 1.73
CA PRO A 178 1.00 -14.76 0.92
C PRO A 178 1.96 -15.93 0.71
N GLU A 179 3.02 -15.68 -0.04
CA GLU A 179 4.02 -16.70 -0.30
C GLU A 179 5.18 -16.58 0.69
N SER A 180 5.11 -15.60 1.59
CA SER A 180 6.15 -15.38 2.59
C SER A 180 5.57 -15.02 3.95
N SER A 181 6.36 -15.21 4.99
CA SER A 181 5.94 -14.90 6.35
C SER A 181 5.81 -13.40 6.59
N SER A 182 6.31 -12.60 5.64
CA SER A 182 6.25 -11.15 5.76
C SER A 182 4.81 -10.65 5.85
N LYS A 183 3.86 -11.49 5.45
CA LYS A 183 2.44 -11.13 5.49
C LYS A 183 2.15 -10.01 4.50
N SER A 184 2.96 -9.93 3.44
CA SER A 184 2.79 -8.91 2.42
C SER A 184 2.70 -9.57 1.05
N ILE A 185 1.82 -9.05 0.21
CA ILE A 185 1.65 -9.61 -1.13
C ILE A 185 1.75 -8.55 -2.20
N CYS A 186 2.34 -8.92 -3.34
CA CYS A 186 2.51 -8.00 -4.44
C CYS A 186 1.33 -8.11 -5.39
N VAL A 187 0.42 -7.17 -5.27
CA VAL A 187 -0.77 -7.16 -6.09
C VAL A 187 -0.73 -6.00 -7.10
N ILE A 188 -0.24 -6.29 -8.30
CA ILE A 188 -0.14 -5.28 -9.34
C ILE A 188 -1.14 -5.56 -10.46
N GLU A 189 -0.82 -6.56 -11.28
CA GLU A 189 -1.69 -6.95 -12.40
C GLU A 189 -2.20 -8.38 -12.23
N THR A 190 -1.99 -8.95 -11.05
CA THR A 190 -2.40 -10.31 -10.78
C THR A 190 -3.85 -10.39 -10.34
N ASP A 191 -4.36 -11.62 -10.25
CA ASP A 191 -5.73 -11.86 -9.82
C ASP A 191 -5.76 -12.22 -8.35
N LEU A 192 -6.45 -11.41 -7.57
CA LEU A 192 -6.54 -11.63 -6.15
C LEU A 192 -7.99 -11.83 -5.70
N VAL A 193 -8.23 -12.88 -4.92
CA VAL A 193 -9.57 -13.20 -4.43
C VAL A 193 -9.85 -12.50 -3.11
N THR A 194 -10.96 -11.78 -3.05
CA THR A 194 -11.34 -11.05 -1.85
C THR A 194 -12.66 -11.57 -1.28
N ASP A 195 -12.72 -11.65 0.05
CA ASP A 195 -13.91 -12.12 0.74
C ASP A 195 -14.45 -11.04 1.68
N PHE A 196 -15.76 -10.78 1.60
CA PHE A 196 -16.38 -9.77 2.44
C PHE A 196 -17.09 -10.39 3.63
N ALA A 197 -16.69 -9.98 4.84
CA ALA A 197 -17.30 -10.49 6.06
C ALA A 197 -17.91 -9.34 6.87
N PRO A 198 -19.25 -9.25 6.93
CA PRO A 198 -19.92 -8.17 7.68
C PRO A 198 -19.61 -8.22 9.17
N PRO A 199 -18.84 -7.23 9.67
CA PRO A 199 -18.47 -7.14 11.07
C PRO A 199 -19.43 -6.29 11.89
N VAL A 200 -20.50 -5.80 11.24
CA VAL A 200 -21.48 -4.97 11.91
C VAL A 200 -22.61 -5.79 12.50
N GLY A 201 -23.02 -5.41 13.71
CA GLY A 201 -24.10 -6.12 14.38
C GLY A 201 -25.06 -5.17 15.05
N TYR A 202 -25.16 -3.95 14.52
CA TYR A 202 -26.06 -2.95 15.08
C TYR A 202 -27.36 -2.86 14.27
N VAL A 203 -28.47 -2.77 14.98
CA VAL A 203 -29.78 -2.69 14.34
C VAL A 203 -30.50 -1.40 14.72
N GLU A 204 -31.16 -0.78 13.74
CA GLU A 204 -31.89 0.47 13.98
C GLU A 204 -33.37 0.19 14.24
N PRO A 205 -33.90 0.66 15.37
CA PRO A 205 -35.32 0.47 15.72
C PRO A 205 -36.25 1.02 14.66
N ASP A 206 -37.03 0.14 14.03
CA ASP A 206 -37.97 0.55 13.00
C ASP A 206 -39.29 1.00 13.61
N TYR A 207 -39.87 2.06 13.06
CA TYR A 207 -41.13 2.59 13.55
C TYR A 207 -42.30 2.05 12.75
N LYS A 208 -43.28 1.46 13.43
CA LYS A 208 -44.45 0.90 12.77
C LYS A 208 -45.65 0.89 13.71
N MET A 1 19.36 -17.55 15.41
CA MET A 1 20.44 -16.59 15.05
C MET A 1 20.16 -15.21 15.64
N PHE A 2 19.10 -14.58 15.16
CA PHE A 2 18.72 -13.25 15.62
C PHE A 2 18.44 -13.27 17.12
N SER A 3 17.77 -14.31 17.58
CA SER A 3 17.43 -14.45 19.00
C SER A 3 17.93 -15.78 19.55
N GLY A 4 18.51 -15.74 20.74
CA GLY A 4 19.02 -16.94 21.36
C GLY A 4 20.18 -17.54 20.60
N PHE A 5 20.83 -18.53 21.20
CA PHE A 5 21.97 -19.18 20.57
C PHE A 5 21.52 -20.03 19.37
N SER A 6 20.39 -20.71 19.53
CA SER A 6 19.85 -21.55 18.47
C SER A 6 18.38 -21.24 18.22
N SER A 7 17.99 -21.22 16.95
CA SER A 7 16.61 -20.94 16.58
C SER A 7 15.73 -22.17 16.77
N PHE A 8 14.46 -21.94 17.06
CA PHE A 8 13.51 -23.04 17.27
C PHE A 8 12.53 -23.12 16.10
N GLY A 9 12.37 -24.32 15.55
CA GLY A 9 11.47 -24.51 14.43
C GLY A 9 12.03 -23.96 13.13
N GLY A 10 11.18 -23.85 12.12
CA GLY A 10 11.62 -23.33 10.84
C GLY A 10 10.54 -23.39 9.78
N GLY A 11 10.86 -22.90 8.59
CA GLY A 11 9.89 -22.92 7.50
C GLY A 11 9.80 -24.27 6.81
N ASN A 12 8.77 -24.44 5.99
CA ASN A 12 8.56 -25.68 5.28
C ASN A 12 9.07 -25.58 3.84
N GLY A 13 10.03 -26.42 3.48
CA GLY A 13 10.58 -26.40 2.15
C GLY A 13 11.46 -25.18 1.90
N PHE A 14 11.34 -24.60 0.71
CA PHE A 14 12.13 -23.42 0.36
C PHE A 14 11.27 -22.16 0.39
N VAL A 15 11.79 -21.12 1.03
CA VAL A 15 11.08 -19.86 1.14
C VAL A 15 11.74 -18.77 0.29
N ASN A 16 10.92 -18.01 -0.43
CA ASN A 16 11.43 -16.94 -1.27
C ASN A 16 11.73 -15.70 -0.45
N MET A 17 12.84 -15.04 -0.77
CA MET A 17 13.24 -13.83 -0.06
C MET A 17 12.88 -12.58 -0.86
N PRO A 18 12.04 -11.69 -0.28
CA PRO A 18 11.65 -10.46 -0.96
C PRO A 18 12.79 -9.46 -1.02
N GLN A 19 12.72 -8.55 -1.98
CA GLN A 19 13.75 -7.53 -2.16
C GLN A 19 13.29 -6.20 -1.59
N THR A 20 14.02 -5.68 -0.60
CA THR A 20 13.67 -4.42 0.03
C THR A 20 14.79 -3.38 -0.13
N PHE A 21 14.38 -2.15 -0.44
CA PHE A 21 15.32 -1.04 -0.61
C PHE A 21 14.92 0.12 0.30
N GLU A 22 15.88 0.65 1.06
CA GLU A 22 15.59 1.74 1.97
C GLU A 22 16.00 3.10 1.40
N GLU A 23 15.14 4.09 1.57
CA GLU A 23 15.40 5.44 1.08
C GLU A 23 14.92 6.49 2.08
N PHE A 24 15.54 7.66 2.04
CA PHE A 24 15.18 8.74 2.94
C PHE A 24 14.73 9.98 2.16
N PHE A 25 13.51 10.44 2.44
CA PHE A 25 12.95 11.62 1.76
C PHE A 25 12.18 12.49 2.74
N ARG A 26 11.98 13.75 2.37
CA ARG A 26 11.24 14.69 3.22
C ARG A 26 9.74 14.55 2.99
N CYS A 27 8.97 14.61 4.07
CA CYS A 27 7.52 14.49 3.98
C CYS A 27 6.84 15.85 4.03
N TYR A 28 6.06 16.13 3.00
CA TYR A 28 5.34 17.39 2.93
C TYR A 28 3.84 17.13 2.82
N PRO A 29 3.04 18.06 3.36
CA PRO A 29 1.57 17.95 3.35
C PRO A 29 0.96 18.34 2.01
N ILE A 30 0.42 17.35 1.30
CA ILE A 30 -0.21 17.61 0.01
C ILE A 30 -1.37 18.57 0.15
N ALA A 31 -2.14 18.41 1.22
CA ALA A 31 -3.29 19.26 1.49
C ALA A 31 -2.88 20.72 1.63
N MET A 32 -1.70 20.94 2.20
CA MET A 32 -1.18 22.29 2.41
C MET A 32 -0.86 22.96 1.08
N MET A 33 -0.44 22.17 0.11
CA MET A 33 -0.09 22.68 -1.21
C MET A 33 -1.28 23.40 -1.84
N ASN A 34 -1.01 24.32 -2.77
CA ASN A 34 -2.06 25.08 -3.44
C ASN A 34 -3.00 24.15 -4.19
N ASP A 35 -4.30 24.45 -4.12
CA ASP A 35 -5.33 23.65 -4.79
C ASP A 35 -5.09 23.59 -6.30
N ARG A 36 -4.65 24.70 -6.87
CA ARG A 36 -4.40 24.77 -8.31
C ARG A 36 -3.36 23.74 -8.73
N ILE A 37 -2.33 23.56 -7.91
CA ILE A 37 -1.27 22.60 -8.21
C ILE A 37 -1.58 21.22 -7.63
N ARG A 38 -2.71 21.10 -6.94
CA ARG A 38 -3.12 19.82 -6.34
C ARG A 38 -4.13 19.10 -7.22
N LYS A 39 -3.99 17.79 -7.33
CA LYS A 39 -4.89 16.98 -8.13
C LYS A 39 -5.98 16.37 -7.27
N ASP A 40 -7.21 16.35 -7.80
CA ASP A 40 -8.34 15.80 -7.07
C ASP A 40 -8.11 14.32 -6.73
N ASP A 41 -7.54 13.59 -7.67
CA ASP A 41 -7.28 12.16 -7.48
C ASP A 41 -6.16 11.93 -6.45
N ALA A 42 -5.13 12.76 -6.52
CA ALA A 42 -3.98 12.63 -5.62
C ALA A 42 -4.34 12.76 -4.15
N ASN A 43 -5.23 13.69 -3.82
CA ASN A 43 -5.62 13.91 -2.43
C ASN A 43 -6.30 12.68 -1.82
N PHE A 44 -7.14 12.02 -2.59
CA PHE A 44 -7.83 10.81 -2.11
C PHE A 44 -7.29 9.57 -2.82
N GLY A 45 -6.10 9.71 -3.42
CA GLY A 45 -5.50 8.59 -4.11
C GLY A 45 -4.49 7.87 -3.25
N GLY A 46 -3.97 6.76 -3.75
CA GLY A 46 -2.99 5.99 -3.01
C GLY A 46 -1.62 6.06 -3.66
N LYS A 47 -1.39 7.13 -4.42
CA LYS A 47 -0.12 7.32 -5.09
C LYS A 47 0.65 8.49 -4.50
N ILE A 48 1.97 8.34 -4.41
CA ILE A 48 2.84 9.37 -3.86
C ILE A 48 3.89 9.83 -4.87
N PHE A 49 4.39 11.06 -4.69
CA PHE A 49 5.38 11.61 -5.61
C PHE A 49 6.79 11.51 -5.02
N LEU A 50 7.74 11.07 -5.83
CA LEU A 50 9.13 10.93 -5.40
C LEU A 50 10.10 11.36 -6.49
N PRO A 51 11.37 11.59 -6.13
CA PRO A 51 12.39 11.99 -7.10
C PRO A 51 12.82 10.85 -8.01
N PRO A 52 13.34 11.19 -9.21
CA PRO A 52 13.81 10.20 -10.18
C PRO A 52 15.16 9.57 -9.79
N SER A 53 15.86 10.19 -8.84
CA SER A 53 17.17 9.70 -8.41
C SER A 53 17.07 8.28 -7.83
N ALA A 54 16.01 8.04 -7.06
CA ALA A 54 15.80 6.73 -6.45
C ALA A 54 15.66 5.63 -7.50
N LEU A 55 14.99 5.98 -8.59
CA LEU A 55 14.74 5.04 -9.68
C LEU A 55 16.04 4.52 -10.28
N SER A 56 17.03 5.40 -10.42
CA SER A 56 18.31 5.02 -10.99
C SER A 56 18.96 3.91 -10.16
N LYS A 57 18.84 4.02 -8.85
CA LYS A 57 19.38 3.01 -7.95
C LYS A 57 18.58 1.72 -8.05
N LEU A 58 17.27 1.87 -8.17
CA LEU A 58 16.36 0.74 -8.29
C LEU A 58 16.68 -0.09 -9.54
N SER A 59 17.02 0.60 -10.63
CA SER A 59 17.34 -0.07 -11.89
C SER A 59 18.50 -1.04 -11.69
N MET A 60 19.47 -0.63 -10.89
CA MET A 60 20.63 -1.46 -10.61
C MET A 60 20.20 -2.77 -9.96
N LEU A 61 19.18 -2.68 -9.11
CA LEU A 61 18.65 -3.85 -8.41
C LEU A 61 17.71 -4.66 -9.31
N ASN A 62 17.50 -4.20 -10.53
CA ASN A 62 16.63 -4.89 -11.48
C ASN A 62 15.20 -4.99 -10.95
N ILE A 63 14.72 -3.93 -10.33
CA ILE A 63 13.37 -3.90 -9.79
C ILE A 63 12.37 -3.46 -10.85
N ARG A 64 11.41 -4.33 -11.15
CA ARG A 64 10.40 -4.04 -12.16
C ARG A 64 9.16 -3.39 -11.54
N TYR A 65 8.51 -2.56 -12.34
CA TYR A 65 7.30 -1.84 -11.91
C TYR A 65 6.05 -2.70 -12.19
N PRO A 66 4.93 -2.44 -11.48
CA PRO A 66 4.83 -1.39 -10.47
C PRO A 66 5.75 -1.61 -9.28
N MET A 67 6.22 -0.52 -8.71
CA MET A 67 7.11 -0.58 -7.57
C MET A 67 6.33 -0.49 -6.27
N LEU A 68 6.74 -1.28 -5.30
CA LEU A 68 6.09 -1.31 -3.99
C LEU A 68 6.90 -0.52 -2.99
N PHE A 69 6.30 0.50 -2.39
CA PHE A 69 7.01 1.32 -1.41
C PHE A 69 6.23 1.45 -0.11
N LYS A 70 6.95 1.43 1.01
CA LYS A 70 6.32 1.56 2.32
C LYS A 70 6.86 2.78 3.07
N LEU A 71 5.98 3.49 3.76
CA LEU A 71 6.34 4.70 4.51
C LEU A 71 6.53 4.41 6.00
N THR A 72 7.77 4.56 6.50
CA THR A 72 8.05 4.30 7.90
C THR A 72 8.08 5.58 8.73
N ALA A 73 7.22 5.65 9.74
CA ALA A 73 7.18 6.81 10.63
C ALA A 73 7.88 6.51 11.95
N ASN A 74 8.95 7.24 12.24
CA ASN A 74 9.72 7.04 13.46
C ASN A 74 8.92 7.46 14.68
N GLU A 75 8.20 8.57 14.56
CA GLU A 75 7.43 9.11 15.68
C GLU A 75 6.37 8.11 16.17
N THR A 76 5.73 7.41 15.24
CA THR A 76 4.71 6.44 15.60
C THR A 76 5.19 5.01 15.46
N GLY A 77 6.39 4.83 14.89
CA GLY A 77 6.94 3.51 14.70
C GLY A 77 6.08 2.65 13.78
N ARG A 78 5.14 3.27 13.09
CA ARG A 78 4.26 2.55 12.17
C ARG A 78 4.65 2.81 10.72
N VAL A 79 4.60 1.77 9.89
CA VAL A 79 4.94 1.90 8.49
C VAL A 79 3.79 1.44 7.59
N THR A 80 3.45 2.27 6.62
CA THR A 80 2.38 1.94 5.68
C THR A 80 2.97 1.40 4.39
N HIS A 81 2.20 0.60 3.67
CA HIS A 81 2.65 0.03 2.40
C HIS A 81 1.75 0.49 1.26
N GLY A 82 2.37 0.96 0.19
CA GLY A 82 1.60 1.43 -0.95
C GLY A 82 2.46 1.65 -2.18
N GLY A 83 1.86 2.19 -3.23
CA GLY A 83 2.59 2.44 -4.45
C GLY A 83 2.87 3.91 -4.69
N VAL A 84 3.36 4.23 -5.88
CA VAL A 84 3.65 5.62 -6.22
C VAL A 84 3.04 5.99 -7.57
N LEU A 85 2.87 7.29 -7.81
CA LEU A 85 2.28 7.76 -9.06
C LEU A 85 3.36 7.99 -10.11
N GLU A 86 4.06 9.11 -9.98
CA GLU A 86 5.12 9.46 -10.89
C GLU A 86 6.20 10.24 -10.17
N PHE A 87 7.39 10.27 -10.73
CA PHE A 87 8.49 11.00 -10.12
C PHE A 87 8.66 12.35 -10.78
N ILE A 88 8.45 13.43 -10.02
CA ILE A 88 8.58 14.78 -10.53
C ILE A 88 9.44 15.66 -9.62
N ALA A 89 9.85 15.13 -8.48
CA ALA A 89 10.66 15.89 -7.54
C ALA A 89 12.15 15.77 -7.86
N GLU A 90 12.68 16.79 -8.51
CA GLU A 90 14.10 16.80 -8.88
C GLU A 90 14.98 16.93 -7.65
N GLU A 91 14.53 17.78 -6.72
CA GLU A 91 15.28 18.02 -5.49
C GLU A 91 15.32 16.80 -4.59
N GLY A 92 14.29 15.98 -4.65
CA GLY A 92 14.23 14.79 -3.81
C GLY A 92 13.19 14.91 -2.72
N ARG A 93 11.97 15.28 -3.10
CA ARG A 93 10.89 15.44 -2.14
C ARG A 93 9.76 14.46 -2.42
N VAL A 94 9.08 14.04 -1.35
CA VAL A 94 7.96 13.11 -1.46
C VAL A 94 6.74 13.62 -0.70
N TYR A 95 5.57 13.43 -1.28
CA TYR A 95 4.33 13.88 -0.67
C TYR A 95 3.39 12.70 -0.40
N LEU A 96 2.72 12.74 0.76
CA LEU A 96 1.81 11.68 1.16
C LEU A 96 0.36 12.19 1.24
N PRO A 97 -0.61 11.37 0.78
CA PRO A 97 -2.03 11.75 0.80
C PRO A 97 -2.51 12.14 2.20
N GLN A 98 -3.56 12.95 2.25
CA GLN A 98 -4.10 13.41 3.53
C GLN A 98 -4.56 12.23 4.40
N TRP A 99 -5.20 11.24 3.79
CA TRP A 99 -5.68 10.08 4.53
C TRP A 99 -4.51 9.21 5.01
N MET A 100 -3.48 9.07 4.19
CA MET A 100 -2.32 8.28 4.56
C MET A 100 -1.52 8.95 5.67
N MET A 101 -1.38 10.27 5.58
CA MET A 101 -0.62 11.02 6.58
C MET A 101 -1.20 10.87 7.98
N GLU A 102 -2.53 10.89 8.09
CA GLU A 102 -3.16 10.75 9.40
C GLU A 102 -2.87 9.38 10.00
N THR A 103 -2.90 8.36 9.16
CA THR A 103 -2.63 6.99 9.61
C THR A 103 -1.21 6.87 10.15
N LEU A 104 -0.27 7.54 9.48
CA LEU A 104 1.13 7.50 9.90
C LEU A 104 1.34 8.27 11.19
N GLY A 105 0.44 9.23 11.47
CA GLY A 105 0.55 10.01 12.68
C GLY A 105 1.66 11.04 12.58
N ILE A 106 1.92 11.53 11.37
CA ILE A 106 2.96 12.52 11.16
C ILE A 106 2.39 13.85 10.68
N GLN A 107 2.94 14.94 11.21
CA GLN A 107 2.51 16.27 10.85
C GLN A 107 3.38 16.84 9.73
N PRO A 108 2.89 17.86 9.02
CA PRO A 108 3.64 18.49 7.93
C PRO A 108 5.06 18.86 8.33
N GLY A 109 6.01 18.61 7.42
CA GLY A 109 7.39 18.91 7.70
C GLY A 109 8.14 17.76 8.36
N SER A 110 7.41 16.73 8.74
CA SER A 110 8.01 15.56 9.36
C SER A 110 8.83 14.75 8.36
N LEU A 111 9.74 13.92 8.85
CA LEU A 111 10.56 13.10 7.96
C LEU A 111 9.81 11.86 7.52
N LEU A 112 10.04 11.43 6.28
CA LEU A 112 9.37 10.26 5.75
C LEU A 112 10.36 9.29 5.12
N GLN A 113 10.25 8.02 5.51
CA GLN A 113 11.13 6.99 4.98
C GLN A 113 10.35 6.05 4.07
N ILE A 114 10.86 5.85 2.87
CA ILE A 114 10.21 4.97 1.91
C ILE A 114 11.10 3.80 1.53
N SER A 115 10.56 2.59 1.64
CA SER A 115 11.32 1.39 1.30
C SER A 115 10.66 0.59 0.18
N SER A 116 11.43 0.25 -0.85
CA SER A 116 10.91 -0.52 -1.99
C SER A 116 11.03 -2.01 -1.73
N THR A 117 9.91 -2.70 -1.65
CA THR A 117 9.91 -4.14 -1.42
C THR A 117 9.05 -4.90 -2.41
N ASP A 118 9.54 -6.04 -2.88
CA ASP A 118 8.80 -6.86 -3.83
C ASP A 118 8.32 -8.14 -3.16
N VAL A 119 7.02 -8.35 -3.16
CA VAL A 119 6.42 -9.53 -2.55
C VAL A 119 5.66 -10.36 -3.58
N PRO A 120 5.52 -11.67 -3.32
CA PRO A 120 4.79 -12.58 -4.19
C PRO A 120 3.28 -12.35 -4.11
N LEU A 121 2.57 -12.67 -5.18
CA LEU A 121 1.12 -12.48 -5.21
C LEU A 121 0.43 -13.36 -4.17
N GLY A 122 -0.46 -12.75 -3.38
CA GLY A 122 -1.17 -13.48 -2.36
C GLY A 122 -2.22 -14.41 -2.94
N GLN A 123 -2.51 -15.50 -2.24
CA GLN A 123 -3.49 -16.46 -2.71
C GLN A 123 -4.84 -16.28 -2.02
N PHE A 124 -4.84 -15.61 -0.87
CA PHE A 124 -6.08 -15.39 -0.13
C PHE A 124 -6.06 -14.05 0.60
N VAL A 125 -7.13 -13.27 0.44
CA VAL A 125 -7.24 -11.98 1.10
C VAL A 125 -8.60 -11.79 1.75
N LYS A 126 -8.59 -11.31 2.98
CA LYS A 126 -9.82 -11.04 3.72
C LYS A 126 -10.16 -9.56 3.66
N LEU A 127 -11.34 -9.23 3.16
CA LEU A 127 -11.75 -7.83 3.09
C LEU A 127 -12.93 -7.58 4.03
N GLU A 128 -12.80 -6.56 4.86
CA GLU A 128 -13.87 -6.22 5.81
C GLU A 128 -14.52 -4.89 5.44
N PRO A 129 -15.80 -4.92 5.02
CA PRO A 129 -16.54 -3.71 4.64
C PRO A 129 -17.12 -2.98 5.85
N GLN A 130 -17.58 -1.75 5.63
CA GLN A 130 -18.15 -0.96 6.68
C GLN A 130 -19.54 -0.48 6.26
N SER A 131 -20.54 -0.85 7.04
CA SER A 131 -21.92 -0.47 6.78
C SER A 131 -22.44 -1.17 5.52
N VAL A 132 -23.71 -1.57 5.55
CA VAL A 132 -24.33 -2.25 4.42
C VAL A 132 -24.33 -1.37 3.17
N ASP A 133 -24.18 -0.06 3.37
CA ASP A 133 -24.16 0.89 2.26
C ASP A 133 -23.01 0.59 1.31
N PHE A 134 -21.85 0.22 1.85
CA PHE A 134 -20.69 -0.08 1.04
C PHE A 134 -20.99 -1.25 0.09
N LEU A 135 -21.70 -2.24 0.58
CA LEU A 135 -22.05 -3.40 -0.23
C LEU A 135 -23.27 -3.14 -1.11
N ASP A 136 -23.96 -2.01 -0.86
CA ASP A 136 -25.13 -1.65 -1.64
C ASP A 136 -24.75 -1.25 -3.06
N ILE A 137 -23.48 -0.89 -3.25
CA ILE A 137 -22.99 -0.48 -4.56
C ILE A 137 -22.94 -1.66 -5.52
N SER A 138 -23.52 -1.48 -6.71
CA SER A 138 -23.56 -2.54 -7.71
C SER A 138 -22.18 -2.82 -8.28
N ASP A 139 -21.95 -4.06 -8.71
CA ASP A 139 -20.67 -4.47 -9.26
C ASP A 139 -19.53 -4.13 -8.31
N PRO A 140 -19.63 -4.59 -7.04
CA PRO A 140 -18.60 -4.34 -6.04
C PRO A 140 -17.27 -5.00 -6.39
N LYS A 141 -17.34 -6.17 -7.02
CA LYS A 141 -16.14 -6.90 -7.40
C LYS A 141 -15.27 -6.08 -8.35
N ALA A 142 -15.91 -5.39 -9.28
CA ALA A 142 -15.19 -4.55 -10.24
C ALA A 142 -14.45 -3.43 -9.54
N VAL A 143 -15.08 -2.84 -8.52
CA VAL A 143 -14.46 -1.75 -7.78
C VAL A 143 -13.16 -2.19 -7.13
N LEU A 144 -13.17 -3.39 -6.55
CA LEU A 144 -11.97 -3.92 -5.88
C LEU A 144 -10.82 -4.05 -6.85
N GLU A 145 -11.11 -4.50 -8.07
CA GLU A 145 -10.07 -4.66 -9.09
C GLU A 145 -9.40 -3.33 -9.40
N ASN A 146 -10.20 -2.27 -9.48
CA ASN A 146 -9.68 -0.95 -9.76
C ASN A 146 -8.81 -0.47 -8.60
N VAL A 147 -9.27 -0.76 -7.39
CA VAL A 147 -8.54 -0.38 -6.19
C VAL A 147 -7.16 -1.00 -6.17
N LEU A 148 -7.08 -2.28 -6.55
CA LEU A 148 -5.81 -2.99 -6.57
C LEU A 148 -4.81 -2.31 -7.49
N ARG A 149 -5.28 -1.87 -8.65
CA ARG A 149 -4.42 -1.20 -9.62
C ARG A 149 -3.85 0.08 -9.01
N ASN A 150 -4.68 0.79 -8.26
CA ASN A 150 -4.30 2.04 -7.61
C ASN A 150 -3.17 1.82 -6.60
N PHE A 151 -3.24 0.73 -5.85
CA PHE A 151 -2.23 0.44 -4.85
C PHE A 151 -1.21 -0.58 -5.36
N SER A 152 0.07 -0.19 -5.35
CA SER A 152 1.13 -1.07 -5.80
C SER A 152 1.17 -2.35 -4.96
N THR A 153 0.97 -2.18 -3.65
CA THR A 153 0.99 -3.32 -2.73
C THR A 153 -0.17 -3.25 -1.73
N LEU A 154 -0.62 -4.42 -1.29
CA LEU A 154 -1.71 -4.50 -0.32
C LEU A 154 -1.23 -5.22 0.94
N THR A 155 -1.46 -4.60 2.09
CA THR A 155 -1.07 -5.19 3.37
C THR A 155 -2.30 -5.39 4.25
N VAL A 156 -2.33 -6.52 4.95
CA VAL A 156 -3.46 -6.82 5.82
C VAL A 156 -3.64 -5.77 6.90
N ASP A 157 -2.53 -5.35 7.46
CA ASP A 157 -2.54 -4.34 8.51
C ASP A 157 -2.91 -2.97 7.97
N ASP A 158 -2.42 -2.65 6.78
CA ASP A 158 -2.68 -1.35 6.16
C ASP A 158 -4.14 -1.15 5.80
N VAL A 159 -4.62 0.06 6.03
CA VAL A 159 -6.00 0.41 5.72
C VAL A 159 -6.04 1.28 4.47
N ILE A 160 -6.73 0.82 3.44
CA ILE A 160 -6.82 1.55 2.19
C ILE A 160 -8.21 2.18 2.00
N GLU A 161 -8.24 3.39 1.47
CA GLU A 161 -9.49 4.10 1.25
C GLU A 161 -9.72 4.40 -0.22
N ILE A 162 -10.97 4.27 -0.66
CA ILE A 162 -11.33 4.51 -2.04
C ILE A 162 -12.54 5.44 -2.14
N SER A 163 -12.50 6.36 -3.10
CA SER A 163 -13.58 7.30 -3.30
C SER A 163 -14.38 6.96 -4.55
N TYR A 164 -15.67 6.65 -4.37
CA TYR A 164 -16.54 6.32 -5.49
C TYR A 164 -17.71 7.28 -5.59
N ASN A 165 -17.83 7.95 -6.73
CA ASN A 165 -18.91 8.90 -6.96
C ASN A 165 -18.94 9.97 -5.87
N GLY A 166 -17.76 10.44 -5.46
CA GLY A 166 -17.69 11.47 -4.44
C GLY A 166 -17.86 10.92 -3.03
N LYS A 167 -17.85 9.60 -2.90
CA LYS A 167 -18.01 8.95 -1.59
C LYS A 167 -16.71 8.30 -1.16
N THR A 168 -16.37 8.46 0.12
CA THR A 168 -15.14 7.88 0.66
C THR A 168 -15.44 6.67 1.54
N PHE A 169 -14.89 5.51 1.17
CA PHE A 169 -15.10 4.29 1.92
C PHE A 169 -13.78 3.72 2.44
N LYS A 170 -13.81 3.22 3.67
CA LYS A 170 -12.61 2.65 4.29
C LYS A 170 -12.69 1.13 4.34
N ILE A 171 -11.68 0.47 3.77
CA ILE A 171 -11.63 -0.99 3.77
C ILE A 171 -10.35 -1.48 4.43
N LYS A 172 -10.49 -2.42 5.35
CA LYS A 172 -9.34 -2.97 6.05
C LYS A 172 -9.24 -4.47 5.80
N ILE A 173 -8.04 -4.94 5.53
CA ILE A 173 -7.81 -6.35 5.28
C ILE A 173 -7.64 -7.10 6.59
N LEU A 174 -8.51 -8.08 6.84
CA LEU A 174 -8.46 -8.85 8.08
C LEU A 174 -7.23 -9.74 8.14
N GLU A 175 -7.11 -10.63 7.17
CA GLU A 175 -5.99 -11.54 7.06
C GLU A 175 -5.85 -12.05 5.63
N VAL A 176 -4.62 -12.28 5.20
CA VAL A 176 -4.37 -12.76 3.84
C VAL A 176 -3.29 -13.82 3.86
N LYS A 177 -3.40 -14.81 2.99
CA LYS A 177 -2.40 -15.87 2.91
C LYS A 177 -1.28 -15.48 1.96
N PRO A 178 -0.11 -15.10 2.50
CA PRO A 178 1.04 -14.70 1.72
C PRO A 178 2.12 -15.78 1.66
N GLU A 179 3.16 -15.53 0.88
CA GLU A 179 4.26 -16.47 0.76
C GLU A 179 5.44 -16.02 1.62
N SER A 180 5.28 -14.90 2.33
CA SER A 180 6.34 -14.38 3.19
C SER A 180 5.78 -14.00 4.57
N SER A 181 6.64 -14.11 5.58
CA SER A 181 6.26 -13.78 6.96
C SER A 181 6.07 -12.28 7.16
N SER A 182 6.50 -11.48 6.18
CA SER A 182 6.38 -10.03 6.28
C SER A 182 4.91 -9.58 6.34
N LYS A 183 3.99 -10.52 6.09
CA LYS A 183 2.57 -10.22 6.13
C LYS A 183 2.19 -9.14 5.12
N SER A 184 3.01 -9.01 4.08
CA SER A 184 2.77 -8.03 3.03
C SER A 184 2.64 -8.74 1.69
N ILE A 185 1.64 -8.35 0.90
CA ILE A 185 1.40 -8.97 -0.40
C ILE A 185 1.27 -7.96 -1.52
N CYS A 186 1.49 -8.44 -2.74
CA CYS A 186 1.39 -7.60 -3.93
C CYS A 186 0.73 -8.37 -5.05
N VAL A 187 -0.53 -8.06 -5.32
CA VAL A 187 -1.26 -8.74 -6.37
C VAL A 187 -2.12 -7.76 -7.14
N ILE A 188 -1.55 -7.16 -8.15
CA ILE A 188 -2.27 -6.17 -8.97
C ILE A 188 -2.79 -6.78 -10.26
N GLU A 189 -2.47 -8.04 -10.50
CA GLU A 189 -2.91 -8.70 -11.72
C GLU A 189 -4.26 -9.39 -11.52
N THR A 190 -4.26 -10.58 -10.92
CA THR A 190 -5.48 -11.31 -10.67
C THR A 190 -5.21 -12.68 -10.02
N ASP A 191 -4.22 -12.73 -9.14
CA ASP A 191 -3.87 -13.97 -8.47
C ASP A 191 -4.25 -13.94 -6.99
N LEU A 192 -5.12 -13.00 -6.62
CA LEU A 192 -5.54 -12.89 -5.23
C LEU A 192 -7.04 -13.14 -5.09
N VAL A 193 -7.37 -13.97 -4.11
CA VAL A 193 -8.77 -14.31 -3.86
C VAL A 193 -9.32 -13.41 -2.76
N THR A 194 -10.36 -12.65 -3.09
CA THR A 194 -10.97 -11.73 -2.14
C THR A 194 -12.27 -12.27 -1.57
N ASP A 195 -12.48 -12.03 -0.28
CA ASP A 195 -13.69 -12.47 0.40
C ASP A 195 -14.32 -11.31 1.16
N PHE A 196 -15.65 -11.28 1.22
CA PHE A 196 -16.36 -10.21 1.91
C PHE A 196 -17.10 -10.74 3.13
N ALA A 197 -17.07 -9.96 4.20
CA ALA A 197 -17.74 -10.32 5.43
C ALA A 197 -18.83 -9.31 5.77
N PRO A 198 -19.72 -9.63 6.71
CA PRO A 198 -20.80 -8.73 7.11
C PRO A 198 -20.27 -7.44 7.73
N PRO A 199 -20.76 -6.28 7.24
CA PRO A 199 -20.34 -4.97 7.74
C PRO A 199 -20.95 -4.63 9.09
N VAL A 200 -20.35 -3.66 9.78
CA VAL A 200 -20.84 -3.25 11.09
C VAL A 200 -21.93 -2.19 10.96
N GLY A 201 -23.06 -2.43 11.62
CA GLY A 201 -24.17 -1.50 11.57
C GLY A 201 -24.34 -0.73 12.87
N TYR A 202 -23.55 -1.07 13.88
CA TYR A 202 -23.63 -0.42 15.17
C TYR A 202 -22.52 0.63 15.33
N VAL A 203 -22.88 1.79 15.85
CA VAL A 203 -21.92 2.87 16.05
C VAL A 203 -21.82 3.25 17.51
N GLU A 204 -20.59 3.31 18.01
CA GLU A 204 -20.34 3.67 19.42
C GLU A 204 -19.96 5.14 19.54
N PRO A 205 -20.69 5.90 20.38
CA PRO A 205 -20.41 7.32 20.60
C PRO A 205 -19.07 7.56 21.29
N ASP A 206 -18.23 8.38 20.68
CA ASP A 206 -16.92 8.69 21.24
C ASP A 206 -16.93 10.04 21.94
N TYR A 207 -16.63 10.03 23.24
CA TYR A 207 -16.62 11.26 24.02
C TYR A 207 -15.19 11.77 24.21
N LYS A 208 -14.96 13.01 23.79
CA LYS A 208 -13.63 13.61 23.90
C LYS A 208 -13.63 14.70 24.96
N MET A 1 22.50 -28.00 -3.67
CA MET A 1 21.90 -27.01 -2.74
C MET A 1 22.97 -26.17 -2.05
N PHE A 2 23.88 -26.84 -1.36
CA PHE A 2 24.96 -26.16 -0.66
C PHE A 2 24.41 -25.20 0.39
N SER A 3 23.34 -25.61 1.06
CA SER A 3 22.73 -24.78 2.09
C SER A 3 23.15 -25.23 3.48
N GLY A 4 23.78 -24.33 4.23
CA GLY A 4 24.24 -24.66 5.57
C GLY A 4 25.38 -23.79 6.02
N PHE A 5 26.07 -24.21 7.08
CA PHE A 5 27.20 -23.46 7.61
C PHE A 5 26.77 -22.06 8.05
N SER A 6 25.60 -21.98 8.68
CA SER A 6 25.07 -20.70 9.15
C SER A 6 25.01 -20.67 10.67
N SER A 7 25.39 -19.54 11.25
CA SER A 7 25.38 -19.37 12.70
C SER A 7 23.98 -19.55 13.27
N PHE A 8 22.98 -19.03 12.57
CA PHE A 8 21.60 -19.14 13.01
C PHE A 8 20.81 -20.08 12.13
N GLY A 9 20.23 -21.11 12.73
CA GLY A 9 19.46 -22.08 11.98
C GLY A 9 18.00 -21.66 11.83
N GLY A 10 17.45 -21.86 10.64
CA GLY A 10 16.06 -21.50 10.40
C GLY A 10 15.11 -22.67 10.63
N GLY A 11 14.18 -22.49 11.55
CA GLY A 11 13.22 -23.54 11.85
C GLY A 11 11.78 -23.06 11.76
N ASN A 12 11.58 -21.75 11.93
CA ASN A 12 10.23 -21.18 11.87
C ASN A 12 10.16 -20.05 10.84
N GLY A 13 9.06 -20.00 10.11
CA GLY A 13 8.89 -18.97 9.09
C GLY A 13 9.33 -19.42 7.72
N PHE A 14 9.85 -18.48 6.93
CA PHE A 14 10.30 -18.79 5.58
C PHE A 14 11.79 -18.46 5.42
N VAL A 15 12.51 -19.33 4.72
CA VAL A 15 13.94 -19.14 4.51
C VAL A 15 14.21 -18.14 3.37
N ASN A 16 13.16 -17.70 2.69
CA ASN A 16 13.31 -16.74 1.60
C ASN A 16 13.47 -15.32 2.14
N MET A 17 14.38 -14.57 1.53
CA MET A 17 14.64 -13.20 1.95
C MET A 17 14.13 -12.19 0.90
N PRO A 18 13.07 -11.43 1.22
CA PRO A 18 12.51 -10.44 0.31
C PRO A 18 13.54 -9.39 -0.07
N GLN A 19 13.22 -8.55 -1.06
CA GLN A 19 14.13 -7.50 -1.50
C GLN A 19 13.71 -6.16 -0.90
N THR A 20 14.60 -5.54 -0.13
CA THR A 20 14.30 -4.27 0.49
C THR A 20 15.41 -3.23 0.25
N PHE A 21 14.98 -1.99 0.01
CA PHE A 21 15.90 -0.88 -0.23
C PHE A 21 15.51 0.28 0.68
N GLU A 22 16.48 0.84 1.41
CA GLU A 22 16.18 1.94 2.32
C GLU A 22 16.71 3.28 1.82
N GLU A 23 15.86 4.31 1.94
CA GLU A 23 16.21 5.66 1.52
C GLU A 23 15.58 6.69 2.46
N PHE A 24 16.12 7.90 2.46
CA PHE A 24 15.60 8.97 3.31
C PHE A 24 15.11 10.14 2.45
N PHE A 25 13.94 10.67 2.79
CA PHE A 25 13.38 11.80 2.05
C PHE A 25 12.52 12.68 2.94
N ARG A 26 12.30 13.91 2.52
CA ARG A 26 11.48 14.84 3.28
C ARG A 26 10.05 14.82 2.79
N CYS A 27 9.11 14.74 3.74
CA CYS A 27 7.70 14.69 3.40
C CYS A 27 7.06 16.07 3.50
N TYR A 28 6.16 16.35 2.56
CA TYR A 28 5.46 17.63 2.53
C TYR A 28 3.95 17.42 2.48
N PRO A 29 3.18 18.41 2.97
CA PRO A 29 1.72 18.33 3.00
C PRO A 29 1.08 18.61 1.64
N ILE A 30 0.58 17.57 0.99
CA ILE A 30 -0.07 17.73 -0.30
C ILE A 30 -1.33 18.57 -0.13
N ALA A 31 -2.05 18.34 0.96
CA ALA A 31 -3.28 19.08 1.26
C ALA A 31 -2.99 20.57 1.43
N MET A 32 -1.85 20.88 2.02
CA MET A 32 -1.45 22.28 2.26
C MET A 32 -1.17 22.99 0.94
N MET A 33 -0.66 22.25 -0.04
CA MET A 33 -0.35 22.81 -1.35
C MET A 33 -1.59 23.40 -2.02
N ASN A 34 -1.37 24.29 -2.98
CA ASN A 34 -2.46 24.95 -3.69
C ASN A 34 -3.35 23.94 -4.40
N ASP A 35 -4.66 24.23 -4.44
CA ASP A 35 -5.63 23.34 -5.08
C ASP A 35 -5.29 23.15 -6.55
N ARG A 36 -4.85 24.22 -7.20
CA ARG A 36 -4.50 24.18 -8.60
C ARG A 36 -3.38 23.17 -8.84
N ILE A 37 -2.41 23.13 -7.92
CA ILE A 37 -1.30 22.20 -8.04
C ILE A 37 -1.61 20.86 -7.37
N ARG A 38 -2.79 20.76 -6.74
CA ARG A 38 -3.20 19.51 -6.09
C ARG A 38 -4.15 18.71 -6.97
N LYS A 39 -3.95 17.40 -6.99
CA LYS A 39 -4.79 16.51 -7.78
C LYS A 39 -5.77 15.76 -6.88
N ASP A 40 -7.04 15.73 -7.28
CA ASP A 40 -8.08 15.06 -6.49
C ASP A 40 -7.76 13.57 -6.32
N ASP A 41 -7.27 12.95 -7.39
CA ASP A 41 -6.93 11.54 -7.34
C ASP A 41 -5.76 11.27 -6.39
N ALA A 42 -4.77 12.17 -6.42
CA ALA A 42 -3.59 12.04 -5.57
C ALA A 42 -3.96 12.12 -4.08
N ASN A 43 -4.88 13.01 -3.75
CA ASN A 43 -5.30 13.19 -2.37
C ASN A 43 -5.89 11.90 -1.80
N PHE A 44 -6.66 11.19 -2.62
CA PHE A 44 -7.27 9.93 -2.20
C PHE A 44 -6.58 8.72 -2.82
N GLY A 45 -5.47 8.96 -3.52
CA GLY A 45 -4.75 7.88 -4.14
C GLY A 45 -3.59 7.37 -3.30
N GLY A 46 -2.97 6.29 -3.75
CA GLY A 46 -1.84 5.74 -3.02
C GLY A 46 -0.52 5.95 -3.73
N LYS A 47 -0.47 6.99 -4.57
CA LYS A 47 0.73 7.29 -5.32
C LYS A 47 1.49 8.47 -4.69
N ILE A 48 2.80 8.32 -4.59
CA ILE A 48 3.65 9.35 -4.01
C ILE A 48 4.69 9.82 -5.02
N PHE A 49 5.22 11.01 -4.81
CA PHE A 49 6.23 11.57 -5.71
C PHE A 49 7.63 11.39 -5.12
N LEU A 50 8.54 10.88 -5.95
CA LEU A 50 9.92 10.66 -5.53
C LEU A 50 10.91 11.21 -6.54
N PRO A 51 12.17 11.41 -6.12
CA PRO A 51 13.20 11.93 -7.03
C PRO A 51 13.73 10.85 -7.99
N PRO A 52 14.05 11.23 -9.23
CA PRO A 52 14.56 10.29 -10.24
C PRO A 52 15.85 9.61 -9.81
N SER A 53 16.59 10.24 -8.91
CA SER A 53 17.85 9.68 -8.44
C SER A 53 17.64 8.32 -7.78
N ALA A 54 16.56 8.19 -7.02
CA ALA A 54 16.23 6.94 -6.34
C ALA A 54 15.86 5.86 -7.35
N LEU A 55 15.14 6.27 -8.38
CA LEU A 55 14.71 5.35 -9.42
C LEU A 55 15.90 4.71 -10.14
N SER A 56 16.92 5.51 -10.39
CA SER A 56 18.10 5.03 -11.09
C SER A 56 18.74 3.89 -10.30
N LYS A 57 18.77 4.02 -8.97
CA LYS A 57 19.33 2.99 -8.13
C LYS A 57 18.52 1.70 -8.24
N LEU A 58 17.21 1.84 -8.30
CA LEU A 58 16.30 0.70 -8.43
C LEU A 58 16.57 -0.08 -9.73
N SER A 59 16.93 0.66 -10.78
CA SER A 59 17.21 0.04 -12.08
C SER A 59 18.35 -0.95 -11.96
N MET A 60 19.35 -0.61 -11.17
CA MET A 60 20.50 -1.48 -10.97
C MET A 60 20.05 -2.83 -10.39
N LEU A 61 19.06 -2.78 -9.51
CA LEU A 61 18.53 -4.00 -8.89
C LEU A 61 17.57 -4.73 -9.83
N ASN A 62 17.34 -4.16 -11.02
CA ASN A 62 16.45 -4.78 -12.00
C ASN A 62 15.03 -4.95 -11.46
N ILE A 63 14.55 -3.95 -10.73
CA ILE A 63 13.21 -3.99 -10.17
C ILE A 63 12.19 -3.63 -11.25
N ARG A 64 11.20 -4.50 -11.43
CA ARG A 64 10.16 -4.28 -12.45
C ARG A 64 9.03 -3.41 -11.92
N TYR A 65 8.52 -2.56 -12.80
CA TYR A 65 7.43 -1.66 -12.46
C TYR A 65 6.08 -2.34 -12.69
N PRO A 66 5.01 -1.86 -12.03
CA PRO A 66 5.06 -0.72 -11.11
C PRO A 66 5.91 -1.01 -9.87
N MET A 67 6.39 0.06 -9.25
CA MET A 67 7.23 -0.05 -8.07
C MET A 67 6.42 0.20 -6.80
N LEU A 68 6.79 -0.50 -5.73
CA LEU A 68 6.11 -0.36 -4.45
C LEU A 68 7.06 0.20 -3.41
N PHE A 69 6.59 1.19 -2.66
CA PHE A 69 7.39 1.81 -1.62
C PHE A 69 6.73 1.67 -0.25
N LYS A 70 7.55 1.40 0.75
CA LYS A 70 7.08 1.24 2.12
C LYS A 70 7.63 2.37 2.98
N LEU A 71 6.74 3.16 3.57
CA LEU A 71 7.16 4.30 4.39
C LEU A 71 7.15 3.98 5.87
N THR A 72 8.29 4.25 6.54
CA THR A 72 8.43 3.99 7.97
C THR A 72 8.62 5.28 8.77
N ALA A 73 7.83 5.43 9.84
CA ALA A 73 7.92 6.60 10.70
C ALA A 73 8.52 6.23 12.05
N ASN A 74 9.74 6.70 12.30
CA ASN A 74 10.44 6.41 13.56
C ASN A 74 9.65 6.94 14.76
N GLU A 75 9.08 8.12 14.61
CA GLU A 75 8.32 8.73 15.69
C GLU A 75 7.13 7.89 16.14
N THR A 76 6.44 7.27 15.18
CA THR A 76 5.28 6.46 15.49
C THR A 76 5.60 4.96 15.47
N GLY A 77 6.78 4.61 14.97
CA GLY A 77 7.17 3.21 14.90
C GLY A 77 6.28 2.41 13.98
N ARG A 78 5.37 3.09 13.28
CA ARG A 78 4.47 2.42 12.36
C ARG A 78 4.90 2.65 10.93
N VAL A 79 4.78 1.62 10.11
CA VAL A 79 5.16 1.73 8.71
C VAL A 79 4.00 1.44 7.77
N THR A 80 3.74 2.41 6.90
CA THR A 80 2.66 2.30 5.92
C THR A 80 3.23 1.99 4.54
N HIS A 81 2.46 1.30 3.71
CA HIS A 81 2.90 0.97 2.36
C HIS A 81 2.28 1.91 1.34
N GLY A 82 3.13 2.71 0.68
CA GLY A 82 2.65 3.64 -0.31
C GLY A 82 3.13 3.33 -1.71
N GLY A 83 2.24 3.49 -2.69
CA GLY A 83 2.60 3.23 -4.07
C GLY A 83 3.27 4.44 -4.70
N VAL A 84 3.94 4.24 -5.83
CA VAL A 84 4.63 5.33 -6.52
C VAL A 84 4.20 5.46 -7.97
N LEU A 85 3.90 6.68 -8.37
CA LEU A 85 3.49 6.96 -9.74
C LEU A 85 4.69 7.29 -10.62
N GLU A 86 5.23 8.49 -10.43
CA GLU A 86 6.39 8.94 -11.21
C GLU A 86 7.32 9.81 -10.39
N PHE A 87 8.56 9.95 -10.84
CA PHE A 87 9.53 10.77 -10.13
C PHE A 87 9.60 12.17 -10.73
N ILE A 88 9.23 13.17 -9.93
CA ILE A 88 9.23 14.55 -10.39
C ILE A 88 10.07 15.46 -9.48
N ALA A 89 10.57 14.91 -8.38
CA ALA A 89 11.38 15.68 -7.45
C ALA A 89 12.85 15.62 -7.80
N GLU A 90 13.33 16.64 -8.49
CA GLU A 90 14.74 16.71 -8.89
C GLU A 90 15.63 16.94 -7.69
N GLU A 91 15.17 17.80 -6.78
CA GLU A 91 15.92 18.14 -5.57
C GLU A 91 15.99 16.97 -4.61
N GLY A 92 14.98 16.13 -4.63
CA GLY A 92 14.94 14.99 -3.72
C GLY A 92 13.89 15.14 -2.65
N ARG A 93 12.67 15.46 -3.07
CA ARG A 93 11.56 15.63 -2.13
C ARG A 93 10.45 14.63 -2.42
N VAL A 94 9.70 14.28 -1.37
CA VAL A 94 8.61 13.32 -1.50
C VAL A 94 7.33 13.86 -0.87
N TYR A 95 6.21 13.58 -1.49
CA TYR A 95 4.91 14.03 -1.00
C TYR A 95 4.00 12.85 -0.68
N LEU A 96 3.26 12.96 0.42
CA LEU A 96 2.35 11.89 0.84
C LEU A 96 0.93 12.40 0.98
N PRO A 97 -0.07 11.55 0.70
CA PRO A 97 -1.49 11.95 0.81
C PRO A 97 -1.97 11.95 2.25
N GLN A 98 -3.27 12.15 2.42
CA GLN A 98 -3.89 12.17 3.73
C GLN A 98 -3.90 10.78 4.37
N TRP A 99 -3.78 9.75 3.54
CA TRP A 99 -3.79 8.39 4.01
C TRP A 99 -2.66 8.11 4.99
N MET A 100 -1.46 8.50 4.59
CA MET A 100 -0.28 8.29 5.41
C MET A 100 -0.29 9.20 6.64
N MET A 101 -0.73 10.43 6.46
CA MET A 101 -0.77 11.38 7.56
C MET A 101 -1.74 10.95 8.65
N GLU A 102 -2.94 10.56 8.23
CA GLU A 102 -3.95 10.13 9.18
C GLU A 102 -3.60 8.78 9.80
N THR A 103 -3.05 7.88 8.98
CA THR A 103 -2.67 6.55 9.46
C THR A 103 -1.46 6.60 10.39
N LEU A 104 -0.49 7.44 10.06
CA LEU A 104 0.72 7.56 10.87
C LEU A 104 0.61 8.70 11.87
N GLY A 105 -0.30 9.64 11.63
CA GLY A 105 -0.46 10.76 12.53
C GLY A 105 0.82 11.57 12.68
N ILE A 106 1.43 11.90 11.55
CA ILE A 106 2.68 12.66 11.55
C ILE A 106 2.49 14.03 10.93
N GLN A 107 3.27 14.99 11.40
CA GLN A 107 3.22 16.35 10.90
C GLN A 107 4.21 16.56 9.78
N PRO A 108 4.01 17.61 8.99
CA PRO A 108 4.89 17.93 7.85
C PRO A 108 6.35 18.18 8.26
N GLY A 109 6.62 18.19 9.56
CA GLY A 109 7.98 18.41 10.03
C GLY A 109 8.69 17.11 10.37
N SER A 110 7.96 16.01 10.34
CA SER A 110 8.54 14.70 10.67
C SER A 110 9.19 14.08 9.43
N LEU A 111 10.30 13.39 9.65
CA LEU A 111 11.02 12.76 8.56
C LEU A 111 10.22 11.58 8.00
N LEU A 112 10.32 11.38 6.69
CA LEU A 112 9.61 10.29 6.04
C LEU A 112 10.59 9.42 5.25
N GLN A 113 10.57 8.12 5.54
CA GLN A 113 11.49 7.19 4.88
C GLN A 113 10.75 6.24 3.94
N ILE A 114 11.28 6.12 2.73
CA ILE A 114 10.70 5.23 1.74
C ILE A 114 11.63 4.05 1.47
N SER A 115 11.08 2.84 1.51
CA SER A 115 11.89 1.64 1.28
C SER A 115 11.26 0.77 0.18
N SER A 116 12.09 0.30 -0.74
CA SER A 116 11.61 -0.56 -1.82
C SER A 116 11.56 -2.00 -1.34
N THR A 117 10.37 -2.59 -1.39
CA THR A 117 10.21 -3.97 -0.95
C THR A 117 9.56 -4.85 -2.01
N ASP A 118 10.06 -6.08 -2.13
CA ASP A 118 9.51 -7.03 -3.08
C ASP A 118 8.85 -8.17 -2.32
N VAL A 119 7.52 -8.24 -2.40
CA VAL A 119 6.77 -9.27 -1.69
C VAL A 119 6.06 -10.22 -2.64
N PRO A 120 5.85 -11.48 -2.20
CA PRO A 120 5.15 -12.48 -3.00
C PRO A 120 3.66 -12.22 -3.00
N LEU A 121 3.07 -12.28 -4.18
CA LEU A 121 1.64 -12.03 -4.33
C LEU A 121 0.79 -13.04 -3.56
N GLY A 122 -0.17 -12.52 -2.80
CA GLY A 122 -1.05 -13.36 -2.02
C GLY A 122 -2.10 -14.03 -2.88
N GLN A 123 -2.67 -15.12 -2.39
CA GLN A 123 -3.71 -15.83 -3.13
C GLN A 123 -5.10 -15.59 -2.55
N PHE A 124 -5.16 -15.20 -1.27
CA PHE A 124 -6.44 -14.96 -0.63
C PHE A 124 -6.42 -13.70 0.22
N VAL A 125 -7.46 -12.88 0.10
CA VAL A 125 -7.56 -11.64 0.86
C VAL A 125 -8.94 -11.46 1.48
N LYS A 126 -8.95 -11.17 2.77
CA LYS A 126 -10.20 -10.96 3.49
C LYS A 126 -10.52 -9.48 3.57
N LEU A 127 -11.69 -9.09 3.08
CA LEU A 127 -12.10 -7.69 3.11
C LEU A 127 -13.34 -7.52 3.97
N GLU A 128 -13.36 -6.48 4.80
CA GLU A 128 -14.48 -6.21 5.66
C GLU A 128 -15.30 -5.05 5.12
N PRO A 129 -16.57 -5.31 4.71
CA PRO A 129 -17.44 -4.27 4.17
C PRO A 129 -18.10 -3.42 5.25
N GLN A 130 -18.54 -2.23 4.85
CA GLN A 130 -19.22 -1.33 5.77
C GLN A 130 -20.59 -0.98 5.23
N SER A 131 -21.60 -1.28 6.02
CA SER A 131 -22.99 -1.02 5.64
C SER A 131 -23.42 -1.94 4.50
N VAL A 132 -24.60 -2.52 4.64
CA VAL A 132 -25.12 -3.42 3.63
C VAL A 132 -25.31 -2.71 2.29
N ASP A 133 -25.45 -1.38 2.35
CA ASP A 133 -25.65 -0.59 1.13
C ASP A 133 -24.47 -0.76 0.17
N PHE A 134 -23.26 -0.80 0.72
CA PHE A 134 -22.06 -0.97 -0.11
C PHE A 134 -22.11 -2.28 -0.89
N LEU A 135 -22.59 -3.33 -0.23
CA LEU A 135 -22.69 -4.63 -0.87
C LEU A 135 -23.93 -4.74 -1.76
N ASP A 136 -24.82 -3.75 -1.67
CA ASP A 136 -26.04 -3.75 -2.47
C ASP A 136 -25.73 -3.50 -3.95
N ILE A 137 -24.49 -3.12 -4.25
CA ILE A 137 -24.08 -2.87 -5.62
C ILE A 137 -24.25 -4.11 -6.48
N SER A 138 -24.77 -3.92 -7.69
CA SER A 138 -25.01 -5.02 -8.62
C SER A 138 -23.73 -5.78 -8.95
N ASP A 139 -22.63 -5.04 -9.12
CA ASP A 139 -21.35 -5.65 -9.44
C ASP A 139 -20.25 -5.14 -8.51
N PRO A 140 -20.29 -5.55 -7.23
CA PRO A 140 -19.29 -5.13 -6.23
C PRO A 140 -17.90 -5.66 -6.57
N LYS A 141 -17.86 -6.84 -7.18
CA LYS A 141 -16.57 -7.45 -7.53
C LYS A 141 -15.77 -6.57 -8.48
N ALA A 142 -16.47 -5.95 -9.43
CA ALA A 142 -15.81 -5.08 -10.40
C ALA A 142 -15.13 -3.90 -9.70
N VAL A 143 -15.83 -3.32 -8.73
CA VAL A 143 -15.30 -2.19 -7.98
C VAL A 143 -14.02 -2.59 -7.22
N LEU A 144 -14.04 -3.78 -6.63
CA LEU A 144 -12.88 -4.27 -5.88
C LEU A 144 -11.67 -4.44 -6.78
N GLU A 145 -11.88 -4.95 -7.98
CA GLU A 145 -10.80 -5.16 -8.93
C GLU A 145 -10.10 -3.84 -9.25
N ASN A 146 -10.90 -2.80 -9.51
CA ASN A 146 -10.37 -1.49 -9.82
C ASN A 146 -9.55 -0.98 -8.65
N VAL A 147 -10.05 -1.21 -7.44
CA VAL A 147 -9.38 -0.78 -6.23
C VAL A 147 -8.00 -1.42 -6.10
N LEU A 148 -7.91 -2.71 -6.38
CA LEU A 148 -6.64 -3.42 -6.28
C LEU A 148 -5.61 -2.81 -7.23
N ARG A 149 -6.06 -2.45 -8.42
CA ARG A 149 -5.18 -1.83 -9.41
C ARG A 149 -4.70 -0.48 -8.92
N ASN A 150 -5.60 0.26 -8.29
CA ASN A 150 -5.29 1.57 -7.75
C ASN A 150 -4.18 1.50 -6.70
N PHE A 151 -4.21 0.48 -5.86
CA PHE A 151 -3.20 0.34 -4.81
C PHE A 151 -2.10 -0.63 -5.23
N SER A 152 -0.88 -0.11 -5.26
CA SER A 152 0.28 -0.91 -5.65
C SER A 152 0.46 -2.09 -4.71
N THR A 153 0.25 -1.86 -3.42
CA THR A 153 0.40 -2.92 -2.41
C THR A 153 -0.84 -3.07 -1.55
N LEU A 154 -1.13 -4.31 -1.17
CA LEU A 154 -2.28 -4.60 -0.33
C LEU A 154 -1.81 -5.25 0.97
N THR A 155 -2.11 -4.59 2.09
CA THR A 155 -1.73 -5.11 3.40
C THR A 155 -2.94 -5.24 4.31
N VAL A 156 -2.96 -6.31 5.11
CA VAL A 156 -4.09 -6.57 6.00
C VAL A 156 -4.27 -5.44 7.02
N ASP A 157 -3.16 -4.92 7.51
CA ASP A 157 -3.16 -3.85 8.50
C ASP A 157 -3.70 -2.53 7.94
N ASP A 158 -3.34 -2.22 6.72
CA ASP A 158 -3.75 -0.97 6.09
C ASP A 158 -5.22 -0.99 5.67
N VAL A 159 -5.89 0.14 5.88
CA VAL A 159 -7.29 0.29 5.51
C VAL A 159 -7.40 1.18 4.28
N ILE A 160 -8.00 0.64 3.21
CA ILE A 160 -8.13 1.40 1.97
C ILE A 160 -9.56 1.85 1.72
N GLU A 161 -9.72 3.14 1.41
CA GLU A 161 -11.03 3.72 1.14
C GLU A 161 -11.09 4.29 -0.27
N ILE A 162 -12.22 4.08 -0.94
CA ILE A 162 -12.41 4.58 -2.29
C ILE A 162 -13.61 5.52 -2.38
N SER A 163 -13.54 6.50 -3.28
CA SER A 163 -14.63 7.45 -3.44
C SER A 163 -15.38 7.22 -4.75
N TYR A 164 -16.66 6.89 -4.64
CA TYR A 164 -17.49 6.64 -5.82
C TYR A 164 -18.68 7.61 -5.86
N ASN A 165 -18.75 8.40 -6.93
CA ASN A 165 -19.83 9.38 -7.09
C ASN A 165 -19.94 10.30 -5.88
N GLY A 166 -18.78 10.71 -5.36
CA GLY A 166 -18.77 11.59 -4.20
C GLY A 166 -18.99 10.87 -2.89
N LYS A 167 -18.96 9.53 -2.93
CA LYS A 167 -19.17 8.73 -1.72
C LYS A 167 -17.86 8.07 -1.31
N THR A 168 -17.53 8.15 -0.03
CA THR A 168 -16.30 7.55 0.48
C THR A 168 -16.58 6.30 1.31
N PHE A 169 -15.96 5.18 0.91
CA PHE A 169 -16.14 3.91 1.61
C PHE A 169 -14.80 3.41 2.14
N LYS A 170 -14.81 2.85 3.34
CA LYS A 170 -13.59 2.33 3.95
C LYS A 170 -13.55 0.80 3.87
N ILE A 171 -12.45 0.26 3.38
CA ILE A 171 -12.28 -1.17 3.27
C ILE A 171 -11.09 -1.64 4.10
N LYS A 172 -11.34 -2.52 5.06
CA LYS A 172 -10.28 -3.03 5.92
C LYS A 172 -10.03 -4.51 5.65
N ILE A 173 -8.77 -4.84 5.40
CA ILE A 173 -8.39 -6.22 5.13
C ILE A 173 -8.23 -6.99 6.43
N LEU A 174 -9.15 -7.92 6.68
CA LEU A 174 -9.15 -8.72 7.90
C LEU A 174 -7.90 -9.61 7.99
N GLU A 175 -7.73 -10.47 6.99
CA GLU A 175 -6.59 -11.37 6.93
C GLU A 175 -6.36 -11.83 5.50
N VAL A 176 -5.10 -11.98 5.12
CA VAL A 176 -4.75 -12.41 3.77
C VAL A 176 -3.62 -13.43 3.78
N LYS A 177 -3.70 -14.43 2.91
CA LYS A 177 -2.65 -15.44 2.84
C LYS A 177 -1.59 -15.03 1.81
N PRO A 178 -0.42 -14.57 2.28
CA PRO A 178 0.67 -14.13 1.43
C PRO A 178 1.80 -15.15 1.33
N GLU A 179 1.65 -16.28 2.02
CA GLU A 179 2.66 -17.32 2.02
C GLU A 179 3.99 -16.80 2.58
N SER A 180 3.91 -15.73 3.36
CA SER A 180 5.10 -15.13 3.97
C SER A 180 4.81 -14.66 5.39
N SER A 181 5.86 -14.58 6.21
CA SER A 181 5.72 -14.15 7.60
C SER A 181 5.38 -12.66 7.69
N SER A 182 5.72 -11.91 6.63
CA SER A 182 5.47 -10.48 6.59
C SER A 182 3.97 -10.19 6.71
N LYS A 183 3.17 -11.05 6.11
CA LYS A 183 1.71 -10.90 6.13
C LYS A 183 1.27 -9.70 5.28
N SER A 184 2.15 -9.28 4.37
CA SER A 184 1.86 -8.15 3.48
C SER A 184 2.17 -8.55 2.04
N ILE A 185 1.32 -8.13 1.11
CA ILE A 185 1.52 -8.45 -0.30
C ILE A 185 1.42 -7.24 -1.19
N CYS A 186 2.03 -7.35 -2.37
CA CYS A 186 2.01 -6.28 -3.35
C CYS A 186 1.38 -6.79 -4.64
N VAL A 187 0.10 -6.48 -4.82
CA VAL A 187 -0.64 -6.92 -5.99
C VAL A 187 -1.16 -5.72 -6.78
N ILE A 188 -0.55 -5.51 -7.94
CA ILE A 188 -0.92 -4.40 -8.79
C ILE A 188 -1.90 -4.83 -9.89
N GLU A 189 -1.39 -5.44 -10.95
CA GLU A 189 -2.22 -5.89 -12.06
C GLU A 189 -2.55 -7.38 -11.94
N THR A 190 -2.11 -7.99 -10.85
CA THR A 190 -2.35 -9.41 -10.62
C THR A 190 -3.77 -9.66 -10.12
N ASP A 191 -4.15 -10.93 -10.05
CA ASP A 191 -5.49 -11.33 -9.62
C ASP A 191 -5.48 -11.79 -8.18
N LEU A 192 -6.30 -11.15 -7.35
CA LEU A 192 -6.40 -11.47 -5.94
C LEU A 192 -7.82 -11.90 -5.58
N VAL A 193 -7.94 -13.03 -4.88
CA VAL A 193 -9.25 -13.55 -4.48
C VAL A 193 -9.65 -13.01 -3.11
N THR A 194 -10.77 -12.29 -3.05
CA THR A 194 -11.25 -11.72 -1.79
C THR A 194 -12.61 -12.27 -1.39
N ASP A 195 -12.82 -12.36 -0.08
CA ASP A 195 -14.07 -12.87 0.47
C ASP A 195 -14.73 -11.79 1.33
N PHE A 196 -16.05 -11.68 1.23
CA PHE A 196 -16.80 -10.67 1.99
C PHE A 196 -17.45 -11.29 3.22
N ALA A 197 -17.11 -10.76 4.40
CA ALA A 197 -17.66 -11.26 5.65
C ALA A 197 -18.40 -10.14 6.39
N PRO A 198 -19.75 -10.23 6.48
CA PRO A 198 -20.56 -9.21 7.17
C PRO A 198 -20.21 -9.10 8.65
N PRO A 199 -19.72 -7.93 9.09
CA PRO A 199 -19.34 -7.70 10.48
C PRO A 199 -20.47 -7.07 11.30
N VAL A 200 -21.59 -6.77 10.64
CA VAL A 200 -22.73 -6.16 11.30
C VAL A 200 -23.69 -7.21 11.83
N GLY A 201 -24.22 -6.98 13.02
CA GLY A 201 -25.16 -7.91 13.62
C GLY A 201 -26.29 -7.20 14.33
N TYR A 202 -25.96 -6.48 15.38
CA TYR A 202 -26.96 -5.74 16.15
C TYR A 202 -26.95 -4.26 15.74
N VAL A 203 -28.13 -3.74 15.42
CA VAL A 203 -28.25 -2.34 15.03
C VAL A 203 -29.18 -1.59 15.98
N GLU A 204 -28.70 -0.45 16.46
CA GLU A 204 -29.48 0.37 17.38
C GLU A 204 -30.03 1.62 16.67
N PRO A 205 -31.35 1.70 16.45
CA PRO A 205 -31.98 2.84 15.79
C PRO A 205 -32.07 4.07 16.70
N ASP A 206 -31.41 4.02 17.86
CA ASP A 206 -31.43 5.13 18.80
C ASP A 206 -30.40 6.20 18.41
N TYR A 207 -30.83 7.45 18.44
CA TYR A 207 -29.94 8.57 18.09
C TYR A 207 -29.40 9.24 19.34
N LYS A 208 -28.07 9.36 19.41
CA LYS A 208 -27.42 9.99 20.56
C LYS A 208 -26.16 10.72 20.13
N MET A 1 30.66 -33.16 17.07
CA MET A 1 31.72 -34.19 17.18
C MET A 1 31.22 -35.45 17.89
N PHE A 2 30.51 -35.26 18.99
CA PHE A 2 29.97 -36.38 19.75
C PHE A 2 29.03 -37.22 18.89
N SER A 3 28.16 -36.53 18.14
CA SER A 3 27.20 -37.20 17.27
C SER A 3 27.93 -38.05 16.23
N GLY A 4 29.03 -37.51 15.70
CA GLY A 4 29.79 -38.23 14.70
C GLY A 4 29.28 -37.97 13.29
N PHE A 5 28.36 -37.03 13.15
CA PHE A 5 27.80 -36.70 11.84
C PHE A 5 28.05 -35.23 11.50
N SER A 6 28.39 -34.96 10.25
CA SER A 6 28.66 -33.60 9.81
C SER A 6 27.67 -33.17 8.73
N SER A 7 26.98 -32.06 8.98
CA SER A 7 26.01 -31.54 8.03
C SER A 7 26.40 -30.13 7.58
N PHE A 8 26.38 -29.91 6.27
CA PHE A 8 26.73 -28.60 5.71
C PHE A 8 25.57 -28.04 4.91
N GLY A 9 25.34 -26.73 5.04
CA GLY A 9 24.25 -26.09 4.33
C GLY A 9 24.63 -25.66 2.93
N GLY A 10 25.93 -25.74 2.61
CA GLY A 10 26.38 -25.35 1.29
C GLY A 10 26.75 -23.89 1.20
N GLY A 11 26.41 -23.12 2.23
CA GLY A 11 26.70 -21.70 2.23
C GLY A 11 25.78 -20.92 1.33
N ASN A 12 24.62 -21.49 1.03
CA ASN A 12 23.64 -20.84 0.17
C ASN A 12 22.54 -20.17 0.98
N GLY A 13 22.41 -18.86 0.82
CA GLY A 13 21.39 -18.12 1.55
C GLY A 13 19.99 -18.47 1.11
N PHE A 14 19.09 -17.49 1.18
CA PHE A 14 17.70 -17.69 0.79
C PHE A 14 17.32 -16.76 -0.35
N VAL A 15 16.54 -17.27 -1.29
CA VAL A 15 16.10 -16.49 -2.45
C VAL A 15 14.60 -16.17 -2.37
N ASN A 16 13.99 -16.44 -1.22
CA ASN A 16 12.57 -16.18 -1.04
C ASN A 16 12.34 -14.88 -0.28
N MET A 17 13.42 -14.21 0.09
CA MET A 17 13.33 -12.95 0.82
C MET A 17 13.10 -11.78 -0.14
N PRO A 18 12.23 -10.83 0.25
CA PRO A 18 11.92 -9.67 -0.60
C PRO A 18 13.10 -8.71 -0.69
N GLN A 19 13.09 -7.86 -1.73
CA GLN A 19 14.16 -6.89 -1.92
C GLN A 19 13.72 -5.52 -1.42
N THR A 20 14.44 -4.98 -0.44
CA THR A 20 14.09 -3.68 0.12
C THR A 20 15.20 -2.65 -0.04
N PHE A 21 14.82 -1.45 -0.49
CA PHE A 21 15.75 -0.34 -0.66
C PHE A 21 15.27 0.81 0.22
N GLU A 22 16.15 1.30 1.09
CA GLU A 22 15.75 2.38 2.00
C GLU A 22 16.33 3.74 1.62
N GLU A 23 15.46 4.75 1.67
CA GLU A 23 15.84 6.13 1.36
C GLU A 23 15.06 7.09 2.26
N PHE A 24 15.60 8.28 2.49
CA PHE A 24 14.94 9.26 3.36
C PHE A 24 14.38 10.44 2.55
N PHE A 25 13.06 10.61 2.66
CA PHE A 25 12.36 11.69 1.98
C PHE A 25 11.63 12.59 2.98
N ARG A 26 11.65 13.91 2.75
CA ARG A 26 10.98 14.85 3.63
C ARG A 26 9.49 14.89 3.31
N CYS A 27 8.67 15.23 4.29
CA CYS A 27 7.21 15.27 4.09
C CYS A 27 6.76 16.58 3.48
N TYR A 28 5.91 16.46 2.46
CA TYR A 28 5.36 17.61 1.78
C TYR A 28 3.84 17.46 1.65
N PRO A 29 3.08 18.46 2.11
CA PRO A 29 1.62 18.44 2.05
C PRO A 29 1.10 18.57 0.62
N ILE A 30 0.49 17.51 0.11
CA ILE A 30 -0.06 17.52 -1.25
C ILE A 30 -1.22 18.50 -1.36
N ALA A 31 -2.01 18.58 -0.30
CA ALA A 31 -3.18 19.46 -0.28
C ALA A 31 -2.80 20.93 -0.48
N MET A 32 -1.69 21.37 0.11
CA MET A 32 -1.27 22.75 -0.02
C MET A 32 -0.83 23.07 -1.45
N MET A 33 -0.50 22.02 -2.22
CA MET A 33 -0.06 22.19 -3.60
C MET A 33 -1.18 22.76 -4.47
N ASN A 34 -0.80 23.38 -5.57
CA ASN A 34 -1.77 23.97 -6.48
C ASN A 34 -2.72 22.91 -7.03
N ASP A 35 -3.99 23.27 -7.17
CA ASP A 35 -5.01 22.35 -7.66
C ASP A 35 -4.68 21.85 -9.06
N ARG A 36 -4.16 22.75 -9.89
CA ARG A 36 -3.80 22.40 -11.26
C ARG A 36 -2.75 21.31 -11.28
N ILE A 37 -1.79 21.39 -10.36
CA ILE A 37 -0.72 20.40 -10.27
C ILE A 37 -1.13 19.22 -9.39
N ARG A 38 -2.27 19.33 -8.73
CA ARG A 38 -2.77 18.26 -7.86
C ARG A 38 -3.81 17.40 -8.56
N LYS A 39 -3.74 16.09 -8.32
CA LYS A 39 -4.68 15.13 -8.90
C LYS A 39 -5.69 14.68 -7.86
N ASP A 40 -6.97 14.73 -8.20
CA ASP A 40 -8.02 14.32 -7.28
C ASP A 40 -7.86 12.87 -6.85
N ASP A 41 -7.49 12.02 -7.80
CA ASP A 41 -7.29 10.59 -7.51
C ASP A 41 -6.15 10.39 -6.53
N ALA A 42 -5.09 11.17 -6.71
CA ALA A 42 -3.91 11.08 -5.84
C ALA A 42 -4.23 11.44 -4.39
N ASN A 43 -5.07 12.47 -4.21
CA ASN A 43 -5.42 12.93 -2.88
C ASN A 43 -6.11 11.83 -2.08
N PHE A 44 -6.98 11.05 -2.73
CA PHE A 44 -7.68 9.98 -2.06
C PHE A 44 -7.11 8.61 -2.44
N GLY A 45 -6.06 8.61 -3.27
CA GLY A 45 -5.44 7.37 -3.68
C GLY A 45 -4.23 7.02 -2.83
N GLY A 46 -3.68 5.84 -3.05
CA GLY A 46 -2.51 5.41 -2.32
C GLY A 46 -1.23 5.58 -3.09
N LYS A 47 -1.30 6.35 -4.18
CA LYS A 47 -0.13 6.60 -5.01
C LYS A 47 0.54 7.90 -4.61
N ILE A 48 1.85 7.85 -4.47
CA ILE A 48 2.63 9.02 -4.07
C ILE A 48 3.62 9.41 -5.16
N PHE A 49 4.15 10.62 -5.07
CA PHE A 49 5.12 11.08 -6.04
C PHE A 49 6.54 10.97 -5.51
N LEU A 50 7.41 10.39 -6.32
CA LEU A 50 8.81 10.19 -5.95
C LEU A 50 9.73 10.72 -7.05
N PRO A 51 11.03 10.86 -6.74
CA PRO A 51 12.03 11.35 -7.71
C PRO A 51 12.55 10.28 -8.66
N PRO A 52 12.89 10.65 -9.90
CA PRO A 52 13.43 9.71 -10.90
C PRO A 52 14.76 9.10 -10.46
N SER A 53 15.46 9.77 -9.53
CA SER A 53 16.75 9.29 -9.04
C SER A 53 16.64 7.90 -8.40
N ALA A 54 15.58 7.69 -7.64
CA ALA A 54 15.36 6.41 -6.97
C ALA A 54 15.27 5.25 -7.96
N LEU A 55 14.66 5.52 -9.12
CA LEU A 55 14.49 4.50 -10.16
C LEU A 55 15.83 3.96 -10.64
N SER A 56 16.79 4.86 -10.79
CA SER A 56 18.11 4.47 -11.25
C SER A 56 18.74 3.46 -10.31
N LYS A 57 18.54 3.68 -9.01
CA LYS A 57 19.07 2.78 -7.99
C LYS A 57 18.34 1.44 -8.04
N LEU A 58 17.03 1.51 -8.23
CA LEU A 58 16.18 0.33 -8.31
C LEU A 58 16.61 -0.59 -9.46
N SER A 59 16.97 0.02 -10.58
CA SER A 59 17.41 -0.73 -11.76
C SER A 59 18.65 -1.56 -11.44
N MET A 60 19.55 -0.98 -10.66
CA MET A 60 20.77 -1.68 -10.26
C MET A 60 20.43 -2.95 -9.49
N LEU A 61 19.40 -2.87 -8.65
CA LEU A 61 18.97 -4.02 -7.86
C LEU A 61 18.11 -4.98 -8.68
N ASN A 62 17.89 -4.65 -9.95
CA ASN A 62 17.09 -5.51 -10.83
C ASN A 62 15.67 -5.69 -10.30
N ILE A 63 15.07 -4.60 -9.81
CA ILE A 63 13.72 -4.65 -9.28
C ILE A 63 12.69 -4.72 -10.40
N ARG A 64 11.76 -5.68 -10.29
CA ARG A 64 10.73 -5.87 -11.30
C ARG A 64 9.55 -4.92 -11.06
N TYR A 65 8.92 -4.49 -12.15
CA TYR A 65 7.77 -3.60 -12.08
C TYR A 65 6.47 -4.39 -11.94
N PRO A 66 5.43 -3.80 -11.33
CA PRO A 66 5.46 -2.42 -10.80
C PRO A 66 6.33 -2.29 -9.56
N MET A 67 6.68 -1.05 -9.23
CA MET A 67 7.51 -0.78 -8.07
C MET A 67 6.67 -0.69 -6.80
N LEU A 68 7.18 -1.31 -5.74
CA LEU A 68 6.49 -1.32 -4.46
C LEU A 68 7.30 -0.56 -3.41
N PHE A 69 6.64 0.33 -2.68
CA PHE A 69 7.32 1.11 -1.64
C PHE A 69 6.57 1.05 -0.31
N LYS A 70 7.34 1.04 0.78
CA LYS A 70 6.77 0.97 2.13
C LYS A 70 7.17 2.21 2.94
N LEU A 71 6.19 2.84 3.57
CA LEU A 71 6.43 4.05 4.38
C LEU A 71 6.49 3.71 5.87
N THR A 72 7.61 4.03 6.50
CA THR A 72 7.80 3.76 7.93
C THR A 72 7.91 5.06 8.74
N ALA A 73 7.13 5.14 9.83
CA ALA A 73 7.15 6.30 10.70
C ALA A 73 7.77 5.93 12.05
N ASN A 74 8.90 6.55 12.37
CA ASN A 74 9.61 6.30 13.62
C ASN A 74 8.82 6.83 14.82
N GLU A 75 8.22 8.01 14.64
CA GLU A 75 7.47 8.65 15.71
C GLU A 75 6.31 7.78 16.20
N THR A 76 5.63 7.12 15.26
CA THR A 76 4.50 6.28 15.62
C THR A 76 4.86 4.79 15.58
N GLY A 77 5.98 4.47 14.94
CA GLY A 77 6.40 3.09 14.84
C GLY A 77 5.51 2.27 13.92
N ARG A 78 4.60 2.94 13.22
CA ARG A 78 3.68 2.27 12.31
C ARG A 78 4.17 2.40 10.88
N VAL A 79 4.03 1.31 10.11
CA VAL A 79 4.47 1.31 8.73
C VAL A 79 3.32 1.03 7.77
N THR A 80 3.08 1.97 6.87
CA THR A 80 2.03 1.81 5.87
C THR A 80 2.65 1.60 4.49
N HIS A 81 2.08 0.69 3.73
CA HIS A 81 2.57 0.39 2.38
C HIS A 81 1.98 1.39 1.38
N GLY A 82 2.84 2.22 0.79
CA GLY A 82 2.37 3.21 -0.17
C GLY A 82 2.73 2.86 -1.60
N GLY A 83 1.86 3.24 -2.53
CA GLY A 83 2.10 2.95 -3.94
C GLY A 83 2.72 4.12 -4.68
N VAL A 84 3.30 3.85 -5.84
CA VAL A 84 3.94 4.89 -6.65
C VAL A 84 3.32 5.00 -8.03
N LEU A 85 2.89 6.21 -8.38
CA LEU A 85 2.29 6.45 -9.68
C LEU A 85 3.35 6.88 -10.69
N GLU A 86 3.80 8.12 -10.55
CA GLU A 86 4.81 8.67 -11.44
C GLU A 86 5.78 9.52 -10.65
N PHE A 87 6.97 9.75 -11.20
CA PHE A 87 7.98 10.55 -10.53
C PHE A 87 8.03 11.98 -11.06
N ILE A 88 7.71 12.94 -10.19
CA ILE A 88 7.73 14.35 -10.57
C ILE A 88 8.34 15.22 -9.47
N ALA A 89 8.67 14.61 -8.33
CA ALA A 89 9.26 15.34 -7.21
C ALA A 89 10.75 15.06 -7.11
N GLU A 90 11.47 15.96 -6.46
CA GLU A 90 12.91 15.83 -6.30
C GLU A 90 13.25 14.81 -5.23
N GLU A 91 14.48 14.27 -5.30
CA GLU A 91 14.91 13.25 -4.36
C GLU A 91 14.88 13.77 -2.93
N GLY A 92 15.09 15.06 -2.77
CA GLY A 92 15.06 15.64 -1.44
C GLY A 92 13.65 15.92 -0.96
N ARG A 93 12.65 15.59 -1.79
CA ARG A 93 11.25 15.84 -1.42
C ARG A 93 10.29 14.76 -1.90
N VAL A 94 9.26 14.52 -1.08
CA VAL A 94 8.22 13.53 -1.39
C VAL A 94 6.86 14.01 -0.92
N TYR A 95 5.81 13.59 -1.62
CA TYR A 95 4.45 13.97 -1.26
C TYR A 95 3.61 12.74 -0.90
N LEU A 96 2.78 12.88 0.13
CA LEU A 96 1.94 11.77 0.56
C LEU A 96 0.50 12.23 0.82
N PRO A 97 -0.47 11.29 0.79
CA PRO A 97 -1.88 11.59 1.02
C PRO A 97 -2.14 12.11 2.42
N GLN A 98 -3.13 13.00 2.56
CA GLN A 98 -3.47 13.56 3.85
C GLN A 98 -3.87 12.47 4.85
N TRP A 99 -4.67 11.51 4.38
CA TRP A 99 -5.11 10.42 5.25
C TRP A 99 -3.95 9.52 5.63
N MET A 100 -3.08 9.25 4.66
CA MET A 100 -1.92 8.40 4.90
C MET A 100 -1.02 8.97 5.99
N MET A 101 -0.85 10.29 5.97
CA MET A 101 -0.02 10.95 6.96
C MET A 101 -0.56 10.73 8.37
N GLU A 102 -1.88 10.81 8.50
CA GLU A 102 -2.52 10.60 9.80
C GLU A 102 -2.27 9.20 10.32
N THR A 103 -2.31 8.23 9.41
CA THR A 103 -2.07 6.83 9.78
C THR A 103 -0.66 6.65 10.31
N LEU A 104 0.29 7.34 9.67
CA LEU A 104 1.68 7.26 10.07
C LEU A 104 1.89 7.94 11.42
N GLY A 105 1.00 8.86 11.77
CA GLY A 105 1.10 9.55 13.05
C GLY A 105 2.18 10.63 13.04
N ILE A 106 2.36 11.28 11.89
CA ILE A 106 3.36 12.33 11.76
C ILE A 106 2.71 13.67 11.43
N GLN A 107 3.32 14.74 11.92
CA GLN A 107 2.83 16.09 11.68
C GLN A 107 3.58 16.76 10.53
N PRO A 108 3.01 17.83 9.94
CA PRO A 108 3.64 18.55 8.83
C PRO A 108 5.09 18.90 9.12
N GLY A 109 5.96 18.70 8.13
CA GLY A 109 7.38 19.00 8.30
C GLY A 109 8.16 17.80 8.82
N SER A 110 7.45 16.76 9.24
CA SER A 110 8.08 15.55 9.76
C SER A 110 8.78 14.79 8.65
N LEU A 111 9.69 13.90 9.02
CA LEU A 111 10.43 13.12 8.04
C LEU A 111 9.68 11.84 7.69
N LEU A 112 9.71 11.47 6.42
CA LEU A 112 9.04 10.27 5.94
C LEU A 112 10.04 9.31 5.32
N GLN A 113 10.02 8.06 5.77
CA GLN A 113 10.93 7.06 5.24
C GLN A 113 10.19 6.08 4.35
N ILE A 114 10.62 6.03 3.09
CA ILE A 114 10.02 5.13 2.12
C ILE A 114 11.07 4.18 1.57
N SER A 115 10.78 2.89 1.61
CA SER A 115 11.72 1.89 1.11
C SER A 115 11.08 1.07 -0.01
N SER A 116 11.85 0.79 -1.05
CA SER A 116 11.35 -0.01 -2.16
C SER A 116 11.39 -1.48 -1.79
N THR A 117 10.23 -2.09 -1.59
CA THR A 117 10.17 -3.49 -1.21
C THR A 117 9.43 -4.34 -2.24
N ASP A 118 10.04 -5.44 -2.65
CA ASP A 118 9.42 -6.34 -3.61
C ASP A 118 8.84 -7.54 -2.90
N VAL A 119 7.53 -7.72 -3.01
CA VAL A 119 6.85 -8.83 -2.37
C VAL A 119 6.15 -9.73 -3.39
N PRO A 120 5.99 -11.01 -3.04
CA PRO A 120 5.30 -11.97 -3.90
C PRO A 120 3.82 -11.63 -4.00
N LEU A 121 3.10 -12.37 -4.83
CA LEU A 121 1.69 -12.14 -5.01
C LEU A 121 0.85 -13.04 -4.10
N GLY A 122 0.06 -12.40 -3.23
CA GLY A 122 -0.79 -13.15 -2.31
C GLY A 122 -1.80 -14.01 -3.04
N GLN A 123 -2.20 -15.11 -2.44
CA GLN A 123 -3.18 -16.00 -3.08
C GLN A 123 -4.57 -15.81 -2.50
N PHE A 124 -4.66 -15.19 -1.33
CA PHE A 124 -5.95 -14.96 -0.69
C PHE A 124 -5.95 -13.70 0.16
N VAL A 125 -7.00 -12.90 0.03
CA VAL A 125 -7.13 -11.68 0.81
C VAL A 125 -8.54 -11.47 1.30
N LYS A 126 -8.68 -11.21 2.58
CA LYS A 126 -9.98 -10.96 3.19
C LYS A 126 -10.25 -9.47 3.25
N LEU A 127 -11.38 -9.06 2.71
CA LEU A 127 -11.75 -7.66 2.72
C LEU A 127 -12.99 -7.42 3.56
N GLU A 128 -12.95 -6.41 4.42
CA GLU A 128 -14.07 -6.09 5.28
C GLU A 128 -14.73 -4.78 4.84
N PRO A 129 -15.96 -4.86 4.29
CA PRO A 129 -16.69 -3.68 3.83
C PRO A 129 -17.33 -2.90 4.98
N GLN A 130 -17.92 -1.76 4.66
CA GLN A 130 -18.59 -0.93 5.65
C GLN A 130 -20.04 -0.69 5.26
N SER A 131 -20.93 -1.11 6.14
CA SER A 131 -22.36 -0.95 5.92
C SER A 131 -22.81 -1.70 4.66
N VAL A 132 -24.12 -1.83 4.49
CA VAL A 132 -24.67 -2.53 3.33
C VAL A 132 -24.63 -1.66 2.07
N ASP A 133 -24.50 -0.35 2.25
CA ASP A 133 -24.48 0.57 1.12
C ASP A 133 -23.30 0.26 0.20
N PHE A 134 -22.16 -0.08 0.78
CA PHE A 134 -20.97 -0.41 0.00
C PHE A 134 -21.24 -1.61 -0.91
N LEU A 135 -21.97 -2.58 -0.37
CA LEU A 135 -22.31 -3.79 -1.12
C LEU A 135 -23.51 -3.56 -2.04
N ASP A 136 -24.15 -2.40 -1.93
CA ASP A 136 -25.31 -2.10 -2.77
C ASP A 136 -24.89 -1.88 -4.23
N ILE A 137 -23.59 -1.73 -4.46
CA ILE A 137 -23.09 -1.53 -5.82
C ILE A 137 -23.45 -2.71 -6.70
N SER A 138 -23.84 -2.44 -7.94
CA SER A 138 -24.23 -3.50 -8.88
C SER A 138 -23.07 -4.46 -9.13
N ASP A 139 -21.87 -3.92 -9.25
CA ASP A 139 -20.67 -4.73 -9.49
C ASP A 139 -19.62 -4.45 -8.43
N PRO A 140 -19.80 -4.96 -7.20
CA PRO A 140 -18.86 -4.76 -6.11
C PRO A 140 -17.48 -5.33 -6.42
N LYS A 141 -17.48 -6.52 -7.03
CA LYS A 141 -16.22 -7.18 -7.38
C LYS A 141 -15.39 -6.32 -8.33
N ALA A 142 -16.06 -5.68 -9.28
CA ALA A 142 -15.37 -4.83 -10.25
C ALA A 142 -14.73 -3.64 -9.55
N VAL A 143 -15.46 -3.07 -8.60
CA VAL A 143 -14.96 -1.92 -7.85
C VAL A 143 -13.70 -2.29 -7.10
N LEU A 144 -13.71 -3.49 -6.52
CA LEU A 144 -12.56 -3.96 -5.76
C LEU A 144 -11.32 -4.04 -6.64
N GLU A 145 -11.50 -4.53 -7.86
CA GLU A 145 -10.37 -4.65 -8.79
C GLU A 145 -9.73 -3.29 -9.06
N ASN A 146 -10.56 -2.27 -9.21
CA ASN A 146 -10.08 -0.92 -9.46
C ASN A 146 -9.25 -0.42 -8.30
N VAL A 147 -9.71 -0.74 -7.10
CA VAL A 147 -9.02 -0.34 -5.88
C VAL A 147 -7.62 -0.94 -5.81
N LEU A 148 -7.51 -2.22 -6.16
CA LEU A 148 -6.23 -2.91 -6.13
C LEU A 148 -5.24 -2.23 -7.06
N ARG A 149 -5.73 -1.82 -8.23
CA ARG A 149 -4.89 -1.15 -9.21
C ARG A 149 -4.39 0.19 -8.68
N ASN A 150 -5.28 0.90 -7.99
CA ASN A 150 -4.94 2.21 -7.43
C ASN A 150 -3.81 2.11 -6.42
N PHE A 151 -3.83 1.06 -5.61
CA PHE A 151 -2.80 0.87 -4.60
C PHE A 151 -1.78 -0.16 -5.05
N SER A 152 -0.54 0.27 -5.15
CA SER A 152 0.55 -0.60 -5.57
C SER A 152 0.84 -1.66 -4.51
N THR A 153 0.78 -1.26 -3.24
CA THR A 153 1.04 -2.17 -2.13
C THR A 153 -0.13 -2.19 -1.14
N LEU A 154 -0.46 -3.37 -0.63
CA LEU A 154 -1.57 -3.52 0.32
C LEU A 154 -1.16 -4.34 1.54
N THR A 155 -1.57 -3.87 2.72
CA THR A 155 -1.27 -4.55 3.98
C THR A 155 -2.56 -4.96 4.67
N VAL A 156 -2.53 -6.09 5.36
CA VAL A 156 -3.71 -6.56 6.05
C VAL A 156 -4.15 -5.55 7.10
N ASP A 157 -3.17 -4.99 7.79
CA ASP A 157 -3.41 -4.00 8.84
C ASP A 157 -3.81 -2.65 8.25
N ASP A 158 -3.16 -2.28 7.15
CA ASP A 158 -3.43 -1.01 6.50
C ASP A 158 -4.87 -0.89 6.03
N VAL A 159 -5.47 0.25 6.28
CA VAL A 159 -6.83 0.51 5.86
C VAL A 159 -6.82 1.44 4.65
N ILE A 160 -7.36 0.97 3.54
CA ILE A 160 -7.39 1.75 2.31
C ILE A 160 -8.77 2.32 2.04
N GLU A 161 -8.80 3.56 1.55
CA GLU A 161 -10.07 4.24 1.28
C GLU A 161 -10.21 4.57 -0.19
N ILE A 162 -11.43 4.43 -0.71
CA ILE A 162 -11.71 4.72 -2.11
C ILE A 162 -12.86 5.70 -2.24
N SER A 163 -12.73 6.63 -3.18
CA SER A 163 -13.76 7.64 -3.39
C SER A 163 -14.57 7.36 -4.66
N TYR A 164 -15.81 6.94 -4.48
CA TYR A 164 -16.70 6.65 -5.61
C TYR A 164 -17.95 7.53 -5.53
N ASN A 165 -18.19 8.28 -6.60
CA ASN A 165 -19.36 9.15 -6.66
C ASN A 165 -19.33 10.18 -5.54
N GLY A 166 -18.13 10.62 -5.17
CA GLY A 166 -18.00 11.60 -4.11
C GLY A 166 -18.09 10.99 -2.72
N LYS A 167 -18.03 9.67 -2.63
CA LYS A 167 -18.11 8.97 -1.35
C LYS A 167 -16.85 8.17 -1.08
N THR A 168 -16.38 8.20 0.16
CA THR A 168 -15.18 7.47 0.55
C THR A 168 -15.52 6.28 1.43
N PHE A 169 -14.97 5.11 1.10
CA PHE A 169 -15.23 3.90 1.88
C PHE A 169 -13.93 3.33 2.44
N LYS A 170 -13.99 2.85 3.68
CA LYS A 170 -12.82 2.28 4.34
C LYS A 170 -12.82 0.76 4.22
N ILE A 171 -11.71 0.21 3.73
CA ILE A 171 -11.59 -1.24 3.57
C ILE A 171 -10.42 -1.76 4.40
N LYS A 172 -10.73 -2.66 5.32
CA LYS A 172 -9.71 -3.26 6.17
C LYS A 172 -9.57 -4.74 5.87
N ILE A 173 -8.33 -5.20 5.75
CA ILE A 173 -8.06 -6.59 5.46
C ILE A 173 -8.19 -7.44 6.72
N LEU A 174 -9.07 -8.44 6.70
CA LEU A 174 -9.28 -9.31 7.87
C LEU A 174 -8.10 -10.26 8.05
N GLU A 175 -7.83 -11.06 7.03
CA GLU A 175 -6.71 -12.02 7.04
C GLU A 175 -6.37 -12.39 5.60
N VAL A 176 -5.09 -12.64 5.32
CA VAL A 176 -4.67 -12.97 3.97
C VAL A 176 -3.61 -14.06 3.96
N LYS A 177 -3.43 -14.73 2.81
CA LYS A 177 -2.42 -15.77 2.70
C LYS A 177 -1.30 -15.29 1.76
N PRO A 178 -0.16 -14.89 2.32
CA PRO A 178 0.98 -14.40 1.57
C PRO A 178 2.07 -15.44 1.37
N GLU A 179 3.05 -15.11 0.53
CA GLU A 179 4.16 -16.01 0.27
C GLU A 179 5.40 -15.61 1.09
N SER A 180 5.25 -14.58 1.94
CA SER A 180 6.36 -14.11 2.78
C SER A 180 5.89 -13.84 4.20
N SER A 181 6.87 -13.80 5.12
CA SER A 181 6.59 -13.56 6.52
C SER A 181 6.15 -12.11 6.76
N SER A 182 6.34 -11.25 5.76
CA SER A 182 5.96 -9.84 5.89
C SER A 182 4.44 -9.67 5.96
N LYS A 183 3.70 -10.74 5.64
CA LYS A 183 2.25 -10.71 5.70
C LYS A 183 1.70 -9.49 4.94
N SER A 184 2.30 -9.21 3.79
CA SER A 184 1.87 -8.08 2.96
C SER A 184 1.52 -8.56 1.56
N ILE A 185 0.51 -7.92 0.96
CA ILE A 185 0.07 -8.28 -0.38
C ILE A 185 0.22 -7.10 -1.32
N CYS A 186 0.77 -7.36 -2.50
CA CYS A 186 0.97 -6.29 -3.47
C CYS A 186 0.70 -6.79 -4.89
N VAL A 187 -0.48 -6.51 -5.39
CA VAL A 187 -0.85 -6.92 -6.73
C VAL A 187 -1.83 -5.92 -7.36
N ILE A 188 -1.39 -5.25 -8.40
CA ILE A 188 -2.22 -4.28 -9.08
C ILE A 188 -2.77 -4.85 -10.39
N GLU A 189 -2.26 -6.00 -10.79
CA GLU A 189 -2.68 -6.64 -12.03
C GLU A 189 -3.85 -7.60 -11.78
N THR A 190 -3.55 -8.79 -11.29
CA THR A 190 -4.57 -9.80 -11.03
C THR A 190 -4.00 -11.02 -10.30
N ASP A 191 -4.73 -12.12 -10.35
CA ASP A 191 -4.31 -13.37 -9.72
C ASP A 191 -4.40 -13.31 -8.19
N LEU A 192 -5.27 -12.43 -7.68
CA LEU A 192 -5.45 -12.31 -6.24
C LEU A 192 -6.89 -12.65 -5.86
N VAL A 193 -7.04 -13.49 -4.84
CA VAL A 193 -8.36 -13.90 -4.38
C VAL A 193 -8.84 -13.01 -3.24
N THR A 194 -10.01 -12.42 -3.39
CA THR A 194 -10.55 -11.54 -2.36
C THR A 194 -11.84 -12.11 -1.79
N ASP A 195 -12.09 -11.81 -0.51
CA ASP A 195 -13.28 -12.29 0.18
C ASP A 195 -14.07 -11.13 0.77
N PHE A 196 -15.39 -11.16 0.60
CA PHE A 196 -16.26 -10.12 1.13
C PHE A 196 -16.97 -10.58 2.39
N ALA A 197 -17.07 -9.69 3.36
CA ALA A 197 -17.73 -9.99 4.62
C ALA A 197 -18.93 -9.08 4.83
N PRO A 198 -19.85 -9.45 5.75
CA PRO A 198 -21.03 -8.65 6.02
C PRO A 198 -20.69 -7.33 6.69
N PRO A 199 -21.54 -6.31 6.51
CA PRO A 199 -21.34 -4.98 7.08
C PRO A 199 -21.06 -5.03 8.58
N VAL A 200 -20.63 -3.90 9.13
CA VAL A 200 -20.34 -3.82 10.56
C VAL A 200 -21.56 -3.40 11.36
N GLY A 201 -21.98 -4.27 12.28
CA GLY A 201 -23.14 -3.98 13.10
C GLY A 201 -22.76 -3.65 14.53
N TYR A 202 -21.55 -3.17 14.72
CA TYR A 202 -21.07 -2.82 16.05
C TYR A 202 -21.18 -1.32 16.30
N VAL A 203 -21.79 -0.96 17.43
CA VAL A 203 -21.96 0.43 17.81
C VAL A 203 -21.30 0.74 19.14
N GLU A 204 -20.66 1.90 19.23
CA GLU A 204 -19.98 2.31 20.44
C GLU A 204 -20.90 3.15 21.32
N PRO A 205 -21.17 2.71 22.56
CA PRO A 205 -22.04 3.43 23.49
C PRO A 205 -21.33 4.60 24.19
N ASP A 206 -20.18 5.00 23.64
CA ASP A 206 -19.41 6.10 24.21
C ASP A 206 -20.00 7.45 23.80
N TYR A 207 -20.03 8.39 24.74
CA TYR A 207 -20.57 9.72 24.48
C TYR A 207 -19.45 10.70 24.14
N LYS A 208 -19.54 11.31 22.97
CA LYS A 208 -18.55 12.28 22.53
C LYS A 208 -19.19 13.40 21.73
N MET A 1 43.29 -22.41 -5.81
CA MET A 1 42.16 -21.52 -5.44
C MET A 1 40.84 -22.06 -5.96
N PHE A 2 39.74 -21.51 -5.47
CA PHE A 2 38.41 -21.93 -5.89
C PHE A 2 37.43 -20.77 -5.85
N SER A 3 36.32 -20.90 -6.58
CA SER A 3 35.32 -19.84 -6.65
C SER A 3 34.76 -19.53 -5.25
N GLY A 4 34.57 -20.56 -4.46
CA GLY A 4 34.04 -20.38 -3.11
C GLY A 4 32.57 -20.70 -3.02
N PHE A 5 32.07 -21.40 -4.03
CA PHE A 5 30.66 -21.78 -4.08
C PHE A 5 30.38 -22.90 -3.07
N SER A 6 29.30 -22.73 -2.31
CA SER A 6 28.93 -23.72 -1.29
C SER A 6 28.67 -25.09 -1.92
N SER A 7 29.12 -26.13 -1.24
CA SER A 7 28.93 -27.49 -1.71
C SER A 7 27.44 -27.82 -1.84
N PHE A 8 26.66 -27.35 -0.88
CA PHE A 8 25.21 -27.59 -0.88
C PHE A 8 24.44 -26.34 -1.29
N GLY A 9 23.39 -26.54 -2.09
CA GLY A 9 22.59 -25.41 -2.53
C GLY A 9 23.10 -24.79 -3.82
N GLY A 10 22.51 -23.67 -4.22
CA GLY A 10 22.95 -23.01 -5.44
C GLY A 10 22.17 -21.74 -5.76
N GLY A 11 22.56 -21.09 -6.85
CA GLY A 11 21.90 -19.86 -7.27
C GLY A 11 20.59 -20.12 -7.99
N ASN A 12 20.24 -21.38 -8.18
CA ASN A 12 19.00 -21.74 -8.85
C ASN A 12 17.91 -22.09 -7.84
N GLY A 13 16.82 -21.34 -7.87
CA GLY A 13 15.73 -21.58 -6.93
C GLY A 13 14.80 -20.39 -6.81
N PHE A 14 14.01 -20.37 -5.74
CA PHE A 14 13.07 -19.27 -5.51
C PHE A 14 13.38 -18.58 -4.18
N VAL A 15 13.27 -17.26 -4.18
CA VAL A 15 13.54 -16.48 -2.98
C VAL A 15 12.24 -15.90 -2.41
N ASN A 16 11.94 -16.23 -1.16
CA ASN A 16 10.73 -15.75 -0.50
C ASN A 16 11.02 -14.54 0.38
N MET A 17 12.23 -14.00 0.31
CA MET A 17 12.61 -12.84 1.10
C MET A 17 12.43 -11.54 0.31
N PRO A 18 11.56 -10.63 0.79
CA PRO A 18 11.30 -9.34 0.12
C PRO A 18 12.57 -8.48 0.01
N GLN A 19 12.56 -7.55 -0.94
CA GLN A 19 13.70 -6.65 -1.14
C GLN A 19 13.37 -5.25 -0.64
N THR A 20 14.14 -4.78 0.35
CA THR A 20 13.90 -3.46 0.93
C THR A 20 15.11 -2.53 0.80
N PHE A 21 14.88 -1.35 0.23
CA PHE A 21 15.91 -0.33 0.07
C PHE A 21 15.46 0.95 0.79
N GLU A 22 16.24 1.41 1.77
CA GLU A 22 15.84 2.58 2.57
C GLU A 22 16.50 3.89 2.13
N GLU A 23 15.69 4.96 2.17
CA GLU A 23 16.13 6.31 1.83
C GLU A 23 15.35 7.35 2.63
N PHE A 24 15.91 8.56 2.74
CA PHE A 24 15.25 9.65 3.45
C PHE A 24 14.57 10.59 2.46
N PHE A 25 13.27 10.73 2.61
CA PHE A 25 12.47 11.58 1.73
C PHE A 25 11.76 12.70 2.48
N ARG A 26 11.72 13.90 1.88
CA ARG A 26 11.07 15.04 2.52
C ARG A 26 9.55 15.02 2.29
N CYS A 27 8.79 15.44 3.30
CA CYS A 27 7.34 15.47 3.20
C CYS A 27 6.84 16.76 2.54
N TYR A 28 5.89 16.60 1.62
CA TYR A 28 5.30 17.74 0.95
C TYR A 28 3.78 17.67 1.01
N PRO A 29 3.11 18.80 1.28
CA PRO A 29 1.65 18.85 1.39
C PRO A 29 0.96 18.90 0.03
N ILE A 30 0.60 17.73 -0.50
CA ILE A 30 -0.07 17.66 -1.80
C ILE A 30 -1.39 18.41 -1.77
N ALA A 31 -2.11 18.29 -0.66
CA ALA A 31 -3.39 18.97 -0.49
C ALA A 31 -3.23 20.48 -0.60
N MET A 32 -2.15 20.99 -0.02
CA MET A 32 -1.86 22.42 -0.06
C MET A 32 -1.51 22.86 -1.48
N MET A 33 -0.92 21.95 -2.24
CA MET A 33 -0.52 22.24 -3.61
C MET A 33 -1.74 22.64 -4.44
N ASN A 34 -1.53 23.57 -5.38
CA ASN A 34 -2.61 24.06 -6.23
C ASN A 34 -3.27 22.95 -7.05
N ASP A 35 -4.59 23.02 -7.15
CA ASP A 35 -5.40 22.05 -7.89
C ASP A 35 -5.00 21.99 -9.37
N ARG A 36 -4.70 23.14 -9.95
CA ARG A 36 -4.35 23.22 -11.37
C ARG A 36 -3.11 22.38 -11.67
N ILE A 37 -2.13 22.42 -10.77
CA ILE A 37 -0.90 21.67 -10.96
C ILE A 37 -0.93 20.31 -10.26
N ARG A 38 -2.01 20.01 -9.56
CA ARG A 38 -2.15 18.74 -8.86
C ARG A 38 -3.42 18.00 -9.26
N LYS A 39 -3.40 16.67 -9.09
CA LYS A 39 -4.55 15.84 -9.45
C LYS A 39 -5.36 15.45 -8.22
N ASP A 40 -6.68 15.60 -8.32
CA ASP A 40 -7.58 15.25 -7.22
C ASP A 40 -7.46 13.78 -6.85
N ASP A 41 -7.32 12.93 -7.86
CA ASP A 41 -7.21 11.48 -7.64
C ASP A 41 -5.99 11.17 -6.78
N ALA A 42 -4.90 11.88 -7.04
CA ALA A 42 -3.66 11.66 -6.29
C ALA A 42 -3.87 11.91 -4.80
N ASN A 43 -4.66 12.93 -4.47
CA ASN A 43 -4.93 13.27 -3.08
C ASN A 43 -5.60 12.11 -2.35
N PHE A 44 -6.52 11.44 -3.03
CA PHE A 44 -7.23 10.31 -2.44
C PHE A 44 -6.68 8.98 -2.93
N GLY A 45 -5.61 9.03 -3.73
CA GLY A 45 -5.01 7.82 -4.23
C GLY A 45 -3.77 7.43 -3.46
N GLY A 46 -3.08 6.39 -3.93
CA GLY A 46 -1.86 5.94 -3.29
C GLY A 46 -0.66 6.25 -4.15
N LYS A 47 -0.75 7.36 -4.87
CA LYS A 47 0.30 7.78 -5.78
C LYS A 47 1.14 8.91 -5.20
N ILE A 48 2.46 8.75 -5.23
CA ILE A 48 3.38 9.77 -4.70
C ILE A 48 4.51 10.09 -5.67
N PHE A 49 5.14 11.24 -5.45
CA PHE A 49 6.24 11.68 -6.29
C PHE A 49 7.58 11.50 -5.59
N LEU A 50 8.56 10.93 -6.30
CA LEU A 50 9.88 10.69 -5.74
C LEU A 50 10.98 11.16 -6.69
N PRO A 51 12.18 11.43 -6.15
CA PRO A 51 13.34 11.89 -6.94
C PRO A 51 13.98 10.75 -7.74
N PRO A 52 14.26 10.99 -9.03
CA PRO A 52 14.88 9.98 -9.91
C PRO A 52 16.17 9.40 -9.35
N SER A 53 16.75 10.06 -8.34
CA SER A 53 17.99 9.59 -7.75
C SER A 53 17.83 8.20 -7.16
N ALA A 54 16.69 7.95 -6.53
CA ALA A 54 16.41 6.65 -5.92
C ALA A 54 16.36 5.56 -6.99
N LEU A 55 15.81 5.90 -8.15
CA LEU A 55 15.69 4.96 -9.26
C LEU A 55 17.05 4.45 -9.69
N SER A 56 18.05 5.33 -9.73
CA SER A 56 19.38 4.93 -10.14
C SER A 56 19.91 3.85 -9.22
N LYS A 57 19.64 3.99 -7.92
CA LYS A 57 20.06 2.99 -6.94
C LYS A 57 19.30 1.69 -7.18
N LEU A 58 18.02 1.82 -7.50
CA LEU A 58 17.16 0.68 -7.75
C LEU A 58 17.67 -0.16 -8.93
N SER A 59 18.15 0.50 -9.97
CA SER A 59 18.65 -0.18 -11.16
C SER A 59 19.75 -1.17 -10.80
N MET A 60 20.60 -0.81 -9.85
CA MET A 60 21.67 -1.69 -9.42
C MET A 60 21.11 -2.98 -8.86
N LEU A 61 20.00 -2.88 -8.14
CA LEU A 61 19.36 -4.05 -7.55
C LEU A 61 18.51 -4.80 -8.58
N ASN A 62 18.50 -4.31 -9.81
CA ASN A 62 17.73 -4.95 -10.87
C ASN A 62 16.24 -4.99 -10.55
N ILE A 63 15.73 -3.91 -9.98
CA ILE A 63 14.31 -3.82 -9.62
C ILE A 63 13.52 -3.27 -10.80
N ARG A 64 12.55 -4.06 -11.27
CA ARG A 64 11.72 -3.66 -12.41
C ARG A 64 10.40 -3.03 -11.94
N TYR A 65 9.98 -1.98 -12.64
CA TYR A 65 8.74 -1.29 -12.31
C TYR A 65 7.55 -1.97 -13.02
N PRO A 66 6.31 -1.75 -12.54
CA PRO A 66 6.01 -0.91 -11.36
C PRO A 66 6.69 -1.41 -10.09
N MET A 67 7.30 -0.49 -9.36
CA MET A 67 7.99 -0.83 -8.13
C MET A 67 7.12 -0.54 -6.91
N LEU A 68 7.19 -1.43 -5.93
CA LEU A 68 6.40 -1.29 -4.71
C LEU A 68 7.26 -0.67 -3.61
N PHE A 69 6.74 0.40 -3.02
CA PHE A 69 7.47 1.09 -1.97
C PHE A 69 6.68 1.11 -0.66
N LYS A 70 7.40 0.92 0.45
CA LYS A 70 6.79 0.92 1.77
C LYS A 70 7.21 2.16 2.54
N LEU A 71 6.24 2.86 3.11
CA LEU A 71 6.53 4.07 3.86
C LEU A 71 6.61 3.79 5.35
N THR A 72 7.74 4.13 5.96
CA THR A 72 7.93 3.91 7.38
C THR A 72 8.04 5.22 8.15
N ALA A 73 7.15 5.41 9.11
CA ALA A 73 7.15 6.61 9.94
C ALA A 73 7.41 6.25 11.39
N ASN A 74 8.21 7.05 12.07
CA ASN A 74 8.54 6.80 13.47
C ASN A 74 9.26 5.46 13.62
N GLU A 75 10.15 5.38 14.59
CA GLU A 75 10.91 4.16 14.82
C GLU A 75 9.98 2.99 15.13
N THR A 76 8.95 3.24 15.94
CA THR A 76 7.99 2.21 16.31
C THR A 76 6.56 2.70 16.15
N GLY A 77 6.39 3.88 15.56
CA GLY A 77 5.06 4.43 15.39
C GLY A 77 4.22 3.65 14.40
N ARG A 78 4.04 4.20 13.21
CA ARG A 78 3.25 3.56 12.17
C ARG A 78 3.91 3.69 10.80
N VAL A 79 3.56 2.78 9.90
CA VAL A 79 4.11 2.80 8.55
C VAL A 79 3.01 2.72 7.51
N THR A 80 3.11 3.53 6.45
CA THR A 80 2.12 3.53 5.40
C THR A 80 2.59 2.70 4.21
N HIS A 81 1.64 2.10 3.51
CA HIS A 81 1.94 1.27 2.34
C HIS A 81 1.26 1.84 1.10
N GLY A 82 2.03 1.99 0.02
CA GLY A 82 1.49 2.51 -1.21
C GLY A 82 2.45 2.41 -2.38
N GLY A 83 1.98 2.79 -3.56
CA GLY A 83 2.82 2.72 -4.75
C GLY A 83 3.33 4.09 -5.17
N VAL A 84 4.02 4.15 -6.30
CA VAL A 84 4.55 5.40 -6.81
C VAL A 84 4.19 5.62 -8.27
N LEU A 85 4.26 6.87 -8.70
CA LEU A 85 3.96 7.22 -10.08
C LEU A 85 5.22 7.24 -10.93
N GLU A 86 5.95 8.33 -10.83
CA GLU A 86 7.19 8.51 -11.56
C GLU A 86 8.11 9.43 -10.79
N PHE A 87 9.39 9.37 -11.10
CA PHE A 87 10.36 10.22 -10.43
C PHE A 87 10.73 11.40 -11.32
N ILE A 88 10.44 12.60 -10.84
CA ILE A 88 10.74 13.81 -11.59
C ILE A 88 11.40 14.89 -10.74
N ALA A 89 11.53 14.64 -9.44
CA ALA A 89 12.12 15.60 -8.53
C ALA A 89 13.64 15.43 -8.44
N GLU A 90 14.36 16.27 -9.18
CA GLU A 90 15.82 16.21 -9.18
C GLU A 90 16.37 16.66 -7.83
N GLU A 91 15.75 17.69 -7.27
CA GLU A 91 16.18 18.25 -5.99
C GLU A 91 15.93 17.27 -4.85
N GLY A 92 14.92 16.44 -5.00
CA GLY A 92 14.59 15.48 -3.97
C GLY A 92 13.38 15.88 -3.15
N ARG A 93 12.22 15.87 -3.79
CA ARG A 93 10.97 16.24 -3.12
C ARG A 93 9.98 15.10 -3.13
N VAL A 94 9.27 14.93 -2.03
CA VAL A 94 8.29 13.85 -1.92
C VAL A 94 6.95 14.35 -1.45
N TYR A 95 5.92 13.89 -2.15
CA TYR A 95 4.55 14.26 -1.85
C TYR A 95 3.73 13.04 -1.44
N LEU A 96 2.88 13.21 -0.42
CA LEU A 96 2.04 12.12 0.08
C LEU A 96 0.59 12.58 0.26
N PRO A 97 -0.39 11.66 0.04
CA PRO A 97 -1.81 11.98 0.18
C PRO A 97 -2.30 11.87 1.62
N GLN A 98 -3.61 11.95 1.79
CA GLN A 98 -4.22 11.86 3.11
C GLN A 98 -4.02 10.47 3.72
N TRP A 99 -3.86 9.48 2.85
CA TRP A 99 -3.67 8.10 3.29
C TRP A 99 -2.41 7.97 4.14
N MET A 100 -1.32 8.52 3.62
CA MET A 100 -0.04 8.47 4.32
C MET A 100 -0.05 9.33 5.58
N MET A 101 -0.68 10.49 5.48
CA MET A 101 -0.76 11.39 6.62
C MET A 101 -1.53 10.77 7.79
N GLU A 102 -2.70 10.23 7.51
CA GLU A 102 -3.53 9.61 8.55
C GLU A 102 -2.90 8.32 9.05
N THR A 103 -2.34 7.55 8.14
CA THR A 103 -1.71 6.27 8.49
C THR A 103 -0.46 6.50 9.34
N LEU A 104 0.33 7.51 8.99
CA LEU A 104 1.55 7.81 9.72
C LEU A 104 1.30 8.76 10.90
N GLY A 105 0.18 9.48 10.84
CA GLY A 105 -0.14 10.40 11.92
C GLY A 105 0.83 11.56 11.99
N ILE A 106 1.38 11.95 10.85
CA ILE A 106 2.34 13.05 10.79
C ILE A 106 1.79 14.25 10.05
N GLN A 107 2.09 15.45 10.56
CA GLN A 107 1.63 16.68 9.95
C GLN A 107 2.71 17.27 9.04
N PRO A 108 2.34 18.19 8.13
CA PRO A 108 3.30 18.80 7.20
C PRO A 108 4.60 19.21 7.88
N GLY A 109 5.71 19.10 7.15
CA GLY A 109 7.00 19.46 7.69
C GLY A 109 7.71 18.28 8.35
N SER A 110 7.00 17.17 8.52
CA SER A 110 7.56 15.98 9.13
C SER A 110 8.44 15.23 8.14
N LEU A 111 9.29 14.34 8.64
CA LEU A 111 10.17 13.56 7.78
C LEU A 111 9.53 12.23 7.41
N LEU A 112 9.70 11.82 6.16
CA LEU A 112 9.14 10.55 5.68
C LEU A 112 10.21 9.68 5.04
N GLN A 113 10.33 8.46 5.54
CA GLN A 113 11.30 7.51 5.00
C GLN A 113 10.58 6.36 4.31
N ILE A 114 10.85 6.20 3.02
CA ILE A 114 10.23 5.14 2.25
C ILE A 114 11.26 4.17 1.72
N SER A 115 10.96 2.88 1.86
CA SER A 115 11.86 1.84 1.42
C SER A 115 11.19 0.95 0.37
N SER A 116 11.86 0.75 -0.76
CA SER A 116 11.31 -0.08 -1.82
C SER A 116 11.21 -1.51 -1.34
N THR A 117 10.00 -2.05 -1.29
CA THR A 117 9.80 -3.41 -0.82
C THR A 117 9.18 -4.28 -1.89
N ASP A 118 9.77 -5.45 -2.13
CA ASP A 118 9.25 -6.37 -3.13
C ASP A 118 8.48 -7.48 -2.42
N VAL A 119 7.19 -7.56 -2.72
CA VAL A 119 6.33 -8.55 -2.10
C VAL A 119 5.82 -9.58 -3.10
N PRO A 120 5.54 -10.80 -2.64
CA PRO A 120 5.03 -11.88 -3.49
C PRO A 120 3.55 -11.71 -3.77
N LEU A 121 3.08 -12.34 -4.84
CA LEU A 121 1.67 -12.25 -5.21
C LEU A 121 0.80 -13.10 -4.29
N GLY A 122 -0.22 -12.48 -3.70
CA GLY A 122 -1.12 -13.19 -2.80
C GLY A 122 -2.12 -14.06 -3.54
N GLN A 123 -2.65 -15.07 -2.86
CA GLN A 123 -3.60 -15.98 -3.48
C GLN A 123 -5.01 -15.77 -2.91
N PHE A 124 -5.10 -15.34 -1.66
CA PHE A 124 -6.40 -15.14 -1.03
C PHE A 124 -6.39 -13.91 -0.12
N VAL A 125 -7.41 -13.04 -0.29
CA VAL A 125 -7.51 -11.84 0.52
C VAL A 125 -8.90 -11.62 1.07
N LYS A 126 -8.97 -11.35 2.37
CA LYS A 126 -10.26 -11.07 3.01
C LYS A 126 -10.44 -9.58 3.24
N LEU A 127 -11.54 -9.04 2.74
CA LEU A 127 -11.83 -7.62 2.90
C LEU A 127 -12.99 -7.41 3.86
N GLU A 128 -12.85 -6.44 4.76
CA GLU A 128 -13.88 -6.15 5.75
C GLU A 128 -14.73 -4.95 5.32
N PRO A 129 -16.01 -5.19 4.97
CA PRO A 129 -16.92 -4.13 4.53
C PRO A 129 -17.45 -3.30 5.70
N GLN A 130 -17.94 -2.10 5.38
CA GLN A 130 -18.50 -1.21 6.39
C GLN A 130 -19.87 -0.73 5.96
N SER A 131 -20.85 -1.01 6.81
CA SER A 131 -22.22 -0.61 6.53
C SER A 131 -22.79 -1.42 5.38
N VAL A 132 -24.00 -1.91 5.55
CA VAL A 132 -24.66 -2.70 4.53
C VAL A 132 -24.88 -1.88 3.25
N ASP A 133 -24.87 -0.55 3.39
CA ASP A 133 -25.09 0.33 2.25
C ASP A 133 -24.01 0.10 1.19
N PHE A 134 -22.77 -0.09 1.63
CA PHE A 134 -21.67 -0.32 0.70
C PHE A 134 -21.90 -1.57 -0.12
N LEU A 135 -22.43 -2.61 0.53
CA LEU A 135 -22.72 -3.88 -0.13
C LEU A 135 -24.04 -3.84 -0.89
N ASP A 136 -24.81 -2.76 -0.70
CA ASP A 136 -26.10 -2.63 -1.37
C ASP A 136 -25.92 -2.38 -2.86
N ILE A 137 -24.70 -2.08 -3.28
CA ILE A 137 -24.41 -1.83 -4.68
C ILE A 137 -24.74 -3.06 -5.51
N SER A 138 -25.33 -2.85 -6.70
CA SER A 138 -25.71 -3.96 -7.57
C SER A 138 -24.49 -4.78 -7.99
N ASP A 139 -23.40 -4.11 -8.28
CA ASP A 139 -22.16 -4.77 -8.69
C ASP A 139 -20.99 -4.28 -7.86
N PRO A 140 -20.90 -4.73 -6.59
CA PRO A 140 -19.83 -4.34 -5.68
C PRO A 140 -18.49 -4.99 -6.05
N LYS A 141 -18.57 -6.23 -6.54
CA LYS A 141 -17.36 -6.96 -6.92
C LYS A 141 -16.60 -6.23 -8.02
N ALA A 142 -17.32 -5.66 -8.98
CA ALA A 142 -16.70 -4.94 -10.07
C ALA A 142 -15.89 -3.75 -9.55
N VAL A 143 -16.47 -3.04 -8.58
CA VAL A 143 -15.82 -1.88 -7.99
C VAL A 143 -14.49 -2.27 -7.34
N LEU A 144 -14.49 -3.41 -6.64
CA LEU A 144 -13.29 -3.89 -5.97
C LEU A 144 -12.16 -4.14 -6.95
N GLU A 145 -12.48 -4.69 -8.12
CA GLU A 145 -11.47 -4.98 -9.12
C GLU A 145 -10.75 -3.71 -9.54
N ASN A 146 -11.51 -2.64 -9.74
CA ASN A 146 -10.93 -1.36 -10.14
C ASN A 146 -9.99 -0.84 -9.05
N VAL A 147 -10.41 -1.01 -7.80
CA VAL A 147 -9.61 -0.56 -6.66
C VAL A 147 -8.28 -1.31 -6.58
N LEU A 148 -8.32 -2.61 -6.86
CA LEU A 148 -7.11 -3.43 -6.81
C LEU A 148 -6.06 -2.92 -7.79
N ARG A 149 -6.50 -2.53 -8.98
CA ARG A 149 -5.61 -2.03 -10.01
C ARG A 149 -4.93 -0.75 -9.54
N ASN A 150 -5.69 0.10 -8.87
CA ASN A 150 -5.18 1.38 -8.35
C ASN A 150 -4.04 1.17 -7.35
N PHE A 151 -4.18 0.15 -6.50
CA PHE A 151 -3.16 -0.12 -5.49
C PHE A 151 -2.17 -1.17 -5.98
N SER A 152 -0.89 -0.79 -6.00
CA SER A 152 0.17 -1.68 -6.45
C SER A 152 0.43 -2.80 -5.45
N THR A 153 0.27 -2.51 -4.16
CA THR A 153 0.49 -3.51 -3.11
C THR A 153 -0.60 -3.48 -2.05
N LEU A 154 -0.99 -4.65 -1.57
CA LEU A 154 -2.00 -4.76 -0.53
C LEU A 154 -1.43 -5.45 0.70
N THR A 155 -1.57 -4.81 1.83
CA THR A 155 -1.08 -5.36 3.09
C THR A 155 -2.25 -5.50 4.07
N VAL A 156 -2.21 -6.53 4.89
CA VAL A 156 -3.29 -6.78 5.83
C VAL A 156 -3.44 -5.61 6.80
N ASP A 157 -2.32 -5.08 7.22
CA ASP A 157 -2.29 -3.96 8.16
C ASP A 157 -2.86 -2.69 7.54
N ASP A 158 -2.59 -2.48 6.26
CA ASP A 158 -3.04 -1.29 5.56
C ASP A 158 -4.55 -1.25 5.38
N VAL A 159 -5.15 -0.13 5.75
CA VAL A 159 -6.58 0.07 5.59
C VAL A 159 -6.84 0.87 4.33
N ILE A 160 -7.59 0.29 3.40
CA ILE A 160 -7.87 0.96 2.14
C ILE A 160 -9.25 1.61 2.14
N GLU A 161 -9.30 2.85 1.65
CA GLU A 161 -10.55 3.59 1.58
C GLU A 161 -10.93 3.85 0.13
N ILE A 162 -12.22 3.75 -0.15
CA ILE A 162 -12.74 3.96 -1.50
C ILE A 162 -13.76 5.10 -1.52
N SER A 163 -13.58 6.05 -2.43
CA SER A 163 -14.48 7.19 -2.50
C SER A 163 -15.38 7.13 -3.74
N TYR A 164 -16.67 6.88 -3.52
CA TYR A 164 -17.64 6.80 -4.61
C TYR A 164 -18.80 7.75 -4.38
N ASN A 165 -19.08 8.60 -5.37
CA ASN A 165 -20.19 9.55 -5.29
C ASN A 165 -20.02 10.47 -4.08
N GLY A 166 -18.79 10.80 -3.76
CA GLY A 166 -18.52 11.69 -2.64
C GLY A 166 -18.59 10.97 -1.29
N LYS A 167 -18.53 9.64 -1.32
CA LYS A 167 -18.58 8.86 -0.10
C LYS A 167 -17.30 8.06 0.09
N THR A 168 -16.80 8.02 1.31
CA THR A 168 -15.57 7.29 1.61
C THR A 168 -15.86 6.05 2.46
N PHE A 169 -15.32 4.92 2.04
CA PHE A 169 -15.51 3.67 2.76
C PHE A 169 -14.17 3.11 3.21
N LYS A 170 -14.12 2.56 4.42
CA LYS A 170 -12.89 2.00 4.95
C LYS A 170 -12.92 0.48 4.90
N ILE A 171 -11.90 -0.12 4.30
CA ILE A 171 -11.81 -1.56 4.18
C ILE A 171 -10.54 -2.07 4.87
N LYS A 172 -10.70 -3.06 5.73
CA LYS A 172 -9.57 -3.63 6.45
C LYS A 172 -9.34 -5.08 6.04
N ILE A 173 -8.09 -5.42 5.76
CA ILE A 173 -7.76 -6.79 5.36
C ILE A 173 -7.93 -7.74 6.56
N LEU A 174 -9.06 -8.43 6.61
CA LEU A 174 -9.34 -9.34 7.72
C LEU A 174 -8.28 -10.45 7.81
N GLU A 175 -8.06 -11.14 6.70
CA GLU A 175 -7.07 -12.22 6.63
C GLU A 175 -6.72 -12.53 5.18
N VAL A 176 -5.44 -12.77 4.91
CA VAL A 176 -5.00 -13.08 3.55
C VAL A 176 -3.91 -14.15 3.57
N LYS A 177 -3.81 -14.91 2.48
CA LYS A 177 -2.79 -15.94 2.39
C LYS A 177 -1.66 -15.48 1.46
N PRO A 178 -0.52 -15.08 2.03
CA PRO A 178 0.63 -14.59 1.29
C PRO A 178 1.72 -15.65 1.15
N GLU A 179 2.76 -15.33 0.38
CA GLU A 179 3.87 -16.25 0.18
C GLU A 179 4.99 -15.98 1.18
N SER A 180 4.79 -14.99 2.06
CA SER A 180 5.79 -14.64 3.06
C SER A 180 5.15 -14.40 4.42
N SER A 181 5.94 -14.59 5.48
CA SER A 181 5.46 -14.40 6.85
C SER A 181 5.23 -12.93 7.16
N SER A 182 5.71 -12.05 6.27
CA SER A 182 5.55 -10.60 6.46
C SER A 182 4.10 -10.17 6.28
N LYS A 183 3.26 -11.08 5.82
CA LYS A 183 1.84 -10.79 5.61
C LYS A 183 1.65 -9.65 4.62
N SER A 184 2.49 -9.64 3.58
CA SER A 184 2.42 -8.62 2.55
C SER A 184 2.41 -9.29 1.17
N ILE A 185 1.54 -8.82 0.29
CA ILE A 185 1.44 -9.40 -1.05
C ILE A 185 1.49 -8.34 -2.13
N CYS A 186 1.83 -8.77 -3.35
CA CYS A 186 1.91 -7.85 -4.49
C CYS A 186 0.64 -7.96 -5.32
N VAL A 187 -0.05 -6.83 -5.44
CA VAL A 187 -1.28 -6.79 -6.19
C VAL A 187 -1.15 -6.00 -7.49
N ILE A 188 0.08 -5.73 -7.91
CA ILE A 188 0.29 -4.97 -9.13
C ILE A 188 -0.32 -5.70 -10.32
N GLU A 189 -0.07 -7.01 -10.39
CA GLU A 189 -0.61 -7.83 -11.46
C GLU A 189 -0.69 -9.29 -11.01
N THR A 190 -1.75 -9.62 -10.28
CA THR A 190 -1.92 -10.98 -9.78
C THR A 190 -3.39 -11.34 -9.64
N ASP A 191 -3.67 -12.65 -9.66
CA ASP A 191 -5.03 -13.13 -9.48
C ASP A 191 -5.30 -13.31 -7.99
N LEU A 192 -6.05 -12.38 -7.43
CA LEU A 192 -6.35 -12.41 -6.00
C LEU A 192 -7.85 -12.49 -5.75
N VAL A 193 -8.25 -13.39 -4.84
CA VAL A 193 -9.65 -13.59 -4.50
C VAL A 193 -10.05 -12.81 -3.24
N THR A 194 -11.05 -11.94 -3.39
CA THR A 194 -11.52 -11.12 -2.27
C THR A 194 -12.82 -11.67 -1.70
N ASP A 195 -12.95 -11.59 -0.37
CA ASP A 195 -14.15 -12.06 0.33
C ASP A 195 -14.68 -10.99 1.27
N PHE A 196 -16.00 -10.93 1.43
CA PHE A 196 -16.64 -9.95 2.29
C PHE A 196 -17.13 -10.59 3.59
N ALA A 197 -16.96 -9.88 4.69
CA ALA A 197 -17.39 -10.37 6.00
C ALA A 197 -18.59 -9.58 6.51
N PRO A 198 -19.27 -10.09 7.55
CA PRO A 198 -20.45 -9.44 8.12
C PRO A 198 -20.19 -7.97 8.46
N PRO A 199 -21.24 -7.13 8.39
CA PRO A 199 -21.13 -5.69 8.67
C PRO A 199 -20.46 -5.43 10.02
N VAL A 200 -20.02 -4.18 10.21
CA VAL A 200 -19.36 -3.79 11.45
C VAL A 200 -20.36 -3.41 12.52
N GLY A 201 -20.13 -3.90 13.74
CA GLY A 201 -21.03 -3.61 14.84
C GLY A 201 -21.83 -4.82 15.29
N TYR A 202 -22.08 -5.73 14.35
CA TYR A 202 -22.84 -6.95 14.66
C TYR A 202 -21.90 -8.14 14.82
N VAL A 203 -22.04 -8.84 15.95
CA VAL A 203 -21.20 -10.00 16.22
C VAL A 203 -22.04 -11.26 16.41
N GLU A 204 -21.67 -12.33 15.72
CA GLU A 204 -22.38 -13.59 15.81
C GLU A 204 -21.67 -14.56 16.75
N PRO A 205 -22.33 -15.00 17.83
CA PRO A 205 -21.74 -15.93 18.80
C PRO A 205 -21.43 -17.29 18.18
N ASP A 206 -20.30 -17.87 18.57
CA ASP A 206 -19.88 -19.16 18.04
C ASP A 206 -20.25 -20.28 19.03
N TYR A 207 -20.91 -21.31 18.53
CA TYR A 207 -21.32 -22.43 19.36
C TYR A 207 -20.35 -23.60 19.21
N LYS A 208 -19.84 -24.09 20.33
CA LYS A 208 -18.90 -25.20 20.33
C LYS A 208 -19.12 -26.11 21.54
N MET A 1 38.83 5.53 -2.70
CA MET A 1 37.42 5.51 -3.19
C MET A 1 37.29 4.71 -4.48
N PHE A 2 36.99 3.42 -4.34
CA PHE A 2 36.84 2.55 -5.51
C PHE A 2 35.44 1.95 -5.55
N SER A 3 34.88 1.87 -6.74
CA SER A 3 33.54 1.31 -6.91
C SER A 3 33.52 0.28 -8.03
N GLY A 4 32.82 -0.82 -7.81
CA GLY A 4 32.74 -1.88 -8.80
C GLY A 4 31.94 -1.50 -10.04
N PHE A 5 30.86 -0.76 -9.83
CA PHE A 5 29.99 -0.34 -10.93
C PHE A 5 29.38 -1.53 -11.64
N SER A 6 29.38 -2.69 -10.97
CA SER A 6 28.80 -3.91 -11.54
C SER A 6 27.84 -4.56 -10.56
N SER A 7 26.72 -5.07 -11.09
CA SER A 7 25.72 -5.72 -10.25
C SER A 7 25.51 -7.17 -10.67
N PHE A 8 25.68 -8.10 -9.73
CA PHE A 8 25.50 -9.51 -10.00
C PHE A 8 24.06 -9.79 -10.46
N GLY A 9 23.09 -9.11 -9.83
CA GLY A 9 21.70 -9.29 -10.21
C GLY A 9 21.02 -10.41 -9.46
N GLY A 10 21.79 -11.15 -8.69
CA GLY A 10 21.25 -12.25 -7.92
C GLY A 10 21.48 -12.07 -6.42
N GLY A 11 22.36 -11.14 -6.06
CA GLY A 11 22.63 -10.89 -4.66
C GLY A 11 23.41 -12.01 -4.00
N ASN A 12 23.25 -12.16 -2.69
CA ASN A 12 23.93 -13.20 -1.93
C ASN A 12 23.56 -14.58 -2.45
N GLY A 13 22.29 -14.76 -2.78
CA GLY A 13 21.83 -16.04 -3.29
C GLY A 13 20.32 -16.07 -3.49
N PHE A 14 19.81 -17.21 -3.94
CA PHE A 14 18.38 -17.35 -4.15
C PHE A 14 17.74 -18.07 -2.97
N VAL A 15 16.91 -17.35 -2.24
CA VAL A 15 16.24 -17.90 -1.07
C VAL A 15 14.75 -17.53 -1.06
N ASN A 16 14.26 -17.01 -2.18
CA ASN A 16 12.86 -16.61 -2.32
C ASN A 16 12.50 -15.55 -1.30
N MET A 17 13.44 -14.64 -1.01
CA MET A 17 13.20 -13.58 -0.06
C MET A 17 12.98 -12.25 -0.77
N PRO A 18 11.92 -11.51 -0.39
CA PRO A 18 11.60 -10.22 -0.99
C PRO A 18 12.77 -9.25 -0.92
N GLN A 19 12.77 -8.26 -1.80
CA GLN A 19 13.83 -7.26 -1.82
C GLN A 19 13.41 -5.99 -1.11
N THR A 20 14.21 -5.55 -0.15
CA THR A 20 13.89 -4.34 0.61
C THR A 20 14.96 -3.27 0.45
N PHE A 21 14.53 -2.07 0.06
CA PHE A 21 15.43 -0.94 -0.11
C PHE A 21 14.99 0.19 0.81
N GLU A 22 15.91 0.67 1.65
CA GLU A 22 15.59 1.74 2.58
C GLU A 22 16.29 3.05 2.22
N GLU A 23 15.51 4.12 2.17
CA GLU A 23 16.02 5.44 1.86
C GLU A 23 15.21 6.51 2.60
N PHE A 24 15.83 7.67 2.84
CA PHE A 24 15.16 8.75 3.55
C PHE A 24 14.75 9.88 2.61
N PHE A 25 13.47 10.24 2.66
CA PHE A 25 12.95 11.30 1.82
C PHE A 25 12.09 12.29 2.60
N ARG A 26 11.91 13.48 2.05
CA ARG A 26 11.12 14.50 2.69
C ARG A 26 9.70 14.51 2.15
N CYS A 27 8.73 14.45 3.06
CA CYS A 27 7.33 14.44 2.67
C CYS A 27 6.75 15.84 2.61
N TYR A 28 5.87 16.07 1.64
CA TYR A 28 5.22 17.36 1.48
C TYR A 28 3.71 17.19 1.37
N PRO A 29 2.96 18.22 1.75
CA PRO A 29 1.49 18.20 1.71
C PRO A 29 0.93 18.42 0.31
N ILE A 30 0.48 17.34 -0.31
CA ILE A 30 -0.09 17.40 -1.66
C ILE A 30 -1.33 18.30 -1.68
N ALA A 31 -2.14 18.19 -0.64
CA ALA A 31 -3.36 18.97 -0.53
C ALA A 31 -3.07 20.46 -0.55
N MET A 32 -1.90 20.84 -0.05
CA MET A 32 -1.51 22.24 -0.01
C MET A 32 -1.30 22.79 -1.41
N MET A 33 -0.71 21.97 -2.27
CA MET A 33 -0.45 22.37 -3.65
C MET A 33 -1.76 22.62 -4.40
N ASN A 34 -1.71 23.55 -5.35
CA ASN A 34 -2.89 23.91 -6.14
C ASN A 34 -3.42 22.69 -6.90
N ASP A 35 -4.74 22.58 -6.96
CA ASP A 35 -5.39 21.47 -7.65
C ASP A 35 -5.19 21.56 -9.15
N ARG A 36 -4.89 22.77 -9.64
CA ARG A 36 -4.67 22.98 -11.06
C ARG A 36 -3.51 22.13 -11.57
N ILE A 37 -2.45 22.03 -10.77
CA ILE A 37 -1.28 21.25 -11.14
C ILE A 37 -1.27 19.87 -10.48
N ARG A 38 -2.31 19.57 -9.71
CA ARG A 38 -2.41 18.27 -9.03
C ARG A 38 -3.73 17.59 -9.32
N LYS A 39 -3.75 16.27 -9.12
CA LYS A 39 -4.94 15.47 -9.37
C LYS A 39 -5.68 15.18 -8.05
N ASP A 40 -6.98 15.44 -8.05
CA ASP A 40 -7.80 15.21 -6.87
C ASP A 40 -7.77 13.74 -6.46
N ASP A 41 -7.81 12.86 -7.46
CA ASP A 41 -7.79 11.42 -7.22
C ASP A 41 -6.52 11.00 -6.50
N ALA A 42 -5.39 11.61 -6.88
CA ALA A 42 -4.10 11.30 -6.27
C ALA A 42 -4.13 11.58 -4.78
N ASN A 43 -4.84 12.63 -4.41
CA ASN A 43 -4.94 13.02 -3.02
C ASN A 43 -5.55 11.90 -2.18
N PHE A 44 -6.57 11.26 -2.73
CA PHE A 44 -7.23 10.17 -2.03
C PHE A 44 -6.76 8.81 -2.54
N GLY A 45 -5.83 8.83 -3.48
CA GLY A 45 -5.31 7.60 -4.05
C GLY A 45 -4.02 7.16 -3.39
N GLY A 46 -3.39 6.15 -3.96
CA GLY A 46 -2.14 5.65 -3.43
C GLY A 46 -0.96 6.01 -4.32
N LYS A 47 -1.07 7.15 -4.99
CA LYS A 47 -0.01 7.59 -5.88
C LYS A 47 0.89 8.64 -5.22
N ILE A 48 2.19 8.36 -5.14
CA ILE A 48 3.15 9.26 -4.53
C ILE A 48 4.22 9.69 -5.53
N PHE A 49 4.73 10.90 -5.34
CA PHE A 49 5.76 11.47 -6.20
C PHE A 49 7.13 11.43 -5.52
N LEU A 50 8.12 10.87 -6.21
CA LEU A 50 9.47 10.77 -5.66
C LEU A 50 10.53 11.21 -6.67
N PRO A 51 11.74 11.56 -6.20
CA PRO A 51 12.84 12.00 -7.06
C PRO A 51 13.44 10.84 -7.87
N PRO A 52 13.93 11.12 -9.10
CA PRO A 52 14.54 10.10 -9.97
C PRO A 52 15.80 9.48 -9.37
N SER A 53 16.39 10.16 -8.39
CA SER A 53 17.60 9.66 -7.75
C SER A 53 17.34 8.30 -7.10
N ALA A 54 16.18 8.16 -6.47
CA ALA A 54 15.82 6.90 -5.82
C ALA A 54 15.67 5.78 -6.83
N LEU A 55 15.01 6.10 -7.95
CA LEU A 55 14.76 5.14 -9.00
C LEU A 55 16.07 4.59 -9.57
N SER A 56 17.03 5.48 -9.77
CA SER A 56 18.33 5.10 -10.32
C SER A 56 19.02 4.08 -9.41
N LYS A 57 18.92 4.28 -8.11
CA LYS A 57 19.54 3.36 -7.16
C LYS A 57 18.86 2.00 -7.23
N LEU A 58 17.55 2.02 -7.37
CA LEU A 58 16.75 0.81 -7.47
C LEU A 58 17.11 0.03 -8.74
N SER A 59 17.37 0.76 -9.81
CA SER A 59 17.73 0.15 -11.08
C SER A 59 19.01 -0.68 -10.93
N MET A 60 19.93 -0.16 -10.13
CA MET A 60 21.19 -0.83 -9.88
C MET A 60 20.93 -2.20 -9.24
N LEU A 61 19.92 -2.27 -8.38
CA LEU A 61 19.57 -3.52 -7.72
C LEU A 61 18.75 -4.43 -8.63
N ASN A 62 18.45 -3.96 -9.84
CA ASN A 62 17.69 -4.74 -10.80
C ASN A 62 16.31 -5.10 -10.27
N ILE A 63 15.66 -4.15 -9.59
CA ILE A 63 14.33 -4.38 -9.04
C ILE A 63 13.29 -4.40 -10.16
N ARG A 64 12.44 -5.42 -10.16
CA ARG A 64 11.41 -5.57 -11.18
C ARG A 64 10.37 -4.46 -11.09
N TYR A 65 9.93 -3.98 -12.25
CA TYR A 65 8.93 -2.92 -12.32
C TYR A 65 7.53 -3.52 -12.54
N PRO A 66 6.46 -2.89 -11.99
CA PRO A 66 6.53 -1.65 -11.21
C PRO A 66 7.27 -1.83 -9.89
N MET A 67 7.80 -0.73 -9.39
CA MET A 67 8.51 -0.74 -8.13
C MET A 67 7.56 -0.43 -6.98
N LEU A 68 7.75 -1.13 -5.89
CA LEU A 68 6.91 -0.96 -4.72
C LEU A 68 7.63 -0.21 -3.63
N PHE A 69 6.91 0.68 -2.94
CA PHE A 69 7.51 1.45 -1.87
C PHE A 69 6.64 1.46 -0.62
N LYS A 70 7.30 1.51 0.55
CA LYS A 70 6.60 1.54 1.82
C LYS A 70 6.96 2.77 2.63
N LEU A 71 5.96 3.39 3.26
CA LEU A 71 6.17 4.57 4.08
C LEU A 71 6.25 4.19 5.55
N THR A 72 7.37 4.48 6.20
CA THR A 72 7.55 4.15 7.60
C THR A 72 7.53 5.40 8.48
N ALA A 73 6.65 5.39 9.49
CA ALA A 73 6.55 6.51 10.42
C ALA A 73 7.28 6.22 11.72
N ASN A 74 8.28 7.05 12.03
CA ASN A 74 9.07 6.88 13.24
C ASN A 74 8.24 7.15 14.49
N GLU A 75 7.39 8.18 14.43
CA GLU A 75 6.55 8.55 15.56
C GLU A 75 5.62 7.43 16.01
N THR A 76 5.05 6.70 15.05
CA THR A 76 4.14 5.60 15.39
C THR A 76 4.79 4.23 15.17
N GLY A 77 5.91 4.21 14.47
CA GLY A 77 6.60 2.95 14.22
C GLY A 77 5.84 2.06 13.25
N ARG A 78 4.79 2.60 12.64
CA ARG A 78 3.99 1.84 11.69
C ARG A 78 4.36 2.21 10.27
N VAL A 79 4.41 1.22 9.39
CA VAL A 79 4.76 1.45 8.00
C VAL A 79 3.68 0.94 7.05
N THR A 80 3.16 1.84 6.23
CA THR A 80 2.13 1.49 5.27
C THR A 80 2.72 1.44 3.86
N HIS A 81 2.38 0.41 3.11
CA HIS A 81 2.90 0.26 1.77
C HIS A 81 2.06 1.04 0.76
N GLY A 82 2.68 2.04 0.15
CA GLY A 82 2.00 2.84 -0.85
C GLY A 82 2.47 2.51 -2.26
N GLY A 83 1.80 3.09 -3.25
CA GLY A 83 2.17 2.86 -4.64
C GLY A 83 2.99 4.02 -5.19
N VAL A 84 3.69 3.79 -6.29
CA VAL A 84 4.52 4.83 -6.90
C VAL A 84 4.23 4.97 -8.39
N LEU A 85 4.14 6.22 -8.84
CA LEU A 85 3.90 6.51 -10.24
C LEU A 85 5.20 6.66 -11.01
N GLU A 86 5.83 7.81 -10.85
CA GLU A 86 7.06 8.12 -11.54
C GLU A 86 7.94 9.03 -10.71
N PHE A 87 9.23 9.04 -11.05
CA PHE A 87 10.18 9.87 -10.35
C PHE A 87 10.58 11.04 -11.20
N ILE A 88 10.26 12.24 -10.76
CA ILE A 88 10.61 13.42 -11.53
C ILE A 88 11.08 14.58 -10.62
N ALA A 89 11.33 14.27 -9.36
CA ALA A 89 11.79 15.28 -8.39
C ALA A 89 13.32 15.45 -8.44
N GLU A 90 13.79 16.49 -9.12
CA GLU A 90 15.22 16.75 -9.20
C GLU A 90 15.75 17.24 -7.86
N GLU A 91 14.96 18.08 -7.19
CA GLU A 91 15.34 18.63 -5.90
C GLU A 91 15.31 17.57 -4.82
N GLY A 92 14.44 16.60 -4.98
CA GLY A 92 14.32 15.53 -3.99
C GLY A 92 13.14 15.76 -3.06
N ARG A 93 11.94 15.72 -3.62
CA ARG A 93 10.74 15.94 -2.81
C ARG A 93 9.76 14.77 -2.93
N VAL A 94 9.10 14.46 -1.81
CA VAL A 94 8.14 13.38 -1.77
C VAL A 94 6.78 13.87 -1.30
N TYR A 95 5.76 13.46 -2.03
CA TYR A 95 4.41 13.83 -1.72
C TYR A 95 3.54 12.61 -1.46
N LEU A 96 2.66 12.69 -0.46
CA LEU A 96 1.77 11.60 -0.13
C LEU A 96 0.34 12.11 0.09
N PRO A 97 -0.65 11.23 -0.01
CA PRO A 97 -2.08 11.61 0.18
C PRO A 97 -2.39 11.98 1.63
N GLN A 98 -3.49 12.73 1.81
CA GLN A 98 -3.92 13.17 3.14
C GLN A 98 -4.22 12.00 4.09
N TRP A 99 -4.90 10.97 3.59
CA TRP A 99 -5.26 9.83 4.45
C TRP A 99 -4.02 9.08 4.93
N MET A 100 -3.04 8.92 4.06
CA MET A 100 -1.82 8.21 4.43
C MET A 100 -1.07 8.95 5.53
N MET A 101 -1.04 10.28 5.43
CA MET A 101 -0.36 11.09 6.43
C MET A 101 -0.98 10.93 7.81
N GLU A 102 -2.31 10.90 7.84
CA GLU A 102 -3.04 10.74 9.10
C GLU A 102 -2.78 9.38 9.71
N THR A 103 -2.73 8.35 8.86
CA THR A 103 -2.48 7.00 9.32
C THR A 103 -1.08 6.86 9.90
N LEU A 104 -0.12 7.51 9.25
CA LEU A 104 1.27 7.47 9.69
C LEU A 104 1.44 8.26 10.98
N GLY A 105 0.53 9.20 11.22
CA GLY A 105 0.62 10.03 12.42
C GLY A 105 1.74 11.03 12.34
N ILE A 106 2.10 11.40 11.11
CA ILE A 106 3.17 12.36 10.88
C ILE A 106 2.68 13.59 10.12
N GLN A 107 3.34 14.73 10.36
CA GLN A 107 2.98 15.98 9.70
C GLN A 107 3.80 16.18 8.43
N PRO A 108 3.33 17.05 7.51
CA PRO A 108 4.03 17.32 6.25
C PRO A 108 5.43 17.91 6.45
N GLY A 109 5.82 18.15 7.71
CA GLY A 109 7.13 18.71 7.99
C GLY A 109 8.09 17.67 8.55
N SER A 110 7.56 16.54 8.99
CA SER A 110 8.36 15.46 9.55
C SER A 110 9.00 14.62 8.47
N LEU A 111 10.04 13.89 8.83
CA LEU A 111 10.75 13.03 7.89
C LEU A 111 9.90 11.84 7.47
N LEU A 112 9.97 11.49 6.19
CA LEU A 112 9.21 10.36 5.66
C LEU A 112 10.18 9.31 5.09
N GLN A 113 9.99 8.07 5.50
CA GLN A 113 10.85 6.99 5.05
C GLN A 113 10.12 6.09 4.06
N ILE A 114 10.73 5.91 2.89
CA ILE A 114 10.15 5.07 1.85
C ILE A 114 11.07 3.88 1.54
N SER A 115 10.52 2.66 1.60
CA SER A 115 11.31 1.46 1.34
C SER A 115 10.78 0.67 0.16
N SER A 116 11.67 0.28 -0.76
CA SER A 116 11.27 -0.50 -1.92
C SER A 116 11.21 -1.99 -1.58
N THR A 117 10.01 -2.56 -1.65
CA THR A 117 9.83 -3.97 -1.32
C THR A 117 9.22 -4.75 -2.48
N ASP A 118 9.74 -5.95 -2.71
CA ASP A 118 9.22 -6.81 -3.77
C ASP A 118 8.60 -8.07 -3.17
N VAL A 119 7.29 -8.19 -3.30
CA VAL A 119 6.56 -9.34 -2.76
C VAL A 119 5.86 -10.14 -3.85
N PRO A 120 5.70 -11.45 -3.64
CA PRO A 120 5.02 -12.32 -4.59
C PRO A 120 3.53 -12.02 -4.67
N LEU A 121 2.79 -12.81 -5.45
CA LEU A 121 1.36 -12.60 -5.59
C LEU A 121 0.58 -13.49 -4.62
N GLY A 122 -0.18 -12.85 -3.73
CA GLY A 122 -0.96 -13.58 -2.74
C GLY A 122 -1.96 -14.53 -3.36
N GLN A 123 -2.40 -15.53 -2.59
CA GLN A 123 -3.35 -16.51 -3.10
C GLN A 123 -4.73 -16.30 -2.51
N PHE A 124 -4.80 -15.77 -1.29
CA PHE A 124 -6.08 -15.55 -0.62
C PHE A 124 -6.04 -14.28 0.24
N VAL A 125 -7.04 -13.41 0.07
CA VAL A 125 -7.11 -12.18 0.83
C VAL A 125 -8.49 -11.92 1.41
N LYS A 126 -8.54 -11.64 2.71
CA LYS A 126 -9.80 -11.35 3.39
C LYS A 126 -10.01 -9.85 3.55
N LEU A 127 -11.11 -9.35 2.99
CA LEU A 127 -11.42 -7.93 3.08
C LEU A 127 -12.53 -7.68 4.08
N GLU A 128 -12.30 -6.71 4.96
CA GLU A 128 -13.28 -6.35 5.97
C GLU A 128 -13.81 -4.93 5.74
N PRO A 129 -15.08 -4.81 5.33
CA PRO A 129 -15.69 -3.51 5.06
C PRO A 129 -16.24 -2.85 6.32
N GLN A 130 -17.03 -1.80 6.15
CA GLN A 130 -17.63 -1.10 7.26
C GLN A 130 -19.15 -1.11 7.11
N SER A 131 -19.81 -1.65 8.10
CA SER A 131 -21.27 -1.74 8.12
C SER A 131 -21.78 -2.52 6.91
N VAL A 132 -23.10 -2.69 6.85
CA VAL A 132 -23.72 -3.43 5.76
C VAL A 132 -23.87 -2.55 4.50
N ASP A 133 -23.65 -1.26 4.65
CA ASP A 133 -23.77 -0.32 3.53
C ASP A 133 -22.81 -0.68 2.41
N PHE A 134 -21.58 -1.05 2.77
CA PHE A 134 -20.59 -1.41 1.77
C PHE A 134 -21.05 -2.60 0.93
N LEU A 135 -21.69 -3.56 1.60
CA LEU A 135 -22.20 -4.76 0.94
C LEU A 135 -23.54 -4.50 0.25
N ASP A 136 -24.14 -3.34 0.52
CA ASP A 136 -25.43 -2.99 -0.08
C ASP A 136 -25.29 -2.73 -1.58
N ILE A 137 -24.06 -2.45 -2.02
CA ILE A 137 -23.81 -2.19 -3.43
C ILE A 137 -24.21 -3.39 -4.28
N SER A 138 -24.92 -3.13 -5.37
CA SER A 138 -25.37 -4.20 -6.26
C SER A 138 -24.19 -4.98 -6.85
N ASP A 139 -23.14 -4.25 -7.20
CA ASP A 139 -21.95 -4.87 -7.77
C ASP A 139 -20.71 -4.46 -6.97
N PRO A 140 -20.51 -5.06 -5.79
CA PRO A 140 -19.37 -4.77 -4.94
C PRO A 140 -18.07 -5.25 -5.54
N LYS A 141 -18.13 -6.32 -6.31
CA LYS A 141 -16.94 -6.89 -6.93
C LYS A 141 -16.27 -5.88 -7.84
N ALA A 142 -17.08 -5.13 -8.59
CA ALA A 142 -16.55 -4.12 -9.49
C ALA A 142 -15.79 -3.05 -8.73
N VAL A 143 -16.34 -2.64 -7.59
CA VAL A 143 -15.72 -1.62 -6.77
C VAL A 143 -14.34 -2.08 -6.29
N LEU A 144 -14.29 -3.29 -5.74
CA LEU A 144 -13.03 -3.87 -5.25
C LEU A 144 -12.00 -4.00 -6.35
N GLU A 145 -12.44 -4.40 -7.55
CA GLU A 145 -11.53 -4.57 -8.66
C GLU A 145 -10.85 -3.26 -9.00
N ASN A 146 -11.63 -2.18 -9.05
CA ASN A 146 -11.08 -0.86 -9.33
C ASN A 146 -10.06 -0.47 -8.25
N VAL A 147 -10.40 -0.80 -7.01
CA VAL A 147 -9.55 -0.49 -5.87
C VAL A 147 -8.22 -1.23 -5.98
N LEU A 148 -8.27 -2.48 -6.41
CA LEU A 148 -7.07 -3.30 -6.54
C LEU A 148 -6.09 -2.66 -7.52
N ARG A 149 -6.63 -2.11 -8.60
CA ARG A 149 -5.80 -1.45 -9.62
C ARG A 149 -5.16 -0.19 -9.04
N ASN A 150 -5.94 0.54 -8.25
CA ASN A 150 -5.47 1.76 -7.63
C ASN A 150 -4.28 1.52 -6.71
N PHE A 151 -4.33 0.42 -5.95
CA PHE A 151 -3.25 0.09 -5.03
C PHE A 151 -2.33 -0.98 -5.61
N SER A 152 -1.06 -0.63 -5.79
CA SER A 152 -0.08 -1.56 -6.32
C SER A 152 0.11 -2.75 -5.41
N THR A 153 0.12 -2.51 -4.10
CA THR A 153 0.31 -3.57 -3.13
C THR A 153 -0.80 -3.61 -2.10
N LEU A 154 -1.09 -4.80 -1.60
CA LEU A 154 -2.13 -4.98 -0.60
C LEU A 154 -1.53 -5.48 0.70
N THR A 155 -1.74 -4.72 1.77
CA THR A 155 -1.23 -5.09 3.09
C THR A 155 -2.38 -5.25 4.07
N VAL A 156 -2.39 -6.36 4.78
CA VAL A 156 -3.46 -6.63 5.74
C VAL A 156 -3.54 -5.56 6.82
N ASP A 157 -2.39 -5.12 7.27
CA ASP A 157 -2.31 -4.09 8.30
C ASP A 157 -2.75 -2.74 7.77
N ASP A 158 -2.39 -2.46 6.53
CA ASP A 158 -2.71 -1.20 5.89
C ASP A 158 -4.19 -1.05 5.59
N VAL A 159 -4.72 0.13 5.92
CA VAL A 159 -6.12 0.43 5.67
C VAL A 159 -6.23 1.32 4.44
N ILE A 160 -6.93 0.85 3.41
CA ILE A 160 -7.09 1.61 2.18
C ILE A 160 -8.48 2.23 2.08
N GLU A 161 -8.51 3.47 1.59
CA GLU A 161 -9.77 4.20 1.45
C GLU A 161 -10.03 4.58 -0.01
N ILE A 162 -11.28 4.47 -0.42
CA ILE A 162 -11.66 4.81 -1.78
C ILE A 162 -12.83 5.79 -1.81
N SER A 163 -12.79 6.75 -2.72
CA SER A 163 -13.84 7.75 -2.82
C SER A 163 -14.74 7.49 -4.02
N TYR A 164 -16.02 7.28 -3.76
CA TYR A 164 -16.99 7.03 -4.82
C TYR A 164 -18.13 8.06 -4.76
N ASN A 165 -18.28 8.81 -5.85
CA ASN A 165 -19.32 9.83 -5.93
C ASN A 165 -19.23 10.81 -4.75
N GLY A 166 -18.01 11.18 -4.37
CA GLY A 166 -17.83 12.11 -3.28
C GLY A 166 -17.94 11.46 -1.92
N LYS A 167 -17.92 10.13 -1.88
CA LYS A 167 -18.02 9.39 -0.62
C LYS A 167 -16.75 8.60 -0.37
N THR A 168 -16.29 8.58 0.88
CA THR A 168 -15.08 7.85 1.24
C THR A 168 -15.40 6.68 2.15
N PHE A 169 -14.88 5.51 1.79
CA PHE A 169 -15.11 4.30 2.58
C PHE A 169 -13.79 3.71 3.07
N LYS A 170 -13.78 3.24 4.31
CA LYS A 170 -12.58 2.66 4.89
C LYS A 170 -12.66 1.14 4.93
N ILE A 171 -11.68 0.48 4.31
CA ILE A 171 -11.64 -0.97 4.28
C ILE A 171 -10.32 -1.49 4.85
N LYS A 172 -10.41 -2.46 5.74
CA LYS A 172 -9.22 -3.04 6.36
C LYS A 172 -9.16 -4.53 6.05
N ILE A 173 -7.98 -5.00 5.66
CA ILE A 173 -7.80 -6.41 5.34
C ILE A 173 -7.71 -7.23 6.62
N LEU A 174 -8.64 -8.15 6.81
CA LEU A 174 -8.66 -8.98 8.02
C LEU A 174 -7.40 -9.85 8.10
N GLU A 175 -7.21 -10.69 7.10
CA GLU A 175 -6.03 -11.55 7.01
C GLU A 175 -5.88 -12.08 5.59
N VAL A 176 -4.68 -12.51 5.25
CA VAL A 176 -4.42 -13.03 3.90
C VAL A 176 -3.35 -14.12 3.94
N LYS A 177 -3.31 -14.98 2.91
CA LYS A 177 -2.30 -16.03 2.87
C LYS A 177 -1.27 -15.74 1.78
N PRO A 178 -0.08 -15.26 2.18
CA PRO A 178 1.00 -14.91 1.28
C PRO A 178 2.13 -15.95 1.28
N GLU A 179 1.97 -17.00 2.07
CA GLU A 179 2.99 -18.04 2.17
C GLU A 179 4.30 -17.44 2.69
N SER A 180 4.21 -16.30 3.37
CA SER A 180 5.39 -15.63 3.92
C SER A 180 5.08 -14.98 5.26
N SER A 181 6.10 -14.78 6.08
CA SER A 181 5.95 -14.15 7.39
C SER A 181 5.62 -12.66 7.27
N SER A 182 5.95 -12.08 6.12
CA SER A 182 5.71 -10.66 5.87
C SER A 182 4.23 -10.31 5.99
N LYS A 183 3.38 -11.19 5.48
CA LYS A 183 1.93 -10.98 5.51
C LYS A 183 1.53 -9.83 4.59
N SER A 184 2.42 -9.49 3.64
CA SER A 184 2.16 -8.43 2.68
C SER A 184 2.38 -8.95 1.26
N ILE A 185 1.42 -8.70 0.38
CA ILE A 185 1.55 -9.17 -1.01
C ILE A 185 1.25 -8.07 -2.02
N CYS A 186 1.74 -8.28 -3.24
CA CYS A 186 1.52 -7.36 -4.34
C CYS A 186 0.99 -8.12 -5.55
N VAL A 187 -0.13 -7.68 -6.07
CA VAL A 187 -0.74 -8.33 -7.21
C VAL A 187 -1.48 -7.32 -8.08
N ILE A 188 -0.74 -6.66 -8.94
CA ILE A 188 -1.31 -5.67 -9.83
C ILE A 188 -2.19 -6.32 -10.89
N GLU A 189 -1.75 -7.45 -11.42
CA GLU A 189 -2.49 -8.15 -12.46
C GLU A 189 -3.83 -8.68 -11.94
N THR A 190 -3.86 -9.92 -11.44
CA THR A 190 -5.09 -10.52 -10.93
C THR A 190 -4.88 -11.95 -10.41
N ASP A 191 -3.78 -12.17 -9.70
CA ASP A 191 -3.47 -13.49 -9.16
C ASP A 191 -3.86 -13.59 -7.68
N LEU A 192 -4.54 -12.57 -7.18
CA LEU A 192 -4.95 -12.56 -5.77
C LEU A 192 -6.45 -12.79 -5.65
N VAL A 193 -6.84 -13.74 -4.80
CA VAL A 193 -8.24 -14.07 -4.59
C VAL A 193 -8.80 -13.35 -3.37
N THR A 194 -9.83 -12.53 -3.58
CA THR A 194 -10.45 -11.78 -2.49
C THR A 194 -11.74 -12.45 -2.01
N ASP A 195 -11.98 -12.33 -0.71
CA ASP A 195 -13.18 -12.90 -0.08
C ASP A 195 -13.87 -11.85 0.77
N PHE A 196 -15.19 -11.82 0.73
CA PHE A 196 -15.97 -10.85 1.50
C PHE A 196 -16.54 -11.47 2.77
N ALA A 197 -16.16 -10.91 3.91
CA ALA A 197 -16.64 -11.40 5.20
C ALA A 197 -17.04 -10.23 6.10
N PRO A 198 -18.33 -10.16 6.50
CA PRO A 198 -18.81 -9.09 7.37
C PRO A 198 -18.27 -9.20 8.79
N PRO A 199 -17.73 -8.10 9.34
CA PRO A 199 -17.16 -8.07 10.68
C PRO A 199 -18.15 -7.60 11.73
N VAL A 200 -19.35 -7.21 11.28
CA VAL A 200 -20.38 -6.72 12.18
C VAL A 200 -21.48 -7.76 12.36
N GLY A 201 -21.90 -7.93 13.61
CA GLY A 201 -22.94 -8.88 13.91
C GLY A 201 -22.42 -10.31 13.99
N TYR A 202 -21.10 -10.46 14.00
CA TYR A 202 -20.49 -11.78 14.07
C TYR A 202 -20.06 -12.11 15.50
N VAL A 203 -20.56 -13.23 16.01
CA VAL A 203 -20.23 -13.66 17.37
C VAL A 203 -19.56 -15.03 17.36
N GLU A 204 -18.54 -15.17 18.20
CA GLU A 204 -17.81 -16.44 18.28
C GLU A 204 -18.27 -17.26 19.47
N PRO A 205 -18.95 -18.40 19.23
CA PRO A 205 -19.45 -19.27 20.29
C PRO A 205 -18.40 -20.27 20.77
N ASP A 206 -17.13 -19.90 20.64
CA ASP A 206 -16.04 -20.76 21.05
C ASP A 206 -15.49 -20.32 22.41
N TYR A 207 -15.52 -21.24 23.37
CA TYR A 207 -15.03 -20.95 24.72
C TYR A 207 -13.62 -21.48 24.93
N LYS A 208 -12.71 -20.59 25.30
CA LYS A 208 -11.31 -20.96 25.53
C LYS A 208 -10.70 -20.13 26.64
#